data_1XSK
#
_entry.id   1XSK
#
_cell.length_a   162.142
_cell.length_b   175.465
_cell.length_c   210.854
_cell.angle_alpha   90.00
_cell.angle_beta   90.00
_cell.angle_gamma   90.00
#
_symmetry.space_group_name_H-M   'P 21 21 21'
#
loop_
_entity.id
_entity.type
_entity.pdbx_description
1 polymer 'Putative family 31 glucosidase yicI'
2 non-polymer 'SULFATE ION'
3 non-polymer 5(R)-fluoro-beta-D-xylopyranose
4 non-polymer '3[N-MORPHOLINO]PROPANE SULFONIC ACID'
5 water water
#
_entity_poly.entity_id   1
_entity_poly.type   'polypeptide(L)'
_entity_poly.pdbx_seq_one_letter_code
;MKISDGNWLIQPGLNLIHPLQVFEVEQQDNEMVVYAAPRDVRERTWQLDTPLFTLRFFSPQEGIVGVRIEHFQGALNNGP
HYPLNILQDVKVTIENTERYAEFKSGNLSARVSKGEFWSLDFLRNGERITGSQVKNNGYVQDTNNQRNYMFERLDLGVGE
TVYGLGERFTALVRNGQTVETWNRDGGTSTEQAYKNIPFYMTNRGYGVLVNHPQCVSFEVGSEKVSKVQFSVESEYLEYF
VIDGPTPKAVLDRYTRFTGRPALPPAWSFGLWLTTSFTTNYDEATVNSFIDGMAERNLPLHVFHFDCFWMKAFQWCDFEW
DPLTFPDPEGMIRRLKAKGLKICVWINPYIGQKSPVFKELQEKGYLLKRPDGSLWQWDKWQPGLAIYDFTNPDACKWYAD
KLKGLVAMGVDCFKTDFGERIPTDVQWFDGSDPQKMHNHYAYIYNELVWNVLKDTVGEEEAVLFARSASVGAQKFPVHWG
GDCYANYESMAESLRGGLSIGLSGFGFWSHDIGGFENTAPAHVYKRWCAFGLLSSHSRLHGSKSYRVPWAYDDESCDVVR
FFTQLKCRMMPYLYREAARANARGTPMMRAMMMEFPDDPACDYLDRQYMLGDNVMVAPVFTEAGDVQFYLPEGRWTHLWH
NDELDGSRWHKQQHGFLSLPVYVRDNTLLALGNNDQRPDYVWHEGTAFHLFNLQDGHEAVCEVPAADGSVIFTLKAARTG
NTITVTGAGEAKNWTLCLRNVVKVNGLQDGSQAESEQGLVVKPQGNALTITLHHHHHH
;
_entity_poly.pdbx_strand_id   A,B,C,D,E,F
#
loop_
_chem_comp.id
_chem_comp.type
_chem_comp.name
_chem_comp.formula
MPO non-polymer '3[N-MORPHOLINO]PROPANE SULFONIC ACID' 'C7 H15 N O4 S'
SO4 non-polymer 'SULFATE ION' 'O4 S -2'
XYF D-saccharide, beta linking 5(R)-fluoro-beta-D-xylopyranose 'C5 H8 F O5 -1'
#
# COMPACT_ATOMS: atom_id res chain seq x y z
N MET A 1 22.14 1.78 -15.05
CA MET A 1 21.00 2.44 -14.35
C MET A 1 20.82 3.83 -14.94
N LYS A 2 19.58 4.16 -15.32
CA LYS A 2 19.30 5.46 -15.88
C LYS A 2 19.33 6.52 -14.76
N ILE A 3 20.07 7.59 -14.97
CA ILE A 3 20.17 8.67 -13.99
C ILE A 3 19.54 9.89 -14.64
N SER A 4 20.06 10.25 -15.80
CA SER A 4 19.53 11.37 -16.55
C SER A 4 18.29 10.91 -17.31
N ASP A 5 17.51 11.88 -17.75
CA ASP A 5 16.31 11.63 -18.51
C ASP A 5 16.49 12.58 -19.67
N GLY A 6 17.40 12.25 -20.55
CA GLY A 6 17.67 13.12 -21.66
C GLY A 6 18.74 14.08 -21.19
N ASN A 7 19.09 15.03 -22.05
CA ASN A 7 20.13 15.97 -21.71
C ASN A 7 19.71 16.95 -20.61
N TRP A 8 18.45 17.37 -20.65
CA TRP A 8 17.87 18.36 -19.76
C TRP A 8 17.23 17.96 -18.43
N LEU A 9 16.76 16.72 -18.31
CA LEU A 9 16.10 16.28 -17.08
C LEU A 9 16.81 15.19 -16.33
N ILE A 10 16.21 14.80 -15.21
CA ILE A 10 16.74 13.75 -14.35
C ILE A 10 15.60 12.78 -14.09
N GLN A 11 15.93 11.52 -13.84
CA GLN A 11 14.91 10.50 -13.58
C GLN A 11 14.10 10.89 -12.34
N PRO A 12 12.78 10.70 -12.37
CA PRO A 12 11.90 11.03 -11.25
C PRO A 12 12.35 10.43 -9.92
N GLY A 13 12.45 11.27 -8.89
CA GLY A 13 12.83 10.78 -7.57
C GLY A 13 14.29 10.64 -7.27
N LEU A 14 15.14 11.15 -8.14
CA LEU A 14 16.58 11.06 -7.90
C LEU A 14 17.14 12.44 -7.54
N ASN A 15 17.98 12.48 -6.52
CA ASN A 15 18.60 13.73 -6.11
C ASN A 15 20.08 13.53 -6.26
N LEU A 16 20.68 14.35 -7.12
CA LEU A 16 22.10 14.24 -7.41
C LEU A 16 22.93 15.36 -6.82
N ILE A 17 24.14 15.01 -6.39
CA ILE A 17 25.10 15.99 -5.85
C ILE A 17 26.45 15.58 -6.44
N HIS A 18 27.15 16.55 -7.01
CA HIS A 18 28.43 16.30 -7.65
C HIS A 18 29.56 17.15 -7.11
N PRO A 19 30.82 16.67 -7.23
CA PRO A 19 31.93 17.49 -6.74
C PRO A 19 32.19 18.52 -7.86
N LEU A 20 31.85 19.77 -7.61
CA LEU A 20 31.99 20.84 -8.60
C LEU A 20 33.16 21.78 -8.37
N GLN A 21 33.83 21.66 -7.23
CA GLN A 21 34.93 22.56 -6.94
C GLN A 21 35.89 22.00 -5.92
N VAL A 22 37.18 22.17 -6.18
CA VAL A 22 38.20 21.69 -5.26
C VAL A 22 38.29 22.67 -4.11
N PHE A 23 38.21 22.15 -2.90
CA PHE A 23 38.29 22.97 -1.71
C PHE A 23 39.70 22.92 -1.15
N GLU A 24 40.26 21.72 -1.11
CA GLU A 24 41.60 21.55 -0.59
C GLU A 24 42.28 20.27 -1.11
N VAL A 25 43.57 20.37 -1.36
CA VAL A 25 44.36 19.24 -1.84
C VAL A 25 45.40 18.92 -0.77
N GLU A 26 45.43 17.66 -0.34
CA GLU A 26 46.35 17.23 0.70
C GLU A 26 47.16 16.01 0.25
N GLN A 27 48.44 15.98 0.60
CA GLN A 27 49.26 14.84 0.23
C GLN A 27 49.55 14.04 1.48
N GLN A 28 49.15 12.78 1.49
CA GLN A 28 49.39 11.91 2.64
C GLN A 28 50.30 10.79 2.14
N ASP A 29 51.59 10.88 2.45
CA ASP A 29 52.55 9.89 2.01
C ASP A 29 52.59 9.87 0.48
N ASN A 30 52.39 8.69 -0.10
CA ASN A 30 52.41 8.55 -1.56
C ASN A 30 51.01 8.56 -2.17
N GLU A 31 50.07 9.12 -1.43
CA GLU A 31 48.69 9.22 -1.89
C GLU A 31 48.23 10.67 -1.90
N MET A 32 47.40 11.03 -2.86
CA MET A 32 46.90 12.40 -2.97
C MET A 32 45.40 12.50 -2.66
N VAL A 33 45.05 13.33 -1.68
CA VAL A 33 43.65 13.49 -1.28
C VAL A 33 43.07 14.82 -1.72
N VAL A 34 41.88 14.78 -2.29
CA VAL A 34 41.21 15.98 -2.78
C VAL A 34 39.81 16.12 -2.19
N TYR A 35 39.55 17.26 -1.55
CA TYR A 35 38.25 17.52 -0.95
C TYR A 35 37.50 18.40 -1.91
N ALA A 36 36.29 17.99 -2.28
CA ALA A 36 35.51 18.75 -3.25
C ALA A 36 34.10 19.03 -2.78
N ALA A 37 33.67 20.27 -2.96
CA ALA A 37 32.36 20.72 -2.56
C ALA A 37 31.36 20.63 -3.71
N PRO A 38 30.08 20.38 -3.37
CA PRO A 38 28.96 20.26 -4.31
C PRO A 38 28.55 21.62 -4.83
N ARG A 39 29.23 22.66 -4.35
CA ARG A 39 28.92 24.03 -4.75
C ARG A 39 30.11 24.94 -4.52
N ASP A 40 29.97 26.20 -4.93
CA ASP A 40 31.04 27.19 -4.76
C ASP A 40 31.21 27.44 -3.27
N VAL A 41 32.42 27.24 -2.75
CA VAL A 41 32.69 27.47 -1.34
C VAL A 41 33.90 28.39 -1.17
N ARG A 42 34.10 29.30 -2.12
CA ARG A 42 35.21 30.23 -2.05
C ARG A 42 34.93 31.25 -0.93
N GLU A 43 33.66 31.45 -0.60
CA GLU A 43 33.22 32.34 0.47
C GLU A 43 33.04 31.49 1.74
N ARG A 44 33.57 31.96 2.86
CA ARG A 44 33.45 31.22 4.12
C ARG A 44 32.01 31.10 4.60
N THR A 45 31.13 31.96 4.09
CA THR A 45 29.74 31.90 4.48
C THR A 45 29.10 30.63 3.92
N TRP A 46 29.77 30.01 2.96
CA TRP A 46 29.27 28.79 2.34
C TRP A 46 30.05 27.56 2.78
N GLN A 47 31.09 27.77 3.58
CA GLN A 47 31.92 26.68 4.07
C GLN A 47 31.28 25.93 5.23
N LEU A 48 29.98 25.68 5.11
CA LEU A 48 29.21 24.98 6.13
C LEU A 48 27.88 24.59 5.52
N ASP A 49 27.15 23.69 6.18
CA ASP A 49 25.85 23.25 5.69
C ASP A 49 25.92 22.71 4.26
N THR A 50 26.90 21.82 4.00
CA THR A 50 27.06 21.25 2.66
C THR A 50 27.83 19.92 2.65
N PRO A 51 27.50 19.03 1.69
CA PRO A 51 28.19 17.74 1.60
C PRO A 51 29.63 17.99 1.16
N LEU A 52 30.47 16.98 1.27
CA LEU A 52 31.87 17.15 0.89
C LEU A 52 32.43 15.80 0.42
N PHE A 53 32.81 15.73 -0.85
CA PHE A 53 33.35 14.50 -1.42
C PHE A 53 34.83 14.35 -1.17
N THR A 54 35.25 13.17 -0.74
CA THR A 54 36.65 12.91 -0.51
C THR A 54 37.21 12.02 -1.64
N LEU A 55 38.01 12.60 -2.51
CA LEU A 55 38.61 11.83 -3.61
C LEU A 55 40.06 11.47 -3.31
N ARG A 56 40.33 10.18 -3.15
CA ARG A 56 41.69 9.76 -2.89
C ARG A 56 42.32 9.07 -4.12
N PHE A 57 43.53 9.51 -4.47
CA PHE A 57 44.27 8.96 -5.61
C PHE A 57 45.49 8.22 -5.11
N PHE A 58 45.65 6.98 -5.55
CA PHE A 58 46.77 6.13 -5.14
C PHE A 58 47.16 5.17 -6.27
N SER A 59 48.28 4.48 -6.11
CA SER A 59 48.75 3.54 -7.14
C SER A 59 49.16 2.20 -6.56
N PRO A 60 48.41 1.13 -6.88
CA PRO A 60 48.69 -0.23 -6.41
C PRO A 60 49.79 -0.93 -7.23
N GLN A 61 50.01 -0.45 -8.44
CA GLN A 61 51.03 -0.99 -9.36
C GLN A 61 51.40 0.11 -10.35
N GLU A 62 52.66 0.13 -10.78
CA GLU A 62 53.12 1.12 -11.74
C GLU A 62 52.15 1.18 -12.92
N GLY A 63 51.84 2.37 -13.39
CA GLY A 63 50.93 2.49 -14.51
C GLY A 63 49.45 2.36 -14.16
N ILE A 64 49.14 2.06 -12.91
CA ILE A 64 47.73 1.95 -12.49
C ILE A 64 47.39 3.08 -11.49
N VAL A 65 46.36 3.86 -11.80
CA VAL A 65 45.92 4.94 -10.94
C VAL A 65 44.57 4.67 -10.28
N GLY A 66 44.56 4.50 -8.97
CA GLY A 66 43.32 4.25 -8.26
C GLY A 66 42.58 5.52 -7.84
N VAL A 67 41.28 5.52 -8.08
CA VAL A 67 40.44 6.66 -7.73
C VAL A 67 39.33 6.22 -6.77
N ARG A 68 39.37 6.75 -5.55
CA ARG A 68 38.36 6.43 -4.56
C ARG A 68 37.58 7.69 -4.22
N ILE A 69 36.29 7.69 -4.56
CA ILE A 69 35.42 8.82 -4.30
C ILE A 69 34.45 8.41 -3.19
N GLU A 70 34.49 9.13 -2.06
CA GLU A 70 33.63 8.81 -0.93
C GLU A 70 32.65 9.90 -0.51
N HIS A 71 31.50 9.43 -0.03
CA HIS A 71 30.46 10.29 0.50
C HIS A 71 30.61 10.05 2.01
N PHE A 72 29.87 9.09 2.58
CA PHE A 72 30.00 8.78 4.01
C PHE A 72 30.97 7.63 4.31
N GLN A 73 31.90 7.86 5.23
CA GLN A 73 32.87 6.84 5.62
C GLN A 73 32.40 5.97 6.78
N GLY A 74 31.23 6.29 7.32
CA GLY A 74 30.71 5.53 8.43
C GLY A 74 30.00 4.23 8.06
N ALA A 75 29.81 4.01 6.77
CA ALA A 75 29.14 2.79 6.29
C ALA A 75 29.88 1.56 6.82
N LEU A 76 29.19 0.43 6.90
CA LEU A 76 29.81 -0.81 7.39
C LEU A 76 30.84 -1.40 6.44
N ASN A 77 30.54 -1.40 5.14
CA ASN A 77 31.46 -1.92 4.13
C ASN A 77 32.13 -3.26 4.48
N ASN A 78 31.36 -4.34 4.38
CA ASN A 78 31.85 -5.70 4.66
C ASN A 78 32.44 -6.31 3.38
N GLY A 79 33.20 -7.39 3.55
CA GLY A 79 33.78 -8.10 2.42
C GLY A 79 32.79 -9.12 1.86
N PRO A 80 33.21 -10.01 0.94
CA PRO A 80 34.56 -10.15 0.36
C PRO A 80 34.96 -9.03 -0.58
N HIS A 81 36.26 -8.90 -0.80
CA HIS A 81 36.81 -7.90 -1.69
C HIS A 81 37.60 -8.63 -2.77
N TYR A 82 37.69 -8.07 -3.97
CA TYR A 82 38.45 -8.71 -5.04
C TYR A 82 39.88 -9.02 -4.58
N PRO A 83 40.49 -10.08 -5.13
CA PRO A 83 41.86 -10.51 -4.80
C PRO A 83 42.94 -9.67 -5.50
N LEU A 84 42.94 -8.37 -5.23
CA LEU A 84 43.92 -7.48 -5.85
C LEU A 84 45.33 -7.59 -5.28
N ASN A 85 46.33 -7.36 -6.14
CA ASN A 85 47.73 -7.40 -5.73
C ASN A 85 48.08 -5.93 -5.55
N ILE A 86 48.19 -5.51 -4.30
CA ILE A 86 48.46 -4.12 -3.97
C ILE A 86 49.82 -3.87 -3.34
N LEU A 87 50.66 -3.14 -4.06
CA LEU A 87 51.98 -2.80 -3.57
C LEU A 87 51.81 -1.46 -2.84
N GLN A 88 52.58 -1.24 -1.79
CA GLN A 88 52.46 0.02 -1.05
C GLN A 88 53.58 1.01 -1.34
N ASP A 89 54.63 0.55 -2.01
CA ASP A 89 55.78 1.40 -2.30
C ASP A 89 55.97 1.77 -3.78
N VAL A 90 54.89 1.84 -4.54
CA VAL A 90 55.02 2.21 -5.93
C VAL A 90 55.51 3.66 -6.03
N LYS A 91 56.48 3.90 -6.91
CA LYS A 91 57.06 5.23 -7.10
C LYS A 91 56.11 6.13 -7.89
N VAL A 92 55.61 7.17 -7.24
CA VAL A 92 54.68 8.09 -7.88
C VAL A 92 55.14 9.53 -7.69
N THR A 93 54.47 10.44 -8.38
CA THR A 93 54.78 11.84 -8.31
C THR A 93 53.51 12.64 -8.07
N ILE A 94 53.52 13.46 -7.02
CA ILE A 94 52.37 14.27 -6.69
C ILE A 94 52.73 15.76 -6.76
N GLU A 95 52.04 16.50 -7.62
CA GLU A 95 52.32 17.92 -7.72
C GLU A 95 51.05 18.72 -7.52
N ASN A 96 50.99 19.41 -6.39
CA ASN A 96 49.83 20.24 -6.05
C ASN A 96 50.18 21.69 -6.31
N THR A 97 49.62 22.26 -7.37
CA THR A 97 49.89 23.64 -7.73
C THR A 97 48.67 24.55 -7.61
N GLU A 98 48.86 25.76 -8.10
CA GLU A 98 47.85 26.80 -8.10
C GLU A 98 46.64 26.42 -8.96
N ARG A 99 46.92 25.99 -10.18
CA ARG A 99 45.86 25.64 -11.10
C ARG A 99 45.43 24.16 -11.07
N TYR A 100 46.34 23.26 -10.72
CA TYR A 100 46.01 21.83 -10.69
C TYR A 100 46.62 21.03 -9.56
N ALA A 101 46.12 19.81 -9.44
CA ALA A 101 46.60 18.82 -8.48
C ALA A 101 46.76 17.57 -9.36
N GLU A 102 47.97 17.02 -9.42
CA GLU A 102 48.20 15.88 -10.28
C GLU A 102 48.90 14.72 -9.60
N PHE A 103 48.33 13.53 -9.73
CA PHE A 103 48.92 12.32 -9.17
C PHE A 103 49.45 11.54 -10.38
N LYS A 104 50.66 10.99 -10.30
CA LYS A 104 51.23 10.28 -11.44
C LYS A 104 51.99 8.98 -11.11
N SER A 105 51.65 7.93 -11.86
CA SER A 105 52.28 6.62 -11.71
C SER A 105 52.76 6.20 -13.09
N GLY A 106 54.08 6.16 -13.27
CA GLY A 106 54.63 5.79 -14.56
C GLY A 106 54.30 6.88 -15.55
N ASN A 107 53.62 6.51 -16.62
CA ASN A 107 53.24 7.46 -17.65
C ASN A 107 51.82 7.94 -17.48
N LEU A 108 51.09 7.31 -16.57
CA LEU A 108 49.69 7.69 -16.36
C LEU A 108 49.51 8.62 -15.17
N SER A 109 48.72 9.67 -15.38
CA SER A 109 48.46 10.61 -14.30
C SER A 109 47.00 11.02 -14.27
N ALA A 110 46.54 11.40 -13.08
CA ALA A 110 45.19 11.88 -12.87
C ALA A 110 45.36 13.35 -12.49
N ARG A 111 44.70 14.25 -13.21
CA ARG A 111 44.83 15.67 -12.91
C ARG A 111 43.49 16.34 -12.65
N VAL A 112 43.37 16.95 -11.47
CA VAL A 112 42.15 17.65 -11.08
C VAL A 112 42.35 19.15 -11.22
N SER A 113 41.41 19.81 -11.91
CA SER A 113 41.46 21.26 -12.10
C SER A 113 40.95 22.00 -10.87
N LYS A 114 41.79 22.84 -10.29
CA LYS A 114 41.41 23.65 -9.13
C LYS A 114 40.68 24.89 -9.64
N GLY A 115 40.07 25.64 -8.74
CA GLY A 115 39.40 26.84 -9.19
C GLY A 115 37.92 26.62 -9.47
N GLU A 116 37.33 27.54 -10.22
CA GLU A 116 35.92 27.46 -10.51
C GLU A 116 35.53 26.29 -11.39
N PHE A 117 36.24 26.14 -12.51
CA PHE A 117 35.94 25.07 -13.45
C PHE A 117 36.60 23.73 -13.13
N TRP A 118 35.84 22.90 -12.42
CA TRP A 118 36.29 21.57 -12.02
C TRP A 118 36.46 20.64 -13.23
N SER A 119 37.37 19.69 -13.09
CA SER A 119 37.66 18.75 -14.15
C SER A 119 38.61 17.67 -13.66
N LEU A 120 38.40 16.44 -14.09
CA LEU A 120 39.25 15.33 -13.71
C LEU A 120 39.74 14.72 -15.03
N ASP A 121 41.03 14.87 -15.31
CA ASP A 121 41.60 14.35 -16.54
C ASP A 121 42.64 13.27 -16.28
N PHE A 122 42.58 12.21 -17.08
CA PHE A 122 43.54 11.13 -16.98
C PHE A 122 44.50 11.35 -18.17
N LEU A 123 45.78 11.45 -17.86
CA LEU A 123 46.76 11.74 -18.89
C LEU A 123 47.85 10.70 -19.04
N ARG A 124 48.27 10.50 -20.29
CA ARG A 124 49.36 9.57 -20.60
C ARG A 124 50.39 10.52 -21.19
N ASN A 125 51.52 10.67 -20.51
CA ASN A 125 52.56 11.57 -20.98
C ASN A 125 51.96 12.91 -21.38
N GLY A 126 51.20 13.51 -20.47
CA GLY A 126 50.60 14.81 -20.74
C GLY A 126 49.35 14.91 -21.59
N GLU A 127 49.06 13.91 -22.43
CA GLU A 127 47.86 13.97 -23.26
C GLU A 127 46.68 13.26 -22.60
N ARG A 128 45.48 13.81 -22.78
CA ARG A 128 44.27 13.26 -22.18
C ARG A 128 43.69 12.05 -22.91
N ILE A 129 43.73 10.88 -22.27
CA ILE A 129 43.16 9.70 -22.90
C ILE A 129 41.69 9.49 -22.50
N THR A 130 41.30 10.08 -21.37
CA THR A 130 39.92 9.98 -20.91
C THR A 130 39.77 10.87 -19.67
N GLY A 131 38.61 10.83 -19.04
CA GLY A 131 38.40 11.66 -17.87
C GLY A 131 36.93 11.88 -17.57
N SER A 132 36.68 12.63 -16.50
CA SER A 132 35.32 12.94 -16.07
C SER A 132 35.06 14.44 -16.09
N GLN A 133 34.00 14.84 -16.79
CA GLN A 133 33.64 16.25 -16.84
C GLN A 133 32.81 16.61 -15.60
N VAL A 134 32.62 17.90 -15.36
CA VAL A 134 31.87 18.35 -14.18
C VAL A 134 30.41 17.89 -14.20
N LYS A 135 29.97 17.29 -13.09
CA LYS A 135 28.61 16.76 -12.95
C LYS A 135 28.42 15.40 -13.63
N ASN A 136 29.51 14.69 -13.87
CA ASN A 136 29.40 13.38 -14.50
C ASN A 136 29.82 12.26 -13.57
N ASN A 137 29.87 12.60 -12.29
CA ASN A 137 30.15 11.64 -11.26
C ASN A 137 29.52 12.24 -10.01
N GLY A 138 29.36 11.44 -8.98
CA GLY A 138 28.72 11.94 -7.78
C GLY A 138 27.89 10.91 -7.04
N TYR A 139 26.98 11.42 -6.23
CA TYR A 139 26.12 10.62 -5.37
C TYR A 139 24.67 10.71 -5.81
N VAL A 140 23.98 9.59 -5.81
CA VAL A 140 22.58 9.55 -6.20
C VAL A 140 21.75 9.03 -5.04
N GLN A 141 20.70 9.77 -4.72
CA GLN A 141 19.80 9.42 -3.65
C GLN A 141 18.50 9.04 -4.36
N ASP A 142 18.15 7.77 -4.28
CA ASP A 142 16.92 7.31 -4.93
C ASP A 142 15.80 7.42 -3.91
N THR A 143 14.95 8.42 -4.09
CA THR A 143 13.82 8.65 -3.20
C THR A 143 12.74 7.60 -3.38
N ASN A 144 12.65 7.06 -4.59
CA ASN A 144 11.64 6.05 -4.89
C ASN A 144 11.83 4.77 -4.11
N ASN A 145 13.07 4.36 -3.87
CA ASN A 145 13.31 3.12 -3.15
C ASN A 145 14.23 3.20 -1.95
N GLN A 146 14.62 4.40 -1.56
CA GLN A 146 15.48 4.60 -0.40
C GLN A 146 16.89 4.03 -0.58
N ARG A 147 17.38 3.97 -1.82
CA ARG A 147 18.72 3.43 -2.05
C ARG A 147 19.65 4.53 -2.50
N ASN A 148 20.92 4.40 -2.16
CA ASN A 148 21.89 5.40 -2.55
C ASN A 148 23.04 4.80 -3.36
N TYR A 149 23.38 5.50 -4.44
CA TYR A 149 24.41 5.09 -5.38
C TYR A 149 25.49 6.15 -5.60
N MET A 150 26.64 5.69 -6.08
CA MET A 150 27.77 6.53 -6.47
C MET A 150 27.90 6.23 -7.97
N PHE A 151 28.27 7.21 -8.77
CA PHE A 151 28.43 6.96 -10.21
C PHE A 151 29.52 7.80 -10.85
N GLU A 152 30.00 7.34 -11.99
CA GLU A 152 31.06 7.99 -12.76
C GLU A 152 30.79 7.82 -14.26
N ARG A 153 31.23 8.80 -15.04
CA ARG A 153 31.08 8.76 -16.48
C ARG A 153 32.42 9.18 -17.09
N LEU A 154 33.16 8.19 -17.63
CA LEU A 154 34.45 8.45 -18.27
C LEU A 154 34.19 8.64 -19.76
N ASP A 155 34.78 9.68 -20.33
CA ASP A 155 34.58 10.00 -21.73
C ASP A 155 35.15 8.97 -22.72
N LEU A 156 34.64 9.05 -23.94
CA LEU A 156 35.05 8.23 -25.08
C LEU A 156 35.25 9.23 -26.20
N GLY A 157 36.36 9.13 -26.93
CA GLY A 157 36.59 10.07 -28.02
C GLY A 157 35.92 9.59 -29.30
N VAL A 158 36.13 10.32 -30.39
CA VAL A 158 35.57 9.95 -31.69
C VAL A 158 36.17 8.60 -32.10
N GLY A 159 35.32 7.67 -32.51
CA GLY A 159 35.79 6.37 -32.93
C GLY A 159 36.32 5.50 -31.83
N GLU A 160 36.06 5.88 -30.59
CA GLU A 160 36.54 5.08 -29.47
C GLU A 160 35.58 3.93 -29.23
N THR A 161 36.12 2.73 -29.07
CA THR A 161 35.28 1.55 -28.88
C THR A 161 35.63 0.83 -27.60
N VAL A 162 34.62 0.22 -26.98
CA VAL A 162 34.80 -0.48 -25.72
C VAL A 162 34.64 -2.00 -25.84
N TYR A 163 35.45 -2.74 -25.09
CA TYR A 163 35.45 -4.20 -25.13
C TYR A 163 35.56 -4.76 -23.74
N GLY A 164 35.17 -6.02 -23.59
CA GLY A 164 35.28 -6.70 -22.31
C GLY A 164 34.01 -6.86 -21.48
N LEU A 165 34.17 -6.72 -20.17
CA LEU A 165 33.09 -6.83 -19.19
C LEU A 165 32.70 -8.29 -19.02
N GLY A 166 33.69 -9.17 -19.24
CA GLY A 166 33.52 -10.60 -19.10
C GLY A 166 33.17 -11.34 -20.38
N GLU A 167 32.82 -12.62 -20.23
CA GLU A 167 32.41 -13.44 -21.35
C GLU A 167 30.97 -13.08 -21.66
N ARG A 168 30.77 -12.21 -22.64
CA ARG A 168 29.43 -11.79 -23.03
C ARG A 168 29.17 -12.20 -24.47
N PHE A 169 27.90 -12.46 -24.78
CA PHE A 169 27.47 -12.96 -26.09
C PHE A 169 26.79 -11.98 -27.03
N THR A 170 26.71 -10.73 -26.60
CA THR A 170 26.12 -9.67 -27.39
C THR A 170 27.21 -9.17 -28.33
N ALA A 171 26.89 -8.17 -29.16
CA ALA A 171 27.86 -7.59 -30.10
C ALA A 171 29.17 -7.39 -29.37
N LEU A 172 30.29 -7.68 -30.05
CA LEU A 172 31.62 -7.59 -29.45
C LEU A 172 31.99 -6.21 -28.91
N VAL A 173 31.60 -5.17 -29.65
CA VAL A 173 31.89 -3.80 -29.25
C VAL A 173 30.73 -3.32 -28.36
N ARG A 174 31.04 -3.12 -27.09
CA ARG A 174 30.08 -2.70 -26.07
C ARG A 174 29.27 -1.41 -26.32
N ASN A 175 29.81 -0.46 -27.08
CA ASN A 175 29.12 0.81 -27.35
C ASN A 175 27.66 0.65 -27.71
N GLY A 176 26.77 1.26 -26.94
CA GLY A 176 25.36 1.18 -27.23
C GLY A 176 24.62 0.25 -26.30
N GLN A 177 25.34 -0.49 -25.47
CA GLN A 177 24.62 -1.37 -24.58
C GLN A 177 24.78 -1.18 -23.08
N THR A 178 23.79 -1.73 -22.37
CA THR A 178 23.71 -1.74 -20.94
C THR A 178 24.19 -3.11 -20.49
N VAL A 179 25.10 -3.16 -19.53
CA VAL A 179 25.57 -4.43 -18.98
C VAL A 179 25.66 -4.36 -17.45
N GLU A 180 25.16 -5.41 -16.80
CA GLU A 180 25.17 -5.53 -15.35
C GLU A 180 26.11 -6.67 -14.95
N THR A 181 27.18 -6.36 -14.23
CA THR A 181 28.09 -7.42 -13.84
C THR A 181 27.45 -8.24 -12.74
N TRP A 182 26.71 -9.27 -13.17
CA TRP A 182 25.97 -10.14 -12.24
C TRP A 182 25.83 -11.56 -12.80
N ASN A 183 26.55 -12.50 -12.22
CA ASN A 183 26.52 -13.89 -12.67
C ASN A 183 25.13 -14.49 -12.68
N ARG A 184 24.77 -15.01 -13.86
CA ARG A 184 23.49 -15.64 -14.11
C ARG A 184 23.65 -16.86 -15.03
N ASP A 185 22.79 -17.86 -14.84
CA ASP A 185 22.78 -19.07 -15.66
C ASP A 185 21.70 -18.81 -16.70
N GLY A 186 22.05 -18.14 -17.79
CA GLY A 186 21.06 -17.83 -18.80
C GLY A 186 21.41 -18.27 -20.21
N GLY A 187 22.27 -19.27 -20.32
CA GLY A 187 22.67 -19.75 -21.64
C GLY A 187 23.70 -18.83 -22.29
N THR A 188 23.83 -18.96 -23.60
CA THR A 188 24.79 -18.17 -24.38
C THR A 188 24.07 -17.30 -25.38
N SER A 189 22.74 -17.29 -25.35
CA SER A 189 21.98 -16.53 -26.33
C SER A 189 21.36 -15.20 -25.88
N THR A 190 21.66 -14.76 -24.66
CA THR A 190 21.07 -13.51 -24.17
C THR A 190 22.10 -12.51 -23.68
N GLU A 191 21.63 -11.41 -23.11
CA GLU A 191 22.53 -10.39 -22.59
C GLU A 191 23.14 -10.88 -21.29
N GLN A 192 22.65 -12.00 -20.76
CA GLN A 192 23.16 -12.52 -19.50
C GLN A 192 24.50 -13.23 -19.68
N ALA A 193 25.23 -13.41 -18.57
CA ALA A 193 26.53 -14.05 -18.63
C ALA A 193 26.78 -14.86 -17.38
N TYR A 194 27.63 -15.89 -17.50
CA TYR A 194 27.98 -16.74 -16.36
C TYR A 194 29.27 -16.15 -15.77
N LYS A 195 29.99 -15.39 -16.59
CA LYS A 195 31.27 -14.81 -16.20
C LYS A 195 31.30 -13.29 -16.35
N ASN A 196 30.94 -12.59 -15.28
CA ASN A 196 30.94 -11.12 -15.29
C ASN A 196 32.21 -10.58 -14.64
N ILE A 197 32.78 -9.56 -15.27
CA ILE A 197 34.02 -8.93 -14.79
C ILE A 197 33.82 -7.45 -15.04
N PRO A 198 33.83 -6.62 -13.98
CA PRO A 198 33.64 -5.18 -14.15
C PRO A 198 34.87 -4.45 -14.69
N PHE A 199 35.42 -4.99 -15.77
CA PHE A 199 36.61 -4.41 -16.41
C PHE A 199 36.39 -4.25 -17.89
N TYR A 200 36.71 -3.07 -18.41
CA TYR A 200 36.58 -2.80 -19.83
C TYR A 200 37.87 -2.15 -20.32
N MET A 201 38.08 -2.18 -21.63
CA MET A 201 39.25 -1.53 -22.23
C MET A 201 38.82 -0.95 -23.56
N THR A 202 39.57 0.00 -24.07
CA THR A 202 39.19 0.63 -25.34
C THR A 202 40.30 0.55 -26.36
N ASN A 203 39.99 0.95 -27.59
CA ASN A 203 40.98 0.93 -28.68
C ASN A 203 41.78 2.24 -28.59
N ARG A 204 41.94 2.76 -27.38
CA ARG A 204 42.69 3.98 -27.18
C ARG A 204 43.84 3.69 -26.24
N GLY A 205 43.99 2.41 -25.86
CA GLY A 205 45.11 2.03 -25.03
C GLY A 205 45.04 2.07 -23.52
N TYR A 206 43.84 1.96 -22.96
CA TYR A 206 43.72 1.93 -21.52
C TYR A 206 42.50 1.13 -21.14
N GLY A 207 42.42 0.73 -19.88
CA GLY A 207 41.26 0.00 -19.43
C GLY A 207 40.90 0.47 -18.02
N VAL A 208 39.73 0.07 -17.54
CA VAL A 208 39.34 0.43 -16.20
C VAL A 208 38.61 -0.71 -15.48
N LEU A 209 39.04 -0.95 -14.25
CA LEU A 209 38.43 -1.95 -13.40
C LEU A 209 37.67 -1.18 -12.30
N VAL A 210 36.36 -1.40 -12.21
CA VAL A 210 35.54 -0.78 -11.18
C VAL A 210 35.64 -1.81 -10.07
N ASN A 211 36.27 -1.42 -8.97
CA ASN A 211 36.53 -2.32 -7.87
C ASN A 211 35.38 -2.66 -6.90
N HIS A 212 34.31 -3.24 -7.42
CA HIS A 212 33.15 -3.64 -6.63
C HIS A 212 32.60 -5.03 -7.05
N PRO A 213 32.66 -6.03 -6.15
CA PRO A 213 32.18 -7.40 -6.41
C PRO A 213 30.66 -7.52 -6.54
N GLN A 214 29.92 -6.56 -5.96
CA GLN A 214 28.46 -6.58 -6.04
C GLN A 214 28.13 -6.11 -7.45
N CYS A 215 26.85 -6.06 -7.80
CA CYS A 215 26.49 -5.64 -9.15
C CYS A 215 26.87 -4.22 -9.58
N VAL A 216 27.69 -4.10 -10.63
CA VAL A 216 28.02 -2.78 -11.15
C VAL A 216 27.16 -2.62 -12.39
N SER A 217 26.53 -1.46 -12.53
CA SER A 217 25.67 -1.24 -13.66
C SER A 217 26.29 -0.27 -14.67
N PHE A 218 26.69 -0.79 -15.84
CA PHE A 218 27.31 0.05 -16.88
C PHE A 218 26.37 0.43 -17.99
N GLU A 219 26.45 1.69 -18.39
CA GLU A 219 25.71 2.18 -19.53
C GLU A 219 26.86 2.58 -20.45
N VAL A 220 27.23 1.68 -21.36
CA VAL A 220 28.33 1.94 -22.29
C VAL A 220 27.77 2.65 -23.50
N GLY A 221 27.80 3.98 -23.45
CA GLY A 221 27.27 4.76 -24.55
C GLY A 221 25.77 4.57 -24.66
N SER A 222 25.14 4.04 -23.61
CA SER A 222 23.71 3.80 -23.63
C SER A 222 22.81 4.86 -22.99
N GLU A 223 23.38 5.70 -22.12
CA GLU A 223 22.64 6.80 -21.49
C GLU A 223 23.21 8.05 -22.15
N LYS A 224 24.47 8.32 -21.90
CA LYS A 224 25.16 9.43 -22.55
C LYS A 224 25.98 8.72 -23.64
N VAL A 225 25.69 9.01 -24.90
CA VAL A 225 26.34 8.33 -26.02
C VAL A 225 27.87 8.36 -26.09
N SER A 226 28.47 9.49 -25.70
CA SER A 226 29.93 9.61 -25.76
C SER A 226 30.64 9.33 -24.44
N LYS A 227 30.03 8.49 -23.60
CA LYS A 227 30.64 8.18 -22.32
C LYS A 227 30.29 6.80 -21.80
N VAL A 228 31.14 6.30 -20.92
CA VAL A 228 30.92 5.03 -20.27
C VAL A 228 30.53 5.35 -18.82
N GLN A 229 29.27 5.11 -18.47
CA GLN A 229 28.77 5.37 -17.14
C GLN A 229 28.67 4.11 -16.30
N PHE A 230 29.17 4.17 -15.07
CA PHE A 230 29.02 3.04 -14.18
C PHE A 230 28.55 3.48 -12.79
N SER A 231 27.69 2.66 -12.18
CA SER A 231 27.17 2.97 -10.86
C SER A 231 27.04 1.73 -9.99
N VAL A 232 27.23 1.95 -8.70
CA VAL A 232 27.14 0.90 -7.71
C VAL A 232 26.37 1.44 -6.49
N GLU A 233 25.62 0.57 -5.81
CA GLU A 233 24.87 0.99 -4.63
C GLU A 233 25.90 0.91 -3.53
N SER A 234 26.46 2.07 -3.19
CA SER A 234 27.52 2.14 -2.18
C SER A 234 27.67 3.59 -1.70
N GLU A 235 28.41 3.78 -0.61
CA GLU A 235 28.65 5.12 -0.11
C GLU A 235 29.95 5.65 -0.71
N TYR A 236 30.61 4.78 -1.48
CA TYR A 236 31.87 5.11 -2.15
C TYR A 236 32.02 4.34 -3.46
N LEU A 237 32.77 4.92 -4.39
CA LEU A 237 33.03 4.32 -5.68
C LEU A 237 34.54 4.28 -5.88
N GLU A 238 35.08 3.10 -6.18
CA GLU A 238 36.51 2.99 -6.42
C GLU A 238 36.77 2.30 -7.73
N TYR A 239 37.56 2.94 -8.59
CA TYR A 239 37.93 2.35 -9.88
C TYR A 239 39.40 2.63 -10.19
N PHE A 240 39.99 1.77 -11.03
CA PHE A 240 41.38 1.90 -11.42
C PHE A 240 41.51 2.10 -12.94
N VAL A 241 42.25 3.12 -13.34
CA VAL A 241 42.49 3.35 -14.76
C VAL A 241 43.83 2.65 -14.97
N ILE A 242 43.88 1.78 -15.98
CA ILE A 242 45.07 0.99 -16.28
C ILE A 242 45.62 1.38 -17.65
N ASP A 243 46.86 1.84 -17.65
CA ASP A 243 47.49 2.31 -18.88
C ASP A 243 48.06 1.23 -19.81
N GLY A 244 48.08 1.55 -21.09
CA GLY A 244 48.62 0.64 -22.09
C GLY A 244 50.08 0.95 -22.43
N PRO A 245 50.34 1.64 -23.54
CA PRO A 245 49.39 2.17 -24.54
C PRO A 245 48.73 1.18 -25.48
N THR A 246 49.02 -0.11 -25.34
CA THR A 246 48.40 -1.10 -26.22
C THR A 246 47.52 -2.08 -25.46
N PRO A 247 46.54 -2.68 -26.14
CA PRO A 247 45.66 -3.63 -25.48
C PRO A 247 46.40 -4.74 -24.74
N LYS A 248 47.50 -5.23 -25.30
CA LYS A 248 48.25 -6.28 -24.62
C LYS A 248 48.96 -5.73 -23.39
N ALA A 249 49.35 -4.47 -23.45
CA ALA A 249 50.03 -3.83 -22.32
C ALA A 249 49.02 -3.65 -21.17
N VAL A 250 47.80 -3.26 -21.52
CA VAL A 250 46.73 -3.07 -20.54
C VAL A 250 46.47 -4.38 -19.83
N LEU A 251 46.26 -5.44 -20.62
CA LEU A 251 46.01 -6.77 -20.06
C LEU A 251 47.17 -7.24 -19.21
N ASP A 252 48.38 -6.92 -19.65
CA ASP A 252 49.56 -7.32 -18.90
C ASP A 252 49.51 -6.69 -17.49
N ARG A 253 49.21 -5.40 -17.43
CA ARG A 253 49.11 -4.75 -16.12
C ARG A 253 47.90 -5.30 -15.37
N TYR A 254 46.77 -5.38 -16.06
CA TYR A 254 45.55 -5.87 -15.46
C TYR A 254 45.72 -7.22 -14.80
N THR A 255 46.36 -8.17 -15.52
CA THR A 255 46.52 -9.50 -14.97
C THR A 255 47.58 -9.56 -13.89
N ARG A 256 48.59 -8.70 -13.99
CA ARG A 256 49.61 -8.67 -12.93
C ARG A 256 48.88 -8.19 -11.66
N PHE A 257 47.97 -7.25 -11.84
CA PHE A 257 47.18 -6.67 -10.76
C PHE A 257 46.16 -7.66 -10.16
N THR A 258 45.35 -8.28 -11.01
CA THR A 258 44.32 -9.19 -10.51
C THR A 258 44.60 -10.68 -10.51
N GLY A 259 45.57 -11.11 -11.31
CA GLY A 259 45.91 -12.52 -11.37
C GLY A 259 46.37 -12.99 -12.75
N ARG A 260 47.46 -13.74 -12.78
CA ARG A 260 47.99 -14.25 -14.04
C ARG A 260 47.34 -15.59 -14.40
N PRO A 261 46.92 -15.75 -15.66
CA PRO A 261 46.31 -17.04 -16.04
C PRO A 261 47.36 -18.12 -15.81
N ALA A 262 47.02 -19.17 -15.08
CA ALA A 262 48.00 -20.24 -14.86
C ALA A 262 48.29 -20.93 -16.21
N LEU A 263 49.41 -21.65 -16.28
CA LEU A 263 49.77 -22.37 -17.52
C LEU A 263 49.27 -23.80 -17.39
N PRO A 264 48.28 -24.19 -18.21
CA PRO A 264 47.72 -25.55 -18.17
C PRO A 264 48.70 -26.62 -18.68
N PRO A 265 48.59 -27.86 -18.17
CA PRO A 265 49.47 -28.95 -18.59
C PRO A 265 49.30 -29.22 -20.09
N ALA A 266 50.37 -29.62 -20.76
CA ALA A 266 50.31 -29.86 -22.20
C ALA A 266 49.22 -30.85 -22.62
N TRP A 267 49.01 -31.90 -21.84
CA TRP A 267 47.98 -32.88 -22.21
C TRP A 267 46.58 -32.30 -22.33
N SER A 268 46.29 -31.25 -21.56
CA SER A 268 44.98 -30.61 -21.57
C SER A 268 44.67 -30.00 -22.93
N PHE A 269 45.70 -29.77 -23.73
CA PHE A 269 45.51 -29.20 -25.06
C PHE A 269 45.05 -30.24 -26.09
N GLY A 270 44.97 -31.50 -25.66
CA GLY A 270 44.53 -32.57 -26.54
C GLY A 270 43.04 -32.49 -26.83
N LEU A 271 42.48 -33.57 -27.37
CA LEU A 271 41.04 -33.58 -27.69
C LEU A 271 40.29 -34.15 -26.49
N TRP A 272 39.22 -33.48 -26.09
CA TRP A 272 38.41 -33.95 -24.96
C TRP A 272 37.13 -34.53 -25.52
N LEU A 273 36.64 -35.61 -24.90
CA LEU A 273 35.39 -36.21 -25.33
C LEU A 273 34.52 -36.44 -24.10
N THR A 274 33.20 -36.32 -24.27
CA THR A 274 32.24 -36.50 -23.20
C THR A 274 31.17 -37.57 -23.43
N THR A 275 30.58 -38.03 -22.33
CA THR A 275 29.49 -39.01 -22.35
C THR A 275 28.23 -38.26 -22.74
N SER A 276 28.35 -36.93 -22.77
CA SER A 276 27.24 -36.03 -23.04
C SER A 276 26.39 -35.90 -21.77
N PHE A 277 25.48 -34.93 -21.74
CA PHE A 277 24.67 -34.64 -20.55
C PHE A 277 23.62 -35.67 -20.10
N THR A 278 22.45 -35.65 -20.72
CA THR A 278 21.38 -36.56 -20.31
C THR A 278 21.21 -37.80 -21.19
N THR A 279 22.26 -38.11 -21.95
CA THR A 279 22.28 -39.28 -22.82
C THR A 279 22.54 -40.46 -21.88
N ASN A 280 22.42 -41.69 -22.37
CA ASN A 280 22.68 -42.85 -21.54
C ASN A 280 24.15 -43.17 -21.52
N TYR A 281 24.63 -43.80 -20.44
CA TYR A 281 26.02 -44.19 -20.37
C TYR A 281 26.44 -44.97 -19.14
N ASP A 282 27.30 -45.97 -19.39
CA ASP A 282 27.87 -46.84 -18.38
C ASP A 282 29.26 -47.16 -18.91
N GLU A 283 30.00 -48.06 -18.27
CA GLU A 283 31.34 -48.35 -18.77
C GLU A 283 31.35 -48.82 -20.21
N ALA A 284 30.46 -49.75 -20.55
CA ALA A 284 30.38 -50.29 -21.90
C ALA A 284 30.20 -49.17 -22.91
N THR A 285 29.42 -48.16 -22.54
CA THR A 285 29.20 -47.03 -23.42
C THR A 285 30.53 -46.31 -23.60
N VAL A 286 31.23 -46.12 -22.50
CA VAL A 286 32.51 -45.44 -22.49
C VAL A 286 33.50 -46.13 -23.42
N ASN A 287 33.72 -47.43 -23.18
CA ASN A 287 34.65 -48.20 -23.99
C ASN A 287 34.23 -48.23 -25.46
N SER A 288 32.94 -48.24 -25.70
CA SER A 288 32.45 -48.25 -27.07
C SER A 288 32.90 -46.99 -27.79
N PHE A 289 32.86 -45.87 -27.09
CA PHE A 289 33.29 -44.60 -27.70
C PHE A 289 34.79 -44.58 -27.89
N ILE A 290 35.51 -45.03 -26.87
CA ILE A 290 36.96 -45.03 -26.92
C ILE A 290 37.52 -46.01 -27.96
N ASP A 291 36.96 -47.22 -28.02
CA ASP A 291 37.42 -48.18 -29.00
C ASP A 291 37.01 -47.62 -30.37
N GLY A 292 35.86 -46.96 -30.40
CA GLY A 292 35.37 -46.38 -31.63
C GLY A 292 36.32 -45.33 -32.21
N MET A 293 36.92 -44.54 -31.32
CA MET A 293 37.86 -43.50 -31.73
C MET A 293 39.14 -44.15 -32.27
N ALA A 294 39.70 -45.07 -31.48
CA ALA A 294 40.94 -45.75 -31.86
C ALA A 294 40.73 -46.48 -33.19
N GLU A 295 39.59 -47.16 -33.31
CA GLU A 295 39.25 -47.89 -34.53
C GLU A 295 39.32 -47.03 -35.79
N ARG A 296 38.86 -45.78 -35.70
CA ARG A 296 38.88 -44.90 -36.86
C ARG A 296 40.10 -43.98 -36.87
N ASN A 297 41.11 -44.34 -36.06
CA ASN A 297 42.33 -43.55 -35.98
C ASN A 297 42.07 -42.09 -35.58
N LEU A 298 41.16 -41.89 -34.64
CA LEU A 298 40.86 -40.56 -34.15
C LEU A 298 41.54 -40.41 -32.80
N PRO A 299 42.62 -39.63 -32.75
CA PRO A 299 43.37 -39.41 -31.50
C PRO A 299 42.43 -38.79 -30.46
N LEU A 300 42.53 -39.27 -29.22
CA LEU A 300 41.70 -38.80 -28.14
C LEU A 300 42.59 -38.76 -26.90
N HIS A 301 42.52 -37.67 -26.14
CA HIS A 301 43.39 -37.55 -24.98
C HIS A 301 42.75 -37.38 -23.60
N VAL A 302 41.53 -36.86 -23.56
CA VAL A 302 40.85 -36.69 -22.28
C VAL A 302 39.41 -37.13 -22.39
N PHE A 303 38.96 -37.91 -21.41
CA PHE A 303 37.58 -38.36 -21.43
C PHE A 303 36.85 -37.79 -20.20
N HIS A 304 35.66 -37.28 -20.43
CA HIS A 304 34.86 -36.65 -19.37
C HIS A 304 33.55 -37.33 -19.00
N PHE A 305 33.39 -37.61 -17.70
CA PHE A 305 32.18 -38.23 -17.17
C PHE A 305 31.23 -37.10 -16.70
N ASP A 306 30.08 -36.93 -17.36
CA ASP A 306 29.16 -35.88 -16.94
C ASP A 306 28.29 -36.32 -15.75
N CYS A 307 27.27 -35.49 -15.45
CA CYS A 307 26.35 -35.67 -14.32
C CYS A 307 25.94 -37.04 -13.85
N PHE A 308 25.45 -37.87 -14.76
CA PHE A 308 24.96 -39.16 -14.35
C PHE A 308 25.95 -40.19 -13.83
N TRP A 309 27.16 -39.75 -13.48
CA TRP A 309 28.08 -40.69 -12.89
C TRP A 309 27.64 -40.84 -11.43
N MET A 310 26.71 -39.96 -11.04
CA MET A 310 26.13 -39.96 -9.70
C MET A 310 24.64 -40.22 -9.85
N LYS A 311 24.01 -40.68 -8.76
CA LYS A 311 22.57 -40.95 -8.76
C LYS A 311 21.73 -39.69 -9.01
N ALA A 312 20.74 -39.80 -9.88
CA ALA A 312 19.85 -38.67 -10.18
C ALA A 312 19.26 -38.12 -8.88
N PHE A 313 19.05 -36.80 -8.86
CA PHE A 313 18.50 -36.08 -7.71
C PHE A 313 19.42 -36.03 -6.51
N GLN A 314 20.57 -36.68 -6.60
CA GLN A 314 21.52 -36.66 -5.49
C GLN A 314 22.75 -35.89 -5.93
N TRP A 315 22.61 -35.16 -7.04
CA TRP A 315 23.75 -34.47 -7.59
C TRP A 315 24.65 -33.63 -6.72
N CYS A 316 25.86 -34.19 -6.72
CA CYS A 316 27.08 -33.84 -6.06
C CYS A 316 27.26 -34.15 -4.60
N ASP A 317 26.94 -35.40 -4.29
CA ASP A 317 27.12 -35.97 -2.97
C ASP A 317 28.39 -36.82 -3.17
N PHE A 318 28.91 -36.77 -4.40
CA PHE A 318 30.14 -37.47 -4.79
C PHE A 318 30.15 -39.00 -4.78
N GLU A 319 28.98 -39.62 -4.81
CA GLU A 319 28.95 -41.09 -4.81
C GLU A 319 28.57 -41.66 -6.15
N TRP A 320 29.39 -42.59 -6.62
CA TRP A 320 29.16 -43.21 -7.91
C TRP A 320 27.90 -44.05 -7.92
N ASP A 321 27.13 -43.92 -8.99
CA ASP A 321 25.89 -44.68 -9.16
C ASP A 321 26.30 -46.15 -9.30
N PRO A 322 26.12 -46.95 -8.24
CA PRO A 322 26.48 -48.38 -8.24
C PRO A 322 25.90 -49.21 -9.38
N LEU A 323 24.70 -48.85 -9.83
CA LEU A 323 24.08 -49.60 -10.89
C LEU A 323 24.73 -49.35 -12.25
N THR A 324 25.17 -48.12 -12.49
CA THR A 324 25.79 -47.77 -13.76
C THR A 324 27.31 -47.91 -13.76
N PHE A 325 27.91 -47.78 -12.59
CA PHE A 325 29.35 -47.86 -12.46
C PHE A 325 29.73 -48.64 -11.21
N PRO A 326 29.56 -49.97 -11.25
CA PRO A 326 29.85 -50.90 -10.16
C PRO A 326 31.28 -50.87 -9.64
N ASP A 327 32.23 -50.60 -10.52
CA ASP A 327 33.65 -50.56 -10.12
C ASP A 327 34.34 -49.32 -10.67
N PRO A 328 34.12 -48.17 -10.02
CA PRO A 328 34.69 -46.86 -10.39
C PRO A 328 36.19 -46.83 -10.59
N GLU A 329 36.96 -47.15 -9.55
CA GLU A 329 38.41 -47.11 -9.66
C GLU A 329 38.93 -48.08 -10.71
N GLY A 330 38.27 -49.23 -10.86
CA GLY A 330 38.69 -50.20 -11.85
C GLY A 330 38.55 -49.62 -13.25
N MET A 331 37.37 -49.09 -13.54
CA MET A 331 37.07 -48.49 -14.83
C MET A 331 38.00 -47.33 -15.20
N ILE A 332 38.37 -46.53 -14.19
CA ILE A 332 39.24 -45.38 -14.42
C ILE A 332 40.69 -45.80 -14.72
N ARG A 333 41.19 -46.79 -13.98
CA ARG A 333 42.56 -47.24 -14.21
C ARG A 333 42.71 -47.82 -15.62
N ARG A 334 41.69 -48.55 -16.11
CA ARG A 334 41.75 -49.12 -17.45
C ARG A 334 41.78 -48.03 -18.52
N LEU A 335 41.08 -46.93 -18.28
CA LEU A 335 41.07 -45.84 -19.25
C LEU A 335 42.42 -45.11 -19.25
N LYS A 336 43.00 -44.96 -18.06
CA LYS A 336 44.27 -44.28 -17.91
C LYS A 336 45.39 -45.14 -18.50
N ALA A 337 45.25 -46.46 -18.35
CA ALA A 337 46.23 -47.37 -18.88
C ALA A 337 46.35 -47.13 -20.37
N LYS A 338 45.28 -46.62 -20.98
CA LYS A 338 45.27 -46.32 -22.41
C LYS A 338 45.90 -44.95 -22.69
N GLY A 339 46.49 -44.35 -21.66
CA GLY A 339 47.12 -43.04 -21.83
C GLY A 339 46.16 -41.87 -21.84
N LEU A 340 44.92 -42.11 -21.42
CA LEU A 340 43.90 -41.06 -21.37
C LEU A 340 43.88 -40.35 -20.02
N LYS A 341 43.44 -39.11 -20.03
CA LYS A 341 43.31 -38.33 -18.80
C LYS A 341 41.82 -38.34 -18.48
N ILE A 342 41.46 -38.31 -17.20
CA ILE A 342 40.06 -38.34 -16.78
C ILE A 342 39.54 -37.12 -15.98
N CYS A 343 38.38 -36.63 -16.41
CA CYS A 343 37.72 -35.49 -15.78
C CYS A 343 36.29 -35.91 -15.44
N VAL A 344 35.80 -35.50 -14.27
CA VAL A 344 34.42 -35.79 -13.89
C VAL A 344 33.70 -34.48 -13.55
N TRP A 345 32.39 -34.49 -13.74
CA TRP A 345 31.53 -33.35 -13.47
C TRP A 345 31.33 -33.16 -11.98
N ILE A 346 31.33 -31.89 -11.55
CA ILE A 346 31.03 -31.55 -10.16
C ILE A 346 30.34 -30.19 -10.18
N ASN A 347 29.77 -29.82 -9.03
CA ASN A 347 29.14 -28.51 -8.89
C ASN A 347 29.06 -28.21 -7.40
N PRO A 348 28.68 -26.97 -7.02
CA PRO A 348 28.61 -26.62 -5.60
C PRO A 348 27.26 -26.68 -4.91
N TYR A 349 26.32 -27.46 -5.44
CA TYR A 349 25.00 -27.61 -4.84
C TYR A 349 24.78 -29.07 -4.46
N ILE A 350 23.70 -29.35 -3.75
CA ILE A 350 23.40 -30.72 -3.37
C ILE A 350 21.91 -30.96 -3.14
N GLY A 351 21.41 -31.98 -3.84
CA GLY A 351 20.01 -32.35 -3.73
C GLY A 351 19.68 -33.03 -2.43
N GLN A 352 18.48 -32.78 -1.95
CA GLN A 352 17.99 -33.32 -0.70
C GLN A 352 17.92 -34.85 -0.68
N LYS A 353 17.66 -35.48 -1.82
CA LYS A 353 17.57 -36.96 -1.87
C LYS A 353 18.84 -37.67 -1.42
N SER A 354 19.99 -37.01 -1.57
CA SER A 354 21.24 -37.63 -1.16
C SER A 354 21.27 -37.92 0.32
N PRO A 355 21.82 -39.07 0.72
CA PRO A 355 21.90 -39.47 2.12
C PRO A 355 22.88 -38.58 2.88
N VAL A 356 23.72 -37.89 2.11
CA VAL A 356 24.73 -37.00 2.66
C VAL A 356 24.10 -35.67 3.13
N PHE A 357 22.97 -35.33 2.54
CA PHE A 357 22.27 -34.10 2.86
C PHE A 357 22.06 -33.89 4.36
N LYS A 358 21.41 -34.85 5.00
CA LYS A 358 21.14 -34.76 6.42
C LYS A 358 22.42 -34.49 7.19
N GLU A 359 23.48 -35.22 6.85
CA GLU A 359 24.77 -35.03 7.52
C GLU A 359 25.26 -33.60 7.39
N LEU A 360 25.21 -33.06 6.17
CA LEU A 360 25.67 -31.70 5.90
C LEU A 360 24.80 -30.69 6.68
N GLN A 361 23.50 -30.94 6.72
CA GLN A 361 22.58 -30.08 7.42
C GLN A 361 22.91 -30.09 8.90
N GLU A 362 23.03 -31.29 9.48
CA GLU A 362 23.34 -31.43 10.89
C GLU A 362 24.61 -30.71 11.27
N LYS A 363 25.57 -30.67 10.36
CA LYS A 363 26.85 -30.03 10.62
C LYS A 363 26.90 -28.54 10.30
N GLY A 364 25.85 -28.02 9.68
CA GLY A 364 25.81 -26.61 9.33
C GLY A 364 26.73 -26.22 8.19
N TYR A 365 26.93 -27.15 7.26
CA TYR A 365 27.80 -26.90 6.12
C TYR A 365 27.06 -26.32 4.92
N LEU A 366 25.75 -26.21 5.02
CA LEU A 366 24.93 -25.68 3.95
C LEU A 366 24.56 -24.21 4.21
N LEU A 367 24.35 -23.45 3.14
CA LEU A 367 24.00 -22.04 3.23
C LEU A 367 22.64 -21.83 3.94
N LYS A 368 22.66 -21.08 5.05
CA LYS A 368 21.43 -20.82 5.82
C LYS A 368 20.79 -19.46 5.59
N ARG A 369 19.51 -19.35 5.90
CA ARG A 369 18.78 -18.09 5.79
C ARG A 369 19.01 -17.36 7.14
N PRO A 370 18.58 -16.09 7.23
CA PRO A 370 18.76 -15.34 8.49
C PRO A 370 18.17 -16.08 9.70
N ASP A 371 16.99 -16.66 9.54
CA ASP A 371 16.34 -17.37 10.64
C ASP A 371 17.03 -18.67 11.04
N GLY A 372 18.11 -19.03 10.34
CA GLY A 372 18.82 -20.25 10.68
C GLY A 372 18.40 -21.50 9.93
N SER A 373 17.32 -21.43 9.15
CA SER A 373 16.87 -22.60 8.40
C SER A 373 17.73 -22.69 7.13
N LEU A 374 17.56 -23.75 6.34
CA LEU A 374 18.36 -23.87 5.12
C LEU A 374 17.78 -23.13 3.96
N TRP A 375 18.64 -22.58 3.10
CA TRP A 375 18.16 -21.93 1.89
C TRP A 375 17.93 -23.10 0.91
N GLN A 376 16.77 -23.18 0.28
CA GLN A 376 16.46 -24.27 -0.64
C GLN A 376 15.49 -23.85 -1.72
N TRP A 377 15.57 -24.55 -2.86
CA TRP A 377 14.64 -24.35 -3.95
C TRP A 377 14.65 -25.62 -4.81
N ASP A 378 13.74 -25.71 -5.78
CA ASP A 378 13.68 -26.91 -6.61
C ASP A 378 14.26 -26.78 -8.01
N LYS A 379 14.98 -25.70 -8.27
CA LYS A 379 15.59 -25.54 -9.59
C LYS A 379 16.84 -26.43 -9.62
N TRP A 380 17.06 -27.06 -10.79
CA TRP A 380 18.20 -27.96 -11.02
C TRP A 380 18.03 -29.30 -10.29
N GLN A 381 17.91 -29.24 -8.97
CA GLN A 381 17.72 -30.41 -8.14
C GLN A 381 16.60 -30.15 -7.12
N PRO A 382 15.84 -31.20 -6.76
CA PRO A 382 14.75 -31.02 -5.79
C PRO A 382 15.29 -30.79 -4.38
N GLY A 383 14.82 -29.72 -3.74
CA GLY A 383 15.28 -29.40 -2.41
C GLY A 383 16.76 -29.10 -2.42
N LEU A 384 17.21 -28.38 -3.43
CA LEU A 384 18.64 -28.05 -3.55
C LEU A 384 19.15 -27.06 -2.50
N ALA A 385 20.34 -27.36 -1.97
CA ALA A 385 21.00 -26.52 -0.97
C ALA A 385 22.36 -26.17 -1.58
N ILE A 386 23.06 -25.19 -0.99
CA ILE A 386 24.36 -24.78 -1.51
C ILE A 386 25.44 -25.00 -0.46
N TYR A 387 26.62 -25.42 -0.89
CA TYR A 387 27.72 -25.61 0.05
C TYR A 387 28.20 -24.21 0.47
N ASP A 388 28.28 -23.97 1.77
CA ASP A 388 28.72 -22.68 2.28
C ASP A 388 30.23 -22.70 2.34
N PHE A 389 30.86 -22.13 1.31
CA PHE A 389 32.31 -22.12 1.26
C PHE A 389 32.98 -21.06 2.14
N THR A 390 32.21 -20.28 2.89
CA THR A 390 32.84 -19.32 3.79
C THR A 390 33.02 -20.07 5.10
N ASN A 391 32.49 -21.29 5.16
CA ASN A 391 32.58 -22.13 6.35
C ASN A 391 33.79 -23.07 6.24
N PRO A 392 34.87 -22.80 6.98
CA PRO A 392 36.07 -23.62 6.94
C PRO A 392 35.82 -25.13 6.92
N ASP A 393 35.01 -25.64 7.85
CA ASP A 393 34.74 -27.06 7.90
C ASP A 393 34.00 -27.59 6.67
N ALA A 394 33.15 -26.76 6.07
CA ALA A 394 32.45 -27.18 4.87
C ALA A 394 33.46 -27.29 3.72
N CYS A 395 34.41 -26.37 3.66
CA CYS A 395 35.44 -26.39 2.63
C CYS A 395 36.25 -27.66 2.69
N LYS A 396 36.68 -28.02 3.89
CA LYS A 396 37.48 -29.22 4.08
C LYS A 396 36.70 -30.47 3.72
N TRP A 397 35.42 -30.51 4.08
CA TRP A 397 34.58 -31.66 3.78
C TRP A 397 34.46 -31.84 2.28
N TYR A 398 34.18 -30.75 1.58
CA TYR A 398 34.03 -30.77 0.13
C TYR A 398 35.34 -31.23 -0.50
N ALA A 399 36.43 -30.57 -0.10
CA ALA A 399 37.77 -30.88 -0.60
C ALA A 399 38.18 -32.34 -0.37
N ASP A 400 37.84 -32.89 0.80
CA ASP A 400 38.20 -34.26 1.12
C ASP A 400 37.52 -35.23 0.15
N LYS A 401 36.29 -34.91 -0.26
CA LYS A 401 35.57 -35.74 -1.22
C LYS A 401 36.31 -35.67 -2.58
N LEU A 402 36.71 -34.46 -2.98
CA LEU A 402 37.43 -34.30 -4.23
C LEU A 402 38.73 -35.10 -4.19
N LYS A 403 39.42 -35.07 -3.05
CA LYS A 403 40.66 -35.81 -2.92
C LYS A 403 40.39 -37.30 -3.05
N GLY A 404 39.18 -37.73 -2.70
CA GLY A 404 38.81 -39.13 -2.80
C GLY A 404 38.76 -39.54 -4.26
N LEU A 405 38.22 -38.65 -5.10
CA LEU A 405 38.13 -38.90 -6.54
C LEU A 405 39.52 -38.90 -7.18
N VAL A 406 40.38 -37.97 -6.77
CA VAL A 406 41.72 -37.90 -7.30
C VAL A 406 42.48 -39.19 -6.97
N ALA A 407 42.39 -39.61 -5.71
CA ALA A 407 43.07 -40.82 -5.26
C ALA A 407 42.50 -42.03 -6.00
N MET A 408 41.45 -41.79 -6.76
CA MET A 408 40.80 -42.84 -7.51
C MET A 408 41.28 -42.83 -8.96
N GLY A 409 42.13 -41.86 -9.30
CA GLY A 409 42.62 -41.76 -10.65
C GLY A 409 42.16 -40.54 -11.43
N VAL A 410 41.18 -39.81 -10.89
CA VAL A 410 40.69 -38.62 -11.59
C VAL A 410 41.81 -37.59 -11.72
N ASP A 411 41.89 -36.95 -12.89
CA ASP A 411 42.95 -35.98 -13.16
C ASP A 411 42.54 -34.52 -13.11
N CYS A 412 41.24 -34.26 -13.24
CA CYS A 412 40.76 -32.90 -13.21
C CYS A 412 39.24 -32.87 -13.03
N PHE A 413 38.68 -31.67 -12.89
CA PHE A 413 37.25 -31.50 -12.69
C PHE A 413 36.62 -30.44 -13.56
N LYS A 414 35.34 -30.65 -13.85
CA LYS A 414 34.54 -29.70 -14.61
C LYS A 414 33.72 -29.01 -13.51
N THR A 415 34.03 -27.75 -13.22
CA THR A 415 33.33 -26.99 -12.18
C THR A 415 32.13 -26.31 -12.80
N ASP A 416 31.01 -27.02 -12.85
CA ASP A 416 29.81 -26.47 -13.44
C ASP A 416 29.06 -25.60 -12.43
N PHE A 417 28.15 -24.77 -12.95
CA PHE A 417 27.33 -23.90 -12.14
C PHE A 417 28.11 -22.96 -11.21
N GLY A 418 27.41 -22.43 -10.21
CA GLY A 418 28.02 -21.52 -9.27
C GLY A 418 27.64 -20.08 -9.53
N GLU A 419 26.63 -19.84 -10.37
CA GLU A 419 26.24 -18.46 -10.61
C GLU A 419 24.97 -17.98 -9.89
N ARG A 420 23.96 -18.86 -9.73
CA ARG A 420 22.70 -18.48 -9.09
C ARG A 420 22.76 -18.50 -7.57
N ILE A 421 23.60 -17.65 -7.01
CA ILE A 421 23.77 -17.57 -5.56
C ILE A 421 22.78 -16.52 -5.02
N PRO A 422 21.92 -16.92 -4.06
CA PRO A 422 20.92 -16.05 -3.44
C PRO A 422 21.51 -15.01 -2.50
N THR A 423 20.81 -13.90 -2.33
CA THR A 423 21.25 -12.83 -1.44
C THR A 423 20.46 -12.79 -0.12
N ASP A 424 19.26 -13.35 -0.11
CA ASP A 424 18.43 -13.40 1.09
C ASP A 424 18.95 -14.52 1.97
N VAL A 425 20.20 -14.41 2.36
CA VAL A 425 20.81 -15.46 3.15
C VAL A 425 21.86 -14.90 4.12
N GLN A 426 22.36 -15.74 5.01
CA GLN A 426 23.38 -15.33 5.95
C GLN A 426 24.58 -16.27 5.89
N TRP A 427 25.68 -15.80 5.32
CA TRP A 427 26.87 -16.60 5.18
C TRP A 427 27.50 -16.87 6.54
N PHE A 428 28.20 -18.00 6.65
CA PHE A 428 28.86 -18.40 7.90
C PHE A 428 29.84 -17.35 8.45
N ASP A 429 30.54 -16.66 7.55
CA ASP A 429 31.52 -15.66 7.98
C ASP A 429 30.97 -14.24 8.01
N GLY A 430 29.66 -14.09 7.78
CA GLY A 430 29.04 -12.77 7.79
C GLY A 430 29.35 -11.82 6.65
N SER A 431 29.81 -12.37 5.53
CA SER A 431 30.15 -11.54 4.37
C SER A 431 28.89 -10.88 3.85
N ASP A 432 29.06 -9.87 3.00
CA ASP A 432 27.93 -9.16 2.41
C ASP A 432 27.36 -9.98 1.25
N PRO A 433 26.12 -10.45 1.40
CA PRO A 433 25.44 -11.26 0.38
C PRO A 433 25.51 -10.69 -1.02
N GLN A 434 25.45 -9.37 -1.12
CA GLN A 434 25.50 -8.73 -2.43
C GLN A 434 26.85 -8.89 -3.10
N LYS A 435 27.89 -9.11 -2.31
CA LYS A 435 29.22 -9.27 -2.85
C LYS A 435 29.55 -10.75 -3.01
N MET A 436 28.94 -11.58 -2.18
CA MET A 436 29.17 -13.01 -2.25
C MET A 436 28.56 -13.64 -3.50
N HIS A 437 27.57 -12.99 -4.08
CA HIS A 437 26.94 -13.53 -5.27
C HIS A 437 27.94 -13.81 -6.40
N ASN A 438 28.68 -12.78 -6.81
CA ASN A 438 29.68 -12.90 -7.88
C ASN A 438 30.96 -13.60 -7.42
N HIS A 439 31.41 -13.21 -6.24
CA HIS A 439 32.64 -13.75 -5.69
C HIS A 439 32.60 -15.24 -5.37
N TYR A 440 31.42 -15.80 -5.21
CA TYR A 440 31.27 -17.23 -4.92
C TYR A 440 31.95 -18.06 -6.03
N ALA A 441 31.77 -17.68 -7.28
CA ALA A 441 32.38 -18.39 -8.40
C ALA A 441 33.89 -18.52 -8.12
N TYR A 442 34.51 -17.44 -7.67
CA TYR A 442 35.93 -17.44 -7.37
C TYR A 442 36.32 -18.38 -6.22
N ILE A 443 35.57 -18.32 -5.13
CA ILE A 443 35.86 -19.15 -3.98
C ILE A 443 35.74 -20.65 -4.30
N TYR A 444 34.71 -20.98 -5.06
CA TYR A 444 34.41 -22.36 -5.49
C TYR A 444 35.59 -22.87 -6.33
N ASN A 445 35.90 -22.15 -7.39
CA ASN A 445 36.98 -22.52 -8.28
C ASN A 445 38.34 -22.55 -7.61
N GLU A 446 38.58 -21.61 -6.70
CA GLU A 446 39.86 -21.56 -5.98
C GLU A 446 40.01 -22.76 -5.08
N LEU A 447 38.90 -23.22 -4.51
CA LEU A 447 38.92 -24.39 -3.63
C LEU A 447 39.30 -25.67 -4.40
N VAL A 448 38.62 -25.91 -5.52
CA VAL A 448 38.89 -27.10 -6.34
C VAL A 448 40.34 -27.06 -6.82
N TRP A 449 40.75 -25.92 -7.37
CA TRP A 449 42.11 -25.77 -7.85
C TRP A 449 43.15 -26.18 -6.82
N ASN A 450 43.01 -25.69 -5.59
CA ASN A 450 43.97 -26.03 -4.55
C ASN A 450 43.97 -27.51 -4.19
N VAL A 451 42.86 -28.20 -4.38
CA VAL A 451 42.85 -29.62 -4.09
C VAL A 451 43.80 -30.26 -5.13
N LEU A 452 43.67 -29.84 -6.38
CA LEU A 452 44.51 -30.34 -7.45
C LEU A 452 45.97 -30.00 -7.15
N LYS A 453 46.22 -28.74 -6.83
CA LYS A 453 47.56 -28.25 -6.51
C LYS A 453 48.19 -28.98 -5.34
N ASP A 454 47.38 -29.51 -4.44
CA ASP A 454 47.92 -30.23 -3.29
C ASP A 454 47.94 -31.74 -3.49
N THR A 455 47.52 -32.20 -4.65
CA THR A 455 47.54 -33.63 -4.93
C THR A 455 48.34 -33.91 -6.20
N VAL A 456 47.73 -33.72 -7.36
CA VAL A 456 48.40 -33.97 -8.62
C VAL A 456 49.56 -33.00 -8.86
N GLY A 457 49.59 -31.89 -8.12
CA GLY A 457 50.65 -30.91 -8.30
C GLY A 457 50.15 -29.78 -9.19
N GLU A 458 50.65 -28.57 -8.97
CA GLU A 458 50.21 -27.41 -9.73
C GLU A 458 50.45 -27.47 -11.23
N GLU A 459 51.57 -28.11 -11.62
CA GLU A 459 51.92 -28.24 -13.03
C GLU A 459 50.83 -29.04 -13.76
N GLU A 460 50.19 -29.94 -13.03
CA GLU A 460 49.14 -30.81 -13.55
C GLU A 460 47.71 -30.31 -13.37
N ALA A 461 47.54 -29.14 -12.76
CA ALA A 461 46.18 -28.64 -12.52
C ALA A 461 45.51 -27.91 -13.69
N VAL A 462 44.25 -28.25 -13.90
CA VAL A 462 43.45 -27.64 -14.93
C VAL A 462 41.99 -27.91 -14.57
N LEU A 463 41.08 -27.06 -15.03
CA LEU A 463 39.67 -27.23 -14.74
C LEU A 463 38.92 -26.91 -16.00
N PHE A 464 37.61 -27.09 -15.93
CA PHE A 464 36.71 -26.75 -17.03
C PHE A 464 35.63 -26.06 -16.19
N ALA A 465 35.71 -24.74 -16.13
CA ALA A 465 34.82 -23.91 -15.31
C ALA A 465 33.84 -23.10 -16.14
N ARG A 466 32.57 -23.10 -15.71
CA ARG A 466 31.53 -22.35 -16.42
C ARG A 466 31.33 -20.91 -15.91
N SER A 467 31.60 -20.65 -14.62
CA SER A 467 31.43 -19.29 -14.10
C SER A 467 32.72 -18.74 -13.52
N ALA A 468 32.77 -17.42 -13.40
CA ALA A 468 33.97 -16.79 -12.88
C ALA A 468 33.72 -15.37 -12.34
N SER A 469 34.75 -14.83 -11.70
CA SER A 469 34.70 -13.49 -11.14
C SER A 469 36.14 -13.03 -11.13
N VAL A 470 36.37 -11.71 -11.00
CA VAL A 470 37.71 -11.15 -10.98
C VAL A 470 38.70 -12.03 -10.23
N GLY A 471 39.83 -12.31 -10.88
CA GLY A 471 40.86 -13.13 -10.28
C GLY A 471 40.71 -14.61 -10.58
N ALA A 472 39.56 -15.01 -11.12
CA ALA A 472 39.35 -16.44 -11.42
C ALA A 472 40.16 -16.94 -12.62
N GLN A 473 40.74 -16.03 -13.39
CA GLN A 473 41.56 -16.39 -14.55
C GLN A 473 42.78 -17.20 -14.12
N LYS A 474 43.02 -17.29 -12.82
CA LYS A 474 44.16 -18.02 -12.29
C LYS A 474 43.96 -19.52 -12.28
N PHE A 475 42.72 -19.96 -12.46
CA PHE A 475 42.36 -21.38 -12.45
C PHE A 475 41.83 -21.69 -13.86
N PRO A 476 42.72 -21.61 -14.86
CA PRO A 476 42.55 -21.82 -16.30
C PRO A 476 41.60 -22.81 -16.93
N VAL A 477 41.20 -22.35 -18.12
CA VAL A 477 40.26 -22.91 -19.08
C VAL A 477 38.84 -22.92 -18.55
N HIS A 478 38.09 -21.99 -19.13
CA HIS A 478 36.70 -21.78 -18.84
C HIS A 478 36.05 -22.11 -20.18
N TRP A 479 34.80 -22.55 -20.15
CA TRP A 479 34.14 -22.87 -21.41
C TRP A 479 32.84 -22.10 -21.55
N GLY A 480 32.59 -21.66 -22.78
CA GLY A 480 31.42 -20.87 -23.11
C GLY A 480 30.02 -21.31 -22.72
N GLY A 481 29.88 -22.35 -21.92
CA GLY A 481 28.54 -22.77 -21.51
C GLY A 481 27.63 -23.48 -22.49
N ASP A 482 26.33 -23.38 -22.25
CA ASP A 482 25.30 -24.05 -23.06
C ASP A 482 24.82 -23.38 -24.35
N CYS A 483 25.56 -23.57 -25.44
CA CYS A 483 25.22 -23.01 -26.74
C CYS A 483 24.34 -23.99 -27.53
N TYR A 484 23.80 -23.53 -28.65
CA TYR A 484 22.94 -24.32 -29.53
C TYR A 484 23.67 -24.75 -30.80
N ALA A 485 23.24 -25.88 -31.38
CA ALA A 485 23.86 -26.43 -32.58
C ALA A 485 23.43 -25.78 -33.90
N ASN A 486 23.86 -24.55 -34.13
CA ASN A 486 23.55 -23.84 -35.36
C ASN A 486 24.62 -22.76 -35.59
N TYR A 487 24.69 -22.19 -36.79
CA TYR A 487 25.74 -21.21 -37.08
C TYR A 487 25.67 -19.93 -36.24
N GLU A 488 24.48 -19.35 -36.11
CA GLU A 488 24.31 -18.14 -35.32
C GLU A 488 24.90 -18.33 -33.92
N SER A 489 24.60 -19.48 -33.31
CA SER A 489 25.08 -19.78 -31.97
C SER A 489 26.59 -20.02 -31.92
N MET A 490 27.15 -20.50 -33.03
CA MET A 490 28.59 -20.73 -33.09
C MET A 490 29.25 -19.34 -33.08
N ALA A 491 28.68 -18.41 -33.84
CA ALA A 491 29.19 -17.05 -33.90
C ALA A 491 29.12 -16.40 -32.51
N GLU A 492 27.92 -16.39 -31.94
CA GLU A 492 27.73 -15.79 -30.63
C GLU A 492 28.74 -16.37 -29.65
N SER A 493 29.04 -17.65 -29.80
CA SER A 493 30.00 -18.30 -28.93
C SER A 493 31.41 -17.77 -29.15
N LEU A 494 31.75 -17.45 -30.40
CA LEU A 494 33.08 -16.93 -30.69
C LEU A 494 33.22 -15.54 -30.07
N ARG A 495 32.16 -14.74 -30.13
CA ARG A 495 32.17 -13.40 -29.54
C ARG A 495 32.47 -13.50 -28.04
N GLY A 496 31.88 -14.51 -27.41
CA GLY A 496 32.09 -14.71 -25.99
C GLY A 496 33.53 -15.09 -25.70
N GLY A 497 34.10 -15.96 -26.53
CA GLY A 497 35.48 -16.37 -26.33
C GLY A 497 36.41 -15.19 -26.50
N LEU A 498 36.19 -14.41 -27.54
CA LEU A 498 37.01 -13.22 -27.79
C LEU A 498 36.87 -12.27 -26.59
N SER A 499 35.63 -11.99 -26.21
CA SER A 499 35.33 -11.09 -25.09
C SER A 499 36.04 -11.48 -23.80
N ILE A 500 36.01 -12.75 -23.44
CA ILE A 500 36.66 -13.18 -22.22
C ILE A 500 38.18 -13.03 -22.24
N GLY A 501 38.78 -13.08 -23.42
CA GLY A 501 40.22 -12.90 -23.51
C GLY A 501 40.50 -11.42 -23.29
N LEU A 502 39.55 -10.58 -23.70
CA LEU A 502 39.67 -9.14 -23.52
C LEU A 502 39.42 -8.77 -22.05
N SER A 503 39.13 -9.79 -21.23
CA SER A 503 38.86 -9.61 -19.81
C SER A 503 39.87 -10.33 -18.91
N GLY A 504 41.04 -10.64 -19.43
CA GLY A 504 42.08 -11.29 -18.64
C GLY A 504 42.15 -12.80 -18.61
N PHE A 505 41.25 -13.48 -19.30
CA PHE A 505 41.25 -14.94 -19.29
C PHE A 505 42.07 -15.45 -20.46
N GLY A 506 43.04 -16.32 -20.16
CA GLY A 506 43.93 -16.79 -21.21
C GLY A 506 43.55 -18.02 -22.02
N PHE A 507 42.70 -18.86 -21.46
CA PHE A 507 42.30 -20.10 -22.11
C PHE A 507 40.80 -20.29 -22.12
N TRP A 508 40.26 -20.55 -23.30
CA TRP A 508 38.84 -20.71 -23.46
C TRP A 508 38.48 -21.93 -24.31
N SER A 509 37.37 -22.56 -23.98
CA SER A 509 36.90 -23.71 -24.72
C SER A 509 35.42 -23.53 -24.98
N HIS A 510 34.85 -24.47 -25.75
CA HIS A 510 33.44 -24.46 -26.10
C HIS A 510 33.04 -25.86 -26.60
N ASP A 511 31.75 -26.17 -26.54
CA ASP A 511 31.25 -27.48 -26.96
C ASP A 511 31.19 -27.62 -28.48
N ILE A 512 32.15 -28.37 -29.04
CA ILE A 512 32.16 -28.57 -30.48
C ILE A 512 30.87 -29.28 -30.88
N GLY A 513 30.16 -28.69 -31.83
CA GLY A 513 28.92 -29.25 -32.29
C GLY A 513 27.71 -28.61 -31.62
N GLY A 514 27.96 -27.82 -30.57
CA GLY A 514 26.87 -27.17 -29.86
C GLY A 514 26.37 -28.05 -28.74
N PHE A 515 25.83 -27.43 -27.67
CA PHE A 515 25.33 -28.18 -26.52
C PHE A 515 23.90 -28.67 -26.76
N GLU A 516 22.96 -27.75 -26.91
CA GLU A 516 21.55 -28.09 -27.14
C GLU A 516 21.24 -28.33 -28.62
N ASN A 517 20.33 -29.28 -28.87
CA ASN A 517 19.93 -29.65 -30.24
C ASN A 517 21.03 -30.51 -30.89
N THR A 518 20.69 -31.15 -32.00
CA THR A 518 21.66 -31.98 -32.72
C THR A 518 21.92 -31.27 -34.05
N ALA A 519 23.17 -30.91 -34.26
CA ALA A 519 23.56 -30.18 -35.46
C ALA A 519 23.59 -31.00 -36.75
N PRO A 520 23.20 -30.36 -37.87
CA PRO A 520 23.25 -31.08 -39.13
C PRO A 520 24.75 -31.30 -39.35
N ALA A 521 25.11 -32.28 -40.16
CA ALA A 521 26.51 -32.60 -40.42
C ALA A 521 27.42 -31.44 -40.78
N HIS A 522 26.99 -30.60 -41.71
CA HIS A 522 27.84 -29.49 -42.13
C HIS A 522 28.20 -28.54 -40.99
N VAL A 523 27.24 -28.27 -40.11
CA VAL A 523 27.49 -27.40 -38.98
C VAL A 523 28.52 -28.07 -38.09
N TYR A 524 28.30 -29.33 -37.75
CA TYR A 524 29.23 -30.07 -36.91
C TYR A 524 30.65 -30.00 -37.48
N LYS A 525 30.73 -30.13 -38.80
CA LYS A 525 32.01 -30.12 -39.52
C LYS A 525 32.76 -28.80 -39.32
N ARG A 526 32.08 -27.70 -39.65
CA ARG A 526 32.68 -26.38 -39.50
C ARG A 526 33.10 -26.11 -38.06
N TRP A 527 32.24 -26.50 -37.12
CA TRP A 527 32.51 -26.28 -35.70
C TRP A 527 33.73 -27.04 -35.26
N CYS A 528 33.95 -28.23 -35.83
CA CYS A 528 35.13 -29.03 -35.46
C CYS A 528 36.45 -28.31 -35.77
N ALA A 529 36.50 -27.61 -36.89
CA ALA A 529 37.71 -26.90 -37.27
C ALA A 529 37.93 -25.78 -36.25
N PHE A 530 36.88 -25.00 -36.01
CA PHE A 530 36.90 -23.91 -35.03
C PHE A 530 37.40 -24.48 -33.69
N GLY A 531 36.73 -25.52 -33.21
CA GLY A 531 37.11 -26.12 -31.96
C GLY A 531 38.55 -26.58 -31.81
N LEU A 532 39.12 -27.21 -32.85
CA LEU A 532 40.50 -27.68 -32.74
C LEU A 532 41.51 -26.55 -32.83
N LEU A 533 41.09 -25.43 -33.42
CA LEU A 533 41.94 -24.26 -33.54
C LEU A 533 41.62 -23.26 -32.40
N SER A 534 41.35 -23.81 -31.21
CA SER A 534 41.04 -23.03 -30.00
C SER A 534 41.98 -23.58 -28.96
N SER A 535 42.30 -22.82 -27.92
CA SER A 535 43.25 -23.32 -26.93
C SER A 535 42.83 -24.68 -26.40
N HIS A 536 41.54 -24.84 -26.13
CA HIS A 536 41.03 -26.09 -25.62
C HIS A 536 39.83 -26.60 -26.43
N SER A 537 39.84 -27.90 -26.71
CA SER A 537 38.82 -28.52 -27.54
C SER A 537 38.05 -29.63 -26.85
N ARG A 538 36.73 -29.58 -26.94
CA ARG A 538 35.91 -30.59 -26.32
C ARG A 538 34.67 -30.94 -27.10
N LEU A 539 34.43 -32.24 -27.26
CA LEU A 539 33.25 -32.73 -27.94
C LEU A 539 32.28 -33.03 -26.81
N HIS A 540 31.22 -32.23 -26.70
CA HIS A 540 30.22 -32.38 -25.63
C HIS A 540 28.83 -31.96 -26.10
N GLY A 541 27.82 -32.69 -25.66
CA GLY A 541 26.46 -32.37 -26.06
C GLY A 541 25.47 -32.57 -24.94
N SER A 542 24.25 -32.05 -25.13
CA SER A 542 23.20 -32.16 -24.12
C SER A 542 22.43 -33.49 -24.18
N LYS A 543 21.66 -33.68 -25.25
CA LYS A 543 20.86 -34.90 -25.41
C LYS A 543 21.39 -35.88 -26.48
N SER A 544 22.46 -35.51 -27.16
CA SER A 544 23.03 -36.38 -28.19
C SER A 544 24.55 -36.43 -28.11
N TYR A 545 25.13 -37.59 -28.40
CA TYR A 545 26.58 -37.78 -28.35
C TYR A 545 27.29 -36.93 -29.41
N ARG A 546 28.59 -36.69 -29.21
CA ARG A 546 29.35 -35.87 -30.14
C ARG A 546 30.43 -36.61 -30.95
N VAL A 547 30.40 -37.95 -30.90
CA VAL A 547 31.35 -38.77 -31.66
C VAL A 547 31.08 -38.49 -33.15
N PRO A 548 32.15 -38.23 -33.91
CA PRO A 548 32.10 -37.92 -35.35
C PRO A 548 31.21 -38.79 -36.22
N TRP A 549 31.18 -40.09 -35.92
CA TRP A 549 30.39 -41.01 -36.73
C TRP A 549 28.89 -40.93 -36.46
N ALA A 550 28.50 -40.05 -35.54
CA ALA A 550 27.09 -39.88 -35.25
C ALA A 550 26.50 -38.95 -36.31
N TYR A 551 27.38 -38.32 -37.09
CA TYR A 551 26.95 -37.41 -38.14
C TYR A 551 27.15 -38.04 -39.52
N ASP A 552 28.39 -38.35 -39.87
CA ASP A 552 28.69 -38.98 -41.16
C ASP A 552 30.16 -39.36 -41.27
N ASP A 553 30.54 -39.97 -42.39
CA ASP A 553 31.92 -40.42 -42.61
C ASP A 553 32.92 -39.27 -42.74
N GLU A 554 32.53 -38.23 -43.47
CA GLU A 554 33.42 -37.10 -43.67
C GLU A 554 33.73 -36.38 -42.37
N SER A 555 32.81 -36.48 -41.40
CA SER A 555 33.00 -35.84 -40.09
C SER A 555 34.21 -36.45 -39.42
N CYS A 556 34.38 -37.76 -39.58
CA CYS A 556 35.52 -38.44 -38.98
C CYS A 556 36.81 -37.94 -39.60
N ASP A 557 36.80 -37.69 -40.91
CA ASP A 557 38.00 -37.19 -41.59
C ASP A 557 38.31 -35.76 -41.08
N VAL A 558 37.26 -34.95 -40.92
CA VAL A 558 37.44 -33.58 -40.44
C VAL A 558 38.06 -33.62 -39.04
N VAL A 559 37.49 -34.44 -38.16
CA VAL A 559 38.03 -34.54 -36.81
C VAL A 559 39.48 -35.01 -36.77
N ARG A 560 39.83 -36.02 -37.57
CA ARG A 560 41.20 -36.53 -37.59
C ARG A 560 42.18 -35.49 -38.12
N PHE A 561 41.82 -34.84 -39.22
CA PHE A 561 42.67 -33.82 -39.82
C PHE A 561 43.04 -32.68 -38.87
N PHE A 562 42.03 -32.07 -38.27
CA PHE A 562 42.28 -30.97 -37.35
C PHE A 562 42.90 -31.39 -36.03
N THR A 563 42.53 -32.56 -35.53
CA THR A 563 43.14 -33.04 -34.28
C THR A 563 44.64 -33.23 -34.50
N GLN A 564 45.01 -33.80 -35.66
CA GLN A 564 46.41 -34.04 -36.01
C GLN A 564 47.15 -32.72 -36.17
N LEU A 565 46.51 -31.78 -36.87
CA LEU A 565 47.08 -30.46 -37.10
C LEU A 565 47.36 -29.76 -35.77
N LYS A 566 46.45 -29.92 -34.80
CA LYS A 566 46.65 -29.26 -33.52
C LYS A 566 47.85 -29.85 -32.80
N CYS A 567 47.97 -31.18 -32.82
CA CYS A 567 49.08 -31.82 -32.15
C CYS A 567 50.42 -31.45 -32.80
N ARG A 568 50.38 -31.17 -34.09
CA ARG A 568 51.60 -30.80 -34.82
C ARG A 568 51.96 -29.34 -34.54
N MET A 569 50.97 -28.56 -34.10
CA MET A 569 51.17 -27.15 -33.79
C MET A 569 51.64 -26.86 -32.36
N MET A 570 51.53 -27.84 -31.48
CA MET A 570 51.92 -27.64 -30.07
C MET A 570 53.26 -26.95 -29.78
N PRO A 571 54.26 -27.07 -30.68
CA PRO A 571 55.52 -26.38 -30.37
C PRO A 571 55.27 -24.86 -30.33
N TYR A 572 54.45 -24.40 -31.27
CA TYR A 572 54.08 -23.00 -31.39
C TYR A 572 53.00 -22.67 -30.34
N LEU A 573 51.89 -23.40 -30.40
CA LEU A 573 50.79 -23.21 -29.48
C LEU A 573 51.19 -23.15 -28.00
N TYR A 574 52.00 -24.10 -27.55
CA TYR A 574 52.38 -24.09 -26.15
C TYR A 574 53.27 -22.92 -25.77
N ARG A 575 53.85 -22.26 -26.76
CA ARG A 575 54.69 -21.10 -26.47
C ARG A 575 53.76 -19.91 -26.28
N GLU A 576 52.72 -19.85 -27.11
CA GLU A 576 51.74 -18.77 -27.02
C GLU A 576 50.94 -18.94 -25.74
N ALA A 577 50.95 -20.14 -25.18
CA ALA A 577 50.24 -20.39 -23.94
C ALA A 577 51.08 -19.87 -22.77
N ALA A 578 52.41 -19.97 -22.89
CA ALA A 578 53.29 -19.48 -21.82
C ALA A 578 53.18 -17.96 -21.74
N ARG A 579 52.78 -17.33 -22.84
CA ARG A 579 52.58 -15.89 -22.90
C ARG A 579 51.34 -15.48 -22.11
N ALA A 580 50.29 -16.29 -22.17
CA ALA A 580 49.07 -15.99 -21.44
C ALA A 580 49.42 -15.94 -19.97
N ASN A 581 50.26 -16.87 -19.54
CA ASN A 581 50.68 -16.94 -18.16
C ASN A 581 51.74 -15.92 -17.74
N ALA A 582 52.36 -15.24 -18.69
CA ALA A 582 53.40 -14.28 -18.37
C ALA A 582 52.95 -12.82 -18.48
N ARG A 583 52.19 -12.52 -19.52
CA ARG A 583 51.70 -11.17 -19.77
C ARG A 583 50.20 -11.10 -19.85
N GLY A 584 49.52 -12.19 -19.54
CA GLY A 584 48.07 -12.20 -19.64
C GLY A 584 47.55 -12.10 -21.07
N THR A 585 48.41 -12.30 -22.06
CA THR A 585 47.96 -12.24 -23.45
C THR A 585 47.22 -13.56 -23.67
N PRO A 586 45.94 -13.53 -24.03
CA PRO A 586 45.17 -14.76 -24.26
C PRO A 586 45.47 -15.43 -25.60
N MET A 587 45.48 -16.76 -25.61
CA MET A 587 45.74 -17.50 -26.85
C MET A 587 44.83 -17.07 -27.99
N MET A 588 43.53 -16.99 -27.74
CA MET A 588 42.59 -16.56 -28.77
C MET A 588 42.42 -15.05 -28.65
N ARG A 589 42.89 -14.30 -29.65
CA ARG A 589 42.85 -12.85 -29.61
C ARG A 589 42.03 -12.11 -30.64
N ALA A 590 41.30 -11.10 -30.18
CA ALA A 590 40.51 -10.28 -31.07
C ALA A 590 41.52 -9.58 -31.97
N MET A 591 41.13 -9.29 -33.19
CA MET A 591 42.02 -8.65 -34.15
C MET A 591 42.49 -7.29 -33.62
N MET A 592 41.56 -6.51 -33.07
CA MET A 592 41.92 -5.20 -32.53
C MET A 592 43.04 -5.31 -31.51
N MET A 593 43.11 -6.43 -30.81
CA MET A 593 44.14 -6.64 -29.80
C MET A 593 45.53 -6.87 -30.40
N GLU A 594 45.59 -7.60 -31.50
CA GLU A 594 46.87 -7.89 -32.13
C GLU A 594 47.29 -6.76 -33.05
N PHE A 595 46.32 -6.12 -33.69
CA PHE A 595 46.61 -5.01 -34.60
C PHE A 595 45.89 -3.73 -34.12
N PRO A 596 46.26 -3.24 -32.92
CA PRO A 596 45.65 -2.03 -32.32
C PRO A 596 45.59 -0.78 -33.20
N ASP A 597 46.55 -0.61 -34.10
CA ASP A 597 46.55 0.58 -34.95
C ASP A 597 45.83 0.48 -36.29
N ASP A 598 45.19 -0.64 -36.56
CA ASP A 598 44.50 -0.78 -37.84
C ASP A 598 43.01 -0.50 -37.65
N PRO A 599 42.49 0.57 -38.28
CA PRO A 599 41.09 0.96 -38.19
C PRO A 599 40.07 -0.06 -38.73
N ALA A 600 40.55 -1.02 -39.51
CA ALA A 600 39.65 -2.01 -40.07
C ALA A 600 39.39 -3.14 -39.09
N CYS A 601 40.15 -3.20 -38.01
CA CYS A 601 40.01 -4.26 -37.02
C CYS A 601 39.07 -4.01 -35.83
N ASP A 602 38.51 -2.81 -35.74
CA ASP A 602 37.63 -2.45 -34.64
C ASP A 602 36.47 -3.40 -34.33
N TYR A 603 35.62 -3.63 -35.32
CA TYR A 603 34.44 -4.49 -35.14
C TYR A 603 34.57 -5.97 -35.57
N LEU A 604 35.77 -6.43 -35.90
CA LEU A 604 35.96 -7.81 -36.33
C LEU A 604 35.74 -8.82 -35.21
N ASP A 605 34.69 -9.63 -35.36
CA ASP A 605 34.32 -10.64 -34.37
C ASP A 605 34.15 -12.07 -34.92
N ARG A 606 34.23 -12.24 -36.23
CA ARG A 606 34.08 -13.54 -36.87
C ARG A 606 35.42 -14.19 -37.20
N GLN A 607 36.50 -13.55 -36.79
CA GLN A 607 37.84 -14.10 -37.02
C GLN A 607 38.70 -13.70 -35.83
N TYR A 608 39.84 -14.35 -35.68
CA TYR A 608 40.72 -14.05 -34.57
C TYR A 608 42.16 -14.43 -34.86
N MET A 609 43.03 -14.13 -33.91
CA MET A 609 44.43 -14.48 -34.02
C MET A 609 44.65 -15.54 -32.97
N LEU A 610 45.31 -16.64 -33.35
CA LEU A 610 45.59 -17.73 -32.43
C LEU A 610 47.09 -17.62 -32.22
N GLY A 611 47.45 -17.05 -31.08
CA GLY A 611 48.86 -16.82 -30.78
C GLY A 611 49.26 -15.60 -31.58
N ASP A 612 50.55 -15.25 -31.59
CA ASP A 612 51.00 -14.06 -32.32
C ASP A 612 50.93 -14.14 -33.83
N ASN A 613 51.17 -15.31 -34.39
CA ASN A 613 51.27 -15.39 -35.84
C ASN A 613 50.23 -15.92 -36.80
N VAL A 614 49.20 -16.61 -36.32
CA VAL A 614 48.23 -17.11 -37.27
C VAL A 614 46.80 -16.63 -37.05
N MET A 615 46.20 -16.20 -38.16
CA MET A 615 44.84 -15.71 -38.21
C MET A 615 43.88 -16.82 -38.68
N VAL A 616 42.90 -17.15 -37.86
CA VAL A 616 41.91 -18.15 -38.24
C VAL A 616 40.51 -17.56 -38.32
N ALA A 617 39.83 -17.86 -39.41
CA ALA A 617 38.47 -17.39 -39.64
C ALA A 617 37.52 -18.59 -39.90
N PRO A 618 36.77 -19.04 -38.87
CA PRO A 618 35.85 -20.16 -39.03
C PRO A 618 34.83 -19.90 -40.13
N VAL A 619 34.32 -20.97 -40.73
CA VAL A 619 33.33 -20.84 -41.79
C VAL A 619 31.93 -20.99 -41.17
N PHE A 620 31.06 -20.03 -41.46
CA PHE A 620 29.69 -19.97 -40.90
C PHE A 620 28.61 -20.16 -41.94
N THR A 621 28.92 -20.93 -42.99
CA THR A 621 27.94 -21.18 -44.05
C THR A 621 28.00 -22.61 -44.52
N GLU A 622 26.86 -23.09 -45.02
CA GLU A 622 26.76 -24.45 -45.52
C GLU A 622 27.64 -24.58 -46.75
N ALA A 623 27.48 -23.64 -47.67
CA ALA A 623 28.25 -23.60 -48.91
C ALA A 623 29.77 -23.49 -48.71
N GLY A 624 30.20 -22.93 -47.58
CA GLY A 624 31.63 -22.80 -47.36
C GLY A 624 32.17 -21.41 -47.62
N ASP A 625 31.31 -20.49 -48.03
CA ASP A 625 31.72 -19.12 -48.28
C ASP A 625 32.10 -18.47 -46.95
N VAL A 626 33.16 -17.65 -46.98
CA VAL A 626 33.65 -16.98 -45.78
C VAL A 626 34.39 -15.70 -46.16
N GLN A 627 34.11 -14.61 -45.45
CA GLN A 627 34.77 -13.33 -45.68
C GLN A 627 35.58 -12.99 -44.44
N PHE A 628 36.80 -12.53 -44.64
CA PHE A 628 37.70 -12.20 -43.55
C PHE A 628 38.59 -11.04 -43.93
N TYR A 629 39.10 -10.33 -42.93
CA TYR A 629 39.98 -9.21 -43.19
C TYR A 629 41.40 -9.60 -42.84
N LEU A 630 42.35 -9.07 -43.60
CA LEU A 630 43.74 -9.35 -43.35
C LEU A 630 44.51 -8.03 -43.15
N PRO A 631 45.27 -7.92 -42.05
CA PRO A 631 46.06 -6.73 -41.75
C PRO A 631 47.24 -6.65 -42.72
N GLU A 632 47.94 -5.51 -42.73
CA GLU A 632 49.07 -5.31 -43.63
C GLU A 632 50.07 -6.47 -43.71
N GLY A 633 50.56 -6.73 -44.92
CA GLY A 633 51.54 -7.80 -45.10
C GLY A 633 51.12 -8.88 -46.09
N ARG A 634 52.01 -9.85 -46.31
CA ARG A 634 51.72 -10.95 -47.23
C ARG A 634 51.57 -12.22 -46.42
N TRP A 635 50.33 -12.66 -46.24
CA TRP A 635 50.07 -13.86 -45.46
C TRP A 635 50.16 -15.14 -46.33
N THR A 636 50.38 -16.27 -45.67
CA THR A 636 50.52 -17.54 -46.35
C THR A 636 49.68 -18.62 -45.65
N HIS A 637 48.76 -19.25 -46.39
CA HIS A 637 47.94 -20.29 -45.76
C HIS A 637 48.86 -21.32 -45.13
N LEU A 638 48.53 -21.71 -43.91
CA LEU A 638 49.34 -22.65 -43.14
C LEU A 638 49.70 -23.98 -43.82
N TRP A 639 48.79 -24.53 -44.63
CA TRP A 639 49.11 -25.77 -45.31
C TRP A 639 48.83 -25.74 -46.80
N HIS A 640 48.05 -24.77 -47.28
CA HIS A 640 47.81 -24.67 -48.71
C HIS A 640 48.95 -23.84 -49.32
N ASN A 641 49.64 -23.07 -48.48
CA ASN A 641 50.74 -22.20 -48.89
C ASN A 641 50.41 -21.13 -49.91
N ASP A 642 49.13 -20.90 -50.17
CA ASP A 642 48.81 -19.84 -51.11
C ASP A 642 49.01 -18.53 -50.34
N GLU A 643 49.19 -17.43 -51.05
CA GLU A 643 49.44 -16.14 -50.42
C GLU A 643 48.38 -15.09 -50.69
N LEU A 644 48.23 -14.19 -49.73
CA LEU A 644 47.25 -13.10 -49.84
C LEU A 644 47.87 -11.78 -49.37
N ASP A 645 47.55 -10.71 -50.08
CA ASP A 645 48.04 -9.38 -49.72
C ASP A 645 47.11 -8.80 -48.67
N GLY A 646 47.69 -8.34 -47.56
CA GLY A 646 46.92 -7.79 -46.45
C GLY A 646 46.38 -6.39 -46.58
N SER A 647 45.87 -5.88 -45.45
CA SER A 647 45.30 -4.54 -45.40
C SER A 647 44.06 -4.46 -46.30
N ARG A 648 43.28 -5.54 -46.30
CA ARG A 648 42.06 -5.60 -47.11
C ARG A 648 41.21 -6.85 -46.82
N TRP A 649 39.97 -6.82 -47.30
CA TRP A 649 39.05 -7.94 -47.11
C TRP A 649 39.17 -8.94 -48.26
N HIS A 650 39.01 -10.22 -47.92
CA HIS A 650 39.07 -11.31 -48.88
C HIS A 650 37.83 -12.20 -48.76
N LYS A 651 37.43 -12.79 -49.88
CA LYS A 651 36.29 -13.71 -49.90
C LYS A 651 36.72 -15.04 -50.55
N GLN A 652 36.52 -16.13 -49.82
CA GLN A 652 36.87 -17.46 -50.30
C GLN A 652 35.77 -18.48 -50.02
N GLN A 653 35.97 -19.69 -50.55
CA GLN A 653 35.04 -20.80 -50.35
C GLN A 653 35.89 -22.00 -50.00
N HIS A 654 35.60 -22.63 -48.87
CA HIS A 654 36.37 -23.78 -48.41
C HIS A 654 35.52 -25.02 -48.17
N GLY A 655 36.11 -26.17 -48.51
CA GLY A 655 35.45 -27.44 -48.27
C GLY A 655 35.62 -27.73 -46.79
N PHE A 656 35.05 -28.84 -46.33
CA PHE A 656 35.10 -29.23 -44.93
C PHE A 656 36.46 -29.61 -44.37
N LEU A 657 37.49 -29.65 -45.20
CA LEU A 657 38.82 -29.96 -44.68
C LEU A 657 39.66 -28.68 -44.66
N SER A 658 39.01 -27.56 -44.91
CA SER A 658 39.73 -26.29 -44.93
C SER A 658 38.96 -25.10 -44.33
N LEU A 659 39.68 -23.99 -44.18
CA LEU A 659 39.13 -22.73 -43.67
C LEU A 659 40.32 -21.77 -43.69
N PRO A 660 40.06 -20.46 -43.73
CA PRO A 660 41.22 -19.55 -43.74
C PRO A 660 42.06 -19.64 -42.46
N VAL A 661 43.32 -20.05 -42.62
CA VAL A 661 44.30 -20.17 -41.54
C VAL A 661 45.56 -19.61 -42.17
N TYR A 662 45.79 -18.31 -41.97
CA TYR A 662 46.92 -17.62 -42.56
C TYR A 662 48.02 -17.18 -41.60
N VAL A 663 49.26 -17.38 -42.04
CA VAL A 663 50.46 -17.06 -41.28
C VAL A 663 51.01 -15.70 -41.68
N ARG A 664 51.36 -14.89 -40.69
CA ARG A 664 51.92 -13.55 -40.96
C ARG A 664 53.30 -13.68 -41.58
N ASP A 665 53.68 -12.71 -42.40
CA ASP A 665 55.01 -12.73 -42.99
C ASP A 665 56.03 -12.46 -41.87
N ASN A 666 57.30 -12.65 -42.16
CA ASN A 666 58.38 -12.44 -41.20
C ASN A 666 58.19 -13.32 -39.98
N THR A 667 57.69 -14.53 -40.20
CA THR A 667 57.44 -15.47 -39.13
C THR A 667 58.25 -16.74 -39.26
N LEU A 668 58.71 -17.26 -38.12
CA LEU A 668 59.44 -18.51 -38.09
C LEU A 668 58.61 -19.41 -37.18
N LEU A 669 57.86 -20.33 -37.78
CA LEU A 669 56.99 -21.23 -37.04
C LEU A 669 57.63 -22.60 -36.75
N ALA A 670 57.29 -23.17 -35.60
CA ALA A 670 57.83 -24.48 -35.22
C ALA A 670 56.74 -25.56 -35.15
N LEU A 671 56.73 -26.45 -36.14
CA LEU A 671 55.77 -27.56 -36.18
C LEU A 671 56.44 -28.81 -35.61
N GLY A 672 55.68 -29.63 -34.89
CA GLY A 672 56.25 -30.82 -34.30
C GLY A 672 56.19 -32.06 -35.19
N ASN A 673 56.83 -33.13 -34.74
CA ASN A 673 56.87 -34.39 -35.49
C ASN A 673 56.00 -35.45 -34.84
N ASN A 674 54.82 -35.05 -34.39
CA ASN A 674 53.89 -35.99 -33.76
C ASN A 674 52.51 -35.41 -33.95
N ASP A 675 51.63 -36.20 -34.56
CA ASP A 675 50.26 -35.75 -34.81
C ASP A 675 49.27 -36.65 -34.08
N GLN A 676 49.75 -37.35 -33.06
CA GLN A 676 48.91 -38.26 -32.27
C GLN A 676 48.63 -37.81 -30.83
N ARG A 677 49.49 -36.96 -30.28
CA ARG A 677 49.30 -36.44 -28.92
C ARG A 677 49.87 -35.02 -28.81
N PRO A 678 49.35 -34.22 -27.86
CA PRO A 678 49.86 -32.85 -27.73
C PRO A 678 51.12 -32.77 -26.87
N ASP A 679 51.24 -33.72 -25.94
CA ASP A 679 52.36 -33.77 -25.03
C ASP A 679 53.53 -34.69 -25.44
N TYR A 680 54.55 -34.09 -26.04
CA TYR A 680 55.74 -34.82 -26.49
C TYR A 680 56.92 -33.87 -26.61
N VAL A 681 58.13 -34.43 -26.55
CA VAL A 681 59.36 -33.63 -26.65
C VAL A 681 59.40 -32.80 -27.94
N TRP A 682 58.93 -31.56 -27.82
CA TRP A 682 58.84 -30.65 -28.97
C TRP A 682 60.15 -30.19 -29.63
N HIS A 683 61.26 -30.18 -28.90
CA HIS A 683 62.51 -29.72 -29.49
C HIS A 683 63.30 -30.82 -30.22
N GLU A 684 62.74 -32.01 -30.31
CA GLU A 684 63.41 -33.12 -31.01
C GLU A 684 62.63 -33.52 -32.25
N GLY A 685 63.23 -33.31 -33.42
CA GLY A 685 62.58 -33.64 -34.67
C GLY A 685 61.75 -32.46 -35.14
N THR A 686 61.97 -31.31 -34.50
CA THR A 686 61.26 -30.09 -34.80
C THR A 686 61.37 -29.76 -36.28
N ALA A 687 60.33 -29.15 -36.82
CA ALA A 687 60.32 -28.77 -38.22
C ALA A 687 59.94 -27.30 -38.31
N PHE A 688 60.93 -26.44 -38.52
CA PHE A 688 60.73 -25.01 -38.63
C PHE A 688 60.29 -24.62 -40.03
N HIS A 689 59.51 -23.55 -40.11
CA HIS A 689 59.00 -23.05 -41.38
C HIS A 689 59.12 -21.54 -41.39
N LEU A 690 59.80 -21.02 -42.40
CA LEU A 690 59.99 -19.59 -42.54
C LEU A 690 59.01 -19.08 -43.58
N PHE A 691 58.27 -18.03 -43.23
CA PHE A 691 57.29 -17.43 -44.14
C PHE A 691 57.74 -16.02 -44.49
N ASN A 692 57.71 -15.71 -45.77
CA ASN A 692 58.10 -14.41 -46.30
C ASN A 692 58.96 -13.52 -45.41
N LEU A 693 60.21 -13.92 -45.19
CA LEU A 693 61.12 -13.13 -44.39
C LEU A 693 61.56 -11.99 -45.31
N GLN A 694 61.24 -10.75 -44.94
CA GLN A 694 61.61 -9.59 -45.76
C GLN A 694 63.05 -9.12 -45.59
N ASP A 695 63.52 -8.37 -46.56
CA ASP A 695 64.86 -7.82 -46.53
C ASP A 695 64.95 -6.79 -45.41
N GLY A 696 65.76 -7.09 -44.40
CA GLY A 696 65.91 -6.15 -43.30
C GLY A 696 65.22 -6.57 -42.01
N HIS A 697 64.51 -7.69 -42.02
CA HIS A 697 63.83 -8.15 -40.82
C HIS A 697 64.47 -9.41 -40.27
N GLU A 698 63.94 -9.88 -39.16
CA GLU A 698 64.44 -11.07 -38.49
C GLU A 698 63.25 -11.79 -37.87
N ALA A 699 63.08 -13.06 -38.21
CA ALA A 699 61.97 -13.83 -37.65
C ALA A 699 62.57 -14.62 -36.50
N VAL A 700 61.89 -14.64 -35.37
CA VAL A 700 62.37 -15.37 -34.21
C VAL A 700 61.38 -16.46 -33.80
N CYS A 701 61.91 -17.61 -33.37
CA CYS A 701 61.09 -18.72 -32.95
C CYS A 701 61.63 -19.26 -31.64
N GLU A 702 60.76 -19.48 -30.68
CA GLU A 702 61.17 -20.02 -29.40
C GLU A 702 60.42 -21.30 -29.16
N VAL A 703 61.17 -22.37 -28.88
CA VAL A 703 60.58 -23.66 -28.62
C VAL A 703 60.60 -23.84 -27.13
N PRO A 704 59.45 -24.20 -26.54
CA PRO A 704 59.36 -24.39 -25.10
C PRO A 704 59.57 -25.79 -24.58
N ALA A 705 59.90 -25.85 -23.29
CA ALA A 705 60.08 -27.10 -22.58
C ALA A 705 58.66 -27.40 -22.12
N ALA A 706 58.46 -28.55 -21.49
CA ALA A 706 57.14 -28.91 -21.02
C ALA A 706 56.64 -27.92 -19.97
N ASP A 707 57.57 -27.25 -19.28
CA ASP A 707 57.19 -26.30 -18.26
C ASP A 707 56.95 -24.89 -18.78
N GLY A 708 57.03 -24.69 -20.09
CA GLY A 708 56.79 -23.39 -20.65
C GLY A 708 57.99 -22.50 -20.91
N SER A 709 59.11 -22.78 -20.25
CA SER A 709 60.31 -21.97 -20.48
C SER A 709 60.88 -22.30 -21.85
N VAL A 710 61.63 -21.35 -22.41
CA VAL A 710 62.25 -21.53 -23.74
C VAL A 710 63.49 -22.42 -23.65
N ILE A 711 63.43 -23.60 -24.25
CA ILE A 711 64.58 -24.52 -24.22
C ILE A 711 65.45 -24.37 -25.46
N PHE A 712 64.93 -23.67 -26.46
CA PHE A 712 65.69 -23.46 -27.68
C PHE A 712 65.11 -22.30 -28.46
N THR A 713 66.00 -21.48 -29.02
CA THR A 713 65.60 -20.31 -29.79
C THR A 713 66.25 -20.37 -31.15
N LEU A 714 65.51 -20.00 -32.19
CA LEU A 714 66.04 -20.02 -33.55
C LEU A 714 65.71 -18.69 -34.22
N LYS A 715 66.72 -18.06 -34.80
CA LYS A 715 66.53 -16.77 -35.46
C LYS A 715 66.98 -16.80 -36.91
N ALA A 716 66.29 -16.02 -37.74
CA ALA A 716 66.61 -15.93 -39.17
C ALA A 716 66.52 -14.48 -39.60
N ALA A 717 67.68 -13.86 -39.79
CA ALA A 717 67.74 -12.47 -40.19
C ALA A 717 68.21 -12.37 -41.62
N ARG A 718 67.58 -11.49 -42.38
CA ARG A 718 67.94 -11.31 -43.78
C ARG A 718 68.45 -9.90 -44.04
N THR A 719 69.72 -9.83 -44.43
CA THR A 719 70.36 -8.55 -44.73
C THR A 719 70.15 -8.14 -46.18
N GLY A 720 70.58 -8.97 -47.12
CA GLY A 720 70.39 -8.64 -48.52
C GLY A 720 69.67 -9.79 -49.20
N ASN A 721 70.44 -10.69 -49.79
CA ASN A 721 69.91 -11.88 -50.42
C ASN A 721 70.42 -12.98 -49.52
N THR A 722 71.11 -12.56 -48.48
CA THR A 722 71.68 -13.44 -47.47
C THR A 722 70.83 -13.45 -46.21
N ILE A 723 70.44 -14.64 -45.76
CA ILE A 723 69.67 -14.71 -44.54
C ILE A 723 70.47 -15.58 -43.58
N THR A 724 70.90 -15.00 -42.47
CA THR A 724 71.69 -15.74 -41.49
C THR A 724 70.79 -16.48 -40.52
N VAL A 725 71.17 -17.70 -40.16
CA VAL A 725 70.38 -18.51 -39.26
C VAL A 725 71.22 -18.97 -38.07
N THR A 726 70.73 -18.66 -36.88
CA THR A 726 71.42 -19.02 -35.66
C THR A 726 70.47 -19.60 -34.61
N GLY A 727 70.95 -20.60 -33.88
CA GLY A 727 70.14 -21.22 -32.86
C GLY A 727 70.84 -21.16 -31.51
N ALA A 728 70.05 -21.21 -30.44
CA ALA A 728 70.60 -21.17 -29.09
C ALA A 728 69.77 -22.06 -28.18
N GLY A 729 70.43 -22.98 -27.50
CA GLY A 729 69.72 -23.87 -26.59
C GLY A 729 69.95 -25.34 -26.81
N GLU A 730 68.86 -26.11 -26.73
CA GLU A 730 68.93 -27.55 -26.92
C GLU A 730 67.87 -27.98 -27.93
N ALA A 731 68.32 -28.55 -29.04
CA ALA A 731 67.44 -29.02 -30.10
C ALA A 731 68.12 -30.18 -30.84
N LYS A 732 67.33 -31.19 -31.23
CA LYS A 732 67.86 -32.35 -31.93
C LYS A 732 67.20 -32.60 -33.27
N ASN A 733 68.02 -32.98 -34.24
CA ASN A 733 67.57 -33.31 -35.58
C ASN A 733 66.44 -32.46 -36.13
N TRP A 734 66.66 -31.15 -36.20
CA TRP A 734 65.63 -30.25 -36.72
C TRP A 734 65.82 -29.91 -38.19
N THR A 735 64.83 -29.23 -38.75
CA THR A 735 64.84 -28.85 -40.15
C THR A 735 64.34 -27.42 -40.32
N LEU A 736 64.68 -26.82 -41.46
CA LEU A 736 64.25 -25.46 -41.75
C LEU A 736 63.70 -25.36 -43.17
N CYS A 737 62.39 -25.22 -43.30
CA CYS A 737 61.75 -25.12 -44.60
C CYS A 737 61.44 -23.70 -45.04
N LEU A 738 62.00 -23.30 -46.18
CA LEU A 738 61.79 -21.96 -46.71
C LEU A 738 60.51 -21.95 -47.54
N ARG A 739 59.37 -21.76 -46.88
CA ARG A 739 58.08 -21.76 -47.55
C ARG A 739 58.02 -21.06 -48.90
N ASN A 740 57.45 -21.75 -49.88
CA ASN A 740 57.29 -21.22 -51.22
C ASN A 740 58.58 -20.77 -51.91
N VAL A 741 59.70 -21.31 -51.45
CA VAL A 741 61.00 -21.01 -52.05
C VAL A 741 61.43 -22.27 -52.78
N VAL A 742 61.40 -22.21 -54.11
CA VAL A 742 61.77 -23.34 -54.96
C VAL A 742 63.25 -23.67 -54.92
N LYS A 743 64.08 -22.75 -55.40
CA LYS A 743 65.51 -23.00 -55.42
C LYS A 743 66.32 -21.91 -54.74
N VAL A 744 67.45 -22.33 -54.18
CA VAL A 744 68.36 -21.42 -53.50
C VAL A 744 69.63 -21.31 -54.33
N ASN A 745 70.39 -20.24 -54.12
CA ASN A 745 71.63 -20.03 -54.83
C ASN A 745 72.77 -20.75 -54.12
N GLY A 746 72.93 -20.44 -52.84
CA GLY A 746 73.99 -21.06 -52.07
C GLY A 746 73.53 -21.44 -50.67
N LEU A 747 74.32 -22.25 -49.99
CA LEU A 747 73.98 -22.68 -48.65
C LEU A 747 75.21 -23.12 -47.85
N GLN A 748 75.68 -22.26 -46.95
CA GLN A 748 76.85 -22.58 -46.14
C GLN A 748 76.43 -23.34 -44.89
N ASP A 749 77.10 -24.45 -44.61
CA ASP A 749 76.80 -25.26 -43.43
C ASP A 749 75.46 -25.97 -43.42
N GLY A 750 75.07 -26.56 -44.55
CA GLY A 750 73.80 -27.25 -44.57
C GLY A 750 73.44 -27.88 -45.90
N SER A 751 72.77 -29.03 -45.83
CA SER A 751 72.34 -29.74 -47.02
C SER A 751 70.88 -29.41 -47.32
N GLN A 752 70.55 -29.24 -48.59
CA GLN A 752 69.18 -28.92 -48.99
C GLN A 752 68.48 -30.07 -49.71
N ALA A 753 67.17 -29.95 -49.85
CA ALA A 753 66.35 -30.98 -50.50
C ALA A 753 64.96 -30.42 -50.77
N GLU A 754 64.51 -30.51 -52.02
CA GLU A 754 63.19 -30.01 -52.39
C GLU A 754 62.05 -30.58 -51.55
N SER A 755 60.93 -29.87 -51.58
CA SER A 755 59.72 -30.26 -50.85
C SER A 755 58.59 -29.55 -51.57
N GLU A 756 57.38 -30.07 -51.46
CA GLU A 756 56.26 -29.40 -52.12
C GLU A 756 55.95 -28.03 -51.49
N GLN A 757 56.28 -27.86 -50.22
CA GLN A 757 56.03 -26.58 -49.53
C GLN A 757 57.19 -25.61 -49.75
N GLY A 758 58.32 -26.16 -50.20
CA GLY A 758 59.50 -25.33 -50.44
C GLY A 758 60.77 -26.04 -50.01
N LEU A 759 61.91 -25.46 -50.37
CA LEU A 759 63.20 -26.04 -50.05
C LEU A 759 63.35 -26.36 -48.55
N VAL A 760 63.88 -27.54 -48.25
CA VAL A 760 64.09 -27.98 -46.88
C VAL A 760 65.58 -28.05 -46.57
N VAL A 761 66.05 -27.19 -45.67
CA VAL A 761 67.45 -27.15 -45.30
C VAL A 761 67.81 -27.93 -44.05
N LYS A 762 68.88 -28.72 -44.14
CA LYS A 762 69.37 -29.52 -43.01
C LYS A 762 70.60 -28.80 -42.47
N PRO A 763 70.63 -28.55 -41.15
CA PRO A 763 71.73 -27.86 -40.49
C PRO A 763 73.03 -28.66 -40.38
N GLN A 764 74.11 -28.10 -40.92
CA GLN A 764 75.43 -28.72 -40.86
C GLN A 764 76.38 -27.77 -40.14
N GLY A 765 76.72 -28.10 -38.90
CA GLY A 765 77.61 -27.23 -38.16
C GLY A 765 76.93 -25.94 -37.73
N ASN A 766 77.71 -24.89 -37.50
CA ASN A 766 77.15 -23.61 -37.09
C ASN A 766 77.41 -22.46 -38.06
N ALA A 767 76.33 -21.96 -38.66
CA ALA A 767 76.37 -20.86 -39.63
C ALA A 767 75.08 -20.89 -40.43
N LEU A 768 74.74 -22.10 -40.89
CA LEU A 768 73.54 -22.35 -41.67
C LEU A 768 73.00 -21.10 -42.34
N THR A 769 73.81 -20.47 -43.19
CA THR A 769 73.37 -19.28 -43.90
C THR A 769 72.91 -19.70 -45.29
N ILE A 770 72.07 -18.89 -45.92
CA ILE A 770 71.59 -19.22 -47.26
C ILE A 770 71.52 -17.97 -48.12
N THR A 771 71.83 -18.12 -49.40
CA THR A 771 71.79 -16.99 -50.33
C THR A 771 70.61 -17.17 -51.26
N LEU A 772 69.74 -16.16 -51.31
CA LEU A 772 68.56 -16.21 -52.17
C LEU A 772 68.92 -15.90 -53.61
N HIS A 773 68.21 -16.52 -54.54
CA HIS A 773 68.47 -16.30 -55.96
C HIS A 773 68.07 -14.88 -56.36
N MET B 1 -9.30 -24.91 4.71
CA MET B 1 -8.75 -23.91 3.75
C MET B 1 -9.11 -24.33 2.34
N LYS B 2 -9.64 -23.40 1.55
CA LYS B 2 -10.04 -23.69 0.19
C LYS B 2 -8.85 -23.76 -0.77
N ILE B 3 -8.64 -24.92 -1.36
CA ILE B 3 -7.53 -25.11 -2.30
C ILE B 3 -8.07 -25.10 -3.71
N SER B 4 -9.05 -25.95 -3.97
CA SER B 4 -9.65 -25.99 -5.29
C SER B 4 -10.74 -24.93 -5.39
N ASP B 5 -11.06 -24.56 -6.62
CA ASP B 5 -12.13 -23.61 -6.90
C ASP B 5 -13.07 -24.41 -7.82
N GLY B 6 -13.86 -25.29 -7.21
CA GLY B 6 -14.75 -26.11 -7.99
C GLY B 6 -13.95 -27.32 -8.47
N ASN B 7 -14.56 -28.16 -9.27
CA ASN B 7 -13.87 -29.35 -9.76
C ASN B 7 -12.75 -29.02 -10.74
N TRP B 8 -13.01 -28.05 -11.60
CA TRP B 8 -12.09 -27.63 -12.66
C TRP B 8 -11.01 -26.58 -12.41
N LEU B 9 -11.17 -25.74 -11.39
CA LEU B 9 -10.18 -24.68 -11.14
C LEU B 9 -9.48 -24.70 -9.79
N ILE B 10 -8.51 -23.80 -9.66
CA ILE B 10 -7.73 -23.67 -8.44
C ILE B 10 -7.91 -22.23 -7.93
N GLN B 11 -7.86 -22.04 -6.62
CA GLN B 11 -8.02 -20.71 -6.04
C GLN B 11 -6.89 -19.81 -6.55
N PRO B 12 -7.21 -18.56 -6.93
CA PRO B 12 -6.23 -17.60 -7.44
C PRO B 12 -4.97 -17.49 -6.58
N GLY B 13 -3.83 -17.26 -7.24
CA GLY B 13 -2.58 -17.11 -6.54
C GLY B 13 -2.01 -18.35 -5.89
N LEU B 14 -2.68 -19.49 -6.05
CA LEU B 14 -2.15 -20.73 -5.47
C LEU B 14 -1.48 -21.58 -6.56
N ASN B 15 -0.31 -22.15 -6.24
CA ASN B 15 0.41 -23.03 -7.17
C ASN B 15 0.53 -24.38 -6.47
N LEU B 16 0.00 -25.42 -7.09
CA LEU B 16 0.04 -26.75 -6.50
C LEU B 16 1.00 -27.70 -7.20
N ILE B 17 1.54 -28.64 -6.44
CA ILE B 17 2.42 -29.66 -6.97
C ILE B 17 2.09 -30.90 -6.17
N HIS B 18 1.92 -32.03 -6.84
CA HIS B 18 1.57 -33.30 -6.18
C HIS B 18 2.43 -34.48 -6.61
N PRO B 19 2.54 -35.50 -5.75
CA PRO B 19 3.34 -36.68 -6.11
C PRO B 19 2.46 -37.43 -7.13
N LEU B 20 2.97 -37.61 -8.34
CA LEU B 20 2.20 -38.26 -9.40
C LEU B 20 2.80 -39.56 -9.93
N GLN B 21 4.05 -39.83 -9.58
CA GLN B 21 4.72 -41.04 -10.05
C GLN B 21 5.81 -41.49 -9.09
N VAL B 22 5.88 -42.79 -8.84
CA VAL B 22 6.91 -43.31 -7.96
C VAL B 22 8.19 -43.28 -8.78
N PHE B 23 9.30 -42.94 -8.15
CA PHE B 23 10.58 -42.87 -8.83
C PHE B 23 11.52 -43.88 -8.20
N GLU B 24 11.31 -44.16 -6.92
CA GLU B 24 12.15 -45.10 -6.23
C GLU B 24 11.54 -45.47 -4.88
N VAL B 25 11.72 -46.73 -4.50
CA VAL B 25 11.23 -47.21 -3.23
C VAL B 25 12.43 -47.74 -2.51
N GLU B 26 12.49 -47.50 -1.21
CA GLU B 26 13.62 -47.94 -0.43
C GLU B 26 13.20 -48.30 0.99
N GLN B 27 13.58 -49.49 1.42
CA GLN B 27 13.26 -49.95 2.76
C GLN B 27 14.39 -49.56 3.69
N GLN B 28 14.03 -48.94 4.81
CA GLN B 28 15.02 -48.54 5.80
C GLN B 28 14.61 -49.17 7.11
N ASP B 29 15.17 -50.34 7.39
CA ASP B 29 14.85 -51.09 8.59
C ASP B 29 13.35 -51.38 8.56
N ASN B 30 12.65 -51.02 9.62
CA ASN B 30 11.20 -51.27 9.66
C ASN B 30 10.40 -50.10 9.10
N GLU B 31 11.03 -49.32 8.21
CA GLU B 31 10.36 -48.19 7.58
C GLU B 31 10.53 -48.23 6.07
N MET B 32 9.54 -47.68 5.35
CA MET B 32 9.58 -47.66 3.89
C MET B 32 9.53 -46.25 3.33
N VAL B 33 10.50 -45.92 2.50
CA VAL B 33 10.57 -44.59 1.88
C VAL B 33 10.21 -44.67 0.40
N VAL B 34 9.36 -43.75 -0.03
CA VAL B 34 8.92 -43.68 -1.41
C VAL B 34 9.15 -42.26 -1.93
N TYR B 35 9.92 -42.15 -3.01
CA TYR B 35 10.22 -40.86 -3.62
C TYR B 35 9.31 -40.75 -4.81
N ALA B 36 8.55 -39.67 -4.88
CA ALA B 36 7.62 -39.47 -5.97
C ALA B 36 7.84 -38.11 -6.61
N ALA B 37 7.77 -38.10 -7.95
CA ALA B 37 7.96 -36.88 -8.71
C ALA B 37 6.61 -36.30 -9.05
N PRO B 38 6.56 -34.99 -9.36
CA PRO B 38 5.32 -34.28 -9.71
C PRO B 38 5.05 -34.37 -11.20
N ARG B 39 5.88 -35.14 -11.90
CA ARG B 39 5.73 -35.33 -13.35
C ARG B 39 6.39 -36.62 -13.78
N ASP B 40 6.23 -36.98 -15.05
CA ASP B 40 6.85 -38.19 -15.56
C ASP B 40 8.36 -37.97 -15.61
N VAL B 41 9.10 -38.76 -14.86
CA VAL B 41 10.55 -38.62 -14.85
C VAL B 41 11.23 -39.96 -15.18
N ARG B 42 10.63 -40.69 -16.12
CA ARG B 42 11.20 -41.97 -16.53
C ARG B 42 12.47 -41.75 -17.37
N GLU B 43 12.49 -40.65 -18.10
CA GLU B 43 13.63 -40.31 -18.95
C GLU B 43 14.61 -39.41 -18.18
N ARG B 44 15.90 -39.64 -18.36
CA ARG B 44 16.93 -38.88 -17.66
C ARG B 44 16.89 -37.38 -17.94
N THR B 45 16.36 -36.99 -19.08
CA THR B 45 16.27 -35.59 -19.45
C THR B 45 15.30 -34.82 -18.54
N TRP B 46 14.43 -35.55 -17.85
CA TRP B 46 13.46 -34.94 -16.95
C TRP B 46 13.75 -35.26 -15.48
N GLN B 47 14.94 -35.80 -15.21
CA GLN B 47 15.32 -36.14 -13.85
C GLN B 47 16.13 -34.99 -13.22
N LEU B 48 15.74 -33.77 -13.57
CA LEU B 48 16.38 -32.56 -13.06
C LEU B 48 15.36 -31.42 -13.19
N ASP B 49 15.63 -30.29 -12.55
CA ASP B 49 14.74 -29.13 -12.59
C ASP B 49 13.28 -29.47 -12.23
N THR B 50 13.12 -30.21 -11.14
CA THR B 50 11.77 -30.61 -10.71
C THR B 50 11.72 -30.91 -9.21
N PRO B 51 10.59 -30.60 -8.56
CA PRO B 51 10.48 -30.87 -7.12
C PRO B 51 10.42 -32.38 -6.95
N LEU B 52 10.54 -32.86 -5.72
CA LEU B 52 10.51 -34.29 -5.47
C LEU B 52 10.02 -34.56 -4.05
N PHE B 53 8.90 -35.27 -3.93
CA PHE B 53 8.33 -35.59 -2.64
C PHE B 53 8.94 -36.83 -2.03
N THR B 54 9.07 -36.81 -0.71
CA THR B 54 9.62 -37.94 0.01
C THR B 54 8.56 -38.44 1.00
N LEU B 55 8.02 -39.62 0.74
CA LEU B 55 7.02 -40.20 1.63
C LEU B 55 7.66 -41.31 2.44
N ARG B 56 7.48 -41.24 3.75
CA ARG B 56 8.03 -42.26 4.63
C ARG B 56 6.90 -42.91 5.42
N PHE B 57 6.83 -44.24 5.34
CA PHE B 57 5.80 -44.99 6.04
C PHE B 57 6.45 -45.71 7.22
N PHE B 58 5.77 -45.71 8.36
CA PHE B 58 6.27 -46.36 9.55
C PHE B 58 5.11 -46.71 10.48
N SER B 59 5.41 -47.40 11.57
CA SER B 59 4.35 -47.78 12.51
C SER B 59 4.83 -47.61 13.94
N PRO B 60 4.14 -46.73 14.70
CA PRO B 60 4.48 -46.46 16.11
C PRO B 60 3.84 -47.47 17.05
N GLN B 61 2.76 -48.07 16.59
CA GLN B 61 2.02 -49.06 17.37
C GLN B 61 1.34 -50.06 16.42
N GLU B 62 1.11 -51.27 16.91
CA GLU B 62 0.45 -52.30 16.10
C GLU B 62 -0.89 -51.80 15.57
N GLY B 63 -1.07 -51.86 14.25
CA GLY B 63 -2.33 -51.42 13.67
C GLY B 63 -2.39 -49.93 13.36
N ILE B 64 -1.26 -49.25 13.48
CA ILE B 64 -1.21 -47.84 13.19
C ILE B 64 -0.12 -47.59 12.17
N VAL B 65 -0.51 -46.97 11.06
CA VAL B 65 0.44 -46.67 10.02
C VAL B 65 0.69 -45.17 9.90
N GLY B 66 1.95 -44.79 10.12
CA GLY B 66 2.33 -43.41 10.02
C GLY B 66 2.73 -43.07 8.60
N VAL B 67 2.24 -41.93 8.13
CA VAL B 67 2.54 -41.45 6.78
C VAL B 67 3.10 -40.03 6.89
N ARG B 68 4.33 -39.86 6.42
CA ARG B 68 4.96 -38.55 6.46
C ARG B 68 5.41 -38.09 5.07
N ILE B 69 4.69 -37.13 4.51
CA ILE B 69 5.05 -36.60 3.21
C ILE B 69 5.79 -35.27 3.41
N GLU B 70 7.02 -35.20 2.89
CA GLU B 70 7.85 -34.02 3.01
C GLU B 70 8.22 -33.33 1.70
N HIS B 71 8.42 -32.02 1.80
CA HIS B 71 8.88 -31.20 0.69
C HIS B 71 10.30 -30.85 1.14
N PHE B 72 10.53 -29.63 1.60
CA PHE B 72 11.88 -29.29 2.05
C PHE B 72 12.11 -29.75 3.49
N GLN B 73 13.29 -30.30 3.76
CA GLN B 73 13.64 -30.76 5.10
C GLN B 73 14.47 -29.70 5.83
N GLY B 74 14.74 -28.59 5.15
CA GLY B 74 15.53 -27.53 5.74
C GLY B 74 14.82 -26.60 6.71
N ALA B 75 13.51 -26.77 6.88
CA ALA B 75 12.77 -25.93 7.81
C ALA B 75 13.23 -26.19 9.23
N LEU B 76 13.04 -25.21 10.10
CA LEU B 76 13.44 -25.31 11.50
C LEU B 76 12.66 -26.35 12.31
N ASN B 77 11.37 -26.48 12.02
CA ASN B 77 10.51 -27.43 12.71
C ASN B 77 10.83 -27.58 14.21
N ASN B 78 10.49 -26.55 15.00
CA ASN B 78 10.72 -26.58 16.45
C ASN B 78 9.54 -27.20 17.18
N GLY B 79 9.77 -27.56 18.45
CA GLY B 79 8.72 -28.15 19.27
C GLY B 79 7.73 -27.12 19.79
N PRO B 80 6.78 -27.52 20.66
CA PRO B 80 6.62 -28.89 21.16
C PRO B 80 5.90 -29.82 20.17
N HIS B 81 5.91 -31.10 20.48
CA HIS B 81 5.25 -32.11 19.66
C HIS B 81 4.29 -32.88 20.57
N TYR B 82 3.27 -33.51 19.99
CA TYR B 82 2.33 -34.24 20.80
C TYR B 82 3.00 -35.34 21.64
N PRO B 83 2.39 -35.68 22.79
CA PRO B 83 2.89 -36.71 23.73
C PRO B 83 2.67 -38.14 23.22
N LEU B 84 3.14 -38.40 22.01
CA LEU B 84 2.98 -39.70 21.38
C LEU B 84 3.79 -40.84 21.98
N ASN B 85 3.17 -42.01 22.06
CA ASN B 85 3.82 -43.21 22.55
C ASN B 85 4.31 -43.94 21.31
N ILE B 86 5.60 -43.82 21.02
CA ILE B 86 6.17 -44.43 19.83
C ILE B 86 7.12 -45.57 20.13
N LEU B 87 6.79 -46.75 19.59
CA LEU B 87 7.61 -47.95 19.77
C LEU B 87 8.51 -48.08 18.54
N GLN B 88 9.73 -48.57 18.77
CA GLN B 88 10.70 -48.73 17.67
C GLN B 88 10.77 -50.15 17.11
N ASP B 89 10.15 -51.08 17.82
CA ASP B 89 10.18 -52.49 17.46
C ASP B 89 8.85 -53.08 16.99
N VAL B 90 7.96 -52.27 16.43
CA VAL B 90 6.69 -52.81 15.97
C VAL B 90 6.97 -53.75 14.80
N LYS B 91 6.34 -54.92 14.82
CA LYS B 91 6.53 -55.90 13.75
C LYS B 91 5.74 -55.50 12.52
N VAL B 92 6.45 -55.20 11.43
CA VAL B 92 5.79 -54.80 10.19
C VAL B 92 6.29 -55.61 9.01
N THR B 93 5.57 -55.52 7.89
CA THR B 93 5.91 -56.22 6.67
C THR B 93 6.04 -55.23 5.52
N ILE B 94 7.20 -55.23 4.88
CA ILE B 94 7.45 -54.33 3.75
C ILE B 94 7.70 -55.12 2.48
N GLU B 95 6.83 -54.95 1.49
CA GLU B 95 7.02 -55.66 0.23
C GLU B 95 7.01 -54.69 -0.94
N ASN B 96 8.17 -54.56 -1.57
CA ASN B 96 8.35 -53.68 -2.70
C ASN B 96 8.40 -54.49 -3.99
N THR B 97 7.26 -54.61 -4.66
CA THR B 97 7.20 -55.35 -5.91
C THR B 97 7.35 -54.39 -7.08
N GLU B 98 7.14 -54.91 -8.28
CA GLU B 98 7.26 -54.13 -9.49
C GLU B 98 6.01 -53.28 -9.70
N ARG B 99 4.87 -53.79 -9.23
CA ARG B 99 3.59 -53.11 -9.39
C ARG B 99 3.21 -52.23 -8.20
N TYR B 100 3.62 -52.64 -7.00
CA TYR B 100 3.28 -51.89 -5.79
C TYR B 100 4.42 -51.78 -4.80
N ALA B 101 4.19 -50.95 -3.79
CA ALA B 101 5.12 -50.73 -2.69
C ALA B 101 4.13 -50.76 -1.53
N GLU B 102 4.29 -51.72 -0.61
CA GLU B 102 3.35 -51.85 0.49
C GLU B 102 3.97 -51.97 1.88
N PHE B 103 3.42 -51.23 2.82
CA PHE B 103 3.87 -51.24 4.22
C PHE B 103 2.69 -51.76 5.02
N LYS B 104 2.94 -52.74 5.87
CA LYS B 104 1.86 -53.34 6.66
C LYS B 104 2.17 -53.47 8.14
N SER B 105 1.20 -53.06 8.96
CA SER B 105 1.31 -53.14 10.42
C SER B 105 -0.01 -53.72 10.89
N GLY B 106 0.04 -54.82 11.64
CA GLY B 106 -1.19 -55.45 12.09
C GLY B 106 -1.95 -55.87 10.86
N ASN B 107 -3.24 -55.54 10.79
CA ASN B 107 -4.03 -55.91 9.62
C ASN B 107 -4.22 -54.71 8.71
N LEU B 108 -3.47 -53.65 8.96
CA LEU B 108 -3.57 -52.44 8.15
C LEU B 108 -2.32 -52.24 7.33
N SER B 109 -2.52 -51.87 6.06
CA SER B 109 -1.38 -51.61 5.18
C SER B 109 -1.63 -50.39 4.33
N ALA B 110 -0.53 -49.74 3.93
CA ALA B 110 -0.60 -48.56 3.06
C ALA B 110 0.05 -49.03 1.78
N ARG B 111 -0.61 -48.84 0.65
CA ARG B 111 -0.04 -49.28 -0.62
C ARG B 111 0.04 -48.20 -1.69
N VAL B 112 1.23 -48.03 -2.25
CA VAL B 112 1.44 -47.05 -3.31
C VAL B 112 1.56 -47.78 -4.63
N SER B 113 0.84 -47.31 -5.65
CA SER B 113 0.91 -47.92 -6.97
C SER B 113 1.99 -47.25 -7.81
N LYS B 114 2.86 -48.07 -8.40
CA LYS B 114 3.93 -47.55 -9.24
C LYS B 114 3.37 -47.40 -10.65
N GLY B 115 4.20 -46.91 -11.57
CA GLY B 115 3.73 -46.76 -12.94
C GLY B 115 2.99 -45.50 -13.29
N GLU B 116 2.23 -45.55 -14.37
CA GLU B 116 1.48 -44.41 -14.88
C GLU B 116 0.32 -43.94 -14.00
N PHE B 117 -0.31 -44.86 -13.27
CA PHE B 117 -1.45 -44.48 -12.44
C PHE B 117 -1.18 -44.50 -10.94
N TRP B 118 -0.75 -43.36 -10.43
CA TRP B 118 -0.44 -43.19 -9.01
C TRP B 118 -1.69 -43.34 -8.15
N SER B 119 -1.50 -43.92 -6.96
CA SER B 119 -2.60 -44.11 -6.04
C SER B 119 -2.04 -44.50 -4.68
N LEU B 120 -2.60 -43.94 -3.62
CA LEU B 120 -2.17 -44.27 -2.26
C LEU B 120 -3.38 -44.92 -1.63
N ASP B 121 -3.25 -46.19 -1.23
CA ASP B 121 -4.38 -46.89 -0.64
C ASP B 121 -4.10 -47.49 0.71
N PHE B 122 -5.12 -47.51 1.55
CA PHE B 122 -5.02 -48.08 2.88
C PHE B 122 -5.96 -49.29 2.87
N LEU B 123 -5.42 -50.45 3.24
CA LEU B 123 -6.22 -51.67 3.20
C LEU B 123 -6.26 -52.37 4.54
N ARG B 124 -7.41 -52.99 4.81
CA ARG B 124 -7.59 -53.77 6.02
C ARG B 124 -7.74 -55.20 5.51
N ASN B 125 -6.80 -56.06 5.87
CA ASN B 125 -6.85 -57.45 5.38
C ASN B 125 -6.94 -57.42 3.87
N GLY B 126 -6.15 -56.56 3.25
CA GLY B 126 -6.15 -56.45 1.79
C GLY B 126 -7.32 -55.74 1.14
N GLU B 127 -8.18 -55.11 1.94
CA GLU B 127 -9.31 -54.39 1.37
C GLU B 127 -9.23 -52.88 1.63
N ARG B 128 -9.63 -52.10 0.64
CA ARG B 128 -9.55 -50.65 0.72
C ARG B 128 -10.58 -49.99 1.64
N ILE B 129 -10.12 -49.40 2.74
CA ILE B 129 -11.00 -48.72 3.66
C ILE B 129 -10.99 -47.20 3.38
N THR B 130 -9.89 -46.72 2.82
CA THR B 130 -9.76 -45.30 2.45
C THR B 130 -8.46 -45.08 1.71
N GLY B 131 -8.21 -43.84 1.31
CA GLY B 131 -6.96 -43.54 0.63
C GLY B 131 -6.94 -42.23 -0.13
N SER B 132 -5.80 -41.90 -0.71
CA SER B 132 -5.64 -40.68 -1.47
C SER B 132 -5.47 -40.92 -2.97
N GLN B 133 -6.33 -40.29 -3.76
CA GLN B 133 -6.27 -40.42 -5.21
C GLN B 133 -5.24 -39.45 -5.79
N VAL B 134 -4.81 -39.71 -7.02
CA VAL B 134 -3.81 -38.86 -7.64
C VAL B 134 -4.22 -37.39 -7.62
N LYS B 135 -3.29 -36.54 -7.20
CA LYS B 135 -3.52 -35.08 -7.11
C LYS B 135 -4.41 -34.65 -5.93
N ASN B 136 -4.57 -35.51 -4.92
CA ASN B 136 -5.39 -35.16 -3.76
C ASN B 136 -4.52 -34.92 -2.54
N ASN B 137 -3.23 -34.74 -2.78
CA ASN B 137 -2.29 -34.41 -1.72
C ASN B 137 -1.12 -33.68 -2.38
N GLY B 138 -0.28 -33.08 -1.56
CA GLY B 138 0.83 -32.35 -2.13
C GLY B 138 1.16 -31.06 -1.39
N TYR B 139 1.79 -30.15 -2.11
CA TYR B 139 2.27 -28.88 -1.59
C TYR B 139 1.54 -27.69 -2.20
N VAL B 140 1.15 -26.75 -1.35
CA VAL B 140 0.48 -25.54 -1.82
C VAL B 140 1.40 -24.36 -1.58
N GLN B 141 1.60 -23.56 -2.61
CA GLN B 141 2.45 -22.38 -2.49
C GLN B 141 1.50 -21.23 -2.71
N ASP B 142 1.11 -20.57 -1.61
CA ASP B 142 0.19 -19.44 -1.66
C ASP B 142 0.95 -18.17 -2.01
N THR B 143 0.66 -17.62 -3.18
CA THR B 143 1.32 -16.43 -3.66
C THR B 143 0.73 -15.15 -3.07
N ASN B 144 -0.50 -15.24 -2.57
CA ASN B 144 -1.17 -14.09 -1.98
C ASN B 144 -0.55 -13.64 -0.66
N ASN B 145 -0.13 -14.60 0.16
CA ASN B 145 0.45 -14.27 1.45
C ASN B 145 1.81 -14.89 1.69
N GLN B 146 2.44 -15.40 0.63
CA GLN B 146 3.76 -16.02 0.73
C GLN B 146 3.80 -17.17 1.73
N ARG B 147 2.68 -17.83 1.97
CA ARG B 147 2.65 -18.95 2.90
C ARG B 147 2.58 -20.26 2.13
N ASN B 148 3.18 -21.31 2.69
CA ASN B 148 3.18 -22.62 2.06
C ASN B 148 2.56 -23.67 2.96
N TYR B 149 1.77 -24.55 2.35
CA TYR B 149 1.06 -25.62 3.05
C TYR B 149 1.22 -27.00 2.39
N MET B 150 0.98 -28.04 3.18
CA MET B 150 1.00 -29.42 2.75
C MET B 150 -0.45 -29.87 3.00
N PHE B 151 -1.02 -30.67 2.09
CA PHE B 151 -2.39 -31.14 2.26
C PHE B 151 -2.62 -32.59 1.82
N GLU B 152 -3.73 -33.16 2.29
CA GLU B 152 -4.13 -34.53 1.98
C GLU B 152 -5.63 -34.58 1.99
N ARG B 153 -6.18 -35.50 1.19
CA ARG B 153 -7.61 -35.69 1.10
C ARG B 153 -7.87 -37.19 1.10
N LEU B 154 -8.32 -37.71 2.24
CA LEU B 154 -8.61 -39.13 2.37
C LEU B 154 -10.05 -39.42 1.99
N ASP B 155 -10.25 -40.35 1.07
CA ASP B 155 -11.58 -40.71 0.59
C ASP B 155 -12.60 -41.10 1.65
N LEU B 156 -13.87 -40.90 1.28
CA LEU B 156 -15.01 -41.24 2.11
C LEU B 156 -15.94 -42.01 1.20
N GLY B 157 -16.36 -43.20 1.64
CA GLY B 157 -17.26 -43.99 0.83
C GLY B 157 -18.71 -43.58 0.97
N VAL B 158 -19.57 -44.26 0.22
CA VAL B 158 -21.00 -43.98 0.26
C VAL B 158 -21.50 -44.32 1.65
N GLY B 159 -22.26 -43.39 2.25
CA GLY B 159 -22.77 -43.59 3.59
C GLY B 159 -21.72 -43.53 4.68
N GLU B 160 -20.50 -43.09 4.34
CA GLU B 160 -19.47 -43.00 5.36
C GLU B 160 -19.64 -41.66 6.08
N THR B 161 -19.67 -41.72 7.40
CA THR B 161 -19.86 -40.54 8.23
C THR B 161 -18.65 -40.27 9.12
N VAL B 162 -18.30 -39.00 9.29
CA VAL B 162 -17.14 -38.61 10.12
C VAL B 162 -17.53 -38.07 11.51
N TYR B 163 -16.73 -38.40 12.52
CA TYR B 163 -16.97 -37.98 13.91
C TYR B 163 -15.70 -37.47 14.59
N GLY B 164 -15.89 -36.81 15.73
CA GLY B 164 -14.76 -36.32 16.51
C GLY B 164 -14.24 -34.95 16.21
N LEU B 165 -12.93 -34.82 16.29
CA LEU B 165 -12.22 -33.56 16.06
C LEU B 165 -12.35 -32.67 17.29
N GLY B 166 -12.53 -33.31 18.45
CA GLY B 166 -12.63 -32.61 19.71
C GLY B 166 -14.05 -32.42 20.21
N GLU B 167 -14.18 -31.60 21.25
CA GLU B 167 -15.47 -31.29 21.84
C GLU B 167 -16.06 -30.14 21.04
N ARG B 168 -16.90 -30.48 20.06
CA ARG B 168 -17.51 -29.47 19.22
C ARG B 168 -19.01 -29.44 19.48
N PHE B 169 -19.65 -28.32 19.17
CA PHE B 169 -21.07 -28.17 19.44
C PHE B 169 -21.97 -28.10 18.22
N THR B 170 -21.36 -28.19 17.05
CA THR B 170 -22.10 -28.20 15.79
C THR B 170 -22.68 -29.62 15.66
N ALA B 171 -23.35 -29.90 14.55
CA ALA B 171 -23.90 -31.25 14.30
C ALA B 171 -22.86 -32.35 14.58
N LEU B 172 -23.28 -33.41 15.26
CA LEU B 172 -22.39 -34.51 15.63
C LEU B 172 -21.60 -35.10 14.46
N VAL B 173 -22.27 -35.29 13.33
CA VAL B 173 -21.65 -35.83 12.13
C VAL B 173 -21.00 -34.67 11.39
N ARG B 174 -19.67 -34.72 11.31
CA ARG B 174 -18.87 -33.65 10.68
C ARG B 174 -19.06 -33.40 9.19
N ASN B 175 -19.58 -34.38 8.46
CA ASN B 175 -19.79 -34.24 7.02
C ASN B 175 -20.43 -32.92 6.62
N GLY B 176 -19.73 -32.14 5.81
CA GLY B 176 -20.26 -30.86 5.36
C GLY B 176 -19.71 -29.63 6.07
N GLN B 177 -18.88 -29.82 7.08
CA GLN B 177 -18.36 -28.66 7.77
C GLN B 177 -16.84 -28.51 7.79
N THR B 178 -16.42 -27.26 7.93
CA THR B 178 -15.01 -26.90 8.01
C THR B 178 -14.72 -26.80 9.50
N VAL B 179 -13.59 -27.32 9.95
CA VAL B 179 -13.24 -27.18 11.36
C VAL B 179 -11.74 -26.92 11.51
N GLU B 180 -11.40 -25.90 12.30
CA GLU B 180 -10.02 -25.51 12.57
C GLU B 180 -9.65 -25.98 13.97
N THR B 181 -8.60 -26.76 14.11
CA THR B 181 -8.21 -27.23 15.44
C THR B 181 -7.37 -26.16 16.12
N TRP B 182 -8.08 -25.19 16.69
CA TRP B 182 -7.46 -24.05 17.35
C TRP B 182 -8.27 -23.71 18.61
N ASN B 183 -7.69 -23.95 19.78
CA ASN B 183 -8.38 -23.67 21.03
C ASN B 183 -8.78 -22.21 21.15
N ARG B 184 -10.07 -22.00 21.40
CA ARG B 184 -10.64 -20.67 21.56
C ARG B 184 -11.60 -20.69 22.74
N ASP B 185 -11.90 -19.50 23.25
CA ASP B 185 -12.84 -19.32 24.36
C ASP B 185 -14.03 -18.71 23.64
N GLY B 186 -14.89 -19.54 23.08
CA GLY B 186 -16.02 -18.99 22.34
C GLY B 186 -17.40 -19.43 22.78
N GLY B 187 -17.48 -20.04 23.96
CA GLY B 187 -18.75 -20.50 24.45
C GLY B 187 -19.06 -21.92 23.99
N THR B 188 -20.33 -22.27 23.94
CA THR B 188 -20.74 -23.61 23.54
C THR B 188 -21.78 -23.50 22.45
N SER B 189 -22.02 -22.31 21.94
CA SER B 189 -23.04 -22.10 20.91
C SER B 189 -22.52 -21.75 19.52
N THR B 190 -21.24 -21.97 19.27
CA THR B 190 -20.69 -21.64 17.96
C THR B 190 -19.79 -22.75 17.41
N GLU B 191 -19.15 -22.49 16.28
CA GLU B 191 -18.26 -23.46 15.65
C GLU B 191 -16.94 -23.55 16.43
N GLN B 192 -16.72 -22.64 17.36
CA GLN B 192 -15.48 -22.66 18.13
C GLN B 192 -15.48 -23.71 19.22
N ALA B 193 -14.31 -24.03 19.74
CA ALA B 193 -14.21 -25.04 20.77
C ALA B 193 -13.04 -24.79 21.71
N TYR B 194 -13.17 -25.22 22.96
CA TYR B 194 -12.12 -25.06 23.96
C TYR B 194 -11.14 -26.22 23.85
N LYS B 195 -11.64 -27.37 23.43
CA LYS B 195 -10.82 -28.56 23.33
C LYS B 195 -10.79 -29.09 21.88
N ASN B 196 -9.71 -28.77 21.18
CA ASN B 196 -9.56 -29.20 19.79
C ASN B 196 -8.62 -30.38 19.70
N ILE B 197 -9.01 -31.38 18.92
CA ILE B 197 -8.22 -32.58 18.74
C ILE B 197 -8.23 -32.87 17.24
N PRO B 198 -7.06 -32.87 16.61
CA PRO B 198 -7.00 -33.14 15.17
C PRO B 198 -7.09 -34.65 14.89
N PHE B 199 -8.11 -35.27 15.48
CA PHE B 199 -8.34 -36.71 15.32
C PHE B 199 -9.77 -36.89 14.90
N TYR B 200 -10.01 -37.76 13.92
CA TYR B 200 -11.37 -38.05 13.47
C TYR B 200 -11.50 -39.54 13.20
N MET B 201 -12.73 -40.05 13.26
CA MET B 201 -12.97 -41.46 12.96
C MET B 201 -14.30 -41.55 12.22
N THR B 202 -14.50 -42.66 11.51
CA THR B 202 -15.72 -42.85 10.71
C THR B 202 -16.48 -44.09 11.09
N ASN B 203 -17.64 -44.29 10.47
CA ASN B 203 -18.46 -45.47 10.74
C ASN B 203 -17.96 -46.61 9.88
N ARG B 204 -16.69 -46.53 9.49
CA ARG B 204 -16.06 -47.55 8.67
C ARG B 204 -14.97 -48.25 9.48
N GLY B 205 -14.90 -47.92 10.76
CA GLY B 205 -13.95 -48.57 11.64
C GLY B 205 -12.48 -48.19 11.64
N TYR B 206 -12.16 -46.97 11.23
CA TYR B 206 -10.77 -46.53 11.24
C TYR B 206 -10.73 -45.06 11.63
N GLY B 207 -9.60 -44.60 12.14
CA GLY B 207 -9.48 -43.20 12.49
C GLY B 207 -8.17 -42.65 11.99
N VAL B 208 -8.02 -41.32 12.01
CA VAL B 208 -6.76 -40.71 11.60
C VAL B 208 -6.43 -39.47 12.44
N LEU B 209 -5.19 -39.40 12.89
CA LEU B 209 -4.72 -38.29 13.70
C LEU B 209 -3.73 -37.47 12.87
N VAL B 210 -4.00 -36.18 12.69
CA VAL B 210 -3.06 -35.33 11.97
C VAL B 210 -2.07 -34.90 13.06
N ASN B 211 -0.84 -35.38 12.96
CA ASN B 211 0.18 -35.09 13.96
C ASN B 211 0.78 -33.69 13.85
N HIS B 212 -0.04 -32.68 14.14
CA HIS B 212 0.40 -31.27 14.09
C HIS B 212 -0.29 -30.44 15.18
N PRO B 213 0.49 -29.96 16.18
CA PRO B 213 -0.02 -29.15 17.29
C PRO B 213 -0.60 -27.81 16.82
N GLN B 214 0.01 -27.22 15.79
CA GLN B 214 -0.48 -25.95 15.27
C GLN B 214 -1.88 -26.12 14.71
N CYS B 215 -2.38 -25.10 14.03
CA CYS B 215 -3.71 -25.18 13.47
C CYS B 215 -3.80 -26.06 12.21
N VAL B 216 -4.70 -27.04 12.25
CA VAL B 216 -4.92 -27.93 11.12
C VAL B 216 -6.30 -27.61 10.56
N SER B 217 -6.35 -27.26 9.28
CA SER B 217 -7.64 -26.93 8.68
C SER B 217 -8.30 -28.13 8.01
N PHE B 218 -9.42 -28.57 8.58
CA PHE B 218 -10.19 -29.70 8.06
C PHE B 218 -11.40 -29.24 7.26
N GLU B 219 -11.57 -29.82 6.08
CA GLU B 219 -12.74 -29.56 5.23
C GLU B 219 -13.33 -30.96 5.12
N VAL B 220 -14.26 -31.27 6.02
CA VAL B 220 -14.89 -32.57 6.06
C VAL B 220 -16.06 -32.62 5.09
N GLY B 221 -15.75 -32.95 3.84
CA GLY B 221 -16.78 -33.02 2.82
C GLY B 221 -17.31 -31.66 2.46
N SER B 222 -16.54 -30.62 2.79
CA SER B 222 -16.95 -29.24 2.52
C SER B 222 -16.35 -28.62 1.26
N GLU B 223 -15.21 -29.12 0.80
CA GLU B 223 -14.63 -28.61 -0.44
C GLU B 223 -14.84 -29.73 -1.49
N LYS B 224 -14.36 -30.93 -1.15
CA LYS B 224 -14.54 -32.10 -2.00
C LYS B 224 -15.55 -32.93 -1.20
N VAL B 225 -16.78 -33.00 -1.69
CA VAL B 225 -17.83 -33.70 -0.96
C VAL B 225 -17.56 -35.13 -0.49
N SER B 226 -16.72 -35.87 -1.22
CA SER B 226 -16.44 -37.26 -0.85
C SER B 226 -15.07 -37.50 -0.24
N LYS B 227 -14.49 -36.45 0.35
CA LYS B 227 -13.18 -36.58 0.99
C LYS B 227 -13.03 -35.71 2.23
N VAL B 228 -12.14 -36.13 3.12
CA VAL B 228 -11.85 -35.36 4.32
C VAL B 228 -10.49 -34.73 4.05
N GLN B 229 -10.50 -33.44 3.73
CA GLN B 229 -9.28 -32.72 3.46
C GLN B 229 -8.70 -32.03 4.69
N PHE B 230 -7.39 -32.09 4.83
CA PHE B 230 -6.71 -31.42 5.94
C PHE B 230 -5.40 -30.81 5.49
N SER B 231 -5.22 -29.54 5.82
CA SER B 231 -4.02 -28.78 5.46
C SER B 231 -3.40 -28.12 6.68
N VAL B 232 -2.08 -27.92 6.60
CA VAL B 232 -1.33 -27.30 7.67
C VAL B 232 -0.17 -26.49 7.09
N GLU B 233 0.14 -25.34 7.69
CA GLU B 233 1.24 -24.51 7.20
C GLU B 233 2.51 -25.21 7.68
N SER B 234 3.12 -25.97 6.78
CA SER B 234 4.30 -26.73 7.15
C SER B 234 4.98 -27.18 5.86
N GLU B 235 6.21 -27.63 5.96
CA GLU B 235 6.92 -28.11 4.80
C GLU B 235 6.80 -29.63 4.73
N TYR B 236 6.05 -30.19 5.69
CA TYR B 236 5.82 -31.61 5.77
C TYR B 236 4.46 -31.90 6.40
N LEU B 237 3.84 -33.00 5.99
CA LEU B 237 2.56 -33.40 6.57
C LEU B 237 2.70 -34.81 7.11
N GLU B 238 2.20 -35.04 8.32
CA GLU B 238 2.29 -36.35 8.93
C GLU B 238 1.02 -36.74 9.65
N TYR B 239 0.42 -37.84 9.22
CA TYR B 239 -0.80 -38.32 9.82
C TYR B 239 -0.70 -39.83 10.06
N PHE B 240 -1.54 -40.33 10.96
CA PHE B 240 -1.55 -41.73 11.31
C PHE B 240 -2.93 -42.33 11.04
N VAL B 241 -2.98 -43.41 10.26
CA VAL B 241 -4.25 -44.08 9.99
C VAL B 241 -4.33 -45.18 11.06
N ILE B 242 -5.44 -45.24 11.77
CA ILE B 242 -5.60 -46.20 12.85
C ILE B 242 -6.73 -47.17 12.56
N ASP B 243 -6.37 -48.46 12.53
CA ASP B 243 -7.32 -49.52 12.23
C ASP B 243 -8.25 -49.85 13.41
N GLY B 244 -9.47 -50.25 13.08
CA GLY B 244 -10.43 -50.61 14.10
C GLY B 244 -10.43 -52.10 14.39
N PRO B 245 -11.33 -52.86 13.75
CA PRO B 245 -12.36 -52.43 12.80
C PRO B 245 -13.61 -51.76 13.40
N THR B 246 -13.69 -51.72 14.72
CA THR B 246 -14.84 -51.09 15.38
C THR B 246 -14.43 -49.76 16.01
N PRO B 247 -15.40 -48.85 16.20
CA PRO B 247 -15.10 -47.56 16.81
C PRO B 247 -14.34 -47.74 18.13
N LYS B 248 -14.82 -48.63 18.99
CA LYS B 248 -14.15 -48.86 20.26
C LYS B 248 -12.72 -49.36 20.07
N ALA B 249 -12.49 -50.17 19.03
CA ALA B 249 -11.14 -50.68 18.78
C ALA B 249 -10.22 -49.55 18.32
N VAL B 250 -10.76 -48.61 17.54
CA VAL B 250 -9.99 -47.47 17.07
C VAL B 250 -9.53 -46.65 18.28
N LEU B 251 -10.49 -46.33 19.16
CA LEU B 251 -10.22 -45.56 20.36
C LEU B 251 -9.24 -46.27 21.27
N ASP B 252 -9.30 -47.60 21.28
CA ASP B 252 -8.40 -48.37 22.12
C ASP B 252 -6.97 -48.08 21.66
N ARG B 253 -6.74 -48.21 20.36
CA ARG B 253 -5.43 -47.94 19.79
C ARG B 253 -5.06 -46.46 19.95
N TYR B 254 -5.99 -45.58 19.62
CA TYR B 254 -5.72 -44.14 19.74
C TYR B 254 -5.25 -43.73 21.14
N THR B 255 -5.97 -44.17 22.17
CA THR B 255 -5.59 -43.82 23.55
C THR B 255 -4.34 -44.57 24.01
N ARG B 256 -4.07 -45.71 23.40
CA ARG B 256 -2.86 -46.46 23.77
C ARG B 256 -1.69 -45.68 23.18
N PHE B 257 -1.99 -44.99 22.09
CA PHE B 257 -1.03 -44.17 21.35
C PHE B 257 -0.78 -42.79 21.95
N THR B 258 -1.85 -42.07 22.28
CA THR B 258 -1.76 -40.71 22.83
C THR B 258 -1.91 -40.56 24.35
N GLY B 259 -2.50 -41.57 25.00
CA GLY B 259 -2.67 -41.50 26.44
C GLY B 259 -3.96 -42.11 26.93
N ARG B 260 -3.87 -42.89 27.99
CA ARG B 260 -5.04 -43.54 28.58
C ARG B 260 -5.70 -42.65 29.64
N PRO B 261 -7.03 -42.49 29.57
CA PRO B 261 -7.70 -41.65 30.58
C PRO B 261 -7.40 -42.28 31.94
N ALA B 262 -7.22 -41.46 32.96
CA ALA B 262 -6.95 -41.99 34.28
C ALA B 262 -8.28 -42.36 34.93
N LEU B 263 -8.26 -43.26 35.91
CA LEU B 263 -9.48 -43.65 36.59
C LEU B 263 -9.72 -42.72 37.78
N PRO B 264 -10.74 -41.86 37.68
CA PRO B 264 -11.07 -40.92 38.77
C PRO B 264 -11.56 -41.64 40.01
N PRO B 265 -11.21 -41.12 41.21
CA PRO B 265 -11.63 -41.72 42.48
C PRO B 265 -13.15 -41.75 42.59
N ALA B 266 -13.66 -42.80 43.23
CA ALA B 266 -15.11 -42.98 43.39
C ALA B 266 -15.87 -41.75 43.86
N TRP B 267 -15.31 -41.03 44.82
CA TRP B 267 -15.99 -39.84 45.34
C TRP B 267 -16.28 -38.77 44.30
N SER B 268 -15.41 -38.63 43.30
CA SER B 268 -15.62 -37.62 42.26
C SER B 268 -16.92 -37.86 41.48
N PHE B 269 -17.41 -39.09 41.52
CA PHE B 269 -18.64 -39.43 40.79
C PHE B 269 -19.91 -38.95 41.50
N GLY B 270 -19.76 -38.44 42.73
CA GLY B 270 -20.91 -37.95 43.47
C GLY B 270 -21.41 -36.60 42.95
N LEU B 271 -22.31 -35.96 43.68
CA LEU B 271 -22.84 -34.67 43.25
C LEU B 271 -21.92 -33.52 43.64
N TRP B 272 -21.72 -32.60 42.69
CA TRP B 272 -20.87 -31.42 42.90
C TRP B 272 -21.74 -30.18 42.99
N LEU B 273 -21.40 -29.27 43.89
CA LEU B 273 -22.15 -28.03 44.05
C LEU B 273 -21.19 -26.84 44.11
N THR B 274 -21.49 -25.80 43.32
CA THR B 274 -20.63 -24.63 43.26
C THR B 274 -21.25 -23.38 43.90
N THR B 275 -20.40 -22.40 44.15
CA THR B 275 -20.82 -21.13 44.73
C THR B 275 -21.44 -20.31 43.61
N SER B 276 -21.12 -20.68 42.38
CA SER B 276 -21.56 -20.00 41.16
C SER B 276 -20.48 -18.97 40.81
N PHE B 277 -20.65 -18.28 39.70
CA PHE B 277 -19.65 -17.34 39.25
C PHE B 277 -19.59 -15.96 39.91
N THR B 278 -20.41 -15.03 39.45
CA THR B 278 -20.42 -13.67 40.00
C THR B 278 -21.44 -13.45 41.12
N THR B 279 -21.94 -14.54 41.68
CA THR B 279 -22.89 -14.48 42.78
C THR B 279 -22.09 -14.11 44.02
N ASN B 280 -22.76 -13.86 45.14
CA ASN B 280 -22.04 -13.51 46.36
C ASN B 280 -21.89 -14.71 47.28
N TYR B 281 -20.76 -14.81 47.96
CA TYR B 281 -20.53 -15.92 48.87
C TYR B 281 -19.36 -15.77 49.83
N ASP B 282 -19.54 -16.35 51.01
CA ASP B 282 -18.53 -16.36 52.08
C ASP B 282 -18.85 -17.62 52.89
N GLU B 283 -18.11 -17.90 53.95
CA GLU B 283 -18.36 -19.12 54.72
C GLU B 283 -19.82 -19.27 55.17
N ALA B 284 -20.52 -18.15 55.29
CA ALA B 284 -21.93 -18.19 55.71
C ALA B 284 -22.77 -18.77 54.59
N THR B 285 -22.58 -18.25 53.38
CA THR B 285 -23.32 -18.72 52.21
C THR B 285 -23.03 -20.21 52.05
N VAL B 286 -21.76 -20.55 52.12
CA VAL B 286 -21.32 -21.94 51.97
C VAL B 286 -22.07 -22.90 52.90
N ASN B 287 -21.81 -22.78 54.20
CA ASN B 287 -22.46 -23.64 55.18
C ASN B 287 -23.98 -23.58 55.02
N SER B 288 -24.48 -22.42 54.61
CA SER B 288 -25.90 -22.26 54.40
C SER B 288 -26.38 -23.34 53.43
N PHE B 289 -25.77 -23.38 52.24
CA PHE B 289 -26.12 -24.36 51.21
C PHE B 289 -25.95 -25.80 51.70
N ILE B 290 -24.76 -26.11 52.22
CA ILE B 290 -24.48 -27.46 52.70
C ILE B 290 -25.56 -27.95 53.68
N ASP B 291 -26.03 -27.05 54.53
CA ASP B 291 -27.06 -27.39 55.50
C ASP B 291 -28.43 -27.46 54.86
N GLY B 292 -28.62 -26.70 53.79
CA GLY B 292 -29.90 -26.72 53.09
C GLY B 292 -30.08 -28.04 52.37
N MET B 293 -28.96 -28.62 51.94
CA MET B 293 -28.97 -29.90 51.24
C MET B 293 -29.27 -30.99 52.27
N ALA B 294 -28.58 -30.94 53.41
CA ALA B 294 -28.74 -31.92 54.47
C ALA B 294 -30.15 -31.90 55.06
N GLU B 295 -30.71 -30.71 55.22
CA GLU B 295 -32.06 -30.56 55.77
C GLU B 295 -33.08 -31.21 54.85
N ARG B 296 -32.84 -31.09 53.55
CA ARG B 296 -33.75 -31.65 52.56
C ARG B 296 -33.42 -33.08 52.17
N ASN B 297 -32.41 -33.66 52.83
CA ASN B 297 -31.99 -35.03 52.55
C ASN B 297 -31.47 -35.17 51.12
N LEU B 298 -30.70 -34.18 50.69
CA LEU B 298 -30.12 -34.17 49.36
C LEU B 298 -28.62 -34.41 49.48
N PRO B 299 -28.15 -35.62 49.12
CA PRO B 299 -26.73 -35.96 49.20
C PRO B 299 -25.87 -34.94 48.44
N LEU B 300 -24.68 -34.70 48.96
CA LEU B 300 -23.73 -33.77 48.36
C LEU B 300 -22.37 -34.32 48.69
N HIS B 301 -21.47 -34.39 47.70
CA HIS B 301 -20.17 -34.96 47.98
C HIS B 301 -18.96 -34.09 47.69
N VAL B 302 -19.15 -33.02 46.93
CA VAL B 302 -18.04 -32.12 46.63
C VAL B 302 -18.51 -30.67 46.53
N PHE B 303 -17.75 -29.76 47.14
CA PHE B 303 -18.10 -28.35 47.06
C PHE B 303 -16.99 -27.55 46.42
N HIS B 304 -17.39 -26.66 45.51
CA HIS B 304 -16.45 -25.84 44.76
C HIS B 304 -16.51 -24.34 45.03
N PHE B 305 -15.33 -23.75 45.19
CA PHE B 305 -15.15 -22.32 45.41
C PHE B 305 -14.74 -21.70 44.08
N ASP B 306 -15.58 -20.87 43.50
CA ASP B 306 -15.22 -20.25 42.23
C ASP B 306 -14.44 -18.95 42.46
N CYS B 307 -14.02 -18.33 41.36
CA CYS B 307 -13.23 -17.08 41.33
C CYS B 307 -13.08 -16.23 42.57
N PHE B 308 -14.20 -15.67 43.04
CA PHE B 308 -14.18 -14.78 44.18
C PHE B 308 -13.65 -15.30 45.51
N TRP B 309 -12.97 -16.44 45.51
CA TRP B 309 -12.38 -16.90 46.75
C TRP B 309 -11.09 -16.08 46.84
N MET B 310 -10.80 -15.39 45.74
CA MET B 310 -9.63 -14.51 45.62
C MET B 310 -10.16 -13.10 45.35
N LYS B 311 -9.30 -12.11 45.57
CA LYS B 311 -9.66 -10.71 45.37
C LYS B 311 -9.82 -10.37 43.90
N ALA B 312 -10.89 -9.66 43.56
CA ALA B 312 -11.15 -9.29 42.18
C ALA B 312 -9.96 -8.58 41.53
N PHE B 313 -9.83 -8.75 40.22
CA PHE B 313 -8.76 -8.15 39.43
C PHE B 313 -7.36 -8.68 39.78
N GLN B 314 -7.28 -9.59 40.73
CA GLN B 314 -5.99 -10.18 41.11
C GLN B 314 -6.08 -11.67 40.83
N TRP B 315 -7.04 -12.05 40.00
CA TRP B 315 -7.26 -13.46 39.72
C TRP B 315 -6.11 -14.36 39.37
N CYS B 316 -5.95 -15.25 40.34
CA CYS B 316 -4.99 -16.33 40.47
C CYS B 316 -3.58 -16.02 40.89
N ASP B 317 -3.50 -15.40 42.06
CA ASP B 317 -2.24 -15.09 42.72
C ASP B 317 -2.32 -16.03 43.93
N PHE B 318 -3.43 -16.77 43.99
CA PHE B 318 -3.69 -17.75 45.03
C PHE B 318 -3.90 -17.24 46.45
N GLU B 319 -4.33 -15.99 46.61
CA GLU B 319 -4.55 -15.46 47.95
C GLU B 319 -6.01 -15.30 48.32
N TRP B 320 -6.42 -15.99 49.39
CA TRP B 320 -7.79 -15.92 49.86
C TRP B 320 -8.17 -14.49 50.23
N ASP B 321 -9.36 -14.05 49.85
CA ASP B 321 -9.78 -12.70 50.19
C ASP B 321 -9.97 -12.64 51.69
N PRO B 322 -9.23 -11.74 52.37
CA PRO B 322 -9.30 -11.58 53.82
C PRO B 322 -10.71 -11.23 54.29
N LEU B 323 -11.36 -10.35 53.54
CA LEU B 323 -12.69 -9.91 53.90
C LEU B 323 -13.68 -11.07 53.87
N THR B 324 -13.71 -11.79 52.77
CA THR B 324 -14.63 -12.91 52.61
C THR B 324 -14.22 -14.15 53.41
N PHE B 325 -12.96 -14.54 53.31
CA PHE B 325 -12.50 -15.74 54.01
C PHE B 325 -11.35 -15.47 54.96
N PRO B 326 -11.67 -14.98 56.16
CA PRO B 326 -10.73 -14.65 57.23
C PRO B 326 -9.82 -15.82 57.59
N ASP B 327 -10.41 -16.99 57.73
CA ASP B 327 -9.66 -18.19 58.09
C ASP B 327 -9.97 -19.31 57.11
N PRO B 328 -9.15 -19.44 56.06
CA PRO B 328 -9.35 -20.49 55.04
C PRO B 328 -9.26 -21.88 55.64
N GLU B 329 -8.07 -22.21 56.15
CA GLU B 329 -7.80 -23.51 56.75
C GLU B 329 -8.90 -23.99 57.69
N GLY B 330 -9.35 -23.10 58.59
CA GLY B 330 -10.39 -23.48 59.52
C GLY B 330 -11.66 -23.85 58.78
N MET B 331 -12.03 -23.03 57.82
CA MET B 331 -13.23 -23.24 57.02
C MET B 331 -13.25 -24.59 56.30
N ILE B 332 -12.11 -24.98 55.72
CA ILE B 332 -12.05 -26.25 55.00
C ILE B 332 -12.21 -27.44 55.96
N ARG B 333 -11.74 -27.28 57.20
CA ARG B 333 -11.88 -28.36 58.19
C ARG B 333 -13.33 -28.63 58.49
N ARG B 334 -14.08 -27.58 58.84
CA ARG B 334 -15.50 -27.73 59.16
C ARG B 334 -16.25 -28.30 57.98
N LEU B 335 -15.97 -27.78 56.80
CA LEU B 335 -16.62 -28.23 55.58
C LEU B 335 -16.32 -29.70 55.30
N LYS B 336 -15.05 -30.06 55.40
CA LYS B 336 -14.64 -31.43 55.15
C LYS B 336 -15.14 -32.37 56.24
N ALA B 337 -15.26 -31.86 57.45
CA ALA B 337 -15.73 -32.65 58.58
C ALA B 337 -17.16 -33.13 58.34
N LYS B 338 -17.87 -32.45 57.45
CA LYS B 338 -19.24 -32.81 57.12
C LYS B 338 -19.31 -33.85 56.00
N GLY B 339 -18.20 -34.55 55.79
CA GLY B 339 -18.15 -35.55 54.73
C GLY B 339 -18.19 -34.91 53.36
N LEU B 340 -17.31 -33.95 53.14
CA LEU B 340 -17.24 -33.24 51.87
C LEU B 340 -15.82 -33.10 51.35
N LYS B 341 -15.72 -33.04 50.03
CA LYS B 341 -14.46 -32.85 49.35
C LYS B 341 -14.48 -31.42 48.83
N ILE B 342 -13.33 -30.77 48.81
CA ILE B 342 -13.28 -29.39 48.35
C ILE B 342 -12.45 -29.16 47.09
N CYS B 343 -13.00 -28.35 46.19
CA CYS B 343 -12.35 -28.00 44.94
C CYS B 343 -12.40 -26.48 44.79
N VAL B 344 -11.29 -25.88 44.36
CA VAL B 344 -11.24 -24.44 44.16
C VAL B 344 -10.81 -24.06 42.75
N TRP B 345 -11.37 -22.95 42.26
CA TRP B 345 -11.09 -22.41 40.94
C TRP B 345 -9.63 -21.93 40.82
N ILE B 346 -9.07 -22.09 39.64
CA ILE B 346 -7.70 -21.65 39.35
C ILE B 346 -7.60 -21.44 37.84
N ASN B 347 -6.57 -20.74 37.40
CA ASN B 347 -6.35 -20.55 35.98
C ASN B 347 -4.91 -20.18 35.74
N PRO B 348 -4.48 -20.10 34.48
CA PRO B 348 -3.08 -19.75 34.19
C PRO B 348 -2.74 -18.29 33.95
N TYR B 349 -3.68 -17.38 34.17
CA TYR B 349 -3.41 -15.96 33.96
C TYR B 349 -3.33 -15.25 35.32
N ILE B 350 -2.82 -14.03 35.33
CA ILE B 350 -2.71 -13.27 36.57
C ILE B 350 -2.86 -11.78 36.32
N GLY B 351 -3.78 -11.17 37.06
CA GLY B 351 -4.03 -9.75 36.93
C GLY B 351 -2.96 -8.83 37.48
N GLN B 352 -2.80 -7.68 36.85
CA GLN B 352 -1.81 -6.69 37.24
C GLN B 352 -2.01 -6.13 38.65
N LYS B 353 -3.26 -6.01 39.08
CA LYS B 353 -3.56 -5.49 40.41
C LYS B 353 -2.99 -6.31 41.55
N SER B 354 -2.73 -7.59 41.32
CA SER B 354 -2.20 -8.44 42.38
C SER B 354 -0.76 -8.09 42.73
N PRO B 355 -0.44 -8.06 44.04
CA PRO B 355 0.91 -7.75 44.54
C PRO B 355 1.94 -8.74 44.01
N VAL B 356 1.48 -9.96 43.76
CA VAL B 356 2.31 -11.05 43.25
C VAL B 356 2.76 -10.82 41.79
N PHE B 357 1.97 -10.04 41.05
CA PHE B 357 2.26 -9.74 39.66
C PHE B 357 3.67 -9.17 39.49
N LYS B 358 4.00 -8.16 40.29
CA LYS B 358 5.32 -7.53 40.20
C LYS B 358 6.41 -8.52 40.57
N GLU B 359 6.11 -9.44 41.48
CA GLU B 359 7.08 -10.44 41.89
C GLU B 359 7.40 -11.34 40.69
N LEU B 360 6.35 -11.81 40.02
CA LEU B 360 6.50 -12.68 38.87
C LEU B 360 7.21 -11.98 37.72
N GLN B 361 6.88 -10.70 37.53
CA GLN B 361 7.48 -9.91 36.48
C GLN B 361 8.98 -9.75 36.67
N GLU B 362 9.38 -9.58 37.93
CA GLU B 362 10.80 -9.44 38.25
C GLU B 362 11.57 -10.75 38.07
N LYS B 363 10.95 -11.86 38.45
CA LYS B 363 11.60 -13.15 38.32
C LYS B 363 11.54 -13.69 36.88
N GLY B 364 10.74 -13.04 36.04
CA GLY B 364 10.62 -13.44 34.64
C GLY B 364 9.81 -14.70 34.42
N TYR B 365 8.69 -14.82 35.13
CA TYR B 365 7.83 -15.99 35.03
C TYR B 365 6.60 -15.79 34.15
N LEU B 366 6.44 -14.60 33.58
CA LEU B 366 5.29 -14.33 32.72
C LEU B 366 5.68 -14.24 31.26
N LEU B 367 4.81 -14.76 30.39
CA LEU B 367 5.04 -14.76 28.96
C LEU B 367 5.43 -13.38 28.46
N LYS B 368 6.55 -13.29 27.75
CA LYS B 368 7.04 -12.02 27.22
C LYS B 368 6.86 -11.89 25.73
N ARG B 369 6.88 -10.65 25.24
CA ARG B 369 6.79 -10.40 23.81
C ARG B 369 8.23 -10.49 23.31
N PRO B 370 8.42 -10.47 21.99
CA PRO B 370 9.79 -10.57 21.45
C PRO B 370 10.74 -9.51 22.00
N ASP B 371 10.26 -8.28 22.17
CA ASP B 371 11.11 -7.20 22.67
C ASP B 371 11.52 -7.31 24.14
N GLY B 372 11.01 -8.30 24.84
CA GLY B 372 11.37 -8.44 26.24
C GLY B 372 10.31 -7.96 27.21
N SER B 373 9.40 -7.13 26.73
CA SER B 373 8.31 -6.64 27.57
C SER B 373 7.30 -7.76 27.78
N LEU B 374 6.39 -7.58 28.75
CA LEU B 374 5.37 -8.58 29.03
C LEU B 374 4.23 -8.54 28.03
N TRP B 375 3.65 -9.70 27.75
CA TRP B 375 2.51 -9.75 26.86
C TRP B 375 1.31 -9.42 27.77
N GLN B 376 0.48 -8.46 27.38
CA GLN B 376 -0.67 -8.04 28.20
C GLN B 376 -1.87 -7.50 27.44
N TRP B 377 -3.05 -7.69 28.03
CA TRP B 377 -4.30 -7.16 27.49
C TRP B 377 -5.33 -7.04 28.62
N ASP B 378 -6.50 -6.47 28.33
CA ASP B 378 -7.49 -6.30 29.37
C ASP B 378 -8.70 -7.21 29.32
N LYS B 379 -8.55 -8.38 28.71
CA LYS B 379 -9.65 -9.32 28.64
C LYS B 379 -9.60 -10.21 29.86
N TRP B 380 -10.75 -10.44 30.48
CA TRP B 380 -10.87 -11.26 31.67
C TRP B 380 -10.37 -10.53 32.92
N GLN B 381 -9.15 -10.01 32.87
CA GLN B 381 -8.55 -9.28 33.99
C GLN B 381 -7.67 -8.16 33.44
N PRO B 382 -7.74 -6.96 34.06
CA PRO B 382 -6.91 -5.83 33.59
C PRO B 382 -5.40 -6.10 33.73
N GLY B 383 -4.64 -5.71 32.71
CA GLY B 383 -3.21 -5.94 32.73
C GLY B 383 -2.88 -7.42 32.88
N LEU B 384 -3.80 -8.27 32.42
CA LEU B 384 -3.64 -9.72 32.52
C LEU B 384 -2.40 -10.25 31.80
N ALA B 385 -1.56 -10.99 32.54
CA ALA B 385 -0.36 -11.60 31.98
C ALA B 385 -0.56 -13.11 32.05
N ILE B 386 0.32 -13.86 31.37
CA ILE B 386 0.21 -15.32 31.34
C ILE B 386 1.42 -16.03 31.93
N TYR B 387 1.17 -17.06 32.76
CA TYR B 387 2.26 -17.81 33.36
C TYR B 387 2.97 -18.60 32.23
N ASP B 388 4.28 -18.39 32.09
CA ASP B 388 5.06 -19.07 31.06
C ASP B 388 5.44 -20.44 31.60
N PHE B 389 4.65 -21.44 31.26
CA PHE B 389 4.92 -22.79 31.74
C PHE B 389 6.09 -23.49 31.05
N THR B 390 6.78 -22.82 30.13
CA THR B 390 7.94 -23.46 29.52
C THR B 390 9.15 -23.10 30.36
N ASN B 391 8.94 -22.23 31.34
CA ASN B 391 9.99 -21.80 32.26
C ASN B 391 9.91 -22.74 33.46
N PRO B 392 10.98 -23.46 33.75
CA PRO B 392 11.06 -24.41 34.88
C PRO B 392 10.81 -23.82 36.26
N ASP B 393 11.39 -22.66 36.51
CA ASP B 393 11.22 -22.01 37.82
C ASP B 393 9.79 -21.56 37.94
N ALA B 394 9.25 -21.02 36.85
CA ALA B 394 7.87 -20.55 36.84
C ALA B 394 6.96 -21.72 37.19
N CYS B 395 7.24 -22.89 36.61
CA CYS B 395 6.42 -24.07 36.89
C CYS B 395 6.47 -24.42 38.37
N LYS B 396 7.67 -24.46 38.94
CA LYS B 396 7.81 -24.79 40.35
C LYS B 396 7.03 -23.81 41.22
N TRP B 397 7.16 -22.51 40.93
CA TRP B 397 6.45 -21.48 41.68
C TRP B 397 4.96 -21.80 41.71
N TYR B 398 4.35 -21.87 40.54
CA TYR B 398 2.92 -22.16 40.43
C TYR B 398 2.56 -23.44 41.17
N ALA B 399 3.31 -24.50 40.90
CA ALA B 399 3.05 -25.78 41.53
C ALA B 399 3.06 -25.66 43.05
N ASP B 400 4.03 -24.91 43.57
CA ASP B 400 4.11 -24.75 45.01
C ASP B 400 2.89 -24.09 45.62
N LYS B 401 2.35 -23.07 44.95
CA LYS B 401 1.15 -22.41 45.47
C LYS B 401 0.04 -23.45 45.58
N LEU B 402 -0.02 -24.34 44.59
CA LEU B 402 -1.04 -25.39 44.57
C LEU B 402 -0.85 -26.38 45.72
N LYS B 403 0.40 -26.73 46.01
CA LYS B 403 0.67 -27.66 47.10
C LYS B 403 0.22 -27.01 48.40
N GLY B 404 0.38 -25.70 48.47
CA GLY B 404 -0.04 -24.97 49.65
C GLY B 404 -1.53 -25.12 49.86
N LEU B 405 -2.29 -25.04 48.78
CA LEU B 405 -3.74 -25.19 48.88
C LEU B 405 -4.11 -26.63 49.23
N VAL B 406 -3.34 -27.57 48.71
CA VAL B 406 -3.59 -28.99 48.98
C VAL B 406 -3.33 -29.29 50.44
N ALA B 407 -2.21 -28.77 50.94
CA ALA B 407 -1.83 -28.99 52.33
C ALA B 407 -2.86 -28.35 53.25
N MET B 408 -3.60 -27.40 52.70
CA MET B 408 -4.62 -26.68 53.45
C MET B 408 -5.93 -27.46 53.48
N GLY B 409 -5.98 -28.57 52.76
CA GLY B 409 -7.20 -29.37 52.75
C GLY B 409 -7.95 -29.39 51.43
N VAL B 410 -7.48 -28.63 50.45
CA VAL B 410 -8.14 -28.63 49.14
C VAL B 410 -7.86 -30.00 48.55
N ASP B 411 -8.84 -30.56 47.85
CA ASP B 411 -8.67 -31.89 47.28
C ASP B 411 -8.43 -31.94 45.78
N CYS B 412 -9.04 -31.02 45.05
CA CYS B 412 -8.89 -31.00 43.60
C CYS B 412 -9.01 -29.59 43.07
N PHE B 413 -8.73 -29.41 41.78
CA PHE B 413 -8.80 -28.10 41.17
C PHE B 413 -9.65 -28.02 39.90
N LYS B 414 -10.17 -26.82 39.64
CA LYS B 414 -10.94 -26.60 38.43
C LYS B 414 -9.99 -25.74 37.59
N THR B 415 -9.40 -26.37 36.58
CA THR B 415 -8.47 -25.69 35.68
C THR B 415 -9.27 -25.00 34.59
N ASP B 416 -9.68 -23.77 34.86
CA ASP B 416 -10.46 -23.02 33.91
C ASP B 416 -9.51 -22.31 32.93
N PHE B 417 -10.07 -21.82 31.84
CA PHE B 417 -9.33 -21.11 30.79
C PHE B 417 -8.11 -21.87 30.26
N GLY B 418 -7.19 -21.13 29.64
CA GLY B 418 -5.99 -21.72 29.09
C GLY B 418 -6.05 -21.84 27.58
N GLU B 419 -7.11 -21.33 26.96
CA GLU B 419 -7.23 -21.45 25.52
C GLU B 419 -6.75 -20.26 24.69
N ARG B 420 -6.93 -19.03 25.18
CA ARG B 420 -6.51 -17.86 24.42
C ARG B 420 -5.02 -17.54 24.54
N ILE B 421 -4.18 -18.41 23.99
CA ILE B 421 -2.75 -18.19 24.05
C ILE B 421 -2.29 -17.39 22.84
N PRO B 422 -1.58 -16.29 23.06
CA PRO B 422 -1.10 -15.47 21.95
C PRO B 422 0.09 -16.10 21.24
N THR B 423 0.29 -15.75 19.98
CA THR B 423 1.41 -16.30 19.23
C THR B 423 2.50 -15.27 19.03
N ASP B 424 2.16 -13.98 19.15
CA ASP B 424 3.14 -12.92 18.96
C ASP B 424 3.98 -12.74 20.23
N VAL B 425 4.57 -13.84 20.69
CA VAL B 425 5.37 -13.86 21.90
C VAL B 425 6.64 -14.66 21.70
N GLN B 426 7.35 -14.88 22.80
CA GLN B 426 8.58 -15.65 22.77
C GLN B 426 8.67 -16.45 24.05
N TRP B 427 8.38 -17.75 23.94
CA TRP B 427 8.42 -18.63 25.10
C TRP B 427 9.83 -18.78 25.67
N PHE B 428 9.90 -19.11 26.95
CA PHE B 428 11.17 -19.29 27.64
C PHE B 428 12.06 -20.32 26.92
N ASP B 429 11.52 -21.50 26.69
CA ASP B 429 12.27 -22.56 26.03
C ASP B 429 12.46 -22.36 24.53
N GLY B 430 11.86 -21.33 23.96
CA GLY B 430 12.02 -21.08 22.54
C GLY B 430 11.07 -21.85 21.64
N SER B 431 10.08 -22.51 22.23
CA SER B 431 9.11 -23.27 21.45
C SER B 431 8.55 -22.45 20.30
N ASP B 432 7.86 -23.10 19.38
CA ASP B 432 7.26 -22.40 18.27
C ASP B 432 5.89 -21.93 18.75
N PRO B 433 5.60 -20.62 18.65
CA PRO B 433 4.32 -20.05 19.09
C PRO B 433 3.11 -20.75 18.50
N GLN B 434 3.16 -21.03 17.20
CA GLN B 434 2.05 -21.68 16.51
C GLN B 434 1.73 -23.06 17.06
N LYS B 435 2.71 -23.72 17.67
CA LYS B 435 2.46 -25.05 18.24
C LYS B 435 2.10 -24.95 19.72
N MET B 436 2.65 -23.95 20.41
CA MET B 436 2.36 -23.76 21.84
C MET B 436 0.91 -23.40 22.10
N HIS B 437 0.26 -22.73 21.16
CA HIS B 437 -1.13 -22.33 21.36
C HIS B 437 -2.04 -23.45 21.89
N ASN B 438 -2.09 -24.57 21.17
CA ASN B 438 -2.92 -25.70 21.60
C ASN B 438 -2.22 -26.53 22.67
N HIS B 439 -0.91 -26.67 22.58
CA HIS B 439 -0.19 -27.50 23.55
C HIS B 439 -0.16 -26.92 24.97
N TYR B 440 -0.48 -25.64 25.10
CA TYR B 440 -0.49 -24.98 26.40
C TYR B 440 -1.48 -25.69 27.34
N ALA B 441 -2.69 -25.92 26.85
CA ALA B 441 -3.71 -26.58 27.65
C ALA B 441 -3.14 -27.86 28.26
N TYR B 442 -2.39 -28.62 27.48
CA TYR B 442 -1.80 -29.87 27.93
C TYR B 442 -0.76 -29.67 29.03
N ILE B 443 0.18 -28.76 28.81
CA ILE B 443 1.23 -28.49 29.78
C ILE B 443 0.64 -27.93 31.08
N TYR B 444 -0.39 -27.11 30.93
CA TYR B 444 -1.09 -26.49 32.05
C TYR B 444 -1.66 -27.57 32.96
N ASN B 445 -2.59 -28.35 32.44
CA ASN B 445 -3.23 -29.41 33.19
C ASN B 445 -2.27 -30.47 33.73
N GLU B 446 -1.31 -30.87 32.91
CA GLU B 446 -0.35 -31.88 33.34
C GLU B 446 0.31 -31.43 34.65
N LEU B 447 0.77 -30.19 34.66
CA LEU B 447 1.43 -29.61 35.83
C LEU B 447 0.56 -29.72 37.08
N VAL B 448 -0.68 -29.27 36.98
CA VAL B 448 -1.60 -29.32 38.11
C VAL B 448 -1.81 -30.78 38.52
N TRP B 449 -2.06 -31.63 37.52
CA TRP B 449 -2.27 -33.05 37.77
C TRP B 449 -1.12 -33.66 38.55
N ASN B 450 0.10 -33.37 38.11
CA ASN B 450 1.28 -33.90 38.79
C ASN B 450 1.42 -33.45 40.23
N VAL B 451 0.77 -32.34 40.59
CA VAL B 451 0.83 -31.85 41.97
C VAL B 451 -0.09 -32.72 42.81
N LEU B 452 -1.31 -32.97 42.33
CA LEU B 452 -2.24 -33.82 43.06
C LEU B 452 -1.60 -35.20 43.20
N LYS B 453 -1.03 -35.68 42.09
CA LYS B 453 -0.38 -36.98 42.04
C LYS B 453 0.66 -37.13 43.14
N ASP B 454 1.45 -36.08 43.35
CA ASP B 454 2.50 -36.13 44.36
C ASP B 454 2.06 -35.77 45.77
N THR B 455 0.88 -35.16 45.91
CA THR B 455 0.39 -34.80 47.23
C THR B 455 -0.67 -35.81 47.70
N VAL B 456 -1.89 -35.70 47.18
CA VAL B 456 -2.96 -36.61 47.55
C VAL B 456 -2.74 -38.03 47.01
N GLY B 457 -1.85 -38.16 46.04
CA GLY B 457 -1.61 -39.47 45.46
C GLY B 457 -2.37 -39.60 44.15
N GLU B 458 -1.81 -40.36 43.21
CA GLU B 458 -2.43 -40.54 41.91
C GLU B 458 -3.86 -41.06 41.96
N GLU B 459 -4.09 -42.11 42.75
CA GLU B 459 -5.41 -42.72 42.87
C GLU B 459 -6.49 -41.70 43.23
N GLU B 460 -6.10 -40.61 43.87
CA GLU B 460 -7.04 -39.58 44.30
C GLU B 460 -7.15 -38.37 43.37
N ALA B 461 -6.15 -38.15 42.54
CA ALA B 461 -6.13 -37.00 41.64
C ALA B 461 -7.31 -36.90 40.66
N VAL B 462 -7.78 -35.68 40.46
CA VAL B 462 -8.88 -35.39 39.54
C VAL B 462 -8.96 -33.87 39.35
N LEU B 463 -9.46 -33.45 38.19
CA LEU B 463 -9.57 -32.03 37.89
C LEU B 463 -10.90 -31.76 37.18
N PHE B 464 -11.13 -30.49 36.90
CA PHE B 464 -12.32 -30.06 36.17
C PHE B 464 -11.73 -29.06 35.17
N ALA B 465 -11.25 -29.59 34.05
CA ALA B 465 -10.60 -28.80 33.00
C ALA B 465 -11.52 -28.35 31.87
N ARG B 466 -11.31 -27.12 31.41
CA ARG B 466 -12.13 -26.57 30.32
C ARG B 466 -11.43 -26.65 28.96
N SER B 467 -10.11 -26.60 28.96
CA SER B 467 -9.37 -26.67 27.71
C SER B 467 -8.57 -27.96 27.62
N ALA B 468 -8.31 -28.41 26.41
CA ALA B 468 -7.57 -29.65 26.22
C ALA B 468 -6.87 -29.74 24.88
N SER B 469 -5.88 -30.62 24.82
CA SER B 469 -5.09 -30.85 23.63
C SER B 469 -4.83 -32.36 23.58
N VAL B 470 -4.19 -32.85 22.52
CA VAL B 470 -3.92 -34.29 22.42
C VAL B 470 -3.13 -34.79 23.62
N GLY B 471 -3.65 -35.83 24.25
CA GLY B 471 -2.99 -36.40 25.41
C GLY B 471 -3.54 -35.93 26.73
N ALA B 472 -4.37 -34.88 26.68
CA ALA B 472 -4.96 -34.29 27.87
C ALA B 472 -6.04 -35.15 28.51
N GLN B 473 -6.47 -36.20 27.81
CA GLN B 473 -7.50 -37.10 28.33
C GLN B 473 -6.94 -37.83 29.56
N LYS B 474 -5.63 -37.84 29.69
CA LYS B 474 -4.94 -38.49 30.81
C LYS B 474 -5.17 -37.83 32.17
N PHE B 475 -5.63 -36.57 32.17
CA PHE B 475 -5.89 -35.82 33.39
C PHE B 475 -7.39 -35.61 33.40
N PRO B 476 -8.13 -36.71 33.61
CA PRO B 476 -9.58 -36.93 33.66
C PRO B 476 -10.54 -35.88 34.14
N VAL B 477 -11.72 -36.00 33.54
CA VAL B 477 -12.90 -35.17 33.71
C VAL B 477 -12.75 -33.73 33.27
N HIS B 478 -13.42 -33.45 32.16
CA HIS B 478 -13.46 -32.15 31.52
C HIS B 478 -14.94 -31.80 31.49
N TRP B 479 -15.27 -30.52 31.51
CA TRP B 479 -16.68 -30.16 31.48
C TRP B 479 -16.95 -29.25 30.29
N GLY B 480 -18.15 -29.32 29.76
CA GLY B 480 -18.55 -28.56 28.58
C GLY B 480 -18.54 -27.04 28.56
N GLY B 481 -17.93 -26.40 29.54
CA GLY B 481 -17.87 -24.95 29.54
C GLY B 481 -19.14 -24.14 29.77
N ASP B 482 -19.15 -22.93 29.21
CA ASP B 482 -20.25 -21.98 29.36
C ASP B 482 -21.46 -22.12 28.42
N CYS B 483 -22.47 -22.86 28.89
CA CYS B 483 -23.69 -23.10 28.14
C CYS B 483 -24.84 -22.26 28.71
N TYR B 484 -25.92 -22.09 27.95
CA TYR B 484 -27.06 -21.30 28.41
C TYR B 484 -28.18 -22.13 29.02
N ALA B 485 -29.10 -21.44 29.67
CA ALA B 485 -30.23 -22.10 30.34
C ALA B 485 -31.48 -22.32 29.48
N ASN B 486 -31.33 -23.14 28.44
CA ASN B 486 -32.45 -23.49 27.57
C ASN B 486 -32.17 -24.86 26.95
N TYR B 487 -33.23 -25.48 26.43
CA TYR B 487 -33.12 -26.81 25.83
C TYR B 487 -32.13 -26.88 24.68
N GLU B 488 -32.27 -25.98 23.71
CA GLU B 488 -31.37 -25.97 22.57
C GLU B 488 -29.92 -26.06 23.02
N SER B 489 -29.55 -25.26 24.02
CA SER B 489 -28.18 -25.27 24.54
C SER B 489 -27.87 -26.54 25.32
N MET B 490 -28.92 -27.18 25.83
CA MET B 490 -28.74 -28.43 26.58
C MET B 490 -28.36 -29.50 25.54
N ALA B 491 -29.04 -29.47 24.40
CA ALA B 491 -28.79 -30.40 23.31
C ALA B 491 -27.38 -30.16 22.77
N GLU B 492 -27.04 -28.90 22.49
CA GLU B 492 -25.74 -28.58 21.95
C GLU B 492 -24.64 -29.09 22.87
N SER B 493 -24.91 -29.10 24.18
CA SER B 493 -23.92 -29.56 25.15
C SER B 493 -23.76 -31.08 25.09
N LEU B 494 -24.86 -31.79 24.91
CA LEU B 494 -24.80 -33.26 24.80
C LEU B 494 -23.94 -33.58 23.57
N ARG B 495 -24.19 -32.90 22.45
CA ARG B 495 -23.42 -33.11 21.24
C ARG B 495 -21.93 -32.96 21.53
N GLY B 496 -21.59 -31.94 22.31
CA GLY B 496 -20.19 -31.73 22.66
C GLY B 496 -19.63 -32.85 23.51
N GLY B 497 -20.46 -33.37 24.41
CA GLY B 497 -20.01 -34.47 25.27
C GLY B 497 -19.82 -35.77 24.51
N LEU B 498 -20.69 -36.02 23.55
CA LEU B 498 -20.59 -37.23 22.75
C LEU B 498 -19.33 -37.12 21.90
N SER B 499 -19.13 -35.94 21.32
CA SER B 499 -17.98 -35.68 20.45
C SER B 499 -16.63 -35.87 21.13
N ILE B 500 -16.51 -35.42 22.37
CA ILE B 500 -15.26 -35.53 23.09
C ILE B 500 -14.95 -36.98 23.43
N GLY B 501 -16.00 -37.76 23.66
CA GLY B 501 -15.83 -39.17 23.96
C GLY B 501 -15.30 -39.85 22.71
N LEU B 502 -15.77 -39.38 21.56
CA LEU B 502 -15.33 -39.90 20.26
C LEU B 502 -13.97 -39.31 19.90
N SER B 503 -13.33 -38.62 20.86
CA SER B 503 -12.02 -38.03 20.63
C SER B 503 -10.98 -38.48 21.64
N GLY B 504 -11.28 -39.58 22.34
CA GLY B 504 -10.33 -40.11 23.30
C GLY B 504 -10.47 -39.71 24.76
N PHE B 505 -11.52 -38.98 25.10
CA PHE B 505 -11.73 -38.56 26.48
C PHE B 505 -12.79 -39.43 27.14
N GLY B 506 -12.43 -40.08 28.25
CA GLY B 506 -13.37 -40.97 28.91
C GLY B 506 -14.38 -40.42 29.90
N PHE B 507 -14.12 -39.23 30.44
CA PHE B 507 -15.04 -38.65 31.42
C PHE B 507 -15.39 -37.20 31.08
N TRP B 508 -16.68 -36.90 31.12
CA TRP B 508 -17.17 -35.57 30.79
C TRP B 508 -18.29 -35.12 31.72
N SER B 509 -18.36 -33.82 31.95
CA SER B 509 -19.38 -33.24 32.82
C SER B 509 -19.87 -31.93 32.21
N HIS B 510 -20.95 -31.39 32.76
CA HIS B 510 -21.50 -30.14 32.29
C HIS B 510 -22.21 -29.43 33.45
N ASP B 511 -22.61 -28.19 33.23
CA ASP B 511 -23.30 -27.41 34.26
C ASP B 511 -24.80 -27.66 34.27
N ILE B 512 -25.27 -28.38 35.29
CA ILE B 512 -26.69 -28.69 35.42
C ILE B 512 -27.50 -27.41 35.60
N GLY B 513 -28.51 -27.23 34.76
CA GLY B 513 -29.33 -26.03 34.84
C GLY B 513 -28.85 -24.97 33.88
N GLY B 514 -27.61 -25.13 33.39
CA GLY B 514 -27.04 -24.16 32.47
C GLY B 514 -26.20 -23.12 33.19
N PHE B 515 -25.12 -22.68 32.56
CA PHE B 515 -24.25 -21.68 33.17
C PHE B 515 -24.89 -20.28 33.09
N GLU B 516 -24.86 -19.69 31.90
CA GLU B 516 -25.45 -18.36 31.69
C GLU B 516 -26.97 -18.37 31.77
N ASN B 517 -27.52 -17.31 32.35
CA ASN B 517 -28.96 -17.16 32.52
C ASN B 517 -29.51 -18.11 33.57
N THR B 518 -30.74 -17.86 33.97
CA THR B 518 -31.41 -18.69 34.97
C THR B 518 -32.49 -19.49 34.26
N ALA B 519 -32.38 -20.80 34.36
CA ALA B 519 -33.32 -21.69 33.69
C ALA B 519 -34.69 -21.76 34.34
N PRO B 520 -35.75 -21.82 33.52
CA PRO B 520 -37.10 -21.90 34.07
C PRO B 520 -37.12 -23.19 34.89
N ALA B 521 -38.12 -23.35 35.75
CA ALA B 521 -38.17 -24.55 36.59
C ALA B 521 -38.06 -25.86 35.79
N HIS B 522 -38.87 -25.99 34.75
CA HIS B 522 -38.88 -27.22 33.96
C HIS B 522 -37.57 -27.54 33.25
N VAL B 523 -36.87 -26.53 32.77
CA VAL B 523 -35.59 -26.75 32.11
C VAL B 523 -34.63 -27.32 33.14
N TYR B 524 -34.60 -26.70 34.32
CA TYR B 524 -33.73 -27.13 35.42
C TYR B 524 -33.93 -28.61 35.76
N LYS B 525 -35.18 -29.02 35.90
CA LYS B 525 -35.48 -30.41 36.23
C LYS B 525 -34.96 -31.36 35.16
N ARG B 526 -35.35 -31.14 33.91
CA ARG B 526 -34.91 -31.98 32.81
C ARG B 526 -33.39 -32.12 32.79
N TRP B 527 -32.70 -30.99 32.89
CA TRP B 527 -31.24 -30.96 32.87
C TRP B 527 -30.66 -31.75 34.04
N CYS B 528 -31.43 -31.89 35.12
CA CYS B 528 -30.97 -32.62 36.29
C CYS B 528 -30.79 -34.11 36.03
N ALA B 529 -31.81 -34.73 35.44
CA ALA B 529 -31.77 -36.15 35.13
C ALA B 529 -30.56 -36.41 34.25
N PHE B 530 -30.44 -35.62 33.18
CA PHE B 530 -29.32 -35.72 32.27
C PHE B 530 -28.02 -35.58 33.05
N GLY B 531 -27.90 -34.51 33.83
CA GLY B 531 -26.69 -34.28 34.61
C GLY B 531 -26.27 -35.40 35.56
N LEU B 532 -27.23 -36.01 36.25
CA LEU B 532 -26.92 -37.09 37.17
C LEU B 532 -26.66 -38.40 36.42
N LEU B 533 -27.10 -38.46 35.16
CA LEU B 533 -26.89 -39.62 34.30
C LEU B 533 -25.65 -39.39 33.40
N SER B 534 -24.70 -38.60 33.88
CA SER B 534 -23.47 -38.32 33.13
C SER B 534 -22.33 -38.83 34.00
N SER B 535 -21.15 -39.04 33.42
CA SER B 535 -20.03 -39.56 34.22
C SER B 535 -19.77 -38.70 35.46
N HIS B 536 -19.91 -37.38 35.32
CA HIS B 536 -19.70 -36.47 36.44
C HIS B 536 -20.76 -35.37 36.46
N SER B 537 -21.34 -35.14 37.64
CA SER B 537 -22.41 -34.16 37.79
C SER B 537 -22.09 -32.98 38.69
N ARG B 538 -22.31 -31.77 38.18
CA ARG B 538 -22.04 -30.56 38.95
C ARG B 538 -23.09 -29.48 38.74
N LEU B 539 -23.43 -28.80 39.83
CA LEU B 539 -24.41 -27.70 39.81
C LEU B 539 -23.59 -26.41 39.84
N HIS B 540 -23.57 -25.70 38.73
CA HIS B 540 -22.82 -24.45 38.62
C HIS B 540 -23.59 -23.41 37.83
N GLY B 541 -23.44 -22.15 38.21
CA GLY B 541 -24.14 -21.08 37.52
C GLY B 541 -23.25 -19.85 37.38
N SER B 542 -23.68 -18.92 36.54
CA SER B 542 -22.92 -17.70 36.31
C SER B 542 -23.36 -16.56 37.22
N LYS B 543 -24.62 -16.15 37.09
CA LYS B 543 -25.18 -15.03 37.87
C LYS B 543 -26.22 -15.46 38.92
N SER B 544 -26.38 -16.75 39.13
CA SER B 544 -27.34 -17.24 40.11
C SER B 544 -26.92 -18.57 40.68
N TYR B 545 -27.55 -18.96 41.79
CA TYR B 545 -27.23 -20.21 42.44
C TYR B 545 -27.97 -21.37 41.77
N ARG B 546 -27.39 -22.56 41.86
CA ARG B 546 -27.97 -23.75 41.25
C ARG B 546 -28.55 -24.70 42.29
N VAL B 547 -28.96 -24.16 43.44
CA VAL B 547 -29.56 -24.97 44.48
C VAL B 547 -30.99 -25.30 44.08
N PRO B 548 -31.39 -26.57 44.27
CA PRO B 548 -32.73 -27.08 43.94
C PRO B 548 -33.85 -26.14 44.35
N TRP B 549 -33.85 -25.76 45.63
CA TRP B 549 -34.89 -24.90 46.17
C TRP B 549 -34.90 -23.50 45.55
N ALA B 550 -33.93 -23.23 44.67
CA ALA B 550 -33.88 -21.93 44.02
C ALA B 550 -34.88 -21.88 42.85
N TYR B 551 -35.42 -23.05 42.49
CA TYR B 551 -36.38 -23.12 41.40
C TYR B 551 -37.78 -23.47 41.89
N ASP B 552 -37.89 -24.58 42.64
CA ASP B 552 -39.15 -25.02 43.22
C ASP B 552 -38.92 -26.23 44.12
N ASP B 553 -39.99 -26.75 44.71
CA ASP B 553 -39.87 -27.90 45.59
C ASP B 553 -39.70 -29.19 44.80
N GLU B 554 -40.45 -29.31 43.71
CA GLU B 554 -40.36 -30.49 42.86
C GLU B 554 -38.91 -30.70 42.46
N SER B 555 -38.20 -29.60 42.24
CA SER B 555 -36.80 -29.65 41.85
C SER B 555 -35.97 -30.44 42.86
N CYS B 556 -36.32 -30.32 44.14
CA CYS B 556 -35.60 -31.04 45.18
C CYS B 556 -35.86 -32.54 45.07
N ASP B 557 -37.09 -32.90 44.70
CA ASP B 557 -37.47 -34.30 44.55
C ASP B 557 -36.66 -34.90 43.40
N VAL B 558 -36.53 -34.12 42.34
CA VAL B 558 -35.78 -34.53 41.17
C VAL B 558 -34.30 -34.72 41.53
N VAL B 559 -33.69 -33.71 42.11
CA VAL B 559 -32.28 -33.79 42.49
C VAL B 559 -31.99 -34.96 43.43
N ARG B 560 -32.92 -35.24 44.34
CA ARG B 560 -32.74 -36.30 45.30
C ARG B 560 -32.94 -37.67 44.66
N PHE B 561 -33.97 -37.77 43.82
CA PHE B 561 -34.28 -39.01 43.12
C PHE B 561 -33.07 -39.51 42.33
N PHE B 562 -32.57 -38.66 41.45
CA PHE B 562 -31.44 -39.03 40.61
C PHE B 562 -30.10 -39.10 41.32
N THR B 563 -29.90 -38.29 42.35
CA THR B 563 -28.63 -38.35 43.08
C THR B 563 -28.52 -39.69 43.79
N GLN B 564 -29.64 -40.14 44.37
CA GLN B 564 -29.67 -41.42 45.07
C GLN B 564 -29.49 -42.55 44.07
N LEU B 565 -30.19 -42.43 42.94
CA LEU B 565 -30.12 -43.40 41.87
C LEU B 565 -28.68 -43.64 41.43
N LYS B 566 -27.98 -42.54 41.14
CA LYS B 566 -26.60 -42.64 40.68
C LYS B 566 -25.73 -43.39 41.69
N CYS B 567 -25.84 -43.00 42.96
CA CYS B 567 -25.05 -43.64 44.01
C CYS B 567 -25.28 -45.15 44.01
N ARG B 568 -26.50 -45.55 43.69
CA ARG B 568 -26.84 -46.97 43.64
C ARG B 568 -26.25 -47.67 42.41
N MET B 569 -26.15 -46.94 41.30
CA MET B 569 -25.60 -47.51 40.05
C MET B 569 -24.07 -47.59 40.03
N MET B 570 -23.42 -47.08 41.07
CA MET B 570 -21.97 -47.08 41.12
C MET B 570 -21.24 -48.40 40.89
N PRO B 571 -21.82 -49.54 41.33
CA PRO B 571 -21.14 -50.83 41.11
C PRO B 571 -20.97 -51.05 39.60
N TYR B 572 -21.98 -50.60 38.86
CA TYR B 572 -21.98 -50.69 37.41
C TYR B 572 -21.13 -49.54 36.88
N LEU B 573 -21.59 -48.31 37.12
CA LEU B 573 -20.90 -47.11 36.67
C LEU B 573 -19.40 -47.13 36.85
N TYR B 574 -18.92 -47.51 38.04
CA TYR B 574 -17.50 -47.52 38.27
C TYR B 574 -16.79 -48.61 37.45
N ARG B 575 -17.53 -49.64 37.05
CA ARG B 575 -16.92 -50.69 36.25
C ARG B 575 -16.70 -50.12 34.85
N GLU B 576 -17.71 -49.44 34.33
CA GLU B 576 -17.63 -48.84 33.01
C GLU B 576 -16.54 -47.79 33.00
N ALA B 577 -16.35 -47.13 34.13
CA ALA B 577 -15.32 -46.11 34.24
C ALA B 577 -13.97 -46.81 34.09
N ALA B 578 -13.88 -48.04 34.59
CA ALA B 578 -12.66 -48.81 34.50
C ALA B 578 -12.25 -49.04 33.03
N ARG B 579 -13.25 -49.29 32.18
CA ARG B 579 -12.98 -49.51 30.76
C ARG B 579 -12.35 -48.30 30.11
N ALA B 580 -12.79 -47.11 30.51
CA ALA B 580 -12.25 -45.88 29.95
C ALA B 580 -10.75 -45.78 30.20
N ASN B 581 -10.30 -46.30 31.33
CA ASN B 581 -8.87 -46.28 31.66
C ASN B 581 -8.12 -47.43 31.02
N ALA B 582 -8.83 -48.54 30.81
CA ALA B 582 -8.23 -49.73 30.21
C ALA B 582 -8.24 -49.70 28.68
N ARG B 583 -9.41 -49.45 28.09
CA ARG B 583 -9.53 -49.44 26.63
C ARG B 583 -9.83 -48.08 25.99
N GLY B 584 -10.05 -47.07 26.82
CA GLY B 584 -10.35 -45.75 26.28
C GLY B 584 -11.76 -45.63 25.75
N THR B 585 -12.67 -46.46 26.26
CA THR B 585 -14.07 -46.40 25.84
C THR B 585 -14.73 -45.41 26.79
N PRO B 586 -15.23 -44.28 26.26
CA PRO B 586 -15.88 -43.27 27.12
C PRO B 586 -17.14 -43.80 27.82
N MET B 587 -17.42 -43.28 29.01
CA MET B 587 -18.60 -43.72 29.74
C MET B 587 -19.87 -43.26 29.03
N MET B 588 -19.81 -42.10 28.40
CA MET B 588 -20.96 -41.58 27.66
C MET B 588 -20.64 -41.88 26.20
N ARG B 589 -21.40 -42.78 25.58
CA ARG B 589 -21.13 -43.18 24.21
C ARG B 589 -22.21 -42.94 23.19
N ALA B 590 -21.83 -42.37 22.05
CA ALA B 590 -22.78 -42.12 20.98
C ALA B 590 -23.29 -43.49 20.54
N MET B 591 -24.53 -43.56 20.09
CA MET B 591 -25.09 -44.83 19.66
C MET B 591 -24.23 -45.53 18.59
N MET B 592 -23.69 -44.77 17.64
CA MET B 592 -22.88 -45.36 16.59
C MET B 592 -21.66 -46.13 17.12
N MET B 593 -21.16 -45.73 18.28
CA MET B 593 -20.01 -46.38 18.88
C MET B 593 -20.35 -47.71 19.55
N GLU B 594 -21.52 -47.81 20.16
CA GLU B 594 -21.94 -49.04 20.83
C GLU B 594 -22.61 -50.00 19.84
N PHE B 595 -23.29 -49.44 18.84
CA PHE B 595 -23.96 -50.25 17.81
C PHE B 595 -23.52 -49.78 16.41
N PRO B 596 -22.24 -50.01 16.08
CA PRO B 596 -21.63 -49.65 14.80
C PRO B 596 -22.22 -50.24 13.53
N ASP B 597 -22.89 -51.38 13.64
CA ASP B 597 -23.47 -51.99 12.45
C ASP B 597 -24.93 -51.58 12.20
N ASP B 598 -25.49 -50.76 13.08
CA ASP B 598 -26.88 -50.32 12.94
C ASP B 598 -26.98 -48.99 12.18
N PRO B 599 -27.45 -49.04 10.92
CA PRO B 599 -27.61 -47.86 10.06
C PRO B 599 -28.54 -46.78 10.62
N ALA B 600 -29.29 -47.11 11.66
CA ALA B 600 -30.21 -46.15 12.26
C ALA B 600 -29.51 -45.32 13.34
N CYS B 601 -28.29 -45.74 13.72
CA CYS B 601 -27.51 -45.07 14.75
C CYS B 601 -26.44 -44.10 14.24
N ASP B 602 -26.40 -43.85 12.93
CA ASP B 602 -25.39 -42.97 12.37
C ASP B 602 -25.46 -41.51 12.84
N TYR B 603 -26.67 -40.96 12.88
CA TYR B 603 -26.89 -39.57 13.25
C TYR B 603 -27.49 -39.30 14.62
N LEU B 604 -27.81 -40.35 15.36
CA LEU B 604 -28.40 -40.18 16.68
C LEU B 604 -27.53 -39.33 17.60
N ASP B 605 -28.05 -38.17 18.02
CA ASP B 605 -27.31 -37.26 18.92
C ASP B 605 -28.08 -36.78 20.16
N ARG B 606 -29.35 -37.17 20.30
CA ARG B 606 -30.16 -36.76 21.45
C ARG B 606 -30.34 -37.88 22.48
N GLN B 607 -29.56 -38.94 22.34
CA GLN B 607 -29.61 -40.06 23.27
C GLN B 607 -28.21 -40.63 23.31
N TYR B 608 -27.98 -41.60 24.18
CA TYR B 608 -26.65 -42.17 24.29
C TYR B 608 -26.63 -43.39 25.17
N MET B 609 -25.48 -44.06 25.21
CA MET B 609 -25.32 -45.23 26.03
C MET B 609 -24.41 -44.86 27.19
N LEU B 610 -24.87 -45.13 28.41
CA LEU B 610 -24.09 -44.87 29.60
C LEU B 610 -23.55 -46.24 29.95
N GLY B 611 -22.28 -46.48 29.62
CA GLY B 611 -21.74 -47.80 29.88
C GLY B 611 -22.25 -48.73 28.79
N ASP B 612 -21.83 -49.99 28.85
CA ASP B 612 -22.24 -50.98 27.84
C ASP B 612 -23.72 -51.32 27.78
N ASN B 613 -24.39 -51.39 28.94
CA ASN B 613 -25.78 -51.82 28.98
C ASN B 613 -26.99 -50.89 29.13
N VAL B 614 -26.79 -49.59 29.33
CA VAL B 614 -27.96 -48.73 29.47
C VAL B 614 -28.06 -47.55 28.51
N MET B 615 -29.27 -47.36 27.97
CA MET B 615 -29.56 -46.29 27.04
C MET B 615 -30.36 -45.21 27.74
N VAL B 616 -29.87 -43.97 27.69
CA VAL B 616 -30.58 -42.86 28.30
C VAL B 616 -30.85 -41.76 27.29
N ALA B 617 -32.12 -41.39 27.16
CA ALA B 617 -32.54 -40.33 26.25
C ALA B 617 -33.11 -39.16 27.06
N PRO B 618 -32.34 -38.07 27.19
CA PRO B 618 -32.82 -36.90 27.95
C PRO B 618 -34.08 -36.30 27.33
N VAL B 619 -34.93 -35.72 28.19
CA VAL B 619 -36.16 -35.09 27.73
C VAL B 619 -35.84 -33.62 27.48
N PHE B 620 -36.09 -33.16 26.25
CA PHE B 620 -35.79 -31.80 25.84
C PHE B 620 -37.01 -30.90 25.69
N THR B 621 -38.10 -31.24 26.37
CA THR B 621 -39.30 -30.43 26.29
C THR B 621 -39.94 -30.25 27.66
N GLU B 622 -40.77 -29.22 27.78
CA GLU B 622 -41.44 -28.96 29.04
C GLU B 622 -42.50 -30.04 29.24
N ALA B 623 -43.35 -30.21 28.25
CA ALA B 623 -44.42 -31.19 28.28
C ALA B 623 -43.92 -32.59 28.65
N GLY B 624 -42.70 -32.93 28.24
CA GLY B 624 -42.15 -34.23 28.57
C GLY B 624 -42.08 -35.24 27.42
N ASP B 625 -42.45 -34.81 26.22
CA ASP B 625 -42.40 -35.68 25.05
C ASP B 625 -40.97 -36.02 24.70
N VAL B 626 -40.74 -37.24 24.25
CA VAL B 626 -39.40 -37.66 23.88
C VAL B 626 -39.44 -38.82 22.88
N GLN B 627 -38.65 -38.68 21.82
CA GLN B 627 -38.56 -39.73 20.81
C GLN B 627 -37.14 -40.22 20.76
N PHE B 628 -36.98 -41.53 20.91
CA PHE B 628 -35.66 -42.14 20.90
C PHE B 628 -35.70 -43.43 20.11
N TYR B 629 -34.54 -43.85 19.62
CA TYR B 629 -34.44 -45.09 18.86
C TYR B 629 -33.81 -46.17 19.74
N LEU B 630 -34.25 -47.40 19.53
CA LEU B 630 -33.75 -48.52 20.32
C LEU B 630 -33.19 -49.62 19.40
N PRO B 631 -31.91 -50.01 19.61
CA PRO B 631 -31.31 -51.07 18.78
C PRO B 631 -31.97 -52.42 19.05
N GLU B 632 -31.61 -53.41 18.23
CA GLU B 632 -32.15 -54.77 18.35
C GLU B 632 -32.20 -55.31 19.78
N GLY B 633 -33.28 -56.03 20.10
CA GLY B 633 -33.42 -56.61 21.42
C GLY B 633 -34.63 -56.07 22.19
N ARG B 634 -34.97 -56.74 23.28
CA ARG B 634 -36.09 -56.30 24.10
C ARG B 634 -35.52 -55.57 25.32
N TRP B 635 -35.71 -54.25 25.34
CA TRP B 635 -35.17 -53.43 26.41
C TRP B 635 -36.12 -53.29 27.60
N THR B 636 -35.54 -53.22 28.80
CA THR B 636 -36.31 -53.09 30.03
C THR B 636 -35.95 -51.79 30.72
N HIS B 637 -36.94 -50.99 31.08
CA HIS B 637 -36.65 -49.74 31.78
C HIS B 637 -36.01 -50.03 33.13
N LEU B 638 -34.94 -49.29 33.44
CA LEU B 638 -34.19 -49.48 34.67
C LEU B 638 -35.01 -49.59 35.96
N TRP B 639 -36.04 -48.77 36.11
CA TRP B 639 -36.84 -48.85 37.33
C TRP B 639 -38.34 -48.94 37.06
N HIS B 640 -38.78 -48.53 35.86
CA HIS B 640 -40.19 -48.63 35.53
C HIS B 640 -40.48 -50.08 35.15
N ASN B 641 -39.42 -50.84 34.93
CA ASN B 641 -39.48 -52.25 34.59
C ASN B 641 -40.41 -52.60 33.42
N ASP B 642 -40.74 -51.62 32.59
CA ASP B 642 -41.58 -51.87 31.42
C ASP B 642 -40.66 -52.28 30.26
N GLU B 643 -41.21 -52.98 29.27
CA GLU B 643 -40.40 -53.46 28.15
C GLU B 643 -40.74 -52.90 26.78
N LEU B 644 -39.73 -52.84 25.92
CA LEU B 644 -39.86 -52.34 24.54
C LEU B 644 -39.03 -53.18 23.57
N ASP B 645 -39.58 -53.44 22.40
CA ASP B 645 -38.86 -54.21 21.38
C ASP B 645 -37.96 -53.26 20.60
N GLY B 646 -36.76 -53.72 20.28
CA GLY B 646 -35.80 -52.88 19.57
C GLY B 646 -35.97 -52.71 18.06
N SER B 647 -34.89 -52.26 17.42
CA SER B 647 -34.83 -52.02 15.98
C SER B 647 -35.90 -51.04 15.50
N ARG B 648 -36.21 -50.02 16.31
CA ARG B 648 -37.22 -49.04 15.92
C ARG B 648 -37.27 -47.80 16.83
N TRP B 649 -38.00 -46.78 16.40
CA TRP B 649 -38.15 -45.56 17.17
C TRP B 649 -39.35 -45.64 18.12
N HIS B 650 -39.24 -44.94 19.25
CA HIS B 650 -40.29 -44.91 20.25
C HIS B 650 -40.62 -43.48 20.66
N LYS B 651 -41.90 -43.23 20.94
CA LYS B 651 -42.35 -41.91 21.35
C LYS B 651 -43.10 -42.04 22.69
N GLN B 652 -42.46 -41.54 23.75
CA GLN B 652 -43.03 -41.61 25.09
C GLN B 652 -43.23 -40.23 25.71
N GLN B 653 -43.66 -40.21 26.96
CA GLN B 653 -43.86 -38.96 27.70
C GLN B 653 -43.55 -39.20 29.17
N HIS B 654 -42.66 -38.39 29.72
CA HIS B 654 -42.28 -38.55 31.11
C HIS B 654 -42.45 -37.29 31.96
N GLY B 655 -42.63 -37.50 33.27
CA GLY B 655 -42.76 -36.39 34.20
C GLY B 655 -41.35 -36.02 34.58
N PHE B 656 -41.18 -35.04 35.45
CA PHE B 656 -39.86 -34.60 35.86
C PHE B 656 -39.08 -35.61 36.69
N LEU B 657 -39.73 -36.71 37.06
CA LEU B 657 -39.03 -37.71 37.86
C LEU B 657 -38.68 -38.91 36.99
N SER B 658 -38.90 -38.78 35.68
CA SER B 658 -38.64 -39.86 34.75
C SER B 658 -38.11 -39.44 33.37
N LEU B 659 -37.49 -40.40 32.68
CA LEU B 659 -36.95 -40.20 31.33
C LEU B 659 -36.52 -41.57 30.85
N PRO B 660 -36.49 -41.78 29.52
CA PRO B 660 -36.07 -43.09 29.00
C PRO B 660 -34.69 -43.52 29.50
N VAL B 661 -34.66 -44.64 30.21
CA VAL B 661 -33.43 -45.23 30.75
C VAL B 661 -33.62 -46.74 30.61
N TYR B 662 -33.27 -47.27 29.44
CA TYR B 662 -33.47 -48.69 29.16
C TYR B 662 -32.26 -49.62 29.17
N VAL B 663 -32.45 -50.79 29.76
CA VAL B 663 -31.39 -51.80 29.87
C VAL B 663 -31.48 -52.82 28.72
N ARG B 664 -30.32 -53.22 28.20
CA ARG B 664 -30.24 -54.20 27.11
C ARG B 664 -30.64 -55.57 27.62
N ASP B 665 -31.14 -56.40 26.71
CA ASP B 665 -31.51 -57.76 27.06
C ASP B 665 -30.22 -58.53 27.31
N ASN B 666 -30.32 -59.68 27.97
CA ASN B 666 -29.13 -60.47 28.27
C ASN B 666 -28.16 -59.65 29.10
N THR B 667 -28.70 -58.87 30.04
CA THR B 667 -27.88 -58.03 30.91
C THR B 667 -27.95 -58.46 32.37
N LEU B 668 -26.80 -58.47 33.03
CA LEU B 668 -26.72 -58.81 34.43
C LEU B 668 -26.14 -57.58 35.13
N LEU B 669 -27.04 -56.69 35.54
CA LEU B 669 -26.67 -55.44 36.18
C LEU B 669 -26.45 -55.56 37.70
N ALA B 670 -25.61 -54.70 38.25
CA ALA B 670 -25.32 -54.71 39.68
C ALA B 670 -25.60 -53.35 40.34
N LEU B 671 -26.60 -53.31 41.22
CA LEU B 671 -26.95 -52.07 41.92
C LEU B 671 -26.49 -52.14 43.38
N GLY B 672 -26.13 -50.97 43.93
CA GLY B 672 -25.66 -50.91 45.30
C GLY B 672 -26.73 -50.75 46.37
N ASN B 673 -26.33 -50.91 47.62
CA ASN B 673 -27.26 -50.80 48.75
C ASN B 673 -27.02 -49.50 49.54
N ASN B 674 -26.29 -48.57 48.93
CA ASN B 674 -26.01 -47.28 49.54
C ASN B 674 -26.41 -46.20 48.54
N ASP B 675 -27.52 -45.51 48.81
CA ASP B 675 -27.99 -44.47 47.91
C ASP B 675 -27.68 -43.08 48.47
N GLN B 676 -26.64 -43.01 49.30
CA GLN B 676 -26.23 -41.76 49.91
C GLN B 676 -24.89 -41.27 49.42
N ARG B 677 -23.96 -42.20 49.18
CA ARG B 677 -22.63 -41.84 48.71
C ARG B 677 -22.17 -42.77 47.58
N PRO B 678 -21.33 -42.25 46.66
CA PRO B 678 -20.81 -43.01 45.53
C PRO B 678 -19.76 -44.05 45.93
N ASP B 679 -18.92 -43.69 46.89
CA ASP B 679 -17.85 -44.55 47.36
C ASP B 679 -18.18 -45.38 48.61
N TYR B 680 -18.36 -46.68 48.41
CA TYR B 680 -18.66 -47.60 49.49
C TYR B 680 -18.29 -49.03 49.12
N VAL B 681 -18.75 -49.98 49.92
CA VAL B 681 -18.48 -51.39 49.66
C VAL B 681 -19.53 -51.92 48.67
N TRP B 682 -19.17 -51.87 47.39
CA TRP B 682 -20.05 -52.30 46.31
C TRP B 682 -20.30 -53.82 46.27
N HIS B 683 -19.26 -54.58 46.59
CA HIS B 683 -19.36 -56.05 46.59
C HIS B 683 -19.89 -56.56 47.92
N GLU B 684 -20.86 -55.84 48.48
CA GLU B 684 -21.42 -56.24 49.75
C GLU B 684 -22.84 -55.67 49.84
N GLY B 685 -23.83 -56.56 49.85
CA GLY B 685 -25.21 -56.14 49.92
C GLY B 685 -25.72 -55.82 48.53
N THR B 686 -24.92 -56.20 47.54
CA THR B 686 -25.24 -55.95 46.15
C THR B 686 -26.53 -56.64 45.70
N ALA B 687 -27.27 -55.96 44.84
CA ALA B 687 -28.52 -56.50 44.31
C ALA B 687 -28.36 -56.65 42.80
N PHE B 688 -28.13 -57.88 42.35
CA PHE B 688 -27.97 -58.14 40.92
C PHE B 688 -29.33 -58.23 40.26
N HIS B 689 -29.39 -57.81 38.99
CA HIS B 689 -30.64 -57.84 38.24
C HIS B 689 -30.39 -58.41 36.84
N LEU B 690 -31.09 -59.50 36.54
CA LEU B 690 -30.96 -60.17 35.25
C LEU B 690 -32.06 -59.68 34.32
N PHE B 691 -31.66 -59.21 33.14
CA PHE B 691 -32.60 -58.69 32.17
C PHE B 691 -32.70 -59.56 30.92
N ASN B 692 -33.88 -60.16 30.73
CA ASN B 692 -34.16 -61.00 29.58
C ASN B 692 -33.00 -61.84 29.07
N LEU B 693 -32.54 -62.79 29.90
CA LEU B 693 -31.44 -63.67 29.51
C LEU B 693 -32.04 -64.64 28.51
N GLN B 694 -31.64 -64.53 27.26
CA GLN B 694 -32.17 -65.40 26.22
C GLN B 694 -31.54 -66.78 26.20
N ASP B 695 -32.32 -67.75 25.75
CA ASP B 695 -31.92 -69.14 25.64
C ASP B 695 -30.57 -69.25 24.90
N GLY B 696 -29.56 -69.76 25.60
CA GLY B 696 -28.26 -69.92 24.98
C GLY B 696 -27.33 -68.72 25.10
N HIS B 697 -27.59 -67.85 26.05
CA HIS B 697 -26.75 -66.67 26.24
C HIS B 697 -26.19 -66.61 27.67
N GLU B 698 -25.07 -65.92 27.82
CA GLU B 698 -24.46 -65.79 29.13
C GLU B 698 -24.25 -64.32 29.48
N ALA B 699 -24.89 -63.89 30.55
CA ALA B 699 -24.77 -62.50 31.00
C ALA B 699 -23.72 -62.48 32.10
N VAL B 700 -22.73 -61.61 31.97
CA VAL B 700 -21.67 -61.50 32.96
C VAL B 700 -21.74 -60.12 33.62
N CYS B 701 -21.32 -60.06 34.90
CA CYS B 701 -21.35 -58.82 35.67
C CYS B 701 -20.10 -58.74 36.54
N GLU B 702 -19.23 -57.77 36.26
CA GLU B 702 -18.01 -57.62 37.03
C GLU B 702 -18.09 -56.48 38.05
N VAL B 703 -18.25 -56.85 39.33
CA VAL B 703 -18.30 -55.87 40.39
C VAL B 703 -16.88 -55.44 40.67
N PRO B 704 -16.59 -54.15 40.48
CA PRO B 704 -15.25 -53.58 40.70
C PRO B 704 -14.88 -53.26 42.14
N ALA B 705 -13.58 -53.18 42.39
CA ALA B 705 -13.06 -52.84 43.70
C ALA B 705 -12.77 -51.33 43.69
N ALA B 706 -12.26 -50.81 44.79
CA ALA B 706 -11.96 -49.38 44.90
C ALA B 706 -11.04 -48.95 43.77
N ASP B 707 -9.92 -49.65 43.62
CA ASP B 707 -8.95 -49.34 42.57
C ASP B 707 -9.50 -49.65 41.18
N GLY B 708 -10.67 -50.28 41.11
CA GLY B 708 -11.25 -50.58 39.82
C GLY B 708 -11.14 -52.01 39.31
N SER B 709 -10.10 -52.73 39.73
CA SER B 709 -9.93 -54.11 39.29
C SER B 709 -11.20 -54.89 39.64
N VAL B 710 -11.40 -56.02 38.98
CA VAL B 710 -12.58 -56.84 39.23
C VAL B 710 -12.37 -57.64 40.52
N ILE B 711 -13.27 -57.45 41.48
CA ILE B 711 -13.19 -58.14 42.76
C ILE B 711 -14.17 -59.30 42.79
N PHE B 712 -15.20 -59.22 41.95
CA PHE B 712 -16.22 -60.26 41.87
C PHE B 712 -16.81 -60.30 40.47
N THR B 713 -17.03 -61.51 39.96
CA THR B 713 -17.60 -61.72 38.64
C THR B 713 -18.76 -62.70 38.74
N LEU B 714 -19.94 -62.28 38.31
CA LEU B 714 -21.11 -63.13 38.36
C LEU B 714 -21.55 -63.43 36.93
N LYS B 715 -21.96 -64.67 36.69
CA LYS B 715 -22.39 -65.09 35.35
C LYS B 715 -23.70 -65.87 35.41
N ALA B 716 -24.62 -65.54 34.51
CA ALA B 716 -25.90 -66.22 34.43
C ALA B 716 -26.04 -66.80 33.03
N ALA B 717 -25.75 -68.10 32.89
CA ALA B 717 -25.83 -68.76 31.59
C ALA B 717 -27.13 -69.55 31.45
N ARG B 718 -27.84 -69.34 30.35
CA ARG B 718 -29.08 -70.05 30.10
C ARG B 718 -28.86 -71.09 29.01
N THR B 719 -29.09 -72.35 29.35
CA THR B 719 -28.92 -73.44 28.40
C THR B 719 -30.17 -73.58 27.53
N GLY B 720 -31.22 -74.19 28.09
CA GLY B 720 -32.45 -74.36 27.34
C GLY B 720 -33.58 -73.71 28.09
N ASN B 721 -33.63 -73.96 29.40
CA ASN B 721 -34.66 -73.41 30.26
C ASN B 721 -34.04 -73.32 31.65
N THR B 722 -32.82 -73.82 31.75
CA THR B 722 -32.09 -73.80 33.01
C THR B 722 -30.94 -72.79 32.96
N ILE B 723 -31.00 -71.80 33.84
CA ILE B 723 -29.96 -70.79 33.90
C ILE B 723 -29.03 -71.11 35.07
N THR B 724 -27.77 -71.40 34.76
CA THR B 724 -26.80 -71.71 35.80
C THR B 724 -26.03 -70.45 36.19
N VAL B 725 -26.15 -70.07 37.46
CA VAL B 725 -25.47 -68.89 37.97
C VAL B 725 -24.24 -69.29 38.77
N THR B 726 -23.13 -68.59 38.54
CA THR B 726 -21.91 -68.88 39.25
C THR B 726 -21.21 -67.60 39.67
N GLY B 727 -20.62 -67.62 40.88
CA GLY B 727 -19.90 -66.47 41.38
C GLY B 727 -18.43 -66.82 41.59
N ALA B 728 -17.55 -65.89 41.22
CA ALA B 728 -16.12 -66.14 41.35
C ALA B 728 -15.36 -64.90 41.85
N GLY B 729 -15.06 -64.89 43.14
CA GLY B 729 -14.34 -63.76 43.71
C GLY B 729 -14.73 -63.51 45.16
N GLU B 730 -15.07 -62.25 45.47
CA GLU B 730 -15.44 -61.89 46.83
C GLU B 730 -16.68 -60.99 46.87
N ALA B 731 -17.71 -61.45 47.58
CA ALA B 731 -18.94 -60.68 47.70
C ALA B 731 -19.81 -61.30 48.79
N LYS B 732 -20.09 -60.51 49.82
CA LYS B 732 -20.91 -60.99 50.94
C LYS B 732 -22.36 -60.56 50.79
N ASN B 733 -23.24 -61.26 51.50
CA ASN B 733 -24.68 -60.99 51.51
C ASN B 733 -25.19 -60.28 50.26
N TRP B 734 -25.45 -61.04 49.21
CA TRP B 734 -25.98 -60.46 47.97
C TRP B 734 -27.18 -61.24 47.46
N THR B 735 -27.93 -60.63 46.54
CA THR B 735 -29.10 -61.26 45.97
C THR B 735 -29.13 -61.12 44.46
N LEU B 736 -30.15 -61.70 43.85
CA LEU B 736 -30.31 -61.66 42.40
C LEU B 736 -31.79 -61.64 42.04
N CYS B 737 -32.21 -60.61 41.33
CA CYS B 737 -33.61 -60.48 40.92
C CYS B 737 -33.86 -60.90 39.49
N LEU B 738 -34.88 -61.73 39.28
CA LEU B 738 -35.24 -62.18 37.94
C LEU B 738 -36.27 -61.22 37.37
N ARG B 739 -35.78 -60.16 36.75
CA ARG B 739 -36.60 -59.12 36.15
C ARG B 739 -37.78 -59.64 35.33
N ASN B 740 -38.97 -59.12 35.62
CA ASN B 740 -40.18 -59.51 34.91
C ASN B 740 -40.51 -61.00 34.95
N VAL B 741 -39.95 -61.72 35.91
CA VAL B 741 -40.20 -63.15 36.05
C VAL B 741 -41.02 -63.34 37.33
N VAL B 742 -42.34 -63.54 37.17
CA VAL B 742 -43.23 -63.71 38.30
C VAL B 742 -43.04 -64.98 39.12
N LYS B 743 -43.25 -66.14 38.50
CA LYS B 743 -43.11 -67.41 39.20
C LYS B 743 -42.29 -68.41 38.38
N VAL B 744 -41.16 -68.85 38.93
CA VAL B 744 -40.30 -69.80 38.24
C VAL B 744 -40.54 -71.20 38.79
N ASN B 745 -40.02 -72.21 38.11
CA ASN B 745 -40.17 -73.59 38.54
C ASN B 745 -39.12 -73.94 39.60
N GLY B 746 -38.24 -74.88 39.26
CA GLY B 746 -37.21 -75.31 40.20
C GLY B 746 -36.15 -74.27 40.55
N LEU B 747 -35.33 -74.61 41.53
CA LEU B 747 -34.26 -73.74 42.00
C LEU B 747 -33.24 -74.59 42.76
N GLN B 748 -31.96 -74.24 42.64
CA GLN B 748 -30.89 -74.98 43.31
C GLN B 748 -30.09 -74.10 44.27
N ASP B 749 -29.65 -74.69 45.37
CA ASP B 749 -28.87 -74.00 46.39
C ASP B 749 -29.20 -72.52 46.57
N GLY B 750 -30.49 -72.23 46.71
CA GLY B 750 -30.91 -70.85 46.89
C GLY B 750 -32.39 -70.69 47.22
N SER B 751 -32.71 -69.73 48.08
CA SER B 751 -34.09 -69.47 48.47
C SER B 751 -34.67 -68.38 47.56
N GLN B 752 -36.00 -68.33 47.47
CA GLN B 752 -36.65 -67.33 46.62
C GLN B 752 -37.71 -66.52 47.36
N ALA B 753 -38.13 -65.43 46.72
CA ALA B 753 -39.14 -64.54 47.28
C ALA B 753 -39.63 -63.59 46.19
N GLU B 754 -40.82 -63.04 46.35
CA GLU B 754 -41.40 -62.12 45.37
C GLU B 754 -40.98 -60.66 45.53
N SER B 755 -41.42 -59.85 44.59
CA SER B 755 -41.16 -58.41 44.54
C SER B 755 -41.86 -57.93 43.27
N GLU B 756 -42.33 -56.69 43.26
CA GLU B 756 -43.03 -56.16 42.11
C GLU B 756 -42.18 -56.00 40.85
N GLN B 757 -40.95 -56.47 40.90
CA GLN B 757 -40.06 -56.37 39.74
C GLN B 757 -39.64 -57.74 39.23
N GLY B 758 -39.88 -58.77 40.03
CA GLY B 758 -39.50 -60.12 39.65
C GLY B 758 -38.98 -60.93 40.81
N LEU B 759 -38.99 -62.25 40.67
CA LEU B 759 -38.52 -63.14 41.71
C LEU B 759 -37.16 -62.72 42.25
N VAL B 760 -36.99 -62.80 43.56
CA VAL B 760 -35.74 -62.43 44.19
C VAL B 760 -35.08 -63.65 44.82
N VAL B 761 -34.07 -64.18 44.16
CA VAL B 761 -33.35 -65.35 44.62
C VAL B 761 -32.21 -65.02 45.58
N LYS B 762 -32.06 -65.83 46.62
CA LYS B 762 -31.02 -65.64 47.61
C LYS B 762 -30.02 -66.79 47.50
N PRO B 763 -28.77 -66.49 47.15
CA PRO B 763 -27.72 -67.51 47.01
C PRO B 763 -27.37 -68.19 48.32
N GLN B 764 -26.54 -69.22 48.20
CA GLN B 764 -26.05 -70.02 49.32
C GLN B 764 -25.49 -71.28 48.69
N GLY B 765 -24.21 -71.23 48.35
CA GLY B 765 -23.57 -72.36 47.71
C GLY B 765 -23.78 -72.19 46.22
N ASN B 766 -22.80 -71.61 45.54
CA ASN B 766 -22.87 -71.36 44.10
C ASN B 766 -23.31 -72.58 43.29
N ALA B 767 -23.36 -72.42 41.98
CA ALA B 767 -23.82 -73.47 41.07
C ALA B 767 -25.33 -73.35 41.09
N LEU B 768 -25.81 -72.31 41.77
CA LEU B 768 -27.23 -72.02 41.89
C LEU B 768 -27.89 -72.22 40.53
N THR B 769 -28.98 -72.98 40.50
CA THR B 769 -29.67 -73.25 39.27
C THR B 769 -31.13 -72.84 39.35
N ILE B 770 -31.61 -72.22 38.27
CA ILE B 770 -32.98 -71.77 38.20
C ILE B 770 -33.59 -72.32 36.92
N THR B 771 -34.69 -73.04 37.06
CA THR B 771 -35.37 -73.62 35.92
C THR B 771 -36.65 -72.84 35.68
N LEU B 772 -36.74 -72.19 34.53
CA LEU B 772 -37.91 -71.39 34.18
C LEU B 772 -39.18 -72.24 34.14
N HIS B 773 -40.23 -71.72 33.52
CA HIS B 773 -41.49 -72.45 33.43
C HIS B 773 -41.85 -72.81 31.99
N MET C 1 -21.14 -15.72 6.11
CA MET C 1 -20.09 -14.71 6.48
C MET C 1 -19.96 -14.59 7.99
N LYS C 2 -18.76 -14.82 8.51
CA LYS C 2 -18.53 -14.75 9.94
C LYS C 2 -18.69 -13.34 10.50
N ILE C 3 -19.70 -13.16 11.34
CA ILE C 3 -19.96 -11.86 11.95
C ILE C 3 -19.41 -11.89 13.37
N SER C 4 -19.89 -12.82 14.18
CA SER C 4 -19.39 -12.94 15.53
C SER C 4 -18.11 -13.76 15.54
N ASP C 5 -17.41 -13.71 16.65
CA ASP C 5 -16.18 -14.46 16.83
C ASP C 5 -16.42 -15.15 18.16
N GLY C 6 -17.14 -16.24 18.11
CA GLY C 6 -17.46 -16.95 19.33
C GLY C 6 -18.67 -16.27 19.95
N ASN C 7 -19.08 -16.75 21.11
CA ASN C 7 -20.24 -16.18 21.78
C ASN C 7 -19.95 -14.83 22.41
N TRP C 8 -18.71 -14.65 22.84
CA TRP C 8 -18.28 -13.43 23.52
C TRP C 8 -17.73 -12.26 22.71
N LEU C 9 -17.14 -12.51 21.56
CA LEU C 9 -16.57 -11.41 20.79
C LEU C 9 -17.16 -11.24 19.41
N ILE C 10 -16.60 -10.29 18.66
CA ILE C 10 -17.02 -9.97 17.31
C ILE C 10 -15.80 -9.92 16.41
N GLN C 11 -15.99 -10.12 15.11
CA GLN C 11 -14.88 -10.10 14.16
C GLN C 11 -14.24 -8.70 14.10
N PRO C 12 -12.91 -8.64 14.14
CA PRO C 12 -12.17 -7.38 14.08
C PRO C 12 -12.59 -6.52 12.90
N GLY C 13 -12.76 -5.22 13.14
CA GLY C 13 -13.16 -4.33 12.08
C GLY C 13 -14.65 -4.26 11.81
N LEU C 14 -15.43 -5.08 12.49
CA LEU C 14 -16.88 -5.06 12.26
C LEU C 14 -17.63 -4.24 13.33
N ASN C 15 -18.51 -3.36 12.87
CA ASN C 15 -19.33 -2.55 13.77
C ASN C 15 -20.79 -2.92 13.54
N LEU C 16 -21.41 -3.51 14.55
CA LEU C 16 -22.80 -3.94 14.42
C LEU C 16 -23.80 -3.06 15.16
N ILE C 17 -24.98 -2.88 14.58
CA ILE C 17 -26.06 -2.15 15.23
C ILE C 17 -27.31 -3.01 15.00
N HIS C 18 -28.07 -3.23 16.06
CA HIS C 18 -29.29 -4.04 15.98
C HIS C 18 -30.52 -3.32 16.50
N PRO C 19 -31.70 -3.67 15.98
CA PRO C 19 -32.90 -3.00 16.48
C PRO C 19 -33.18 -3.68 17.83
N LEU C 20 -33.00 -2.96 18.92
CA LEU C 20 -33.20 -3.57 20.24
C LEU C 20 -34.48 -3.14 20.96
N GLN C 21 -35.21 -2.19 20.41
CA GLN C 21 -36.43 -1.76 21.07
C GLN C 21 -37.39 -1.08 20.13
N VAL C 22 -38.66 -1.41 20.27
CA VAL C 22 -39.69 -0.81 19.45
C VAL C 22 -39.86 0.63 19.92
N PHE C 23 -39.94 1.55 18.97
CA PHE C 23 -40.12 2.95 19.29
C PHE C 23 -41.54 3.31 18.91
N GLU C 24 -41.94 2.92 17.71
CA GLU C 24 -43.26 3.19 17.20
C GLU C 24 -43.73 2.04 16.30
N VAL C 25 -45.04 1.89 16.18
CA VAL C 25 -45.64 0.86 15.35
C VAL C 25 -46.77 1.54 14.60
N GLU C 26 -46.67 1.53 13.27
CA GLU C 26 -47.70 2.14 12.46
C GLU C 26 -48.28 1.11 11.50
N GLN C 27 -49.55 1.27 11.17
CA GLN C 27 -50.22 0.38 10.26
C GLN C 27 -50.52 1.17 9.00
N GLN C 28 -50.14 0.62 7.85
CA GLN C 28 -50.36 1.26 6.56
C GLN C 28 -51.16 0.31 5.66
N ASP C 29 -52.48 0.40 5.75
CA ASP C 29 -53.38 -0.46 4.99
C ASP C 29 -53.26 -1.88 5.50
N ASN C 30 -52.67 -2.73 4.66
CA ASN C 30 -52.49 -4.15 4.96
C ASN C 30 -51.05 -4.47 5.38
N GLU C 31 -50.26 -3.43 5.63
CA GLU C 31 -48.88 -3.63 6.04
C GLU C 31 -48.57 -3.01 7.40
N MET C 32 -47.82 -3.74 8.21
CA MET C 32 -47.45 -3.30 9.53
C MET C 32 -46.00 -2.83 9.55
N VAL C 33 -45.80 -1.58 9.98
CA VAL C 33 -44.47 -0.98 10.05
C VAL C 33 -44.04 -0.78 11.49
N VAL C 34 -42.84 -1.25 11.81
CA VAL C 34 -42.27 -1.13 13.12
C VAL C 34 -40.96 -0.37 13.05
N TYR C 35 -40.83 0.69 13.84
CA TYR C 35 -39.59 1.47 13.91
C TYR C 35 -38.94 1.03 15.20
N ALA C 36 -37.69 0.59 15.12
CA ALA C 36 -36.97 0.13 16.29
C ALA C 36 -35.63 0.82 16.45
N ALA C 37 -35.26 1.09 17.69
CA ALA C 37 -34.01 1.76 18.00
C ALA C 37 -32.96 0.76 18.45
N PRO C 38 -31.68 1.09 18.20
CA PRO C 38 -30.50 0.28 18.55
C PRO C 38 -30.19 0.36 20.03
N ARG C 39 -30.94 1.21 20.73
CA ARG C 39 -30.77 1.41 22.16
C ARG C 39 -32.06 1.95 22.76
N ASP C 40 -32.08 2.09 24.08
CA ASP C 40 -33.25 2.60 24.80
C ASP C 40 -33.51 4.04 24.38
N VAL C 41 -34.66 4.28 23.74
CA VAL C 41 -35.00 5.63 23.31
C VAL C 41 -36.34 6.08 23.89
N ARG C 42 -36.67 5.57 25.08
CA ARG C 42 -37.92 5.94 25.73
C ARG C 42 -37.92 7.43 26.05
N GLU C 43 -36.73 7.99 26.25
CA GLU C 43 -36.57 9.41 26.57
C GLU C 43 -36.28 10.25 25.34
N ARG C 44 -36.77 11.49 25.34
CA ARG C 44 -36.58 12.39 24.21
C ARG C 44 -35.11 12.77 24.09
N THR C 45 -34.39 12.72 25.21
CA THR C 45 -32.97 13.05 25.23
C THR C 45 -32.16 12.08 24.34
N TRP C 46 -32.68 10.87 24.15
CA TRP C 46 -32.00 9.88 23.33
C TRP C 46 -32.63 9.72 21.93
N GLN C 47 -33.77 10.38 21.73
CA GLN C 47 -34.49 10.31 20.45
C GLN C 47 -33.84 11.15 19.34
N LEU C 48 -32.52 11.06 19.27
CA LEU C 48 -31.73 11.77 18.26
C LEU C 48 -30.31 11.22 18.28
N ASP C 49 -29.54 11.51 17.23
CA ASP C 49 -28.18 11.02 17.12
C ASP C 49 -28.13 9.51 17.31
N THR C 50 -28.99 8.81 16.57
CA THR C 50 -29.05 7.35 16.66
C THR C 50 -29.65 6.71 15.41
N PRO C 51 -29.12 5.55 15.01
CA PRO C 51 -29.64 4.85 13.82
C PRO C 51 -31.07 4.40 14.12
N LEU C 52 -31.88 4.18 13.10
CA LEU C 52 -33.25 3.76 13.29
C LEU C 52 -33.67 2.75 12.22
N PHE C 53 -33.96 1.52 12.64
CA PHE C 53 -34.37 0.47 11.71
C PHE C 53 -35.85 0.46 11.41
N THR C 54 -36.18 0.38 10.13
CA THR C 54 -37.57 0.31 9.71
C THR C 54 -37.90 -1.11 9.24
N LEU C 55 -38.74 -1.82 10.00
CA LEU C 55 -39.14 -3.18 9.62
C LEU C 55 -40.57 -3.15 9.10
N ARG C 56 -40.79 -3.72 7.93
CA ARG C 56 -42.12 -3.76 7.34
C ARG C 56 -42.58 -5.19 7.14
N PHE C 57 -43.78 -5.51 7.65
CA PHE C 57 -44.35 -6.83 7.51
C PHE C 57 -45.51 -6.73 6.55
N PHE C 58 -45.53 -7.61 5.55
CA PHE C 58 -46.58 -7.63 4.55
C PHE C 58 -46.81 -9.06 4.07
N SER C 59 -47.86 -9.26 3.27
CA SER C 59 -48.16 -10.61 2.80
C SER C 59 -48.46 -10.66 1.31
N PRO C 60 -47.60 -11.35 0.55
CA PRO C 60 -47.77 -11.48 -0.90
C PRO C 60 -48.77 -12.59 -1.24
N GLN C 61 -48.85 -13.58 -0.35
CA GLN C 61 -49.78 -14.70 -0.51
C GLN C 61 -50.17 -15.20 0.88
N GLU C 62 -51.36 -15.77 0.97
CA GLU C 62 -51.86 -16.31 2.23
C GLU C 62 -50.84 -17.32 2.75
N GLY C 63 -50.54 -17.24 4.04
CA GLY C 63 -49.58 -18.15 4.63
C GLY C 63 -48.14 -17.72 4.42
N ILE C 64 -47.95 -16.56 3.80
CA ILE C 64 -46.60 -16.03 3.57
C ILE C 64 -46.41 -14.63 4.19
N VAL C 65 -45.46 -14.53 5.10
CA VAL C 65 -45.17 -13.25 5.73
C VAL C 65 -43.83 -12.65 5.28
N GLY C 66 -43.88 -11.52 4.60
CA GLY C 66 -42.66 -10.87 4.17
C GLY C 66 -42.13 -9.92 5.24
N VAL C 67 -40.82 -9.95 5.45
CA VAL C 67 -40.15 -9.12 6.42
C VAL C 67 -39.03 -8.29 5.77
N ARG C 68 -39.26 -6.98 5.60
CA ARG C 68 -38.24 -6.11 5.02
C ARG C 68 -37.63 -5.24 6.11
N ILE C 69 -36.38 -5.51 6.45
CA ILE C 69 -35.66 -4.77 7.46
C ILE C 69 -34.70 -3.83 6.76
N GLU C 70 -34.92 -2.52 6.86
CA GLU C 70 -34.01 -1.62 6.19
C GLU C 70 -33.34 -0.51 6.99
N HIS C 71 -32.12 -0.20 6.56
CA HIS C 71 -31.30 0.84 7.15
C HIS C 71 -31.52 2.10 6.32
N PHE C 72 -30.61 2.43 5.41
CA PHE C 72 -30.80 3.61 4.57
C PHE C 72 -31.71 3.25 3.40
N GLN C 73 -32.55 4.20 3.00
CA GLN C 73 -33.46 4.00 1.89
C GLN C 73 -33.03 4.78 0.65
N GLY C 74 -31.88 5.42 0.71
CA GLY C 74 -31.44 6.21 -0.42
C GLY C 74 -30.53 5.52 -1.41
N ALA C 75 -30.29 4.22 -1.21
CA ALA C 75 -29.44 3.45 -2.12
C ALA C 75 -30.12 3.33 -3.47
N LEU C 76 -29.35 3.16 -4.54
CA LEU C 76 -29.92 3.03 -5.89
C LEU C 76 -30.89 1.86 -6.02
N ASN C 77 -30.52 0.70 -5.48
CA ASN C 77 -31.37 -0.48 -5.57
C ASN C 77 -31.94 -0.77 -6.97
N ASN C 78 -31.08 -1.01 -7.95
CA ASN C 78 -31.53 -1.32 -9.30
C ASN C 78 -31.84 -2.81 -9.36
N GLY C 79 -32.62 -3.21 -10.36
CA GLY C 79 -32.95 -4.62 -10.51
C GLY C 79 -31.81 -5.40 -11.16
N PRO C 80 -32.08 -6.60 -11.69
CA PRO C 80 -33.38 -7.28 -11.73
C PRO C 80 -33.81 -7.83 -10.39
N HIS C 81 -35.08 -8.17 -10.27
CA HIS C 81 -35.59 -8.75 -9.03
C HIS C 81 -36.22 -10.10 -9.38
N TYR C 82 -36.24 -11.00 -8.42
CA TYR C 82 -36.84 -12.30 -8.66
C TYR C 82 -38.25 -12.09 -9.21
N PRO C 83 -38.74 -13.01 -10.05
CA PRO C 83 -40.09 -12.88 -10.62
C PRO C 83 -41.16 -13.41 -9.66
N LEU C 84 -41.29 -12.74 -8.52
CA LEU C 84 -42.26 -13.14 -7.51
C LEU C 84 -43.70 -12.86 -7.98
N ASN C 85 -44.63 -13.69 -7.52
CA ASN C 85 -46.04 -13.48 -7.84
C ASN C 85 -46.56 -12.76 -6.59
N ILE C 86 -46.95 -11.50 -6.73
CA ILE C 86 -47.41 -10.75 -5.57
C ILE C 86 -48.83 -10.20 -5.65
N LEU C 87 -49.69 -10.73 -4.78
CA LEU C 87 -51.08 -10.30 -4.75
C LEU C 87 -51.20 -9.03 -3.90
N GLN C 88 -52.25 -8.27 -4.17
CA GLN C 88 -52.48 -7.03 -3.44
C GLN C 88 -53.50 -7.23 -2.32
N ASP C 89 -54.63 -7.82 -2.67
CA ASP C 89 -55.73 -8.05 -1.74
C ASP C 89 -55.69 -9.31 -0.88
N VAL C 90 -54.55 -9.62 -0.27
CA VAL C 90 -54.45 -10.80 0.59
C VAL C 90 -55.10 -10.45 1.93
N LYS C 91 -55.90 -11.35 2.48
CA LYS C 91 -56.56 -11.10 3.76
C LYS C 91 -55.59 -11.16 4.92
N VAL C 92 -55.35 -10.01 5.55
CA VAL C 92 -54.44 -9.94 6.67
C VAL C 92 -55.06 -9.28 7.89
N THR C 93 -54.49 -9.61 9.04
CA THR C 93 -54.95 -9.08 10.31
C THR C 93 -53.76 -8.37 10.95
N ILE C 94 -54.00 -7.16 11.45
CA ILE C 94 -52.96 -6.37 12.11
C ILE C 94 -53.47 -5.89 13.46
N GLU C 95 -52.80 -6.29 14.52
CA GLU C 95 -53.19 -5.86 15.85
C GLU C 95 -52.01 -5.25 16.59
N ASN C 96 -52.14 -3.99 16.95
CA ASN C 96 -51.09 -3.27 17.64
C ASN C 96 -51.51 -2.96 19.08
N THR C 97 -50.99 -3.73 20.02
CA THR C 97 -51.31 -3.55 21.43
C THR C 97 -50.14 -3.00 22.23
N GLU C 98 -50.40 -2.76 23.51
CA GLU C 98 -49.40 -2.22 24.42
C GLU C 98 -48.19 -3.14 24.61
N ARG C 99 -48.43 -4.44 24.48
CA ARG C 99 -47.37 -5.42 24.67
C ARG C 99 -46.74 -5.98 23.39
N TYR C 100 -47.56 -6.18 22.36
CA TYR C 100 -47.08 -6.76 21.09
C TYR C 100 -47.64 -6.05 19.88
N ALA C 101 -46.99 -6.28 18.74
CA ALA C 101 -47.44 -5.77 17.45
C ALA C 101 -47.44 -7.08 16.64
N GLU C 102 -48.57 -7.41 16.03
CA GLU C 102 -48.64 -8.68 15.31
C GLU C 102 -49.32 -8.60 13.96
N PHE C 103 -48.61 -9.09 12.93
CA PHE C 103 -49.12 -9.12 11.56
C PHE C 103 -49.48 -10.57 11.28
N LYS C 104 -50.65 -10.83 10.71
CA LYS C 104 -51.05 -12.20 10.43
C LYS C 104 -51.65 -12.46 9.06
N SER C 105 -51.22 -13.57 8.46
CA SER C 105 -51.69 -14.03 7.14
C SER C 105 -51.96 -15.54 7.26
N GLY C 106 -53.23 -15.92 7.09
CA GLY C 106 -53.59 -17.34 7.23
C GLY C 106 -53.39 -17.76 8.67
N ASN C 107 -52.58 -18.79 8.90
CA ASN C 107 -52.30 -19.28 10.24
C ASN C 107 -50.93 -18.80 10.70
N LEU C 108 -50.22 -18.09 9.82
CA LEU C 108 -48.88 -17.62 10.16
C LEU C 108 -48.87 -16.14 10.54
N SER C 109 -48.10 -15.81 11.57
CA SER C 109 -47.99 -14.44 12.00
C SER C 109 -46.60 -14.11 12.51
N ALA C 110 -46.24 -12.83 12.39
CA ALA C 110 -44.96 -12.31 12.87
C ALA C 110 -45.33 -11.45 14.10
N ARG C 111 -44.68 -11.68 15.22
CA ARG C 111 -45.00 -10.92 16.42
C ARG C 111 -43.78 -10.24 17.04
N VAL C 112 -43.84 -8.92 17.15
CA VAL C 112 -42.74 -8.14 17.75
C VAL C 112 -43.09 -7.76 19.19
N SER C 113 -42.18 -8.01 20.11
CA SER C 113 -42.40 -7.66 21.50
C SER C 113 -41.98 -6.22 21.81
N LYS C 114 -42.91 -5.44 22.36
CA LYS C 114 -42.63 -4.06 22.74
C LYS C 114 -41.99 -4.08 24.12
N GLY C 115 -41.46 -2.93 24.54
CA GLY C 115 -40.87 -2.88 25.85
C GLY C 115 -39.37 -3.12 25.96
N GLU C 116 -38.97 -3.61 27.12
CA GLU C 116 -37.58 -3.87 27.45
C GLU C 116 -36.97 -5.09 26.77
N PHE C 117 -37.79 -6.11 26.54
CA PHE C 117 -37.29 -7.33 25.92
C PHE C 117 -37.73 -7.50 24.45
N TRP C 118 -36.91 -6.99 23.54
CA TRP C 118 -37.22 -7.10 22.12
C TRP C 118 -37.24 -8.55 21.69
N SER C 119 -38.08 -8.84 20.71
CA SER C 119 -38.22 -10.19 20.23
C SER C 119 -39.05 -10.22 18.95
N LEU C 120 -38.64 -11.05 18.01
CA LEU C 120 -39.37 -11.20 16.76
C LEU C 120 -39.73 -12.67 16.77
N ASP C 121 -41.02 -12.98 16.72
CA ASP C 121 -41.44 -14.38 16.74
C ASP C 121 -42.38 -14.64 15.58
N PHE C 122 -42.24 -15.83 15.00
CA PHE C 122 -43.09 -16.23 13.90
C PHE C 122 -43.95 -17.34 14.50
N LEU C 123 -45.26 -17.21 14.37
CA LEU C 123 -46.15 -18.20 14.99
C LEU C 123 -47.10 -18.85 14.02
N ARG C 124 -47.45 -20.09 14.33
CA ARG C 124 -48.41 -20.85 13.51
C ARG C 124 -49.55 -21.12 14.49
N ASN C 125 -50.72 -20.53 14.21
CA ASN C 125 -51.88 -20.68 15.07
C ASN C 125 -51.48 -20.43 16.53
N GLY C 126 -50.68 -19.39 16.75
CA GLY C 126 -50.28 -19.04 18.09
C GLY C 126 -49.06 -19.70 18.70
N GLU C 127 -48.49 -20.70 18.04
CA GLU C 127 -47.29 -21.35 18.58
C GLU C 127 -46.07 -20.87 17.79
N ARG C 128 -44.91 -20.82 18.43
CA ARG C 128 -43.68 -20.35 17.80
C ARG C 128 -42.93 -21.41 16.99
N ILE C 129 -42.86 -21.23 15.67
CA ILE C 129 -42.15 -22.20 14.84
C ILE C 129 -40.69 -21.81 14.73
N THR C 130 -40.43 -20.51 14.76
CA THR C 130 -39.07 -19.98 14.67
C THR C 130 -39.14 -18.49 15.01
N GLY C 131 -38.00 -17.81 14.94
CA GLY C 131 -37.97 -16.39 15.22
C GLY C 131 -36.56 -15.86 15.38
N SER C 132 -36.46 -14.56 15.64
CA SER C 132 -35.19 -13.88 15.81
C SER C 132 -35.05 -13.26 17.21
N GLN C 133 -34.01 -13.65 17.93
CA GLN C 133 -33.76 -13.10 19.25
C GLN C 133 -33.06 -11.74 19.13
N VAL C 134 -33.08 -10.98 20.21
CA VAL C 134 -32.47 -9.66 20.22
C VAL C 134 -30.99 -9.72 19.87
N LYS C 135 -30.57 -8.82 18.99
CA LYS C 135 -29.18 -8.75 18.55
C LYS C 135 -28.80 -9.84 17.53
N ASN C 136 -29.78 -10.57 17.00
CA ASN C 136 -29.47 -11.60 16.02
C ASN C 136 -29.76 -11.16 14.60
N ASN C 137 -30.09 -9.89 14.42
CA ASN C 137 -30.29 -9.31 13.11
C ASN C 137 -29.83 -7.86 13.20
N GLY C 138 -29.61 -7.22 12.06
CA GLY C 138 -29.11 -5.85 12.10
C GLY C 138 -28.25 -5.44 10.92
N TYR C 139 -27.40 -4.45 11.15
CA TYR C 139 -26.52 -3.87 10.15
C TYR C 139 -25.07 -4.12 10.48
N VAL C 140 -24.30 -4.50 9.47
CA VAL C 140 -22.88 -4.76 9.67
C VAL C 140 -22.10 -3.77 8.84
N GLN C 141 -21.18 -3.08 9.51
CA GLN C 141 -20.35 -2.10 8.84
C GLN C 141 -18.95 -2.69 8.86
N ASP C 142 -18.48 -3.14 7.71
CA ASP C 142 -17.16 -3.73 7.62
C ASP C 142 -16.17 -2.61 7.39
N THR C 143 -15.35 -2.33 8.39
CA THR C 143 -14.35 -1.27 8.28
C THR C 143 -13.09 -1.78 7.56
N ASN C 144 -13.01 -3.08 7.36
CA ASN C 144 -11.86 -3.65 6.67
C ASN C 144 -11.94 -3.45 5.15
N ASN C 145 -13.13 -3.56 4.59
CA ASN C 145 -13.28 -3.42 3.14
C ASN C 145 -14.25 -2.35 2.69
N GLN C 146 -14.78 -1.57 3.64
CA GLN C 146 -15.72 -0.51 3.33
C GLN C 146 -17.03 -1.06 2.76
N ARG C 147 -17.42 -2.25 3.21
CA ARG C 147 -18.66 -2.85 2.72
C ARG C 147 -19.68 -2.94 3.85
N ASN C 148 -20.95 -2.76 3.50
CA ASN C 148 -22.02 -2.82 4.49
C ASN C 148 -23.03 -3.94 4.23
N TYR C 149 -23.35 -4.69 5.27
CA TYR C 149 -24.26 -5.83 5.20
C TYR C 149 -25.45 -5.81 6.17
N MET C 150 -26.52 -6.49 5.78
CA MET C 150 -27.72 -6.64 6.60
C MET C 150 -27.80 -8.15 6.90
N PHE C 151 -28.14 -8.52 8.14
CA PHE C 151 -28.23 -9.94 8.46
C PHE C 151 -29.38 -10.31 9.39
N GLU C 152 -29.62 -11.61 9.50
CA GLU C 152 -30.69 -12.15 10.33
C GLU C 152 -30.30 -13.55 10.75
N ARG C 153 -30.83 -14.01 11.88
CA ARG C 153 -30.56 -15.35 12.38
C ARG C 153 -31.86 -15.95 12.91
N LEU C 154 -32.44 -16.87 12.14
CA LEU C 154 -33.68 -17.53 12.56
C LEU C 154 -33.41 -18.80 13.35
N ASP C 155 -33.97 -18.87 14.56
CA ASP C 155 -33.77 -20.02 15.44
C ASP C 155 -34.11 -21.39 14.85
N LEU C 156 -33.51 -22.42 15.45
CA LEU C 156 -33.71 -23.81 15.09
C LEU C 156 -33.92 -24.54 16.40
N GLY C 157 -35.05 -25.22 16.54
CA GLY C 157 -35.31 -25.93 17.78
C GLY C 157 -34.54 -27.23 17.88
N VAL C 158 -34.70 -27.94 19.00
CA VAL C 158 -34.02 -29.21 19.17
C VAL C 158 -34.46 -30.16 18.06
N GLY C 159 -33.49 -30.87 17.49
CA GLY C 159 -33.75 -31.81 16.42
C GLY C 159 -34.31 -31.21 15.14
N GLU C 160 -34.14 -29.92 14.92
CA GLU C 160 -34.64 -29.30 13.69
C GLU C 160 -33.56 -29.41 12.61
N THR C 161 -33.96 -29.82 11.41
CA THR C 161 -33.04 -29.99 10.29
C THR C 161 -33.41 -29.10 9.12
N VAL C 162 -32.39 -28.61 8.42
CA VAL C 162 -32.56 -27.72 7.27
C VAL C 162 -32.25 -28.42 5.94
N TYR C 163 -33.02 -28.08 4.91
CA TYR C 163 -32.86 -28.67 3.58
C TYR C 163 -32.98 -27.61 2.50
N GLY C 164 -32.52 -27.97 1.29
CA GLY C 164 -32.62 -27.06 0.17
C GLY C 164 -31.40 -26.23 -0.15
N LEU C 165 -31.65 -24.97 -0.54
CA LEU C 165 -30.64 -24.00 -0.91
C LEU C 165 -30.10 -24.33 -2.31
N GLY C 166 -30.97 -24.92 -3.13
CA GLY C 166 -30.64 -25.29 -4.50
C GLY C 166 -30.12 -26.70 -4.68
N GLU C 167 -29.65 -26.99 -5.89
CA GLU C 167 -29.08 -28.31 -6.20
C GLU C 167 -27.64 -28.31 -5.67
N ARG C 168 -27.47 -28.83 -4.46
CA ARG C 168 -26.15 -28.89 -3.84
C ARG C 168 -25.75 -30.35 -3.64
N PHE C 169 -24.45 -30.63 -3.63
CA PHE C 169 -23.94 -31.99 -3.54
C PHE C 169 -23.27 -32.37 -2.24
N THR C 170 -23.41 -31.50 -1.26
CA THR C 170 -22.86 -31.72 0.07
C THR C 170 -23.89 -32.60 0.79
N ALA C 171 -23.67 -32.88 2.07
CA ALA C 171 -24.63 -33.67 2.86
C ALA C 171 -26.02 -33.06 2.67
N LEU C 172 -27.04 -33.91 2.60
CA LEU C 172 -28.43 -33.48 2.37
C LEU C 172 -28.93 -32.47 3.41
N VAL C 173 -28.68 -32.76 4.68
CA VAL C 173 -29.09 -31.87 5.75
C VAL C 173 -28.00 -30.79 5.87
N ARG C 174 -28.41 -29.56 5.62
CA ARG C 174 -27.51 -28.40 5.64
C ARG C 174 -26.89 -28.05 7.00
N ASN C 175 -27.47 -28.54 8.09
CA ASN C 175 -26.96 -28.25 9.43
C ASN C 175 -25.45 -28.42 9.56
N GLY C 176 -24.76 -27.33 9.87
CA GLY C 176 -23.32 -27.42 10.04
C GLY C 176 -22.54 -26.85 8.88
N GLN C 177 -23.22 -26.40 7.85
CA GLN C 177 -22.48 -25.89 6.72
C GLN C 177 -22.82 -24.48 6.24
N THR C 178 -21.84 -23.89 5.55
CA THR C 178 -21.95 -22.57 4.98
C THR C 178 -22.31 -22.73 3.51
N VAL C 179 -23.23 -21.93 2.99
CA VAL C 179 -23.54 -22.02 1.57
C VAL C 179 -23.78 -20.63 0.98
N GLU C 180 -23.07 -20.32 -0.11
CA GLU C 180 -23.20 -19.04 -0.81
C GLU C 180 -24.05 -19.25 -2.06
N THR C 181 -25.18 -18.56 -2.16
CA THR C 181 -26.01 -18.72 -3.33
C THR C 181 -25.43 -17.90 -4.48
N TRP C 182 -24.47 -18.52 -5.15
CA TRP C 182 -23.74 -17.91 -6.27
C TRP C 182 -23.46 -18.99 -7.34
N ASN C 183 -24.14 -18.90 -8.48
CA ASN C 183 -23.94 -19.88 -9.52
C ASN C 183 -22.51 -19.97 -9.98
N ARG C 184 -22.05 -21.21 -10.15
CA ARG C 184 -20.71 -21.51 -10.59
C ARG C 184 -20.65 -22.80 -11.41
N ASP C 185 -19.58 -22.92 -12.19
CA ASP C 185 -19.32 -24.11 -13.01
C ASP C 185 -18.26 -24.85 -12.21
N GLY C 186 -18.68 -25.66 -11.25
CA GLY C 186 -17.69 -26.36 -10.45
C GLY C 186 -17.83 -27.85 -10.35
N GLY C 187 -18.57 -28.46 -11.27
CA GLY C 187 -18.75 -29.91 -11.20
C GLY C 187 -19.81 -30.29 -10.20
N THR C 188 -19.84 -31.55 -9.81
CA THR C 188 -20.83 -32.05 -8.87
C THR C 188 -20.17 -32.63 -7.63
N SER C 189 -18.87 -32.42 -7.49
CA SER C 189 -18.14 -32.98 -6.35
C SER C 189 -17.71 -31.96 -5.30
N THR C 190 -18.23 -30.74 -5.37
CA THR C 190 -17.81 -29.74 -4.38
C THR C 190 -18.99 -28.99 -3.75
N GLU C 191 -18.65 -27.97 -2.95
CA GLU C 191 -19.64 -27.13 -2.28
C GLU C 191 -20.30 -26.20 -3.30
N GLN C 192 -19.70 -26.12 -4.50
CA GLN C 192 -20.24 -25.25 -5.52
C GLN C 192 -21.51 -25.80 -6.12
N ALA C 193 -22.20 -24.98 -6.90
CA ALA C 193 -23.45 -25.41 -7.51
C ALA C 193 -23.76 -24.58 -8.74
N TYR C 194 -24.47 -25.18 -9.70
CA TYR C 194 -24.87 -24.49 -10.92
C TYR C 194 -26.22 -23.80 -10.70
N LYS C 195 -27.00 -24.35 -9.79
CA LYS C 195 -28.36 -23.85 -9.52
C LYS C 195 -28.55 -23.44 -8.06
N ASN C 196 -28.23 -22.19 -7.76
CA ASN C 196 -28.38 -21.69 -6.40
C ASN C 196 -29.76 -21.06 -6.20
N ILE C 197 -30.34 -21.31 -5.04
CA ILE C 197 -31.66 -20.81 -4.69
C ILE C 197 -31.59 -20.45 -3.20
N PRO C 198 -31.78 -19.17 -2.86
CA PRO C 198 -31.73 -18.71 -1.48
C PRO C 198 -33.00 -19.04 -0.70
N PHE C 199 -33.44 -20.29 -0.80
CA PHE C 199 -34.64 -20.78 -0.13
C PHE C 199 -34.30 -22.07 0.60
N TYR C 200 -34.74 -22.19 1.85
CA TYR C 200 -34.50 -23.40 2.62
C TYR C 200 -35.79 -23.76 3.34
N MET C 201 -35.87 -24.98 3.87
CA MET C 201 -37.04 -25.39 4.64
C MET C 201 -36.57 -26.35 5.71
N THR C 202 -37.41 -26.61 6.70
CA THR C 202 -37.01 -27.48 7.80
C THR C 202 -38.03 -28.56 8.12
N ASN C 203 -37.64 -29.51 8.96
CA ASN C 203 -38.54 -30.60 9.34
C ASN C 203 -39.60 -30.11 10.34
N ARG C 204 -39.67 -28.81 10.53
CA ARG C 204 -40.64 -28.22 11.44
C ARG C 204 -41.81 -27.61 10.67
N GLY C 205 -41.87 -27.88 9.37
CA GLY C 205 -42.97 -27.40 8.56
C GLY C 205 -43.02 -25.96 8.08
N TYR C 206 -41.87 -25.36 7.81
CA TYR C 206 -41.87 -24.00 7.30
C TYR C 206 -40.62 -23.76 6.47
N GLY C 207 -40.71 -22.82 5.53
CA GLY C 207 -39.56 -22.49 4.73
C GLY C 207 -39.36 -20.98 4.75
N VAL C 208 -38.23 -20.54 4.20
CA VAL C 208 -37.94 -19.12 4.07
C VAL C 208 -37.11 -18.82 2.84
N LEU C 209 -37.58 -17.83 2.08
CA LEU C 209 -36.92 -17.36 0.90
C LEU C 209 -36.29 -16.01 1.22
N VAL C 210 -34.97 -15.90 1.09
CA VAL C 210 -34.30 -14.63 1.31
C VAL C 210 -34.40 -14.00 -0.06
N ASN C 211 -35.14 -12.91 -0.15
CA ASN C 211 -35.37 -12.27 -1.43
C ASN C 211 -34.25 -11.39 -2.01
N HIS C 212 -33.11 -12.02 -2.30
CA HIS C 212 -31.95 -11.33 -2.88
C HIS C 212 -31.24 -12.14 -3.99
N PRO C 213 -31.28 -11.63 -5.23
CA PRO C 213 -30.65 -12.26 -6.41
C PRO C 213 -29.12 -12.31 -6.31
N GLN C 214 -28.51 -11.25 -5.78
CA GLN C 214 -27.07 -11.22 -5.64
C GLN C 214 -26.74 -12.29 -4.62
N CYS C 215 -25.46 -12.47 -4.32
CA CYS C 215 -25.03 -13.50 -3.38
C CYS C 215 -25.57 -13.36 -1.96
N VAL C 216 -26.07 -14.46 -1.40
CA VAL C 216 -26.55 -14.47 -0.02
C VAL C 216 -25.65 -15.48 0.67
N SER C 217 -25.12 -15.13 1.82
CA SER C 217 -24.25 -16.02 2.55
C SER C 217 -24.97 -16.62 3.76
N PHE C 218 -25.18 -17.93 3.72
CA PHE C 218 -25.87 -18.63 4.80
C PHE C 218 -24.87 -19.37 5.66
N GLU C 219 -25.13 -19.36 6.96
CA GLU C 219 -24.32 -20.10 7.91
C GLU C 219 -25.38 -20.96 8.62
N VAL C 220 -25.68 -22.11 8.02
CA VAL C 220 -26.69 -23.01 8.58
C VAL C 220 -26.13 -23.77 9.77
N GLY C 221 -26.29 -23.18 10.95
CA GLY C 221 -25.79 -23.80 12.16
C GLY C 221 -24.28 -23.88 12.16
N SER C 222 -23.63 -23.14 11.27
CA SER C 222 -22.17 -23.14 11.18
C SER C 222 -21.46 -22.03 11.99
N GLU C 223 -22.16 -20.94 12.28
CA GLU C 223 -21.56 -19.88 13.11
C GLU C 223 -22.23 -20.04 14.48
N LYS C 224 -23.54 -19.80 14.52
CA LYS C 224 -24.33 -20.00 15.74
C LYS C 224 -24.99 -21.36 15.48
N VAL C 225 -24.61 -22.37 16.26
CA VAL C 225 -25.12 -23.72 16.07
C VAL C 225 -26.63 -23.90 16.10
N SER C 226 -27.36 -23.11 16.89
CA SER C 226 -28.81 -23.24 16.96
C SER C 226 -29.58 -22.28 16.08
N LYS C 227 -28.93 -21.75 15.04
CA LYS C 227 -29.60 -20.80 14.15
C LYS C 227 -29.13 -20.84 12.70
N VAL C 228 -29.99 -20.35 11.81
CA VAL C 228 -29.67 -20.23 10.40
C VAL C 228 -29.46 -18.75 10.14
N GLN C 229 -28.19 -18.35 10.00
CA GLN C 229 -27.86 -16.96 9.75
C GLN C 229 -27.65 -16.67 8.26
N PHE C 230 -28.25 -15.59 7.78
CA PHE C 230 -28.03 -15.20 6.40
C PHE C 230 -27.73 -13.71 6.31
N SER C 231 -26.78 -13.35 5.44
CA SER C 231 -26.40 -11.95 5.24
C SER C 231 -26.17 -11.63 3.77
N VAL C 232 -26.42 -10.37 3.41
CA VAL C 232 -26.25 -9.90 2.05
C VAL C 232 -25.69 -8.48 2.05
N GLU C 233 -24.89 -8.13 1.04
CA GLU C 233 -24.34 -6.78 0.95
C GLU C 233 -25.48 -5.93 0.42
N SER C 234 -26.13 -5.22 1.33
CA SER C 234 -27.28 -4.40 0.97
C SER C 234 -27.61 -3.45 2.12
N GLU C 235 -28.42 -2.43 1.83
CA GLU C 235 -28.83 -1.48 2.86
C GLU C 235 -30.15 -1.96 3.47
N TYR C 236 -30.67 -3.06 2.94
CA TYR C 236 -31.91 -3.66 3.43
C TYR C 236 -31.86 -5.16 3.24
N LEU C 237 -32.65 -5.86 4.04
CA LEU C 237 -32.73 -7.30 4.00
C LEU C 237 -34.21 -7.67 3.98
N GLU C 238 -34.61 -8.39 2.92
CA GLU C 238 -36.00 -8.82 2.79
C GLU C 238 -36.05 -10.33 2.69
N TYR C 239 -36.89 -10.96 3.52
CA TYR C 239 -37.09 -12.41 3.48
C TYR C 239 -38.55 -12.75 3.72
N PHE C 240 -38.91 -13.99 3.39
CA PHE C 240 -40.29 -14.47 3.51
C PHE C 240 -40.36 -15.78 4.27
N VAL C 241 -41.18 -15.83 5.33
CA VAL C 241 -41.35 -17.07 6.06
C VAL C 241 -42.57 -17.69 5.37
N ILE C 242 -42.45 -18.95 4.95
CA ILE C 242 -43.53 -19.62 4.25
C ILE C 242 -44.05 -20.77 5.10
N ASP C 243 -45.36 -20.77 5.33
CA ASP C 243 -45.96 -21.78 6.19
C ASP C 243 -46.28 -23.14 5.56
N GLY C 244 -46.15 -24.17 6.39
CA GLY C 244 -46.45 -25.52 5.95
C GLY C 244 -47.91 -25.85 6.23
N PRO C 245 -48.19 -26.65 7.26
CA PRO C 245 -47.27 -27.28 8.23
C PRO C 245 -46.44 -28.47 7.76
N THR C 246 -46.63 -28.90 6.52
CA THR C 246 -45.86 -30.02 5.98
C THR C 246 -44.96 -29.56 4.84
N PRO C 247 -43.85 -30.28 4.60
CA PRO C 247 -42.93 -29.93 3.52
C PRO C 247 -43.62 -29.72 2.17
N LYS C 248 -44.57 -30.58 1.84
CA LYS C 248 -45.25 -30.42 0.56
C LYS C 248 -46.09 -29.16 0.53
N ALA C 249 -46.66 -28.82 1.68
CA ALA C 249 -47.49 -27.62 1.79
C ALA C 249 -46.59 -26.41 1.57
N VAL C 250 -45.42 -26.41 2.20
CA VAL C 250 -44.46 -25.30 2.06
C VAL C 250 -44.14 -25.06 0.59
N LEU C 251 -43.77 -26.15 -0.11
CA LEU C 251 -43.44 -26.10 -1.55
C LEU C 251 -44.62 -25.67 -2.39
N ASP C 252 -45.82 -26.08 -1.99
CA ASP C 252 -47.01 -25.68 -2.73
C ASP C 252 -47.09 -24.14 -2.71
N ARG C 253 -46.95 -23.55 -1.54
CA ARG C 253 -46.99 -22.09 -1.42
C ARG C 253 -45.78 -21.48 -2.13
N TYR C 254 -44.60 -22.05 -1.88
CA TYR C 254 -43.38 -21.53 -2.50
C TYR C 254 -43.45 -21.45 -4.03
N THR C 255 -43.93 -22.51 -4.67
CA THR C 255 -44.02 -22.56 -6.13
C THR C 255 -45.16 -21.70 -6.65
N ARG C 256 -46.18 -21.49 -5.82
CA ARG C 256 -47.30 -20.63 -6.21
C ARG C 256 -46.74 -19.19 -6.19
N PHE C 257 -45.89 -18.95 -5.20
CA PHE C 257 -45.24 -17.64 -5.01
C PHE C 257 -44.17 -17.33 -6.07
N THR C 258 -43.25 -18.27 -6.31
CA THR C 258 -42.16 -18.04 -7.27
C THR C 258 -42.32 -18.66 -8.67
N GLY C 259 -43.13 -19.70 -8.80
CA GLY C 259 -43.32 -20.31 -10.11
C GLY C 259 -43.64 -21.79 -10.08
N ARG C 260 -44.70 -22.18 -10.79
CA ARG C 260 -45.12 -23.59 -10.86
C ARG C 260 -44.32 -24.35 -11.94
N PRO C 261 -43.72 -25.50 -11.59
CA PRO C 261 -42.97 -26.25 -12.61
C PRO C 261 -43.95 -26.53 -13.76
N ALA C 262 -43.51 -26.39 -15.00
CA ALA C 262 -44.42 -26.67 -16.12
C ALA C 262 -44.56 -28.19 -16.31
N LEU C 263 -45.59 -28.61 -17.05
CA LEU C 263 -45.80 -30.03 -17.28
C LEU C 263 -45.09 -30.42 -18.59
N PRO C 264 -44.04 -31.25 -18.51
CA PRO C 264 -43.31 -31.65 -19.71
C PRO C 264 -44.13 -32.64 -20.54
N PRO C 265 -43.91 -32.68 -21.86
CA PRO C 265 -44.68 -33.62 -22.69
C PRO C 265 -44.34 -35.07 -22.31
N ALA C 266 -45.32 -35.96 -22.47
CA ALA C 266 -45.14 -37.37 -22.12
C ALA C 266 -43.89 -37.98 -22.77
N TRP C 267 -43.64 -37.62 -24.01
CA TRP C 267 -42.49 -38.16 -24.72
C TRP C 267 -41.14 -37.84 -24.06
N SER C 268 -41.03 -36.69 -23.39
CA SER C 268 -39.79 -36.31 -22.74
C SER C 268 -39.44 -37.31 -21.67
N PHE C 269 -40.44 -38.08 -21.24
CA PHE C 269 -40.22 -39.08 -20.19
C PHE C 269 -39.56 -40.37 -20.67
N GLY C 270 -39.31 -40.48 -21.98
CA GLY C 270 -38.67 -41.67 -22.51
C GLY C 270 -37.17 -41.66 -22.26
N LEU C 271 -36.44 -42.54 -22.96
CA LEU C 271 -34.99 -42.60 -22.80
C LEU C 271 -34.32 -41.64 -23.77
N TRP C 272 -33.30 -40.93 -23.29
CA TRP C 272 -32.55 -39.98 -24.11
C TRP C 272 -31.15 -40.57 -24.34
N LEU C 273 -30.62 -40.42 -25.54
CA LEU C 273 -29.25 -40.91 -25.80
C LEU C 273 -28.48 -39.76 -26.44
N THR C 274 -27.20 -39.65 -26.11
CA THR C 274 -26.37 -38.58 -26.67
C THR C 274 -25.18 -39.04 -27.51
N THR C 275 -24.65 -38.10 -28.30
CA THR C 275 -23.49 -38.34 -29.13
C THR C 275 -22.26 -38.31 -28.23
N SER C 276 -22.48 -37.89 -26.99
CA SER C 276 -21.43 -37.71 -25.99
C SER C 276 -20.73 -36.38 -26.30
N PHE C 277 -19.83 -35.94 -25.41
CA PHE C 277 -19.18 -34.64 -25.58
C PHE C 277 -18.02 -34.48 -26.58
N THR C 278 -16.83 -34.96 -26.22
CA THR C 278 -15.67 -34.82 -27.11
C THR C 278 -15.29 -36.11 -27.86
N THR C 279 -16.29 -36.96 -28.09
CA THR C 279 -16.11 -38.20 -28.84
C THR C 279 -16.39 -37.80 -30.30
N ASN C 280 -15.98 -38.62 -31.26
CA ASN C 280 -16.25 -38.29 -32.66
C ASN C 280 -17.67 -38.63 -33.05
N TYR C 281 -18.17 -37.93 -34.07
CA TYR C 281 -19.51 -38.18 -34.57
C TYR C 281 -19.92 -37.37 -35.79
N ASP C 282 -20.69 -38.02 -36.65
CA ASP C 282 -21.24 -37.42 -37.86
C ASP C 282 -22.54 -38.17 -38.09
N GLU C 283 -23.21 -37.91 -39.20
CA GLU C 283 -24.48 -38.59 -39.45
C GLU C 283 -24.38 -40.11 -39.33
N ALA C 284 -23.36 -40.69 -39.95
CA ALA C 284 -23.19 -42.14 -39.91
C ALA C 284 -23.11 -42.70 -38.50
N THR C 285 -22.40 -41.99 -37.61
CA THR C 285 -22.26 -42.45 -36.24
C THR C 285 -23.58 -42.36 -35.48
N VAL C 286 -24.35 -41.31 -35.76
CA VAL C 286 -25.63 -41.14 -35.12
C VAL C 286 -26.50 -42.36 -35.45
N ASN C 287 -26.79 -42.55 -36.73
CA ASN C 287 -27.59 -43.68 -37.19
C ASN C 287 -27.03 -45.01 -36.69
N SER C 288 -25.71 -45.14 -36.65
CA SER C 288 -25.10 -46.37 -36.16
C SER C 288 -25.62 -46.68 -34.76
N PHE C 289 -25.62 -45.66 -33.88
CA PHE C 289 -26.09 -45.85 -32.52
C PHE C 289 -27.58 -46.18 -32.49
N ILE C 290 -28.36 -45.38 -33.23
CA ILE C 290 -29.80 -45.54 -33.30
C ILE C 290 -30.24 -46.92 -33.80
N ASP C 291 -29.70 -47.35 -34.93
CA ASP C 291 -30.05 -48.66 -35.46
C ASP C 291 -29.55 -49.72 -34.49
N GLY C 292 -28.40 -49.47 -33.89
CA GLY C 292 -27.82 -50.40 -32.94
C GLY C 292 -28.71 -50.67 -31.73
N MET C 293 -29.48 -49.67 -31.33
CA MET C 293 -30.38 -49.82 -30.20
C MET C 293 -31.60 -50.61 -30.66
N ALA C 294 -32.14 -50.22 -31.81
CA ALA C 294 -33.30 -50.88 -32.38
C ALA C 294 -33.04 -52.37 -32.60
N GLU C 295 -31.88 -52.68 -33.17
CA GLU C 295 -31.49 -54.07 -33.44
C GLU C 295 -31.57 -54.88 -32.17
N ARG C 296 -31.13 -54.27 -31.07
CA ARG C 296 -31.13 -54.93 -29.77
C ARG C 296 -32.46 -54.80 -29.04
N ASN C 297 -33.45 -54.22 -29.71
CA ASN C 297 -34.76 -54.04 -29.10
C ASN C 297 -34.64 -53.22 -27.80
N LEU C 298 -33.92 -52.11 -27.89
CA LEU C 298 -33.75 -51.19 -26.76
C LEU C 298 -34.50 -49.92 -27.13
N PRO C 299 -35.70 -49.73 -26.58
CA PRO C 299 -36.49 -48.53 -26.90
C PRO C 299 -35.65 -47.25 -26.70
N LEU C 300 -35.84 -46.28 -27.58
CA LEU C 300 -35.12 -45.02 -27.52
C LEU C 300 -36.10 -43.97 -28.02
N HIS C 301 -36.19 -42.84 -27.33
CA HIS C 301 -37.15 -41.84 -27.77
C HIS C 301 -36.64 -40.44 -28.10
N VAL C 302 -35.46 -40.09 -27.61
CA VAL C 302 -34.92 -38.79 -27.93
C VAL C 302 -33.45 -38.89 -28.25
N PHE C 303 -33.02 -38.17 -29.28
CA PHE C 303 -31.60 -38.19 -29.58
C PHE C 303 -31.01 -36.77 -29.44
N HIS C 304 -29.93 -36.68 -28.67
CA HIS C 304 -29.27 -35.40 -28.42
C HIS C 304 -27.93 -35.19 -29.13
N PHE C 305 -27.81 -34.07 -29.83
CA PHE C 305 -26.57 -33.71 -30.55
C PHE C 305 -25.76 -32.75 -29.67
N ASP C 306 -24.57 -33.14 -29.23
CA ASP C 306 -23.80 -32.21 -28.40
C ASP C 306 -23.03 -31.14 -29.18
N CYS C 307 -22.08 -30.51 -28.51
CA CYS C 307 -21.28 -29.39 -29.04
C CYS C 307 -20.83 -29.40 -30.46
N PHE C 308 -20.19 -30.50 -30.86
CA PHE C 308 -19.64 -30.61 -32.18
C PHE C 308 -20.57 -30.63 -33.36
N TRP C 309 -21.83 -30.30 -33.15
CA TRP C 309 -22.71 -30.23 -34.31
C TRP C 309 -22.36 -28.91 -34.97
N MET C 310 -21.56 -28.11 -34.27
CA MET C 310 -21.09 -26.81 -34.77
C MET C 310 -19.58 -26.87 -34.87
N LYS C 311 -18.99 -26.04 -35.72
CA LYS C 311 -17.54 -26.00 -35.90
C LYS C 311 -16.81 -25.64 -34.59
N ALA C 312 -15.69 -26.30 -34.38
CA ALA C 312 -14.89 -26.09 -33.19
C ALA C 312 -14.51 -24.60 -33.01
N PHE C 313 -14.39 -24.18 -31.75
CA PHE C 313 -14.05 -22.79 -31.39
C PHE C 313 -15.06 -21.74 -31.80
N GLN C 314 -16.15 -22.16 -32.44
CA GLN C 314 -17.17 -21.20 -32.86
C GLN C 314 -18.45 -21.44 -32.06
N TRP C 315 -18.33 -22.24 -31.01
CA TRP C 315 -19.51 -22.60 -30.25
C TRP C 315 -20.52 -21.55 -29.90
N CYS C 316 -21.66 -21.86 -30.50
CA CYS C 316 -22.94 -21.20 -30.52
C CYS C 316 -23.18 -20.01 -31.37
N ASP C 317 -22.93 -20.23 -32.65
CA ASP C 317 -23.17 -19.27 -33.71
C ASP C 317 -24.29 -19.96 -34.49
N PHE C 318 -24.73 -21.10 -33.95
CA PHE C 318 -25.83 -21.88 -34.50
C PHE C 318 -25.62 -22.39 -35.92
N GLU C 319 -24.37 -22.61 -36.29
CA GLU C 319 -24.07 -23.07 -37.64
C GLU C 319 -23.66 -24.54 -37.68
N TRP C 320 -24.42 -25.35 -38.42
CA TRP C 320 -24.10 -26.76 -38.55
C TRP C 320 -22.75 -26.93 -39.27
N ASP C 321 -21.85 -27.69 -38.67
CA ASP C 321 -20.55 -27.95 -39.27
C ASP C 321 -20.81 -28.65 -40.61
N PRO C 322 -20.56 -27.95 -41.74
CA PRO C 322 -20.75 -28.46 -43.10
C PRO C 322 -19.99 -29.72 -43.50
N LEU C 323 -18.99 -30.09 -42.72
CA LEU C 323 -18.18 -31.26 -43.03
C LEU C 323 -18.60 -32.49 -42.22
N THR C 324 -19.45 -32.29 -41.23
CA THR C 324 -19.89 -33.39 -40.40
C THR C 324 -21.40 -33.58 -40.53
N PHE C 325 -22.08 -32.52 -40.94
CA PHE C 325 -23.52 -32.56 -41.11
C PHE C 325 -23.94 -31.72 -42.30
N PRO C 326 -23.60 -32.21 -43.51
CA PRO C 326 -23.87 -31.59 -44.82
C PRO C 326 -25.34 -31.31 -45.08
N ASP C 327 -26.20 -32.18 -44.57
CA ASP C 327 -27.64 -32.03 -44.78
C ASP C 327 -28.40 -32.19 -43.46
N PRO C 328 -28.37 -31.13 -42.63
CA PRO C 328 -29.02 -31.07 -41.32
C PRO C 328 -30.50 -31.43 -41.34
N GLU C 329 -31.25 -30.74 -42.18
CA GLU C 329 -32.70 -30.97 -42.30
C GLU C 329 -33.00 -32.40 -42.72
N GLY C 330 -32.32 -32.86 -43.76
CA GLY C 330 -32.52 -34.21 -44.25
C GLY C 330 -32.23 -35.22 -43.17
N MET C 331 -31.10 -35.05 -42.50
CA MET C 331 -30.71 -35.97 -41.43
C MET C 331 -31.75 -35.98 -40.30
N ILE C 332 -32.34 -34.83 -40.02
CA ILE C 332 -33.32 -34.73 -38.94
C ILE C 332 -34.62 -35.41 -39.33
N ARG C 333 -35.06 -35.20 -40.58
CA ARG C 333 -36.28 -35.84 -41.04
C ARG C 333 -36.16 -37.37 -40.91
N ARG C 334 -34.99 -37.91 -41.27
CA ARG C 334 -34.76 -39.35 -41.19
C ARG C 334 -34.85 -39.85 -39.77
N LEU C 335 -34.23 -39.12 -38.84
CA LEU C 335 -34.27 -39.53 -37.43
C LEU C 335 -35.70 -39.51 -36.91
N LYS C 336 -36.49 -38.56 -37.38
CA LYS C 336 -37.87 -38.44 -36.96
C LYS C 336 -38.65 -39.65 -37.50
N ALA C 337 -38.37 -40.05 -38.73
CA ALA C 337 -39.04 -41.19 -39.34
C ALA C 337 -38.74 -42.43 -38.49
N LYS C 338 -37.66 -42.38 -37.72
CA LYS C 338 -37.34 -43.50 -36.86
C LYS C 338 -38.01 -43.31 -35.49
N GLY C 339 -39.00 -42.42 -35.44
CA GLY C 339 -39.72 -42.18 -34.20
C GLY C 339 -38.97 -41.45 -33.09
N LEU C 340 -37.95 -40.66 -33.44
CA LEU C 340 -37.20 -39.94 -32.42
C LEU C 340 -37.49 -38.46 -32.33
N LYS C 341 -37.35 -37.92 -31.12
CA LYS C 341 -37.49 -36.49 -30.91
C LYS C 341 -36.03 -36.03 -30.98
N ILE C 342 -35.79 -34.78 -31.36
CA ILE C 342 -34.43 -34.27 -31.48
C ILE C 342 -34.12 -33.04 -30.61
N CYS C 343 -33.02 -33.14 -29.86
CA CYS C 343 -32.52 -32.08 -28.99
C CYS C 343 -31.07 -31.74 -29.38
N VAL C 344 -30.74 -30.45 -29.43
CA VAL C 344 -29.38 -30.02 -29.76
C VAL C 344 -28.81 -29.11 -28.67
N TRP C 345 -27.49 -29.18 -28.48
CA TRP C 345 -26.78 -28.37 -27.49
C TRP C 345 -26.74 -26.89 -27.91
N ILE C 346 -26.89 -26.01 -26.93
CA ILE C 346 -26.77 -24.56 -27.16
C ILE C 346 -26.25 -23.95 -25.85
N ASN C 347 -25.74 -22.72 -25.93
CA ASN C 347 -25.30 -22.05 -24.73
C ASN C 347 -25.34 -20.54 -24.97
N PRO C 348 -25.13 -19.72 -23.93
CA PRO C 348 -25.17 -18.27 -24.08
C PRO C 348 -23.86 -17.51 -24.38
N TYR C 349 -22.82 -18.23 -24.82
CA TYR C 349 -21.55 -17.61 -25.16
C TYR C 349 -21.22 -17.84 -26.65
N ILE C 350 -20.18 -17.15 -27.14
CA ILE C 350 -19.76 -17.26 -28.52
C ILE C 350 -18.28 -16.93 -28.75
N GLY C 351 -17.56 -17.92 -29.26
CA GLY C 351 -16.15 -17.76 -29.53
C GLY C 351 -15.90 -16.78 -30.65
N GLN C 352 -14.73 -16.16 -30.61
CA GLN C 352 -14.32 -15.15 -31.59
C GLN C 352 -14.09 -15.70 -33.02
N LYS C 353 -13.66 -16.97 -33.13
CA LYS C 353 -13.42 -17.53 -34.47
C LYS C 353 -14.68 -17.51 -35.35
N SER C 354 -15.84 -17.68 -34.73
CA SER C 354 -17.09 -17.67 -35.49
C SER C 354 -17.28 -16.39 -36.28
N PRO C 355 -17.65 -16.52 -37.57
CA PRO C 355 -17.89 -15.41 -38.48
C PRO C 355 -18.98 -14.48 -37.95
N VAL C 356 -19.83 -15.02 -37.09
CA VAL C 356 -20.93 -14.25 -36.52
C VAL C 356 -20.46 -13.25 -35.44
N PHE C 357 -19.37 -13.57 -34.74
CA PHE C 357 -18.84 -12.71 -33.68
C PHE C 357 -18.77 -11.26 -34.13
N LYS C 358 -18.12 -11.02 -35.26
CA LYS C 358 -17.98 -9.68 -35.79
C LYS C 358 -19.33 -9.02 -36.09
N GLU C 359 -20.35 -9.82 -36.38
CA GLU C 359 -21.67 -9.24 -36.66
C GLU C 359 -22.29 -8.75 -35.35
N LEU C 360 -22.18 -9.60 -34.33
CA LEU C 360 -22.71 -9.31 -33.02
C LEU C 360 -21.99 -8.12 -32.38
N GLN C 361 -20.69 -8.03 -32.60
CA GLN C 361 -19.90 -6.94 -32.08
C GLN C 361 -20.39 -5.63 -32.69
N GLU C 362 -20.31 -5.52 -34.01
CA GLU C 362 -20.77 -4.31 -34.69
C GLU C 362 -22.19 -3.89 -34.32
N LYS C 363 -23.01 -4.85 -33.92
CA LYS C 363 -24.40 -4.53 -33.56
C LYS C 363 -24.57 -4.22 -32.08
N GLY C 364 -23.56 -4.57 -31.27
CA GLY C 364 -23.61 -4.31 -29.83
C GLY C 364 -24.43 -5.31 -29.03
N TYR C 365 -24.50 -6.55 -29.51
CA TYR C 365 -25.27 -7.59 -28.84
C TYR C 365 -24.49 -8.36 -27.80
N LEU C 366 -23.20 -8.05 -27.65
CA LEU C 366 -22.40 -8.75 -26.67
C LEU C 366 -22.15 -7.93 -25.40
N LEU C 367 -22.00 -8.61 -24.27
CA LEU C 367 -21.76 -7.96 -22.99
C LEU C 367 -20.47 -7.13 -22.98
N LYS C 368 -20.59 -5.82 -22.80
CA LYS C 368 -19.42 -4.93 -22.81
C LYS C 368 -18.91 -4.54 -21.42
N ARG C 369 -17.64 -4.14 -21.38
CA ARG C 369 -17.05 -3.68 -20.12
C ARG C 369 -17.43 -2.21 -20.01
N PRO C 370 -17.19 -1.60 -18.84
CA PRO C 370 -17.53 -0.18 -18.65
C PRO C 370 -16.95 0.75 -19.71
N ASP C 371 -15.71 0.53 -20.15
CA ASP C 371 -15.12 1.41 -21.16
C ASP C 371 -15.76 1.29 -22.54
N GLY C 372 -16.64 0.31 -22.72
CA GLY C 372 -17.31 0.14 -24.00
C GLY C 372 -16.78 -1.00 -24.85
N SER C 373 -15.65 -1.58 -24.43
CA SER C 373 -15.05 -2.68 -25.16
C SER C 373 -15.73 -3.97 -24.70
N LEU C 374 -15.55 -5.04 -25.46
CA LEU C 374 -16.16 -6.32 -25.10
C LEU C 374 -15.51 -6.99 -23.93
N TRP C 375 -16.31 -7.72 -23.17
CA TRP C 375 -15.79 -8.50 -22.07
C TRP C 375 -15.38 -9.83 -22.75
N GLN C 376 -14.17 -10.32 -22.49
CA GLN C 376 -13.69 -11.55 -23.10
C GLN C 376 -12.68 -12.24 -22.22
N TRP C 377 -12.53 -13.55 -22.45
CA TRP C 377 -11.54 -14.38 -21.78
C TRP C 377 -11.36 -15.65 -22.63
N ASP C 378 -10.44 -16.52 -22.24
CA ASP C 378 -10.22 -17.72 -23.04
C ASP C 378 -10.75 -19.04 -22.49
N LYS C 379 -11.57 -18.99 -21.44
CA LYS C 379 -12.14 -20.21 -20.88
C LYS C 379 -13.28 -20.69 -21.76
N TRP C 380 -13.34 -22.01 -21.92
CA TRP C 380 -14.35 -22.69 -22.74
C TRP C 380 -14.08 -22.50 -24.23
N GLN C 381 -14.14 -21.26 -24.69
CA GLN C 381 -13.89 -20.94 -26.08
C GLN C 381 -12.89 -19.79 -26.15
N PRO C 382 -12.02 -19.77 -27.18
CA PRO C 382 -11.03 -18.70 -27.33
C PRO C 382 -11.70 -17.35 -27.63
N GLY C 383 -11.34 -16.32 -26.86
CA GLY C 383 -11.92 -15.01 -27.07
C GLY C 383 -13.43 -15.01 -26.90
N LEU C 384 -13.90 -15.82 -25.96
CA LEU C 384 -15.33 -15.95 -25.70
C LEU C 384 -16.02 -14.69 -25.19
N ALA C 385 -17.14 -14.33 -25.81
CA ALA C 385 -17.94 -13.18 -25.41
C ALA C 385 -19.29 -13.72 -24.91
N ILE C 386 -20.09 -12.87 -24.25
CA ILE C 386 -21.39 -13.29 -23.73
C ILE C 386 -22.51 -12.52 -24.40
N TYR C 387 -23.60 -13.22 -24.71
CA TYR C 387 -24.76 -12.57 -25.35
C TYR C 387 -25.48 -11.74 -24.30
N ASP C 388 -25.69 -10.46 -24.57
CA ASP C 388 -26.37 -9.55 -23.64
C ASP C 388 -27.88 -9.66 -23.74
N PHE C 389 -28.44 -10.49 -22.89
CA PHE C 389 -29.87 -10.71 -22.89
C PHE C 389 -30.71 -9.55 -22.33
N THR C 390 -30.08 -8.48 -21.82
CA THR C 390 -30.87 -7.34 -21.34
C THR C 390 -31.07 -6.44 -22.54
N ASN C 391 -30.35 -6.75 -23.62
CA ASN C 391 -30.46 -5.97 -24.85
C ASN C 391 -31.62 -6.60 -25.61
N PRO C 392 -32.68 -5.81 -25.90
CA PRO C 392 -33.84 -6.35 -26.62
C PRO C 392 -33.52 -6.91 -28.01
N ASP C 393 -32.72 -6.19 -28.79
CA ASP C 393 -32.39 -6.66 -30.12
C ASP C 393 -31.53 -7.91 -30.14
N ALA C 394 -30.67 -8.06 -29.13
CA ALA C 394 -29.82 -9.22 -29.05
C ALA C 394 -30.66 -10.45 -28.67
N CYS C 395 -31.77 -10.22 -27.98
CA CYS C 395 -32.66 -11.31 -27.58
C CYS C 395 -33.36 -11.82 -28.82
N LYS C 396 -33.82 -10.89 -29.65
CA LYS C 396 -34.49 -11.24 -30.88
C LYS C 396 -33.59 -12.06 -31.80
N TRP C 397 -32.37 -11.56 -32.01
CA TRP C 397 -31.41 -12.24 -32.88
C TRP C 397 -31.23 -13.69 -32.45
N TYR C 398 -30.93 -13.88 -31.17
CA TYR C 398 -30.72 -15.22 -30.64
C TYR C 398 -32.01 -16.05 -30.76
N ALA C 399 -33.15 -15.43 -30.48
CA ALA C 399 -34.42 -16.13 -30.57
C ALA C 399 -34.69 -16.58 -32.01
N ASP C 400 -34.35 -15.72 -32.98
CA ASP C 400 -34.59 -16.05 -34.38
C ASP C 400 -33.72 -17.22 -34.86
N LYS C 401 -32.50 -17.33 -34.33
CA LYS C 401 -31.61 -18.42 -34.68
C LYS C 401 -32.24 -19.72 -34.20
N LEU C 402 -32.80 -19.69 -32.99
CA LEU C 402 -33.43 -20.87 -32.42
C LEU C 402 -34.70 -21.24 -33.18
N LYS C 403 -35.44 -20.23 -33.64
CA LYS C 403 -36.65 -20.50 -34.40
C LYS C 403 -36.24 -21.15 -35.72
N GLY C 404 -35.01 -20.86 -36.17
CA GLY C 404 -34.51 -21.44 -37.40
C GLY C 404 -34.28 -22.92 -37.18
N LEU C 405 -33.66 -23.26 -36.06
CA LEU C 405 -33.39 -24.64 -35.72
C LEU C 405 -34.68 -25.47 -35.56
N VAL C 406 -35.73 -24.87 -35.02
CA VAL C 406 -36.98 -25.58 -34.85
C VAL C 406 -37.61 -25.79 -36.21
N ALA C 407 -37.59 -24.75 -37.04
CA ALA C 407 -38.16 -24.84 -38.38
C ALA C 407 -37.48 -25.99 -39.13
N MET C 408 -36.30 -26.33 -38.64
CA MET C 408 -35.47 -27.37 -39.21
C MET C 408 -35.74 -28.76 -38.60
N GLY C 409 -36.69 -28.85 -37.67
CA GLY C 409 -37.01 -30.13 -37.06
C GLY C 409 -36.54 -30.36 -35.63
N VAL C 410 -35.68 -29.50 -35.10
CA VAL C 410 -35.22 -29.68 -33.73
C VAL C 410 -36.44 -29.55 -32.81
N ASP C 411 -36.56 -30.43 -31.81
CA ASP C 411 -37.74 -30.38 -30.92
C ASP C 411 -37.53 -29.71 -29.58
N CYS C 412 -36.29 -29.70 -29.08
CA CYS C 412 -36.01 -29.08 -27.80
C CYS C 412 -34.53 -28.72 -27.75
N PHE C 413 -34.13 -27.99 -26.70
CA PHE C 413 -32.73 -27.59 -26.58
C PHE C 413 -32.12 -27.96 -25.26
N LYS C 414 -30.81 -28.08 -25.26
CA LYS C 414 -30.06 -28.37 -24.03
C LYS C 414 -29.41 -27.02 -23.72
N THR C 415 -29.94 -26.33 -22.71
CA THR C 415 -29.41 -25.01 -22.33
C THR C 415 -28.26 -25.22 -21.39
N ASP C 416 -27.08 -25.39 -21.96
CA ASP C 416 -25.90 -25.63 -21.15
C ASP C 416 -25.28 -24.30 -20.71
N PHE C 417 -24.46 -24.38 -19.67
CA PHE C 417 -23.76 -23.22 -19.10
C PHE C 417 -24.69 -22.10 -18.61
N GLY C 418 -24.13 -20.90 -18.48
CA GLY C 418 -24.92 -19.76 -18.00
C GLY C 418 -24.57 -19.39 -16.57
N GLU C 419 -23.58 -20.04 -15.97
CA GLU C 419 -23.23 -19.71 -14.60
C GLU C 419 -22.12 -18.66 -14.37
N ARG C 420 -21.02 -18.73 -15.13
CA ARG C 420 -19.92 -17.78 -14.94
C ARG C 420 -20.13 -16.41 -15.56
N ILE C 421 -21.09 -15.66 -15.02
CA ILE C 421 -21.37 -14.34 -15.54
C ILE C 421 -20.51 -13.35 -14.74
N PRO C 422 -19.67 -12.56 -15.43
CA PRO C 422 -18.78 -11.59 -14.80
C PRO C 422 -19.52 -10.36 -14.22
N THR C 423 -18.97 -9.78 -13.16
CA THR C 423 -19.59 -8.61 -12.55
C THR C 423 -18.94 -7.30 -12.98
N ASP C 424 -17.67 -7.32 -13.37
CA ASP C 424 -17.02 -6.09 -13.83
C ASP C 424 -17.49 -5.75 -15.24
N VAL C 425 -18.78 -5.49 -15.37
CA VAL C 425 -19.38 -5.19 -16.67
C VAL C 425 -20.49 -4.16 -16.60
N GLN C 426 -20.98 -3.76 -17.78
CA GLN C 426 -22.07 -2.82 -17.90
C GLN C 426 -23.17 -3.39 -18.81
N TRP C 427 -24.21 -3.97 -18.23
CA TRP C 427 -25.30 -4.53 -19.02
C TRP C 427 -25.99 -3.46 -19.85
N PHE C 428 -26.69 -3.87 -20.90
CA PHE C 428 -27.39 -2.91 -21.76
C PHE C 428 -28.49 -2.13 -21.05
N ASP C 429 -29.23 -2.78 -20.16
CA ASP C 429 -30.34 -2.11 -19.47
C ASP C 429 -29.96 -1.44 -18.15
N GLY C 430 -28.67 -1.37 -17.83
CA GLY C 430 -28.24 -0.73 -16.61
C GLY C 430 -28.30 -1.58 -15.36
N SER C 431 -28.84 -2.78 -15.47
CA SER C 431 -28.96 -3.69 -14.32
C SER C 431 -27.74 -3.71 -13.40
N ASP C 432 -27.98 -4.14 -12.18
CA ASP C 432 -26.93 -4.27 -11.16
C ASP C 432 -26.19 -5.57 -11.44
N PRO C 433 -24.90 -5.48 -11.84
CA PRO C 433 -24.11 -6.68 -12.14
C PRO C 433 -24.15 -7.76 -11.07
N GLN C 434 -24.20 -7.35 -9.80
CA GLN C 434 -24.22 -8.31 -8.70
C GLN C 434 -25.50 -9.13 -8.67
N LYS C 435 -26.59 -8.59 -9.21
CA LYS C 435 -27.87 -9.30 -9.21
C LYS C 435 -28.04 -10.09 -10.52
N MET C 436 -27.44 -9.58 -11.59
CA MET C 436 -27.49 -10.23 -12.89
C MET C 436 -26.79 -11.58 -12.89
N HIS C 437 -25.70 -11.70 -12.14
CA HIS C 437 -24.96 -12.94 -12.10
C HIS C 437 -25.86 -14.16 -12.06
N ASN C 438 -26.65 -14.28 -10.99
CA ASN C 438 -27.56 -15.40 -10.81
C ASN C 438 -28.78 -15.32 -11.71
N HIS C 439 -29.40 -14.15 -11.79
CA HIS C 439 -30.59 -13.99 -12.59
C HIS C 439 -30.38 -14.25 -14.09
N TYR C 440 -29.14 -14.26 -14.53
CA TYR C 440 -28.85 -14.50 -15.95
C TYR C 440 -29.43 -15.87 -16.34
N ALA C 441 -29.17 -16.88 -15.52
CA ALA C 441 -29.67 -18.22 -15.77
C ALA C 441 -31.17 -18.20 -16.05
N TYR C 442 -31.90 -17.35 -15.34
CA TYR C 442 -33.34 -17.27 -15.52
C TYR C 442 -33.75 -16.60 -16.82
N ILE C 443 -33.10 -15.50 -17.18
CA ILE C 443 -33.43 -14.78 -18.41
C ILE C 443 -33.11 -15.60 -19.68
N TYR C 444 -32.02 -16.35 -19.61
CA TYR C 444 -31.52 -17.23 -20.67
C TYR C 444 -32.55 -18.35 -20.94
N ASN C 445 -32.80 -19.17 -19.94
CA ASN C 445 -33.76 -20.24 -20.07
C ASN C 445 -35.16 -19.77 -20.42
N GLU C 446 -35.56 -18.61 -19.89
CA GLU C 446 -36.87 -18.07 -20.19
C GLU C 446 -37.00 -17.72 -21.67
N LEU C 447 -35.93 -17.14 -22.23
CA LEU C 447 -35.93 -16.78 -23.62
C LEU C 447 -36.10 -18.03 -24.52
N VAL C 448 -35.33 -19.07 -24.23
CA VAL C 448 -35.38 -20.29 -25.03
C VAL C 448 -36.76 -20.93 -24.92
N TRP C 449 -37.25 -21.02 -23.69
CA TRP C 449 -38.56 -21.59 -23.42
C TRP C 449 -39.67 -20.90 -24.20
N ASN C 450 -39.59 -19.58 -24.33
CA ASN C 450 -40.61 -18.86 -25.07
C ASN C 450 -40.52 -19.11 -26.57
N VAL C 451 -39.34 -19.47 -27.05
CA VAL C 451 -39.20 -19.75 -28.47
C VAL C 451 -39.96 -21.06 -28.68
N LEU C 452 -39.69 -22.03 -27.82
CA LEU C 452 -40.35 -23.31 -27.85
C LEU C 452 -41.86 -23.10 -27.79
N LYS C 453 -42.30 -22.38 -26.77
CA LYS C 453 -43.72 -22.10 -26.56
C LYS C 453 -44.35 -21.40 -27.78
N ASP C 454 -43.58 -20.53 -28.44
CA ASP C 454 -44.10 -19.82 -29.60
C ASP C 454 -43.99 -20.60 -30.91
N THR C 455 -43.32 -21.76 -30.88
CA THR C 455 -43.15 -22.55 -32.10
C THR C 455 -43.85 -23.92 -32.00
N VAL C 456 -43.28 -24.81 -31.20
CA VAL C 456 -43.86 -26.13 -31.03
C VAL C 456 -45.14 -26.13 -30.17
N GLY C 457 -45.27 -25.13 -29.30
CA GLY C 457 -46.44 -25.05 -28.45
C GLY C 457 -46.05 -25.32 -27.02
N GLU C 458 -46.71 -24.63 -26.09
CA GLU C 458 -46.39 -24.80 -24.66
C GLU C 458 -46.35 -26.25 -24.21
N GLU C 459 -47.32 -27.05 -24.66
CA GLU C 459 -47.38 -28.46 -24.29
C GLU C 459 -46.18 -29.25 -24.77
N GLU C 460 -45.59 -28.82 -25.89
CA GLU C 460 -44.44 -29.52 -26.45
C GLU C 460 -43.08 -29.04 -25.93
N ALA C 461 -43.09 -27.93 -25.20
CA ALA C 461 -41.85 -27.36 -24.69
C ALA C 461 -41.17 -28.14 -23.58
N VAL C 462 -39.85 -28.24 -23.68
CA VAL C 462 -39.05 -28.92 -22.67
C VAL C 462 -37.58 -28.56 -22.93
N LEU C 463 -36.77 -28.64 -21.89
CA LEU C 463 -35.36 -28.31 -22.04
C LEU C 463 -34.58 -29.25 -21.16
N PHE C 464 -33.26 -29.12 -21.26
CA PHE C 464 -32.31 -29.84 -20.44
C PHE C 464 -31.40 -28.69 -20.00
N ALA C 465 -31.66 -28.14 -18.82
CA ALA C 465 -30.92 -26.97 -18.31
C ALA C 465 -29.94 -27.27 -17.20
N ARG C 466 -28.73 -26.74 -17.32
CA ARG C 466 -27.72 -26.96 -16.30
C ARG C 466 -27.72 -25.94 -15.16
N SER C 467 -28.04 -24.69 -15.45
CA SER C 467 -28.04 -23.66 -14.40
C SER C 467 -29.46 -23.11 -14.16
N ALA C 468 -29.64 -22.46 -13.02
CA ALA C 468 -30.95 -21.91 -12.68
C ALA C 468 -30.90 -20.87 -11.56
N SER C 469 -32.04 -20.20 -11.38
CA SER C 469 -32.20 -19.18 -10.35
C SER C 469 -33.68 -19.19 -9.98
N VAL C 470 -34.04 -18.56 -8.85
CA VAL C 470 -35.43 -18.49 -8.38
C VAL C 470 -36.36 -18.25 -9.54
N GLY C 471 -37.38 -19.10 -9.69
CA GLY C 471 -38.32 -18.94 -10.77
C GLY C 471 -38.03 -19.80 -12.02
N ALA C 472 -36.80 -20.29 -12.13
CA ALA C 472 -36.43 -21.10 -13.30
C ALA C 472 -37.11 -22.48 -13.36
N GLN C 473 -37.72 -22.90 -12.25
CA GLN C 473 -38.40 -24.19 -12.19
C GLN C 473 -39.59 -24.21 -13.15
N LYS C 474 -39.90 -23.08 -13.77
CA LYS C 474 -41.02 -23.02 -14.71
C LYS C 474 -40.62 -23.48 -16.11
N PHE C 475 -39.34 -23.79 -16.29
CA PHE C 475 -38.83 -24.21 -17.60
C PHE C 475 -38.19 -25.58 -17.37
N PRO C 476 -39.01 -26.57 -17.01
CA PRO C 476 -38.74 -27.97 -16.70
C PRO C 476 -37.68 -28.80 -17.42
N VAL C 477 -37.09 -29.61 -16.56
CA VAL C 477 -36.05 -30.56 -16.79
C VAL C 477 -34.69 -29.88 -16.67
N HIS C 478 -34.10 -30.15 -15.51
CA HIS C 478 -32.80 -29.66 -15.12
C HIS C 478 -32.02 -30.92 -14.89
N TRP C 479 -30.74 -30.91 -15.24
CA TRP C 479 -29.95 -32.12 -15.05
C TRP C 479 -28.74 -31.80 -14.19
N GLY C 480 -28.39 -32.78 -13.36
CA GLY C 480 -27.29 -32.66 -12.43
C GLY C 480 -25.88 -32.33 -12.88
N GLY C 481 -25.69 -31.92 -14.11
CA GLY C 481 -24.35 -31.56 -14.57
C GLY C 481 -23.28 -32.63 -14.76
N ASP C 482 -22.02 -32.19 -14.69
CA ASP C 482 -20.84 -33.05 -14.90
C ASP C 482 -20.33 -33.92 -13.75
N CYS C 483 -20.96 -35.07 -13.55
CA CYS C 483 -20.58 -36.01 -12.50
C CYS C 483 -19.58 -37.06 -13.00
N TYR C 484 -18.93 -37.76 -12.07
CA TYR C 484 -17.95 -38.81 -12.39
C TYR C 484 -18.56 -40.21 -12.33
N ALA C 485 -17.94 -41.14 -13.06
CA ALA C 485 -18.42 -42.52 -13.15
C ALA C 485 -18.02 -43.51 -12.05
N ASN C 486 -18.44 -43.23 -10.82
CA ASN C 486 -18.17 -44.11 -9.69
C ASN C 486 -19.33 -44.00 -8.71
N TYR C 487 -19.40 -44.92 -7.73
CA TYR C 487 -20.52 -44.93 -6.78
C TYR C 487 -20.61 -43.70 -5.89
N GLU C 488 -19.47 -43.19 -5.44
CA GLU C 488 -19.49 -42.01 -4.59
C GLU C 488 -20.15 -40.87 -5.36
N SER C 489 -19.82 -40.73 -6.64
CA SER C 489 -20.41 -39.65 -7.43
C SER C 489 -21.87 -39.91 -7.80
N MET C 490 -22.26 -41.17 -7.81
CA MET C 490 -23.64 -41.50 -8.14
C MET C 490 -24.49 -41.03 -6.95
N ALA C 491 -24.00 -41.31 -5.75
CA ALA C 491 -24.68 -40.91 -4.51
C ALA C 491 -24.79 -39.39 -4.43
N GLU C 492 -23.64 -38.71 -4.56
CA GLU C 492 -23.60 -37.27 -4.48
C GLU C 492 -24.56 -36.64 -5.47
N SER C 493 -24.72 -37.28 -6.63
CA SER C 493 -25.66 -36.77 -7.63
C SER C 493 -27.09 -36.94 -7.12
N LEU C 494 -27.33 -38.01 -6.37
CA LEU C 494 -28.66 -38.27 -5.85
C LEU C 494 -29.02 -37.19 -4.82
N ARG C 495 -28.05 -36.82 -4.00
CA ARG C 495 -28.26 -35.78 -3.00
C ARG C 495 -28.64 -34.49 -3.70
N GLY C 496 -27.97 -34.23 -4.83
CA GLY C 496 -28.28 -33.03 -5.59
C GLY C 496 -29.71 -33.05 -6.08
N GLY C 497 -30.13 -34.18 -6.62
CA GLY C 497 -31.49 -34.32 -7.13
C GLY C 497 -32.53 -34.20 -6.04
N LEU C 498 -32.28 -34.82 -4.89
CA LEU C 498 -33.22 -34.72 -3.78
C LEU C 498 -33.29 -33.24 -3.38
N SER C 499 -32.13 -32.60 -3.23
CA SER C 499 -32.07 -31.20 -2.84
C SER C 499 -32.82 -30.25 -3.76
N ILE C 500 -32.68 -30.42 -5.08
CA ILE C 500 -33.36 -29.51 -5.99
C ILE C 500 -34.88 -29.62 -5.88
N GLY C 501 -35.38 -30.82 -5.60
CA GLY C 501 -36.81 -31.01 -5.45
C GLY C 501 -37.26 -30.25 -4.20
N LEU C 502 -36.37 -30.21 -3.22
CA LEU C 502 -36.61 -29.50 -1.97
C LEU C 502 -36.42 -27.99 -2.19
N SER C 503 -36.27 -27.57 -3.45
CA SER C 503 -36.07 -26.17 -3.76
C SER C 503 -37.01 -25.63 -4.83
N GLY C 504 -38.12 -26.32 -5.04
CA GLY C 504 -39.10 -25.86 -6.03
C GLY C 504 -39.05 -26.47 -7.43
N PHE C 505 -38.10 -27.35 -7.69
CA PHE C 505 -37.97 -27.95 -9.01
C PHE C 505 -38.65 -29.32 -9.07
N GLY C 506 -39.57 -29.47 -10.01
CA GLY C 506 -40.31 -30.72 -10.15
C GLY C 506 -39.69 -31.89 -10.86
N PHE C 507 -38.87 -31.62 -11.89
CA PHE C 507 -38.24 -32.68 -12.68
C PHE C 507 -36.73 -32.60 -12.71
N TRP C 508 -36.09 -33.73 -12.48
CA TRP C 508 -34.63 -33.77 -12.49
C TRP C 508 -34.08 -34.95 -13.28
N SER C 509 -32.89 -34.76 -13.84
CA SER C 509 -32.24 -35.81 -14.60
C SER C 509 -30.77 -35.83 -14.25
N HIS C 510 -30.05 -36.79 -14.84
CA HIS C 510 -28.62 -36.96 -14.62
C HIS C 510 -28.03 -37.89 -15.69
N ASP C 511 -26.71 -37.80 -15.88
CA ASP C 511 -26.04 -38.61 -16.89
C ASP C 511 -25.85 -40.07 -16.48
N ILE C 512 -26.68 -40.97 -17.02
CA ILE C 512 -26.57 -42.38 -16.69
C ILE C 512 -25.17 -42.91 -17.00
N GLY C 513 -24.49 -43.40 -15.98
CA GLY C 513 -23.16 -43.93 -16.16
C GLY C 513 -22.06 -42.95 -15.81
N GLY C 514 -22.44 -41.70 -15.60
CA GLY C 514 -21.46 -40.67 -15.27
C GLY C 514 -21.09 -39.93 -16.54
N PHE C 515 -20.64 -38.69 -16.37
CA PHE C 515 -20.24 -37.85 -17.49
C PHE C 515 -18.73 -37.98 -17.71
N GLU C 516 -17.96 -37.82 -16.64
CA GLU C 516 -16.52 -37.91 -16.71
C GLU C 516 -16.02 -39.31 -16.37
N ASN C 517 -15.07 -39.80 -17.17
CA ASN C 517 -14.51 -41.13 -17.00
C ASN C 517 -15.47 -42.19 -17.50
N THR C 518 -14.93 -43.39 -17.71
CA THR C 518 -15.73 -44.52 -18.17
C THR C 518 -15.90 -45.47 -17.00
N ALA C 519 -17.14 -45.72 -16.64
CA ALA C 519 -17.42 -46.58 -15.51
C ALA C 519 -17.31 -48.06 -15.80
N PRO C 520 -16.83 -48.83 -14.82
CA PRO C 520 -16.74 -50.27 -15.07
C PRO C 520 -18.22 -50.67 -15.24
N ALA C 521 -18.47 -51.83 -15.83
CA ALA C 521 -19.85 -52.26 -16.10
C ALA C 521 -20.80 -52.31 -14.91
N HIS C 522 -20.32 -52.71 -13.74
CA HIS C 522 -21.22 -52.80 -12.60
C HIS C 522 -21.81 -51.45 -12.24
N VAL C 523 -20.95 -50.44 -12.19
CA VAL C 523 -21.38 -49.08 -11.89
C VAL C 523 -22.39 -48.62 -12.93
N TYR C 524 -22.06 -48.82 -14.21
CA TYR C 524 -22.96 -48.43 -15.30
C TYR C 524 -24.31 -49.13 -15.13
N LYS C 525 -24.27 -50.37 -14.63
CA LYS C 525 -25.49 -51.16 -14.43
C LYS C 525 -26.39 -50.60 -13.34
N ARG C 526 -25.82 -50.43 -12.17
CA ARG C 526 -26.57 -49.87 -11.05
C ARG C 526 -27.14 -48.51 -11.45
N TRP C 527 -26.30 -47.68 -12.07
CA TRP C 527 -26.71 -46.34 -12.48
C TRP C 527 -27.84 -46.35 -13.51
N CYS C 528 -27.92 -47.39 -14.33
CA CYS C 528 -29.00 -47.46 -15.32
C CYS C 528 -30.37 -47.58 -14.62
N ALA C 529 -30.42 -48.41 -13.58
CA ALA C 529 -31.66 -48.62 -12.83
C ALA C 529 -32.08 -47.27 -12.22
N PHE C 530 -31.12 -46.64 -11.52
CA PHE C 530 -31.31 -45.33 -10.89
C PHE C 530 -31.84 -44.35 -11.92
N GLY C 531 -31.13 -44.23 -13.05
CA GLY C 531 -31.55 -43.32 -14.10
C GLY C 531 -32.92 -43.55 -14.70
N LEU C 532 -33.31 -44.81 -14.87
CA LEU C 532 -34.62 -45.11 -15.44
C LEU C 532 -35.76 -44.90 -14.44
N LEU C 533 -35.42 -44.93 -13.15
CA LEU C 533 -36.38 -44.71 -12.08
C LEU C 533 -36.29 -43.24 -11.62
N SER C 534 -36.11 -42.34 -12.58
CA SER C 534 -36.01 -40.91 -12.32
C SER C 534 -37.00 -40.25 -13.26
N SER C 535 -37.37 -39.01 -12.97
CA SER C 535 -38.33 -38.32 -13.82
C SER C 535 -37.89 -38.30 -15.27
N HIS C 536 -36.59 -38.08 -15.47
CA HIS C 536 -36.03 -38.04 -16.82
C HIS C 536 -34.70 -38.79 -16.88
N SER C 537 -34.53 -39.56 -17.95
CA SER C 537 -33.35 -40.41 -18.10
C SER C 537 -32.55 -40.15 -19.36
N ARG C 538 -31.24 -40.11 -19.21
CA ARG C 538 -30.37 -39.84 -20.35
C ARG C 538 -29.02 -40.50 -20.23
N LEU C 539 -28.60 -41.12 -21.34
CA LEU C 539 -27.30 -41.76 -21.44
C LEU C 539 -26.41 -40.71 -22.10
N HIS C 540 -25.43 -40.20 -21.36
CA HIS C 540 -24.52 -39.15 -21.85
C HIS C 540 -23.15 -39.28 -21.20
N GLY C 541 -22.12 -38.97 -21.97
CA GLY C 541 -20.77 -39.07 -21.45
C GLY C 541 -19.91 -37.96 -22.01
N SER C 542 -18.73 -37.80 -21.42
CA SER C 542 -17.80 -36.76 -21.84
C SER C 542 -16.84 -37.24 -22.94
N LYS C 543 -16.05 -38.26 -22.63
CA LYS C 543 -15.06 -38.81 -23.56
C LYS C 543 -15.42 -40.17 -24.19
N SER C 544 -16.39 -40.88 -23.63
CA SER C 544 -16.76 -42.17 -24.19
C SER C 544 -18.27 -42.26 -24.45
N TYR C 545 -18.64 -43.13 -25.37
CA TYR C 545 -20.04 -43.32 -25.72
C TYR C 545 -20.79 -43.95 -24.56
N ARG C 546 -22.10 -43.78 -24.56
CA ARG C 546 -22.91 -44.33 -23.48
C ARG C 546 -23.83 -45.48 -23.88
N VAL C 547 -23.55 -46.09 -25.03
CA VAL C 547 -24.32 -47.25 -25.51
C VAL C 547 -24.05 -48.42 -24.58
N PRO C 548 -25.09 -49.22 -24.29
CA PRO C 548 -25.00 -50.39 -23.40
C PRO C 548 -23.98 -51.45 -23.83
N TRP C 549 -24.02 -51.81 -25.10
CA TRP C 549 -23.11 -52.83 -25.61
C TRP C 549 -21.66 -52.43 -25.46
N ALA C 550 -21.43 -51.17 -25.14
CA ALA C 550 -20.07 -50.66 -24.97
C ALA C 550 -19.47 -51.20 -23.67
N TYR C 551 -20.32 -51.63 -22.74
CA TYR C 551 -19.84 -52.16 -21.46
C TYR C 551 -19.82 -53.67 -21.43
N ASP C 552 -20.98 -54.29 -21.66
CA ASP C 552 -21.07 -55.75 -21.70
C ASP C 552 -22.43 -56.24 -22.16
N ASP C 553 -22.60 -57.56 -22.23
CA ASP C 553 -23.85 -58.16 -22.69
C ASP C 553 -25.01 -57.81 -21.79
N GLU C 554 -24.82 -58.08 -20.50
CA GLU C 554 -25.83 -57.84 -19.48
C GLU C 554 -26.34 -56.40 -19.45
N SER C 555 -25.43 -55.43 -19.64
CA SER C 555 -25.81 -54.02 -19.63
C SER C 555 -26.98 -53.77 -20.56
N CYS C 556 -27.00 -54.47 -21.69
CA CYS C 556 -28.08 -54.32 -22.66
C CYS C 556 -29.38 -54.85 -22.05
N ASP C 557 -29.26 -55.90 -21.25
CA ASP C 557 -30.45 -56.48 -20.62
C ASP C 557 -30.96 -55.52 -19.53
N VAL C 558 -30.05 -54.94 -18.76
CA VAL C 558 -30.40 -54.01 -17.71
C VAL C 558 -31.15 -52.81 -18.31
N VAL C 559 -30.59 -52.21 -19.34
CA VAL C 559 -31.21 -51.06 -19.99
C VAL C 559 -32.58 -51.38 -20.56
N ARG C 560 -32.72 -52.58 -21.14
CA ARG C 560 -33.98 -52.99 -21.74
C ARG C 560 -35.05 -53.17 -20.67
N PHE C 561 -34.70 -53.91 -19.63
CA PHE C 561 -35.61 -54.20 -18.54
C PHE C 561 -36.18 -52.93 -17.88
N PHE C 562 -35.29 -52.00 -17.52
CA PHE C 562 -35.74 -50.78 -16.87
C PHE C 562 -36.41 -49.81 -17.84
N THR C 563 -35.97 -49.76 -19.09
CA THR C 563 -36.62 -48.84 -20.03
C THR C 563 -38.07 -49.30 -20.20
N GLN C 564 -38.26 -50.61 -20.36
CA GLN C 564 -39.60 -51.19 -20.52
C GLN C 564 -40.47 -50.94 -19.28
N LEU C 565 -39.88 -51.12 -18.09
CA LEU C 565 -40.59 -50.90 -16.82
C LEU C 565 -41.12 -49.47 -16.74
N LYS C 566 -40.22 -48.51 -16.89
CA LYS C 566 -40.61 -47.11 -16.81
C LYS C 566 -41.72 -46.81 -17.82
N CYS C 567 -41.62 -47.37 -19.01
CA CYS C 567 -42.65 -47.13 -20.02
C CYS C 567 -43.99 -47.68 -19.56
N ARG C 568 -43.96 -48.76 -18.79
CA ARG C 568 -45.18 -49.37 -18.27
C ARG C 568 -45.71 -48.57 -17.08
N MET C 569 -44.80 -47.87 -16.40
CA MET C 569 -45.13 -47.08 -15.23
C MET C 569 -45.67 -45.70 -15.55
N MET C 570 -45.77 -45.35 -16.83
CA MET C 570 -46.24 -44.01 -17.19
C MET C 570 -47.62 -43.58 -16.72
N PRO C 571 -48.56 -44.54 -16.54
CA PRO C 571 -49.87 -44.04 -16.10
C PRO C 571 -49.76 -43.45 -14.67
N TYR C 572 -48.94 -44.09 -13.84
CA TYR C 572 -48.68 -43.66 -12.48
C TYR C 572 -47.77 -42.41 -12.53
N LEU C 573 -46.62 -42.58 -13.16
CA LEU C 573 -45.61 -41.52 -13.32
C LEU C 573 -46.16 -40.17 -13.83
N TYR C 574 -46.85 -40.16 -14.96
CA TYR C 574 -47.36 -38.90 -15.50
C TYR C 574 -48.40 -38.23 -14.60
N ARG C 575 -49.10 -39.03 -13.79
CA ARG C 575 -50.08 -38.45 -12.87
C ARG C 575 -49.28 -37.67 -11.83
N GLU C 576 -48.22 -38.30 -11.31
CA GLU C 576 -47.39 -37.66 -10.32
C GLU C 576 -46.75 -36.40 -10.92
N ALA C 577 -46.47 -36.43 -12.22
CA ALA C 577 -45.86 -35.29 -12.86
C ALA C 577 -46.83 -34.11 -12.86
N ALA C 578 -48.10 -34.38 -13.16
CA ALA C 578 -49.10 -33.32 -13.16
C ALA C 578 -49.18 -32.72 -11.74
N ARG C 579 -48.82 -33.52 -10.76
CA ARG C 579 -48.83 -33.10 -9.37
C ARG C 579 -47.74 -32.05 -9.15
N ALA C 580 -46.58 -32.26 -9.77
CA ALA C 580 -45.47 -31.33 -9.62
C ALA C 580 -45.86 -29.99 -10.24
N ASN C 581 -46.70 -30.05 -11.26
CA ASN C 581 -47.17 -28.84 -11.96
C ASN C 581 -48.27 -28.09 -11.21
N ALA C 582 -49.07 -28.81 -10.44
CA ALA C 582 -50.16 -28.20 -9.71
C ALA C 582 -49.81 -27.79 -8.30
N ARG C 583 -48.99 -28.59 -7.62
CA ARG C 583 -48.60 -28.32 -6.24
C ARG C 583 -47.11 -28.13 -6.00
N GLY C 584 -46.30 -28.22 -7.06
CA GLY C 584 -44.88 -28.08 -6.88
C GLY C 584 -44.28 -29.26 -6.13
N THR C 585 -45.03 -30.35 -6.02
CA THR C 585 -44.51 -31.55 -5.35
C THR C 585 -43.58 -32.20 -6.38
N PRO C 586 -42.29 -32.37 -6.04
CA PRO C 586 -41.35 -32.98 -7.00
C PRO C 586 -41.55 -34.49 -7.14
N MET C 587 -41.33 -34.99 -8.35
CA MET C 587 -41.47 -36.43 -8.60
C MET C 587 -40.52 -37.25 -7.73
N MET C 588 -39.25 -36.84 -7.67
CA MET C 588 -38.26 -37.53 -6.85
C MET C 588 -38.34 -36.83 -5.49
N ARG C 589 -38.73 -37.57 -4.45
CA ARG C 589 -38.91 -36.99 -3.14
C ARG C 589 -38.08 -37.55 -2.01
N ALA C 590 -37.50 -36.66 -1.22
CA ALA C 590 -36.72 -37.10 -0.08
C ALA C 590 -37.73 -37.76 0.84
N MET C 591 -37.31 -38.77 1.57
CA MET C 591 -38.20 -39.50 2.47
C MET C 591 -38.84 -38.53 3.47
N MET C 592 -38.03 -37.63 4.02
CA MET C 592 -38.51 -36.65 4.99
C MET C 592 -39.70 -35.88 4.42
N MET C 593 -39.65 -35.59 3.12
CA MET C 593 -40.74 -34.85 2.50
C MET C 593 -42.03 -35.64 2.41
N GLU C 594 -41.92 -36.96 2.23
CA GLU C 594 -43.13 -37.78 2.12
C GLU C 594 -43.62 -38.25 3.48
N PHE C 595 -42.68 -38.54 4.39
CA PHE C 595 -43.04 -38.97 5.74
C PHE C 595 -42.52 -37.94 6.76
N PRO C 596 -43.10 -36.72 6.74
CA PRO C 596 -42.68 -35.66 7.66
C PRO C 596 -42.64 -35.98 9.16
N ASP C 597 -43.45 -36.95 9.61
CA ASP C 597 -43.47 -37.27 11.02
C ASP C 597 -42.63 -38.48 11.45
N ASP C 598 -41.87 -39.05 10.53
CA ASP C 598 -41.04 -40.21 10.88
C ASP C 598 -39.60 -39.80 11.22
N PRO C 599 -39.24 -39.88 12.51
CA PRO C 599 -37.89 -39.50 12.94
C PRO C 599 -36.76 -40.24 12.22
N ALA C 600 -37.05 -41.43 11.71
CA ALA C 600 -36.03 -42.22 11.01
C ALA C 600 -35.70 -41.67 9.61
N CYS C 601 -36.55 -40.79 9.10
CA CYS C 601 -36.36 -40.23 7.77
C CYS C 601 -35.64 -38.89 7.63
N ASP C 602 -35.13 -38.34 8.73
CA ASP C 602 -34.47 -37.02 8.64
C ASP C 602 -33.22 -36.94 7.78
N TYR C 603 -32.29 -37.87 7.98
CA TYR C 603 -31.04 -37.87 7.23
C TYR C 603 -30.96 -38.86 6.03
N LEU C 604 -32.08 -39.45 5.64
CA LEU C 604 -32.10 -40.42 4.53
C LEU C 604 -31.86 -39.80 3.16
N ASP C 605 -30.71 -40.10 2.58
CA ASP C 605 -30.33 -39.54 1.28
C ASP C 605 -29.93 -40.56 0.21
N ARG C 606 -29.92 -41.84 0.57
CA ARG C 606 -29.54 -42.88 -0.40
C ARG C 606 -30.77 -43.59 -0.96
N GLN C 607 -31.93 -43.04 -0.67
CA GLN C 607 -33.18 -43.59 -1.16
C GLN C 607 -34.15 -42.44 -1.33
N TYR C 608 -35.26 -42.69 -2.01
CA TYR C 608 -36.23 -41.65 -2.23
C TYR C 608 -37.59 -42.23 -2.56
N MET C 609 -38.54 -41.34 -2.79
CA MET C 609 -39.88 -41.75 -3.15
C MET C 609 -40.08 -41.22 -4.55
N LEU C 610 -40.56 -42.09 -5.43
CA LEU C 610 -40.83 -41.73 -6.80
C LEU C 610 -42.35 -41.59 -6.80
N GLY C 611 -42.81 -40.36 -6.75
CA GLY C 611 -44.23 -40.11 -6.68
C GLY C 611 -44.71 -40.50 -5.28
N ASP C 612 -46.02 -40.44 -5.08
CA ASP C 612 -46.61 -40.77 -3.78
C ASP C 612 -46.42 -42.19 -3.25
N ASN C 613 -46.50 -43.18 -4.13
CA ASN C 613 -46.46 -44.56 -3.67
C ASN C 613 -45.27 -45.50 -3.75
N VAL C 614 -44.21 -45.15 -4.47
CA VAL C 614 -43.09 -46.09 -4.53
C VAL C 614 -41.73 -45.59 -4.05
N MET C 615 -41.12 -46.40 -3.21
CA MET C 615 -39.82 -46.15 -2.62
C MET C 615 -38.76 -46.90 -3.45
N VAL C 616 -37.75 -46.18 -3.90
CA VAL C 616 -36.66 -46.80 -4.64
C VAL C 616 -35.32 -46.46 -4.02
N ALA C 617 -34.59 -47.50 -3.67
CA ALA C 617 -33.28 -47.40 -3.07
C ALA C 617 -32.21 -47.96 -4.03
N PRO C 618 -31.48 -47.09 -4.75
CA PRO C 618 -30.44 -47.53 -5.68
C PRO C 618 -29.38 -48.38 -5.00
N VAL C 619 -28.79 -49.30 -5.74
CA VAL C 619 -27.73 -50.12 -5.15
C VAL C 619 -26.42 -49.41 -5.48
N PHE C 620 -25.59 -49.23 -4.45
CA PHE C 620 -24.31 -48.52 -4.58
C PHE C 620 -23.09 -49.41 -4.37
N THR C 621 -23.25 -50.70 -4.64
CA THR C 621 -22.17 -51.65 -4.48
C THR C 621 -22.15 -52.67 -5.62
N GLU C 622 -20.95 -53.17 -5.93
CA GLU C 622 -20.78 -54.15 -6.98
C GLU C 622 -21.48 -55.43 -6.54
N ALA C 623 -21.12 -55.91 -5.35
CA ALA C 623 -21.71 -57.12 -4.79
C ALA C 623 -23.23 -57.08 -4.69
N GLY C 624 -23.83 -55.91 -4.87
CA GLY C 624 -25.28 -55.81 -4.81
C GLY C 624 -25.91 -55.63 -3.44
N ASP C 625 -25.10 -55.61 -2.39
CA ASP C 625 -25.61 -55.41 -1.04
C ASP C 625 -26.17 -53.99 -0.92
N VAL C 626 -27.30 -53.85 -0.23
CA VAL C 626 -27.94 -52.55 -0.03
C VAL C 626 -28.78 -52.52 1.25
N GLN C 627 -28.83 -51.36 1.90
CA GLN C 627 -29.61 -51.18 3.13
C GLN C 627 -30.51 -49.96 2.98
N PHE C 628 -31.77 -50.13 3.34
CA PHE C 628 -32.74 -49.05 3.23
C PHE C 628 -33.70 -49.12 4.40
N TYR C 629 -34.35 -48.00 4.66
CA TYR C 629 -35.32 -47.90 5.74
C TYR C 629 -36.68 -47.85 5.11
N LEU C 630 -37.62 -48.54 5.73
CA LEU C 630 -38.98 -48.55 5.23
C LEU C 630 -39.89 -48.01 6.33
N PRO C 631 -40.73 -47.02 6.00
CA PRO C 631 -41.67 -46.39 6.93
C PRO C 631 -42.81 -47.32 7.35
N GLU C 632 -43.74 -46.74 8.11
CA GLU C 632 -44.90 -47.45 8.62
C GLU C 632 -45.72 -48.15 7.54
N GLY C 633 -46.07 -49.42 7.78
CA GLY C 633 -46.86 -50.18 6.83
C GLY C 633 -46.22 -51.47 6.33
N ARG C 634 -46.92 -52.18 5.46
CA ARG C 634 -46.41 -53.43 4.86
C ARG C 634 -46.21 -53.19 3.37
N TRP C 635 -44.94 -53.09 2.97
CA TRP C 635 -44.62 -52.82 1.57
C TRP C 635 -44.43 -54.06 0.68
N THR C 636 -44.78 -53.90 -0.60
CA THR C 636 -44.70 -54.97 -1.58
C THR C 636 -43.81 -54.60 -2.78
N HIS C 637 -42.75 -55.37 -3.02
CA HIS C 637 -41.88 -55.08 -4.16
C HIS C 637 -42.71 -55.05 -5.44
N LEU C 638 -42.53 -53.97 -6.21
CA LEU C 638 -43.27 -53.74 -7.43
C LEU C 638 -43.34 -54.90 -8.43
N TRP C 639 -42.33 -55.77 -8.47
CA TRP C 639 -42.39 -56.90 -9.39
C TRP C 639 -41.95 -58.25 -8.82
N HIS C 640 -41.15 -58.24 -7.76
CA HIS C 640 -40.74 -59.50 -7.13
C HIS C 640 -41.91 -59.97 -6.26
N ASN C 641 -42.79 -59.02 -5.94
CA ASN C 641 -43.97 -59.25 -5.14
C ASN C 641 -43.73 -59.71 -3.70
N ASP C 642 -42.50 -59.65 -3.23
CA ASP C 642 -42.23 -60.04 -1.84
C ASP C 642 -42.70 -58.91 -0.94
N GLU C 643 -42.92 -59.19 0.35
CA GLU C 643 -43.40 -58.18 1.28
C GLU C 643 -42.45 -57.96 2.47
N LEU C 644 -42.51 -56.77 3.06
CA LEU C 644 -41.68 -56.43 4.22
C LEU C 644 -42.44 -55.52 5.17
N ASP C 645 -42.22 -55.72 6.47
CA ASP C 645 -42.86 -54.89 7.50
C ASP C 645 -42.10 -53.57 7.62
N GLY C 646 -42.82 -52.46 7.55
CA GLY C 646 -42.19 -51.16 7.65
C GLY C 646 -41.73 -50.73 9.04
N SER C 647 -41.40 -49.44 9.15
CA SER C 647 -40.96 -48.86 10.41
C SER C 647 -39.62 -49.47 10.89
N ARG C 648 -38.79 -49.90 9.93
CA ARG C 648 -37.50 -50.48 10.29
C ARG C 648 -36.55 -50.56 9.10
N TRP C 649 -35.28 -50.83 9.39
CA TRP C 649 -34.26 -50.95 8.36
C TRP C 649 -34.21 -52.36 7.79
N HIS C 650 -33.74 -52.48 6.55
CA HIS C 650 -33.64 -53.78 5.86
C HIS C 650 -32.31 -53.89 5.10
N LYS C 651 -31.77 -55.11 5.03
CA LYS C 651 -30.53 -55.38 4.31
C LYS C 651 -30.81 -56.46 3.26
N GLN C 652 -30.60 -56.11 1.99
CA GLN C 652 -30.83 -57.04 0.89
C GLN C 652 -29.67 -57.07 -0.10
N GLN C 653 -29.69 -58.05 -1.00
CA GLN C 653 -28.66 -58.17 -2.02
C GLN C 653 -29.36 -58.37 -3.36
N HIS C 654 -29.10 -57.47 -4.30
CA HIS C 654 -29.73 -57.53 -5.62
C HIS C 654 -28.77 -57.74 -6.77
N GLY C 655 -29.30 -58.35 -7.84
CA GLY C 655 -28.55 -58.60 -9.05
C GLY C 655 -28.80 -57.41 -9.93
N PHE C 656 -28.02 -57.29 -11.02
CA PHE C 656 -28.13 -56.16 -11.94
C PHE C 656 -29.48 -55.90 -12.56
N LEU C 657 -30.44 -56.79 -12.31
CA LEU C 657 -31.77 -56.59 -12.87
C LEU C 657 -32.75 -56.17 -11.75
N SER C 658 -32.22 -56.07 -10.54
CA SER C 658 -33.06 -55.72 -9.39
C SER C 658 -32.50 -54.67 -8.41
N LEU C 659 -33.40 -54.05 -7.66
CA LEU C 659 -33.08 -53.07 -6.63
C LEU C 659 -34.36 -52.87 -5.83
N PRO C 660 -34.24 -52.39 -4.58
CA PRO C 660 -35.46 -52.19 -3.80
C PRO C 660 -36.38 -51.16 -4.45
N VAL C 661 -37.57 -51.62 -4.83
CA VAL C 661 -38.57 -50.76 -5.44
C VAL C 661 -39.86 -51.24 -4.77
N TYR C 662 -40.18 -50.63 -3.63
CA TYR C 662 -41.33 -51.04 -2.85
C TYR C 662 -42.52 -50.10 -2.86
N VAL C 663 -43.70 -50.68 -3.06
CA VAL C 663 -44.96 -49.93 -3.09
C VAL C 663 -45.57 -50.02 -1.70
N ARG C 664 -46.04 -48.88 -1.19
CA ARG C 664 -46.63 -48.84 0.16
C ARG C 664 -48.03 -49.44 0.17
N ASP C 665 -48.47 -49.90 1.34
CA ASP C 665 -49.79 -50.49 1.48
C ASP C 665 -50.90 -49.50 1.18
N ASN C 666 -52.13 -50.02 1.09
CA ASN C 666 -53.31 -49.22 0.80
C ASN C 666 -53.13 -48.42 -0.48
N THR C 667 -52.53 -49.07 -1.47
CA THR C 667 -52.26 -48.44 -2.76
C THR C 667 -52.91 -49.14 -3.95
N LEU C 668 -53.37 -48.33 -4.90
CA LEU C 668 -53.96 -48.84 -6.13
C LEU C 668 -53.11 -48.17 -7.21
N LEU C 669 -52.25 -48.97 -7.84
CA LEU C 669 -51.32 -48.49 -8.87
C LEU C 669 -51.74 -48.84 -10.31
N ALA C 670 -51.57 -47.89 -11.24
CA ALA C 670 -51.91 -48.12 -12.65
C ALA C 670 -50.67 -48.35 -13.51
N LEU C 671 -50.66 -49.47 -14.25
CA LEU C 671 -49.57 -49.82 -15.16
C LEU C 671 -50.13 -49.91 -16.58
N GLY C 672 -49.38 -49.39 -17.54
CA GLY C 672 -49.82 -49.40 -18.92
C GLY C 672 -49.54 -50.68 -19.67
N ASN C 673 -50.06 -50.77 -20.89
CA ASN C 673 -49.88 -51.96 -21.69
C ASN C 673 -48.88 -51.78 -22.83
N ASN C 674 -48.05 -50.75 -22.77
CA ASN C 674 -47.04 -50.53 -23.80
C ASN C 674 -45.69 -50.35 -23.12
N ASP C 675 -44.74 -51.22 -23.43
CA ASP C 675 -43.42 -51.13 -22.82
C ASP C 675 -42.34 -50.68 -23.82
N GLN C 676 -42.78 -50.05 -24.90
CA GLN C 676 -41.89 -49.58 -25.96
C GLN C 676 -41.79 -48.04 -26.05
N ARG C 677 -42.79 -47.34 -25.53
CA ARG C 677 -42.80 -45.88 -25.57
C ARG C 677 -43.55 -45.30 -24.35
N PRO C 678 -43.25 -44.04 -23.98
CA PRO C 678 -43.91 -43.40 -22.83
C PRO C 678 -45.28 -42.81 -23.17
N ASP C 679 -45.40 -42.33 -24.40
CA ASP C 679 -46.62 -41.68 -24.86
C ASP C 679 -47.60 -42.57 -25.62
N TYR C 680 -48.64 -43.04 -24.93
CA TYR C 680 -49.68 -43.87 -25.54
C TYR C 680 -50.96 -43.72 -24.71
N VAL C 681 -52.10 -44.19 -25.24
CA VAL C 681 -53.37 -44.11 -24.52
C VAL C 681 -53.32 -44.98 -23.26
N TRP C 682 -52.91 -44.36 -22.16
CA TRP C 682 -52.76 -45.02 -20.87
C TRP C 682 -54.04 -45.65 -20.30
N HIS C 683 -55.19 -45.07 -20.62
CA HIS C 683 -56.45 -45.58 -20.08
C HIS C 683 -57.11 -46.74 -20.83
N GLU C 684 -56.34 -47.40 -21.70
CA GLU C 684 -56.85 -48.55 -22.45
C GLU C 684 -55.88 -49.70 -22.28
N GLY C 685 -56.37 -50.79 -21.68
CA GLY C 685 -55.52 -51.94 -21.44
C GLY C 685 -54.82 -51.77 -20.11
N THR C 686 -55.23 -50.75 -19.37
CA THR C 686 -54.66 -50.43 -18.07
C THR C 686 -54.73 -51.65 -17.15
N ALA C 687 -53.63 -51.91 -16.45
CA ALA C 687 -53.57 -53.04 -15.53
C ALA C 687 -53.38 -52.55 -14.09
N PHE C 688 -54.50 -52.32 -13.40
CA PHE C 688 -54.51 -51.84 -12.02
C PHE C 688 -54.01 -52.88 -11.02
N HIS C 689 -53.32 -52.42 -9.99
CA HIS C 689 -52.78 -53.31 -8.97
C HIS C 689 -53.09 -52.79 -7.58
N LEU C 690 -53.84 -53.57 -6.81
CA LEU C 690 -54.20 -53.20 -5.44
C LEU C 690 -53.17 -53.80 -4.50
N PHE C 691 -52.63 -52.98 -3.61
CA PHE C 691 -51.61 -53.45 -2.67
C PHE C 691 -52.06 -53.34 -1.21
N ASN C 692 -52.10 -54.48 -0.52
CA ASN C 692 -52.48 -54.55 0.88
C ASN C 692 -53.51 -53.52 1.31
N LEU C 693 -54.73 -53.64 0.79
CA LEU C 693 -55.79 -52.72 1.16
C LEU C 693 -56.24 -53.14 2.55
N GLN C 694 -56.04 -52.27 3.53
CA GLN C 694 -56.42 -52.57 4.91
C GLN C 694 -57.90 -52.38 5.19
N ASP C 695 -58.37 -53.11 6.20
CA ASP C 695 -59.76 -53.04 6.63
C ASP C 695 -60.06 -51.60 7.05
N GLY C 696 -61.04 -50.98 6.40
CA GLY C 696 -61.40 -49.60 6.72
C GLY C 696 -60.63 -48.51 5.98
N HIS C 697 -60.06 -48.85 4.83
CA HIS C 697 -59.30 -47.90 4.04
C HIS C 697 -59.81 -47.81 2.62
N GLU C 698 -59.37 -46.78 1.89
CA GLU C 698 -59.78 -46.59 0.51
C GLU C 698 -58.54 -46.22 -0.32
N ALA C 699 -58.25 -47.04 -1.33
CA ALA C 699 -57.11 -46.79 -2.20
C ALA C 699 -57.65 -46.11 -3.44
N VAL C 700 -57.00 -45.03 -3.86
CA VAL C 700 -57.45 -44.31 -5.04
C VAL C 700 -56.37 -44.27 -6.13
N CYS C 701 -56.81 -44.28 -7.38
CA CYS C 701 -55.89 -44.23 -8.51
C CYS C 701 -56.52 -43.40 -9.62
N GLU C 702 -55.77 -42.41 -10.10
CA GLU C 702 -56.26 -41.53 -11.16
C GLU C 702 -55.38 -41.66 -12.39
N VAL C 703 -56.00 -42.00 -13.52
CA VAL C 703 -55.29 -42.16 -14.77
C VAL C 703 -55.43 -40.86 -15.54
N PRO C 704 -54.28 -40.29 -15.95
CA PRO C 704 -54.27 -39.03 -16.69
C PRO C 704 -54.43 -39.14 -18.19
N ALA C 705 -54.77 -38.02 -18.81
CA ALA C 705 -54.90 -37.91 -20.24
C ALA C 705 -53.55 -37.30 -20.62
N ALA C 706 -53.34 -37.09 -21.92
CA ALA C 706 -52.09 -36.53 -22.40
C ALA C 706 -51.75 -35.19 -21.77
N ASP C 707 -52.77 -34.35 -21.59
CA ASP C 707 -52.56 -33.02 -21.02
C ASP C 707 -52.44 -32.96 -19.50
N GLY C 708 -52.45 -34.10 -18.83
CA GLY C 708 -52.31 -34.10 -17.38
C GLY C 708 -53.59 -34.18 -16.56
N SER C 709 -54.72 -33.74 -17.13
CA SER C 709 -55.99 -33.80 -16.40
C SER C 709 -56.34 -35.27 -16.15
N VAL C 710 -57.18 -35.52 -15.15
CA VAL C 710 -57.60 -36.89 -14.82
C VAL C 710 -58.67 -37.35 -15.81
N ILE C 711 -58.45 -38.49 -16.46
CA ILE C 711 -59.44 -38.98 -17.43
C ILE C 711 -60.26 -40.14 -16.86
N PHE C 712 -59.73 -40.81 -15.86
CA PHE C 712 -60.42 -41.93 -15.25
C PHE C 712 -59.96 -42.10 -13.81
N THR C 713 -60.88 -42.47 -12.94
CA THR C 713 -60.59 -42.70 -11.52
C THR C 713 -61.18 -44.04 -11.09
N LEU C 714 -60.43 -44.75 -10.26
CA LEU C 714 -60.86 -46.06 -9.79
C LEU C 714 -60.59 -46.12 -8.28
N LYS C 715 -61.56 -46.60 -7.50
CA LYS C 715 -61.37 -46.68 -6.06
C LYS C 715 -61.64 -48.07 -5.49
N ALA C 716 -60.81 -48.49 -4.54
CA ALA C 716 -60.97 -49.78 -3.89
C ALA C 716 -61.09 -49.56 -2.39
N ALA C 717 -62.33 -49.59 -1.89
CA ALA C 717 -62.59 -49.38 -0.47
C ALA C 717 -62.97 -50.67 0.24
N ARG C 718 -62.21 -51.03 1.27
CA ARG C 718 -62.49 -52.24 2.03
C ARG C 718 -63.16 -51.94 3.37
N THR C 719 -64.41 -52.38 3.50
CA THR C 719 -65.17 -52.15 4.71
C THR C 719 -64.83 -53.19 5.77
N GLY C 720 -65.35 -54.40 5.63
CA GLY C 720 -65.07 -55.45 6.60
C GLY C 720 -64.22 -56.55 6.01
N ASN C 721 -64.72 -57.13 4.93
CA ASN C 721 -64.04 -58.19 4.21
C ASN C 721 -64.57 -58.07 2.80
N THR C 722 -65.24 -56.95 2.58
CA THR C 722 -65.82 -56.62 1.29
C THR C 722 -65.07 -55.42 0.74
N ILE C 723 -64.64 -55.53 -0.51
CA ILE C 723 -63.92 -54.46 -1.18
C ILE C 723 -64.82 -54.05 -2.33
N THR C 724 -65.23 -52.79 -2.34
CA THR C 724 -66.08 -52.32 -3.42
C THR C 724 -65.25 -51.52 -4.39
N VAL C 725 -65.41 -51.81 -5.68
CA VAL C 725 -64.67 -51.14 -6.72
C VAL C 725 -65.60 -50.28 -7.56
N THR C 726 -65.25 -49.01 -7.70
CA THR C 726 -66.05 -48.07 -8.48
C THR C 726 -65.09 -47.24 -9.31
N GLY C 727 -65.47 -46.99 -10.56
CA GLY C 727 -64.63 -46.22 -11.44
C GLY C 727 -65.42 -45.22 -12.24
N ALA C 728 -64.91 -44.01 -12.32
CA ALA C 728 -65.58 -42.95 -13.07
C ALA C 728 -64.62 -42.43 -14.12
N GLY C 729 -65.14 -42.07 -15.27
CA GLY C 729 -64.29 -41.57 -16.34
C GLY C 729 -64.24 -42.49 -17.56
N GLU C 730 -63.29 -42.23 -18.45
CA GLU C 730 -63.14 -43.02 -19.66
C GLU C 730 -61.97 -43.98 -19.58
N ALA C 731 -62.28 -45.28 -19.56
CA ALA C 731 -61.28 -46.35 -19.48
C ALA C 731 -61.82 -47.56 -20.24
N LYS C 732 -60.93 -48.34 -20.84
CA LYS C 732 -61.34 -49.51 -21.61
C LYS C 732 -60.44 -50.71 -21.39
N ASN C 733 -61.04 -51.90 -21.46
CA ASN C 733 -60.34 -53.17 -21.32
C ASN C 733 -59.30 -53.21 -20.21
N TRP C 734 -59.67 -52.75 -19.03
CA TRP C 734 -58.74 -52.77 -17.92
C TRP C 734 -58.96 -53.93 -16.97
N THR C 735 -57.93 -54.23 -16.17
CA THR C 735 -57.98 -55.33 -15.23
C THR C 735 -57.53 -54.87 -13.84
N LEU C 736 -57.93 -55.62 -12.82
CA LEU C 736 -57.58 -55.32 -11.44
C LEU C 736 -56.94 -56.52 -10.77
N CYS C 737 -55.64 -56.45 -10.49
CA CYS C 737 -54.94 -57.55 -9.87
C CYS C 737 -54.81 -57.40 -8.35
N LEU C 738 -55.37 -58.36 -7.62
CA LEU C 738 -55.32 -58.35 -6.16
C LEU C 738 -53.99 -58.94 -5.72
N ARG C 739 -53.00 -58.07 -5.60
CA ARG C 739 -51.65 -58.47 -5.23
C ARG C 739 -51.56 -59.41 -4.02
N ASN C 740 -50.82 -60.49 -4.19
CA ASN C 740 -50.62 -61.50 -3.15
C ASN C 740 -51.88 -62.14 -2.60
N VAL C 741 -52.97 -62.05 -3.34
CA VAL C 741 -54.23 -62.65 -2.94
C VAL C 741 -54.55 -63.80 -3.91
N VAL C 742 -54.27 -65.02 -3.49
CA VAL C 742 -54.51 -66.18 -4.34
C VAL C 742 -55.98 -66.55 -4.50
N LYS C 743 -56.69 -66.67 -3.38
CA LYS C 743 -58.10 -67.05 -3.45
C LYS C 743 -59.05 -66.05 -2.80
N VAL C 744 -60.15 -65.78 -3.50
CA VAL C 744 -61.17 -64.86 -3.01
C VAL C 744 -62.40 -65.68 -2.63
N ASN C 745 -63.25 -65.12 -1.77
CA ASN C 745 -64.47 -65.79 -1.33
C ASN C 745 -65.57 -65.66 -2.38
N GLY C 746 -65.83 -64.43 -2.80
CA GLY C 746 -66.85 -64.19 -3.81
C GLY C 746 -66.45 -63.10 -4.78
N LEU C 747 -67.32 -62.77 -5.72
CA LEU C 747 -67.03 -61.73 -6.71
C LEU C 747 -68.29 -61.35 -7.46
N GLN C 748 -68.62 -60.06 -7.47
CA GLN C 748 -69.81 -59.56 -8.16
C GLN C 748 -69.42 -58.72 -9.37
N ASP C 749 -70.13 -58.94 -10.48
CA ASP C 749 -69.88 -58.21 -11.73
C ASP C 749 -68.43 -58.29 -12.23
N GLY C 750 -67.89 -59.49 -12.26
CA GLY C 750 -66.53 -59.66 -12.75
C GLY C 750 -66.01 -61.08 -12.74
N SER C 751 -65.23 -61.42 -13.76
CA SER C 751 -64.63 -62.75 -13.88
C SER C 751 -63.21 -62.70 -13.32
N GLN C 752 -62.77 -63.79 -12.73
CA GLN C 752 -61.42 -63.83 -12.17
C GLN C 752 -60.53 -64.83 -12.88
N ALA C 753 -59.24 -64.54 -12.89
CA ALA C 753 -58.24 -65.40 -13.52
C ALA C 753 -57.01 -65.38 -12.63
N GLU C 754 -56.15 -66.37 -12.76
CA GLU C 754 -54.96 -66.41 -11.93
C GLU C 754 -53.80 -65.60 -12.46
N SER C 755 -52.80 -65.43 -11.61
CA SER C 755 -51.59 -64.69 -11.93
C SER C 755 -50.54 -64.99 -10.88
N GLU C 756 -49.28 -64.79 -11.24
CA GLU C 756 -48.17 -65.05 -10.33
C GLU C 756 -48.05 -63.95 -9.27
N GLN C 757 -48.60 -62.79 -9.57
CA GLN C 757 -48.56 -61.65 -8.65
C GLN C 757 -49.81 -61.64 -7.77
N GLY C 758 -50.81 -62.41 -8.17
CA GLY C 758 -52.04 -62.47 -7.40
C GLY C 758 -53.24 -62.60 -8.32
N LEU C 759 -54.39 -62.91 -7.73
CA LEU C 759 -55.63 -63.09 -8.49
C LEU C 759 -55.90 -61.86 -9.35
N VAL C 760 -56.37 -62.08 -10.57
CA VAL C 760 -56.66 -61.00 -11.49
C VAL C 760 -58.16 -60.94 -11.77
N VAL C 761 -58.73 -59.74 -11.72
CA VAL C 761 -60.17 -59.58 -11.94
C VAL C 761 -60.52 -58.67 -13.13
N LYS C 762 -61.49 -59.11 -13.92
CA LYS C 762 -61.96 -58.36 -15.07
C LYS C 762 -63.41 -57.95 -14.82
N PRO C 763 -63.68 -56.64 -14.80
CA PRO C 763 -65.02 -56.08 -14.55
C PRO C 763 -65.99 -56.31 -15.70
N GLN C 764 -67.27 -56.12 -15.40
CA GLN C 764 -68.36 -56.30 -16.35
C GLN C 764 -69.68 -56.07 -15.62
N GLY C 765 -70.46 -55.11 -16.08
CA GLY C 765 -71.72 -54.79 -15.45
C GLY C 765 -71.56 -53.69 -14.41
N ASN C 766 -70.33 -53.18 -14.33
CA ASN C 766 -69.93 -52.11 -13.41
C ASN C 766 -70.70 -52.07 -12.10
N ALA C 767 -70.07 -52.59 -11.06
CA ALA C 767 -70.61 -52.68 -9.71
C ALA C 767 -69.75 -53.73 -9.04
N LEU C 768 -68.49 -53.76 -9.47
CA LEU C 768 -67.51 -54.71 -8.96
C LEU C 768 -67.51 -54.78 -7.44
N THR C 769 -67.50 -56.01 -6.92
CA THR C 769 -67.48 -56.27 -5.49
C THR C 769 -66.81 -57.62 -5.25
N ILE C 770 -65.80 -57.64 -4.38
CA ILE C 770 -65.12 -58.89 -4.09
C ILE C 770 -65.12 -59.14 -2.58
N THR C 771 -65.22 -60.41 -2.19
CA THR C 771 -65.24 -60.78 -0.79
C THR C 771 -64.03 -61.68 -0.48
N LEU C 772 -63.18 -61.23 0.43
CA LEU C 772 -61.99 -62.00 0.79
C LEU C 772 -62.36 -63.26 1.59
N HIS C 773 -61.40 -64.17 1.71
CA HIS C 773 -61.61 -65.41 2.45
C HIS C 773 -61.49 -65.19 3.96
N MET D 1 11.57 -4.15 -23.99
CA MET D 1 10.97 -4.72 -22.75
C MET D 1 11.47 -6.14 -22.54
N LYS D 2 11.97 -6.42 -21.33
CA LYS D 2 12.49 -7.73 -21.02
C LYS D 2 11.35 -8.73 -20.79
N ILE D 3 11.33 -9.80 -21.59
CA ILE D 3 10.29 -10.82 -21.47
C ILE D 3 10.90 -12.06 -20.86
N SER D 4 11.98 -12.55 -21.46
CA SER D 4 12.68 -13.73 -20.98
C SER D 4 13.69 -13.36 -19.90
N ASP D 5 14.07 -14.36 -19.11
CA ASP D 5 15.05 -14.18 -18.04
C ASP D 5 16.16 -15.16 -18.37
N GLY D 6 16.95 -14.84 -19.39
CA GLY D 6 18.00 -15.74 -19.81
C GLY D 6 17.37 -16.77 -20.73
N ASN D 7 18.16 -17.73 -21.22
CA ASN D 7 17.60 -18.74 -22.13
C ASN D 7 16.51 -19.59 -21.46
N TRP D 8 16.78 -20.02 -20.22
CA TRP D 8 15.87 -20.90 -19.47
C TRP D 8 14.68 -20.37 -18.66
N LEU D 9 14.58 -19.07 -18.41
CA LEU D 9 13.46 -18.58 -17.59
C LEU D 9 12.69 -17.41 -18.16
N ILE D 10 11.63 -17.02 -17.47
CA ILE D 10 10.79 -15.90 -17.89
C ILE D 10 10.80 -14.84 -16.78
N GLN D 11 10.62 -13.57 -17.14
CA GLN D 11 10.60 -12.50 -16.12
C GLN D 11 9.47 -12.78 -15.12
N PRO D 12 9.74 -12.59 -13.83
CA PRO D 12 8.73 -12.83 -12.79
C PRO D 12 7.43 -12.08 -13.06
N GLY D 13 6.31 -12.74 -12.81
CA GLY D 13 5.02 -12.12 -12.99
C GLY D 13 4.49 -12.11 -14.42
N LEU D 14 5.26 -12.64 -15.37
CA LEU D 14 4.80 -12.67 -16.74
C LEU D 14 4.27 -14.06 -17.14
N ASN D 15 3.11 -14.08 -17.77
CA ASN D 15 2.49 -15.31 -18.24
C ASN D 15 2.49 -15.26 -19.77
N LEU D 16 3.13 -16.23 -20.41
CA LEU D 16 3.25 -16.25 -21.86
C LEU D 16 2.49 -17.35 -22.59
N ILE D 17 1.92 -17.00 -23.74
CA ILE D 17 1.24 -17.98 -24.59
C ILE D 17 1.68 -17.66 -26.00
N HIS D 18 2.00 -18.72 -26.77
CA HIS D 18 2.47 -18.58 -28.15
C HIS D 18 1.71 -19.44 -29.15
N PRO D 19 1.70 -19.03 -30.42
CA PRO D 19 1.01 -19.86 -31.41
C PRO D 19 2.00 -20.99 -31.71
N LEU D 20 1.65 -22.23 -31.32
CA LEU D 20 2.52 -23.39 -31.50
C LEU D 20 2.11 -24.44 -32.53
N GLN D 21 0.90 -24.36 -33.06
CA GLN D 21 0.45 -25.36 -34.02
C GLN D 21 -0.67 -24.82 -34.87
N VAL D 22 -0.59 -25.00 -36.18
CA VAL D 22 -1.65 -24.51 -37.04
C VAL D 22 -2.88 -25.39 -36.81
N PHE D 23 -4.05 -24.76 -36.76
CA PHE D 23 -5.29 -25.50 -36.54
C PHE D 23 -6.09 -25.47 -37.82
N GLU D 24 -6.02 -24.35 -38.52
CA GLU D 24 -6.76 -24.24 -39.75
C GLU D 24 -6.23 -23.04 -40.53
N VAL D 25 -6.26 -23.15 -41.85
CA VAL D 25 -5.81 -22.07 -42.70
C VAL D 25 -7.00 -21.77 -43.58
N GLU D 26 -7.20 -20.50 -43.89
CA GLU D 26 -8.33 -20.11 -44.70
C GLU D 26 -7.93 -19.00 -45.64
N GLN D 27 -8.59 -18.93 -46.79
CA GLN D 27 -8.29 -17.90 -47.74
C GLN D 27 -9.53 -17.02 -47.89
N GLN D 28 -9.33 -15.71 -47.74
CA GLN D 28 -10.43 -14.75 -47.86
C GLN D 28 -9.97 -13.72 -48.87
N ASP D 29 -10.36 -13.93 -50.14
CA ASP D 29 -9.97 -13.05 -51.22
C ASP D 29 -8.46 -13.11 -51.37
N ASN D 30 -7.81 -11.95 -51.37
CA ASN D 30 -6.36 -11.93 -51.52
C ASN D 30 -5.62 -11.92 -50.19
N GLU D 31 -6.22 -12.54 -49.18
CA GLU D 31 -5.61 -12.62 -47.86
C GLU D 31 -5.64 -14.03 -47.28
N MET D 32 -4.64 -14.36 -46.47
CA MET D 32 -4.53 -15.69 -45.86
C MET D 32 -4.63 -15.62 -44.35
N VAL D 33 -5.62 -16.32 -43.79
CA VAL D 33 -5.81 -16.33 -42.35
C VAL D 33 -5.40 -17.65 -41.74
N VAL D 34 -4.50 -17.60 -40.77
CA VAL D 34 -4.02 -18.78 -40.08
C VAL D 34 -4.47 -18.79 -38.61
N TYR D 35 -5.18 -19.84 -38.20
CA TYR D 35 -5.59 -19.96 -36.82
C TYR D 35 -4.60 -20.88 -36.15
N ALA D 36 -3.88 -20.36 -35.15
CA ALA D 36 -2.88 -21.13 -34.42
C ALA D 36 -3.24 -21.30 -32.95
N ALA D 37 -2.97 -22.49 -32.42
CA ALA D 37 -3.26 -22.80 -31.03
C ALA D 37 -1.98 -22.74 -30.22
N PRO D 38 -2.09 -22.50 -28.90
CA PRO D 38 -0.95 -22.42 -28.00
C PRO D 38 -0.53 -23.78 -27.52
N ARG D 39 -1.20 -24.80 -28.05
CA ARG D 39 -0.90 -26.18 -27.67
C ARG D 39 -1.43 -27.14 -28.74
N ASP D 40 -1.22 -28.43 -28.51
CA ASP D 40 -1.67 -29.45 -29.46
C ASP D 40 -3.19 -29.58 -29.39
N VAL D 41 -3.86 -29.27 -30.49
CA VAL D 41 -5.32 -29.34 -30.53
C VAL D 41 -5.83 -30.28 -31.62
N ARG D 42 -5.08 -31.34 -31.88
CA ARG D 42 -5.51 -32.29 -32.90
C ARG D 42 -6.73 -33.07 -32.39
N GLU D 43 -6.76 -33.37 -31.09
CA GLU D 43 -7.87 -34.08 -30.45
C GLU D 43 -9.01 -33.13 -30.13
N ARG D 44 -10.26 -33.58 -30.27
CA ARG D 44 -11.41 -32.74 -30.00
C ARG D 44 -11.56 -32.40 -28.53
N THR D 45 -10.94 -33.18 -27.66
CA THR D 45 -11.01 -32.94 -26.23
C THR D 45 -10.19 -31.73 -25.80
N TRP D 46 -9.22 -31.33 -26.62
CA TRP D 46 -8.38 -30.17 -26.33
C TRP D 46 -8.77 -28.99 -27.20
N GLN D 47 -9.87 -29.12 -27.93
CA GLN D 47 -10.36 -28.04 -28.78
C GLN D 47 -11.33 -27.15 -28.01
N LEU D 48 -11.01 -26.94 -26.73
CA LEU D 48 -11.82 -26.11 -25.83
C LEU D 48 -10.99 -25.75 -24.60
N ASP D 49 -11.30 -24.59 -24.01
CA ASP D 49 -10.55 -24.09 -22.84
C ASP D 49 -9.11 -23.81 -23.21
N THR D 50 -8.92 -23.03 -24.26
CA THR D 50 -7.59 -22.67 -24.73
C THR D 50 -7.65 -21.40 -25.57
N PRO D 51 -6.58 -20.58 -25.52
CA PRO D 51 -6.57 -19.35 -26.32
C PRO D 51 -6.32 -19.75 -27.77
N LEU D 52 -6.59 -18.86 -28.71
CA LEU D 52 -6.39 -19.15 -30.13
C LEU D 52 -5.98 -17.89 -30.88
N PHE D 53 -4.76 -17.87 -31.40
CA PHE D 53 -4.27 -16.71 -32.16
C PHE D 53 -4.77 -16.71 -33.59
N THR D 54 -5.10 -15.51 -34.08
CA THR D 54 -5.56 -15.36 -35.45
C THR D 54 -4.52 -14.54 -36.22
N LEU D 55 -3.80 -15.20 -37.13
CA LEU D 55 -2.80 -14.52 -37.95
C LEU D 55 -3.35 -14.25 -39.33
N ARG D 56 -3.16 -13.03 -39.81
CA ARG D 56 -3.65 -12.64 -41.13
C ARG D 56 -2.52 -12.05 -41.96
N PHE D 57 -2.32 -12.61 -43.15
CA PHE D 57 -1.29 -12.15 -44.07
C PHE D 57 -1.95 -11.46 -45.24
N PHE D 58 -1.41 -10.31 -45.61
CA PHE D 58 -1.94 -9.52 -46.72
C PHE D 58 -0.79 -8.71 -47.29
N SER D 59 -1.04 -7.99 -48.38
CA SER D 59 0.00 -7.20 -49.01
C SER D 59 -0.51 -5.86 -49.49
N PRO D 60 -0.01 -4.77 -48.88
CA PRO D 60 -0.42 -3.40 -49.24
C PRO D 60 0.29 -2.93 -50.52
N GLN D 61 1.48 -3.46 -50.76
CA GLN D 61 2.26 -3.10 -51.95
C GLN D 61 3.06 -4.33 -52.43
N GLU D 62 3.48 -4.27 -53.69
CA GLU D 62 4.28 -5.35 -54.27
C GLU D 62 5.61 -5.44 -53.53
N GLY D 63 5.91 -6.60 -52.96
CA GLY D 63 7.17 -6.75 -52.25
C GLY D 63 7.02 -6.54 -50.75
N ILE D 64 5.82 -6.17 -50.32
CA ILE D 64 5.59 -5.97 -48.90
C ILE D 64 4.55 -6.95 -48.37
N VAL D 65 4.94 -7.72 -47.36
CA VAL D 65 4.02 -8.68 -46.77
C VAL D 65 3.62 -8.27 -45.37
N GLY D 66 2.35 -7.94 -45.20
CA GLY D 66 1.84 -7.57 -43.90
C GLY D 66 1.45 -8.79 -43.08
N VAL D 67 1.76 -8.73 -41.80
CA VAL D 67 1.46 -9.80 -40.85
C VAL D 67 0.74 -9.19 -39.64
N ARG D 68 -0.47 -9.67 -39.38
CA ARG D 68 -1.26 -9.20 -38.25
C ARG D 68 -1.64 -10.38 -37.36
N ILE D 69 -1.08 -10.42 -36.17
CA ILE D 69 -1.39 -11.48 -35.23
C ILE D 69 -2.15 -10.93 -34.03
N GLU D 70 -3.34 -11.45 -33.80
CA GLU D 70 -4.15 -10.95 -32.70
C GLU D 70 -4.73 -11.96 -31.74
N HIS D 71 -4.92 -11.47 -30.51
CA HIS D 71 -5.50 -12.24 -29.42
C HIS D 71 -6.99 -11.86 -29.43
N PHE D 72 -7.41 -10.95 -28.54
CA PHE D 72 -8.81 -10.53 -28.51
C PHE D 72 -9.10 -9.41 -29.50
N GLN D 73 -10.19 -9.55 -30.25
CA GLN D 73 -10.57 -8.52 -31.21
C GLN D 73 -11.62 -7.60 -30.59
N GLY D 74 -11.94 -7.83 -29.33
CA GLY D 74 -12.94 -7.00 -28.66
C GLY D 74 -12.46 -5.64 -28.19
N ALA D 75 -11.14 -5.44 -28.08
CA ALA D 75 -10.58 -4.16 -27.62
C ALA D 75 -11.06 -2.96 -28.43
N LEU D 76 -10.92 -1.77 -27.85
CA LEU D 76 -11.35 -0.52 -28.50
C LEU D 76 -10.59 -0.14 -29.76
N ASN D 77 -9.27 -0.28 -29.72
CA ASN D 77 -8.43 0.06 -30.88
C ASN D 77 -8.86 1.34 -31.61
N ASN D 78 -8.63 2.50 -30.98
CA ASN D 78 -8.96 3.79 -31.58
C ASN D 78 -7.76 4.29 -32.36
N GLY D 79 -7.98 5.25 -33.26
CA GLY D 79 -6.89 5.84 -34.02
C GLY D 79 -6.05 6.75 -33.15
N PRO D 80 -5.10 7.53 -33.70
CA PRO D 80 -4.77 7.62 -35.12
C PRO D 80 -3.93 6.43 -35.64
N HIS D 81 -3.88 6.31 -36.95
CA HIS D 81 -3.14 5.24 -37.60
C HIS D 81 -2.20 5.89 -38.62
N TYR D 82 -1.03 5.28 -38.82
CA TYR D 82 -0.07 5.82 -39.77
C TYR D 82 -0.68 6.05 -41.14
N PRO D 83 -0.13 7.02 -41.89
CA PRO D 83 -0.63 7.34 -43.23
C PRO D 83 -0.08 6.37 -44.30
N LEU D 84 -0.48 5.10 -44.19
CA LEU D 84 -0.04 4.06 -45.11
C LEU D 84 -0.79 4.05 -46.44
N ASN D 85 -0.05 3.89 -47.53
CA ASN D 85 -0.65 3.81 -48.85
C ASN D 85 -0.98 2.33 -49.02
N ILE D 86 -2.26 2.00 -48.95
CA ILE D 86 -2.69 0.62 -49.07
C ILE D 86 -3.51 0.34 -50.32
N LEU D 87 -3.04 -0.63 -51.11
CA LEU D 87 -3.73 -1.05 -52.33
C LEU D 87 -4.50 -2.31 -51.97
N GLN D 88 -5.62 -2.54 -52.64
CA GLN D 88 -6.42 -3.72 -52.36
C GLN D 88 -6.38 -4.72 -53.51
N ASP D 89 -5.78 -4.31 -54.62
CA ASP D 89 -5.68 -5.14 -55.82
C ASP D 89 -4.24 -5.53 -56.16
N VAL D 90 -3.45 -5.89 -55.15
CA VAL D 90 -2.07 -6.28 -55.38
C VAL D 90 -2.04 -7.76 -55.76
N LYS D 91 -1.31 -8.10 -56.82
CA LYS D 91 -1.22 -9.49 -57.25
C LYS D 91 -0.41 -10.29 -56.25
N VAL D 92 -1.04 -11.33 -55.70
CA VAL D 92 -0.38 -12.19 -54.73
C VAL D 92 -0.79 -13.64 -54.98
N THR D 93 -0.02 -14.57 -54.41
CA THR D 93 -0.31 -15.99 -54.55
C THR D 93 -0.48 -16.60 -53.18
N ILE D 94 -1.53 -17.39 -53.02
CA ILE D 94 -1.79 -18.04 -51.76
C ILE D 94 -1.82 -19.54 -51.94
N GLU D 95 -0.92 -20.21 -51.24
CA GLU D 95 -0.82 -21.65 -51.31
C GLU D 95 -1.10 -22.28 -49.97
N ASN D 96 -2.02 -23.24 -49.95
CA ASN D 96 -2.36 -23.94 -48.72
C ASN D 96 -2.24 -25.45 -48.93
N THR D 97 -1.08 -26.00 -48.58
CA THR D 97 -0.83 -27.43 -48.76
C THR D 97 -0.85 -28.16 -47.44
N GLU D 98 -0.63 -29.47 -47.54
CA GLU D 98 -0.63 -30.34 -46.37
C GLU D 98 0.51 -30.01 -45.40
N ARG D 99 1.65 -29.64 -45.94
CA ARG D 99 2.82 -29.36 -45.13
C ARG D 99 3.04 -27.89 -44.78
N TYR D 100 2.59 -26.99 -45.65
CA TYR D 100 2.78 -25.56 -45.44
C TYR D 100 1.62 -24.73 -45.95
N ALA D 101 1.65 -23.46 -45.57
CA ALA D 101 0.69 -22.45 -46.02
C ALA D 101 1.66 -21.33 -46.40
N GLU D 102 1.48 -20.70 -47.54
CA GLU D 102 2.41 -19.67 -47.94
C GLU D 102 1.71 -18.53 -48.62
N PHE D 103 2.15 -17.32 -48.28
CA PHE D 103 1.58 -16.11 -48.86
C PHE D 103 2.71 -15.40 -49.59
N LYS D 104 2.48 -15.02 -50.84
CA LYS D 104 3.53 -14.37 -51.62
C LYS D 104 3.12 -13.10 -52.34
N SER D 105 4.00 -12.10 -52.27
CA SER D 105 3.79 -10.82 -52.95
C SER D 105 5.17 -10.51 -53.52
N GLY D 106 5.24 -10.30 -54.82
CA GLY D 106 6.54 -10.04 -55.45
C GLY D 106 7.43 -11.27 -55.27
N ASN D 107 8.67 -11.08 -54.86
CA ASN D 107 9.59 -12.18 -54.66
C ASN D 107 9.63 -12.57 -53.20
N LEU D 108 8.78 -11.93 -52.40
CA LEU D 108 8.72 -12.19 -50.96
C LEU D 108 7.46 -12.95 -50.57
N SER D 109 7.64 -13.95 -49.70
CA SER D 109 6.51 -14.73 -49.25
C SER D 109 6.63 -15.06 -47.76
N ALA D 110 5.49 -15.31 -47.15
CA ALA D 110 5.44 -15.67 -45.73
C ALA D 110 5.03 -17.13 -45.72
N ARG D 111 5.72 -17.96 -44.95
CA ARG D 111 5.37 -19.37 -44.92
C ARG D 111 5.28 -19.97 -43.54
N VAL D 112 4.12 -20.54 -43.22
CA VAL D 112 3.88 -21.18 -41.93
C VAL D 112 3.86 -22.71 -42.04
N SER D 113 4.64 -23.37 -41.20
CA SER D 113 4.71 -24.82 -41.22
C SER D 113 3.61 -25.48 -40.41
N LYS D 114 2.87 -26.39 -41.04
CA LYS D 114 1.80 -27.10 -40.37
C LYS D 114 2.45 -28.26 -39.61
N GLY D 115 1.67 -28.98 -38.83
CA GLY D 115 2.24 -30.10 -38.10
C GLY D 115 2.83 -29.81 -36.73
N GLU D 116 3.59 -30.78 -36.23
CA GLU D 116 4.23 -30.70 -34.92
C GLU D 116 5.31 -29.63 -34.75
N PHE D 117 5.88 -29.15 -35.86
CA PHE D 117 6.93 -28.15 -35.77
C PHE D 117 6.54 -26.82 -36.40
N TRP D 118 5.97 -25.94 -35.56
CA TRP D 118 5.55 -24.62 -35.99
C TRP D 118 6.76 -23.83 -36.43
N SER D 119 6.58 -23.02 -37.47
CA SER D 119 7.66 -22.19 -37.99
C SER D 119 7.10 -21.11 -38.90
N LEU D 120 7.59 -19.90 -38.75
CA LEU D 120 7.14 -18.78 -39.58
C LEU D 120 8.39 -18.32 -40.30
N ASP D 121 8.37 -18.40 -41.63
CA ASP D 121 9.55 -18.00 -42.40
C ASP D 121 9.23 -17.02 -43.48
N PHE D 122 10.13 -16.07 -43.69
CA PHE D 122 9.98 -15.09 -44.74
C PHE D 122 11.04 -15.49 -45.78
N LEU D 123 10.61 -15.63 -47.02
CA LEU D 123 11.50 -16.08 -48.07
C LEU D 123 11.57 -15.14 -49.24
N ARG D 124 12.75 -15.05 -49.84
CA ARG D 124 12.96 -14.21 -51.02
C ARG D 124 13.27 -15.28 -52.07
N ASN D 125 12.33 -15.49 -52.99
CA ASN D 125 12.51 -16.51 -54.03
C ASN D 125 12.94 -17.83 -53.39
N GLY D 126 12.14 -18.32 -52.45
CA GLY D 126 12.45 -19.57 -51.80
C GLY D 126 13.58 -19.58 -50.78
N GLU D 127 14.32 -18.47 -50.66
CA GLU D 127 15.39 -18.40 -49.68
C GLU D 127 14.99 -17.60 -48.43
N ARG D 128 15.28 -18.16 -47.26
CA ARG D 128 14.93 -17.55 -45.97
C ARG D 128 15.80 -16.37 -45.54
N ILE D 129 15.24 -15.16 -45.61
CA ILE D 129 15.99 -13.97 -45.20
C ILE D 129 15.83 -13.71 -43.70
N THR D 130 14.71 -14.15 -43.14
CA THR D 130 14.43 -14.01 -41.71
C THR D 130 13.14 -14.74 -41.36
N GLY D 131 12.80 -14.76 -40.08
CA GLY D 131 11.59 -15.42 -39.65
C GLY D 131 11.45 -15.42 -38.14
N SER D 132 10.41 -16.10 -37.67
CA SER D 132 10.12 -16.21 -36.26
C SER D 132 10.03 -17.67 -35.87
N GLN D 133 10.87 -18.11 -34.95
CA GLN D 133 10.86 -19.49 -34.51
C GLN D 133 9.75 -19.75 -33.48
N VAL D 134 9.47 -21.03 -33.26
CA VAL D 134 8.42 -21.39 -32.33
C VAL D 134 8.67 -20.75 -30.96
N LYS D 135 7.63 -20.11 -30.43
CA LYS D 135 7.69 -19.44 -29.13
C LYS D 135 8.41 -18.08 -29.11
N ASN D 136 8.66 -17.49 -30.28
CA ASN D 136 9.32 -16.19 -30.31
C ASN D 136 8.37 -15.06 -30.63
N ASN D 137 7.09 -15.35 -30.53
CA ASN D 137 6.05 -14.36 -30.70
C ASN D 137 4.88 -14.86 -29.86
N GLY D 138 3.86 -14.04 -29.73
CA GLY D 138 2.75 -14.44 -28.90
C GLY D 138 2.27 -13.31 -27.98
N TYR D 139 1.57 -13.71 -26.92
CA TYR D 139 0.94 -12.79 -25.97
C TYR D 139 1.62 -12.77 -24.62
N VAL D 140 1.76 -11.57 -24.05
CA VAL D 140 2.37 -11.40 -22.75
C VAL D 140 1.34 -10.79 -21.80
N GLN D 141 1.12 -11.46 -20.68
CA GLN D 141 0.15 -11.01 -19.68
C GLN D 141 0.97 -10.61 -18.47
N ASP D 142 1.19 -9.32 -18.29
CA ASP D 142 1.98 -8.85 -17.15
C ASP D 142 1.16 -8.83 -15.86
N THR D 143 1.44 -9.80 -14.99
CA THR D 143 0.75 -9.95 -13.71
C THR D 143 1.10 -8.88 -12.67
N ASN D 144 2.21 -8.19 -12.88
CA ASN D 144 2.67 -7.17 -11.96
C ASN D 144 1.98 -5.82 -12.15
N ASN D 145 1.56 -5.52 -13.38
CA ASN D 145 0.92 -4.23 -13.64
C ASN D 145 -0.39 -4.32 -14.41
N GLN D 146 -0.93 -5.52 -14.53
CA GLN D 146 -2.19 -5.75 -15.24
C GLN D 146 -2.16 -5.30 -16.71
N ARG D 147 -0.98 -5.21 -17.29
CA ARG D 147 -0.86 -4.80 -18.69
C ARG D 147 -0.63 -6.03 -19.59
N ASN D 148 -1.14 -5.96 -20.81
CA ASN D 148 -0.97 -7.07 -21.75
C ASN D 148 -0.25 -6.63 -23.03
N TYR D 149 0.70 -7.45 -23.47
CA TYR D 149 1.49 -7.16 -24.66
C TYR D 149 1.50 -8.28 -25.69
N MET D 150 1.82 -7.90 -26.93
CA MET D 150 1.97 -8.82 -28.05
C MET D 150 3.42 -8.56 -28.44
N PHE D 151 4.15 -9.62 -28.82
CA PHE D 151 5.54 -9.48 -29.21
C PHE D 151 5.96 -10.45 -30.34
N GLU D 152 7.05 -10.09 -31.02
CA GLU D 152 7.63 -10.86 -32.12
C GLU D 152 9.15 -10.74 -32.08
N ARG D 153 9.83 -11.80 -32.53
CA ARG D 153 11.29 -11.83 -32.59
C ARG D 153 11.73 -12.37 -33.95
N LEU D 154 12.18 -11.48 -34.81
CA LEU D 154 12.65 -11.83 -36.14
C LEU D 154 14.14 -12.10 -36.07
N ASP D 155 14.55 -13.25 -36.59
CA ASP D 155 15.94 -13.66 -36.56
C ASP D 155 16.91 -12.77 -37.33
N LEU D 156 18.16 -12.83 -36.91
CA LEU D 156 19.28 -12.13 -37.53
C LEU D 156 20.30 -13.24 -37.79
N GLY D 157 20.91 -13.25 -38.97
CA GLY D 157 21.91 -14.28 -39.27
C GLY D 157 23.31 -13.83 -38.92
N VAL D 158 24.29 -14.72 -39.08
CA VAL D 158 25.68 -14.37 -38.79
C VAL D 158 26.05 -13.14 -39.60
N GLY D 159 26.72 -12.19 -38.96
CA GLY D 159 27.13 -10.96 -39.62
C GLY D 159 26.01 -10.01 -40.01
N GLU D 160 24.78 -10.29 -39.60
CA GLU D 160 23.67 -9.39 -39.96
C GLU D 160 23.63 -8.18 -39.01
N THR D 161 23.55 -6.98 -39.58
CA THR D 161 23.53 -5.74 -38.80
C THR D 161 22.24 -4.97 -39.04
N VAL D 162 21.75 -4.29 -38.00
CA VAL D 162 20.51 -3.52 -38.09
C VAL D 162 20.73 -2.02 -38.08
N TYR D 163 19.91 -1.27 -38.81
CA TYR D 163 20.02 0.18 -38.91
C TYR D 163 18.63 0.84 -38.85
N GLY D 164 18.61 2.16 -38.65
CA GLY D 164 17.34 2.89 -38.62
C GLY D 164 16.72 3.18 -37.27
N LEU D 165 15.39 3.10 -37.22
CA LEU D 165 14.61 3.35 -36.02
C LEU D 165 14.56 4.86 -35.69
N GLY D 166 14.71 5.69 -36.71
CA GLY D 166 14.67 7.14 -36.55
C GLY D 166 16.03 7.82 -36.46
N GLU D 167 16.00 9.12 -36.18
CA GLU D 167 17.22 9.90 -36.02
C GLU D 167 17.72 9.60 -34.61
N ARG D 168 18.72 8.74 -34.48
CA ARG D 168 19.24 8.38 -33.17
C ARG D 168 20.72 8.72 -33.11
N PHE D 169 21.26 8.87 -31.91
CA PHE D 169 22.65 9.27 -31.72
C PHE D 169 23.55 8.25 -31.07
N THR D 170 23.01 7.08 -30.82
CA THR D 170 23.78 5.99 -30.25
C THR D 170 24.59 5.40 -31.45
N ALA D 171 25.36 4.35 -31.21
CA ALA D 171 26.15 3.72 -32.27
C ALA D 171 25.22 3.44 -33.47
N LEU D 172 25.73 3.71 -34.67
CA LEU D 172 24.98 3.53 -35.92
C LEU D 172 24.30 2.16 -36.10
N VAL D 173 25.05 1.10 -35.80
CA VAL D 173 24.52 -0.25 -35.88
C VAL D 173 23.80 -0.53 -34.56
N ARG D 174 22.50 -0.71 -34.65
CA ARG D 174 21.64 -0.95 -33.49
C ARG D 174 21.86 -2.25 -32.72
N ASN D 175 22.59 -3.21 -33.30
CA ASN D 175 22.83 -4.49 -32.63
C ASN D 175 23.37 -4.29 -31.21
N GLY D 176 22.67 -4.85 -30.22
CA GLY D 176 23.12 -4.71 -28.85
C GLY D 176 22.37 -3.67 -28.03
N GLN D 177 21.53 -2.85 -28.66
CA GLN D 177 20.82 -1.84 -27.90
C GLN D 177 19.30 -1.94 -27.92
N THR D 178 18.67 -1.35 -26.90
CA THR D 178 17.23 -1.33 -26.84
C THR D 178 16.80 0.07 -27.21
N VAL D 179 15.71 0.18 -27.94
CA VAL D 179 15.22 1.50 -28.30
C VAL D 179 13.70 1.55 -28.19
N GLU D 180 13.20 2.66 -27.65
CA GLU D 180 11.75 2.86 -27.50
C GLU D 180 11.36 3.94 -28.49
N THR D 181 10.38 3.66 -29.34
CA THR D 181 9.97 4.66 -30.32
C THR D 181 8.95 5.60 -29.68
N TRP D 182 9.50 6.59 -28.95
CA TRP D 182 8.71 7.58 -28.20
C TRP D 182 9.43 8.93 -28.29
N ASN D 183 8.80 9.89 -28.98
CA ASN D 183 9.40 11.20 -29.12
C ASN D 183 9.66 11.88 -27.77
N ARG D 184 10.85 12.45 -27.66
CA ARG D 184 11.29 13.14 -26.46
C ARG D 184 12.20 14.29 -26.87
N ASP D 185 12.22 15.32 -26.03
CA ASP D 185 13.08 16.48 -26.24
C ASP D 185 14.24 16.18 -25.30
N GLY D 186 15.13 15.29 -25.73
CA GLY D 186 16.24 14.91 -24.88
C GLY D 186 17.61 15.33 -25.38
N GLY D 187 17.63 16.26 -26.33
CA GLY D 187 18.90 16.71 -26.87
C GLY D 187 19.44 15.71 -27.90
N THR D 188 20.73 15.79 -28.21
CA THR D 188 21.35 14.89 -29.19
C THR D 188 22.54 14.13 -28.64
N SER D 189 22.59 13.95 -27.33
CA SER D 189 23.72 13.25 -26.72
C SER D 189 23.32 12.00 -25.96
N THR D 190 22.07 11.58 -26.10
CA THR D 190 21.62 10.39 -25.38
C THR D 190 20.81 9.43 -26.25
N GLU D 191 20.26 8.40 -25.63
CA GLU D 191 19.46 7.39 -26.34
C GLU D 191 18.09 7.91 -26.75
N GLN D 192 17.72 9.10 -26.30
CA GLN D 192 16.42 9.66 -26.66
C GLN D 192 16.48 10.33 -28.02
N ALA D 193 15.32 10.47 -28.65
CA ALA D 193 15.29 11.08 -29.97
C ALA D 193 14.04 11.94 -30.18
N TYR D 194 14.16 12.96 -31.02
CA TYR D 194 13.05 13.84 -31.36
C TYR D 194 12.23 13.18 -32.47
N LYS D 195 12.91 12.40 -33.31
CA LYS D 195 12.28 11.75 -34.45
C LYS D 195 12.37 10.23 -34.37
N ASN D 196 11.32 9.58 -33.88
CA ASN D 196 11.29 8.13 -33.73
C ASN D 196 10.48 7.47 -34.85
N ILE D 197 11.00 6.35 -35.34
CA ILE D 197 10.37 5.61 -36.45
C ILE D 197 10.56 4.14 -36.16
N PRO D 198 9.44 3.40 -36.00
CA PRO D 198 9.51 1.97 -35.73
C PRO D 198 9.77 1.17 -37.03
N PHE D 199 10.79 1.59 -37.77
CA PHE D 199 11.20 0.93 -39.01
C PHE D 199 12.70 0.68 -38.93
N TYR D 200 13.10 -0.54 -39.26
CA TYR D 200 14.51 -0.90 -39.27
C TYR D 200 14.80 -1.71 -40.54
N MET D 201 16.07 -1.75 -40.94
CA MET D 201 16.46 -2.53 -42.11
C MET D 201 17.83 -3.12 -41.81
N THR D 202 18.19 -4.21 -42.51
CA THR D 202 19.47 -4.88 -42.25
C THR D 202 20.37 -4.93 -43.49
N ASN D 203 21.59 -5.44 -43.32
CA ASN D 203 22.49 -5.51 -44.46
C ASN D 203 22.18 -6.77 -45.29
N ARG D 204 21.00 -7.35 -45.05
CA ARG D 204 20.56 -8.53 -45.78
C ARG D 204 19.52 -8.19 -46.84
N GLY D 205 19.32 -6.90 -47.06
CA GLY D 205 18.37 -6.49 -48.09
C GLY D 205 16.89 -6.41 -47.79
N TYR D 206 16.49 -6.37 -46.52
CA TYR D 206 15.07 -6.27 -46.20
C TYR D 206 14.81 -5.34 -45.00
N GLY D 207 13.58 -4.84 -44.91
CA GLY D 207 13.25 -3.98 -43.80
C GLY D 207 11.93 -4.38 -43.18
N VAL D 208 11.62 -3.82 -41.99
CA VAL D 208 10.35 -4.10 -41.34
C VAL D 208 9.80 -2.91 -40.55
N LEU D 209 8.52 -2.64 -40.80
CA LEU D 209 7.82 -1.55 -40.16
C LEU D 209 6.81 -2.10 -39.15
N VAL D 210 7.03 -1.83 -37.87
CA VAL D 210 6.06 -2.28 -36.87
C VAL D 210 5.01 -1.17 -36.96
N ASN D 211 3.80 -1.54 -37.36
CA ASN D 211 2.71 -0.58 -37.56
C ASN D 211 1.95 -0.13 -36.31
N HIS D 212 2.68 0.42 -35.34
CA HIS D 212 2.07 0.90 -34.11
C HIS D 212 2.58 2.30 -33.71
N PRO D 213 1.71 3.31 -33.82
CA PRO D 213 2.03 4.70 -33.48
C PRO D 213 2.42 4.88 -32.01
N GLN D 214 1.84 4.08 -31.12
CA GLN D 214 2.19 4.18 -29.71
C GLN D 214 3.64 3.78 -29.57
N CYS D 215 4.08 3.59 -28.33
CA CYS D 215 5.47 3.21 -28.08
C CYS D 215 5.78 1.75 -28.40
N VAL D 216 6.77 1.53 -29.26
CA VAL D 216 7.17 0.18 -29.57
C VAL D 216 8.52 -0.02 -28.93
N SER D 217 8.64 -1.07 -28.14
CA SER D 217 9.88 -1.36 -27.45
C SER D 217 10.70 -2.43 -28.18
N PHE D 218 11.85 -2.01 -28.73
CA PHE D 218 12.77 -2.88 -29.46
C PHE D 218 13.97 -3.33 -28.64
N GLU D 219 14.27 -4.62 -28.69
CA GLU D 219 15.46 -5.18 -28.04
C GLU D 219 16.24 -5.73 -29.24
N VAL D 220 17.04 -4.88 -29.88
CA VAL D 220 17.81 -5.29 -31.05
C VAL D 220 19.05 -6.05 -30.67
N GLY D 221 18.89 -7.37 -30.53
CA GLY D 221 20.00 -8.21 -30.15
C GLY D 221 20.43 -7.93 -28.72
N SER D 222 19.55 -7.28 -27.95
CA SER D 222 19.84 -6.96 -26.55
C SER D 222 19.22 -7.93 -25.55
N GLU D 223 18.14 -8.64 -25.92
CA GLU D 223 17.58 -9.66 -25.03
C GLU D 223 18.01 -11.02 -25.61
N LYS D 224 17.64 -11.28 -26.87
CA LYS D 224 18.06 -12.51 -27.57
C LYS D 224 19.09 -11.94 -28.54
N VAL D 225 20.36 -12.22 -28.30
CA VAL D 225 21.41 -11.66 -29.15
C VAL D 225 21.25 -11.88 -30.67
N SER D 226 20.65 -12.99 -31.07
CA SER D 226 20.49 -13.27 -32.50
C SER D 226 19.09 -13.02 -33.04
N LYS D 227 18.40 -12.03 -32.48
CA LYS D 227 17.07 -11.69 -32.95
C LYS D 227 16.74 -10.24 -32.59
N VAL D 228 15.84 -9.65 -33.36
CA VAL D 228 15.35 -8.30 -33.12
C VAL D 228 13.94 -8.51 -32.57
N GLN D 229 13.77 -8.24 -31.29
CA GLN D 229 12.48 -8.37 -30.62
C GLN D 229 11.77 -7.04 -30.53
N PHE D 230 10.46 -7.06 -30.73
CA PHE D 230 9.69 -5.85 -30.56
C PHE D 230 8.35 -6.18 -29.91
N SER D 231 7.93 -5.33 -28.98
CA SER D 231 6.65 -5.52 -28.27
C SER D 231 5.88 -4.22 -28.13
N VAL D 232 4.57 -4.35 -28.03
CA VAL D 232 3.70 -3.21 -27.91
C VAL D 232 2.51 -3.57 -27.01
N GLU D 233 2.04 -2.60 -26.21
CA GLU D 233 0.92 -2.85 -25.32
C GLU D 233 -0.27 -2.87 -26.23
N SER D 234 -0.82 -4.06 -26.46
CA SER D 234 -1.93 -4.17 -27.38
C SER D 234 -2.52 -5.57 -27.36
N GLU D 235 -3.62 -5.75 -28.08
CA GLU D 235 -4.25 -7.06 -28.18
C GLU D 235 -3.88 -7.65 -29.56
N TYR D 236 -3.11 -6.89 -30.33
CA TYR D 236 -2.68 -7.35 -31.64
C TYR D 236 -1.38 -6.67 -32.03
N LEU D 237 -0.61 -7.35 -32.87
CA LEU D 237 0.67 -6.86 -33.35
C LEU D 237 0.67 -7.03 -34.87
N GLU D 238 0.90 -5.93 -35.56
CA GLU D 238 0.94 -5.95 -37.01
C GLU D 238 2.24 -5.31 -37.51
N TYR D 239 3.04 -6.09 -38.24
CA TYR D 239 4.29 -5.62 -38.83
C TYR D 239 4.34 -5.94 -40.33
N PHE D 240 5.19 -5.20 -41.06
CA PHE D 240 5.33 -5.36 -42.50
C PHE D 240 6.76 -5.69 -42.93
N VAL D 241 6.96 -6.85 -43.54
CA VAL D 241 8.30 -7.19 -44.02
C VAL D 241 8.38 -6.57 -45.42
N ILE D 242 9.42 -5.78 -45.63
CA ILE D 242 9.63 -5.05 -46.89
C ILE D 242 10.88 -5.62 -47.56
N ASP D 243 10.71 -6.08 -48.80
CA ASP D 243 11.80 -6.70 -49.55
C ASP D 243 12.70 -5.70 -50.28
N GLY D 244 13.98 -6.05 -50.42
CA GLY D 244 14.92 -5.20 -51.13
C GLY D 244 15.12 -5.63 -52.60
N PRO D 245 16.17 -6.41 -52.90
CA PRO D 245 17.18 -6.94 -52.00
C PRO D 245 18.30 -6.00 -51.58
N THR D 246 18.36 -4.80 -52.16
CA THR D 246 19.41 -3.85 -51.76
C THR D 246 18.82 -2.81 -50.81
N PRO D 247 19.68 -2.19 -49.98
CA PRO D 247 19.15 -1.19 -49.05
C PRO D 247 18.33 -0.13 -49.77
N LYS D 248 18.82 0.34 -50.92
CA LYS D 248 18.07 1.37 -51.65
C LYS D 248 16.71 0.90 -52.14
N ALA D 249 16.58 -0.40 -52.42
CA ALA D 249 15.30 -0.91 -52.90
C ALA D 249 14.32 -0.99 -51.74
N VAL D 250 14.80 -1.35 -50.57
CA VAL D 250 13.91 -1.40 -49.40
C VAL D 250 13.33 0.00 -49.15
N LEU D 251 14.19 1.01 -49.12
CA LEU D 251 13.76 2.39 -48.90
C LEU D 251 12.81 2.85 -49.99
N ASP D 252 13.00 2.31 -51.19
CA ASP D 252 12.12 2.66 -52.30
C ASP D 252 10.71 2.13 -52.00
N ARG D 253 10.61 0.89 -51.52
CA ARG D 253 9.28 0.36 -51.20
C ARG D 253 8.73 1.03 -49.94
N TYR D 254 9.57 1.18 -48.93
CA TYR D 254 9.14 1.82 -47.69
C TYR D 254 8.55 3.22 -47.90
N THR D 255 9.21 4.05 -48.71
CA THR D 255 8.75 5.41 -48.95
C THR D 255 7.55 5.48 -49.89
N ARG D 256 7.40 4.46 -50.74
CA ARG D 256 6.24 4.40 -51.63
C ARG D 256 5.07 4.00 -50.72
N PHE D 257 5.39 3.23 -49.70
CA PHE D 257 4.40 2.72 -48.75
C PHE D 257 3.94 3.75 -47.69
N THR D 258 4.88 4.49 -47.10
CA THR D 258 4.55 5.48 -46.06
C THR D 258 4.63 6.95 -46.50
N GLY D 259 5.26 7.21 -47.64
CA GLY D 259 5.36 8.58 -48.12
C GLY D 259 6.70 8.91 -48.77
N ARG D 260 6.64 9.65 -49.88
CA ARG D 260 7.86 10.02 -50.59
C ARG D 260 8.42 11.37 -50.14
N PRO D 261 9.74 11.46 -50.00
CA PRO D 261 10.31 12.74 -49.59
C PRO D 261 9.97 13.76 -50.69
N ALA D 262 9.44 14.92 -50.31
CA ALA D 262 9.12 15.93 -51.32
C ALA D 262 10.45 16.52 -51.80
N LEU D 263 10.42 17.18 -52.96
CA LEU D 263 11.62 17.80 -53.50
C LEU D 263 11.66 19.27 -53.09
N PRO D 264 12.63 19.64 -52.24
CA PRO D 264 12.79 21.02 -51.76
C PRO D 264 13.24 21.95 -52.89
N PRO D 265 12.70 23.17 -52.96
CA PRO D 265 13.11 24.08 -54.04
C PRO D 265 14.62 24.30 -53.99
N ALA D 266 15.21 24.65 -55.13
CA ALA D 266 16.65 24.87 -55.20
C ALA D 266 17.20 25.91 -54.23
N TRP D 267 16.47 27.01 -54.03
CA TRP D 267 16.96 28.03 -53.12
C TRP D 267 17.22 27.51 -51.70
N SER D 268 16.40 26.58 -51.24
CA SER D 268 16.58 26.05 -49.88
C SER D 268 17.92 25.35 -49.71
N PHE D 269 18.63 25.14 -50.81
CA PHE D 269 19.93 24.47 -50.72
C PHE D 269 21.06 25.43 -50.42
N GLY D 270 20.76 26.73 -50.44
CA GLY D 270 21.78 27.72 -50.13
C GLY D 270 22.11 27.72 -48.65
N LEU D 271 22.97 28.65 -48.24
CA LEU D 271 23.35 28.76 -46.84
C LEU D 271 22.27 29.50 -46.05
N TRP D 272 21.79 28.87 -44.98
CA TRP D 272 20.76 29.48 -44.14
C TRP D 272 21.50 30.24 -43.03
N LEU D 273 20.92 31.35 -42.61
CA LEU D 273 21.53 32.16 -41.56
C LEU D 273 20.56 32.47 -40.43
N THR D 274 21.01 32.31 -39.20
CA THR D 274 20.21 32.62 -38.02
C THR D 274 21.07 33.29 -36.98
N THR D 275 20.54 34.35 -36.37
CA THR D 275 21.26 35.10 -35.35
C THR D 275 21.06 34.53 -33.96
N SER D 276 21.70 33.39 -33.71
CA SER D 276 21.61 32.72 -32.42
C SER D 276 20.19 32.65 -31.85
N PHE D 277 20.10 32.38 -30.55
CA PHE D 277 18.82 32.25 -29.85
C PHE D 277 18.55 33.37 -28.84
N THR D 278 19.57 33.72 -28.07
CA THR D 278 19.42 34.75 -27.03
C THR D 278 19.94 36.15 -27.37
N THR D 279 20.16 36.43 -28.65
CA THR D 279 20.65 37.75 -29.06
C THR D 279 19.55 38.82 -28.94
N ASN D 280 19.97 40.05 -28.67
CA ASN D 280 19.05 41.21 -28.53
C ASN D 280 19.03 41.93 -29.90
N TYR D 281 17.86 41.99 -30.55
CA TYR D 281 17.81 42.62 -31.86
C TYR D 281 16.49 43.24 -32.34
N ASP D 282 16.61 44.11 -33.34
CA ASP D 282 15.47 44.79 -33.99
C ASP D 282 15.75 44.80 -35.50
N GLU D 283 15.03 45.59 -36.29
CA GLU D 283 15.26 45.59 -37.74
C GLU D 283 16.65 46.09 -38.15
N ALA D 284 17.08 47.19 -37.57
CA ALA D 284 18.39 47.75 -37.90
C ALA D 284 19.49 46.74 -37.57
N THR D 285 19.30 46.01 -36.48
CA THR D 285 20.25 45.00 -36.04
C THR D 285 20.35 43.88 -37.08
N VAL D 286 19.19 43.49 -37.62
CA VAL D 286 19.12 42.43 -38.62
C VAL D 286 19.90 42.83 -39.88
N ASN D 287 19.51 43.93 -40.50
CA ASN D 287 20.17 44.40 -41.71
C ASN D 287 21.68 44.56 -41.52
N SER D 288 22.06 45.24 -40.44
CA SER D 288 23.48 45.46 -40.16
C SER D 288 24.20 44.12 -40.03
N PHE D 289 23.43 43.05 -39.95
CA PHE D 289 23.97 41.70 -39.81
C PHE D 289 24.13 41.09 -41.20
N ILE D 290 23.11 41.28 -42.03
CA ILE D 290 23.10 40.78 -43.40
C ILE D 290 24.22 41.43 -44.20
N ASP D 291 24.33 42.75 -44.07
CA ASP D 291 25.35 43.51 -44.77
C ASP D 291 26.75 43.04 -44.38
N GLY D 292 26.91 42.65 -43.12
CA GLY D 292 28.20 42.18 -42.66
C GLY D 292 28.65 41.00 -43.50
N MET D 293 27.68 40.14 -43.83
CA MET D 293 27.94 38.96 -44.64
C MET D 293 28.28 39.37 -46.07
N ALA D 294 27.40 40.18 -46.66
CA ALA D 294 27.60 40.66 -48.02
C ALA D 294 28.93 41.40 -48.13
N GLU D 295 29.26 42.17 -47.09
CA GLU D 295 30.49 42.95 -47.06
C GLU D 295 31.75 42.11 -47.12
N ARG D 296 31.65 40.84 -46.73
CA ARG D 296 32.80 39.96 -46.75
C ARG D 296 32.66 38.87 -47.83
N ASN D 297 31.79 39.14 -48.78
CA ASN D 297 31.51 38.23 -49.89
C ASN D 297 31.17 36.82 -49.42
N LEU D 298 30.39 36.73 -48.36
CA LEU D 298 29.95 35.44 -47.83
C LEU D 298 28.50 35.34 -48.25
N PRO D 299 28.23 34.62 -49.36
CA PRO D 299 26.87 34.46 -49.88
C PRO D 299 25.91 33.92 -48.81
N LEU D 300 24.71 34.48 -48.81
CA LEU D 300 23.65 34.10 -47.88
C LEU D 300 22.37 34.05 -48.71
N HIS D 301 21.47 33.13 -48.41
CA HIS D 301 20.26 33.05 -49.21
C HIS D 301 18.99 32.99 -48.39
N VAL D 302 19.10 32.48 -47.18
CA VAL D 302 17.94 32.40 -46.31
C VAL D 302 18.22 32.98 -44.93
N PHE D 303 17.34 33.86 -44.46
CA PHE D 303 17.51 34.41 -43.12
C PHE D 303 16.38 33.91 -42.24
N HIS D 304 16.75 33.44 -41.06
CA HIS D 304 15.78 32.90 -40.12
C HIS D 304 15.58 33.73 -38.85
N PHE D 305 14.32 34.09 -38.60
CA PHE D 305 13.94 34.84 -37.40
C PHE D 305 13.63 33.78 -36.33
N ASP D 306 14.49 33.60 -35.32
CA ASP D 306 14.17 32.58 -34.32
C ASP D 306 13.21 33.16 -33.26
N CYS D 307 13.13 32.47 -32.14
CA CYS D 307 12.29 32.77 -31.00
C CYS D 307 11.71 34.17 -30.75
N PHE D 308 12.59 35.16 -30.71
CA PHE D 308 12.19 36.51 -30.39
C PHE D 308 11.57 37.47 -31.39
N TRP D 309 10.89 36.96 -32.41
CA TRP D 309 10.23 37.90 -33.30
C TRP D 309 8.89 38.16 -32.60
N MET D 310 8.63 37.35 -31.57
CA MET D 310 7.42 37.47 -30.75
C MET D 310 7.85 37.89 -29.34
N LYS D 311 6.90 38.40 -28.57
CA LYS D 311 7.16 38.84 -27.20
C LYS D 311 7.50 37.65 -26.30
N ALA D 312 8.41 37.86 -25.35
CA ALA D 312 8.82 36.78 -24.45
C ALA D 312 7.66 36.21 -23.64
N PHE D 313 7.74 34.92 -23.34
CA PHE D 313 6.71 34.23 -22.56
C PHE D 313 5.34 34.17 -23.24
N GLN D 314 5.23 34.70 -24.45
CA GLN D 314 3.97 34.65 -25.17
C GLN D 314 4.15 33.76 -26.39
N TRP D 315 5.25 33.01 -26.39
CA TRP D 315 5.60 32.17 -27.51
C TRP D 315 4.54 31.38 -28.23
N CYS D 316 4.39 31.86 -29.45
CA CYS D 316 3.50 31.46 -30.51
C CYS D 316 2.02 31.75 -30.44
N ASP D 317 1.76 33.06 -30.39
CA ASP D 317 0.42 33.59 -30.42
C ASP D 317 0.43 34.33 -31.75
N PHE D 318 1.60 34.25 -32.41
CA PHE D 318 1.86 34.84 -33.72
C PHE D 318 1.90 36.38 -33.80
N GLU D 319 2.11 37.03 -32.66
CA GLU D 319 2.18 38.50 -32.64
C GLU D 319 3.60 39.02 -32.68
N TRP D 320 3.90 39.84 -33.68
CA TRP D 320 5.24 40.39 -33.78
C TRP D 320 5.44 41.35 -32.62
N ASP D 321 6.62 41.29 -32.01
CA ASP D 321 6.95 42.16 -30.89
C ASP D 321 6.82 43.60 -31.43
N PRO D 322 5.80 44.33 -30.96
CA PRO D 322 5.49 45.71 -31.35
C PRO D 322 6.61 46.73 -31.18
N LEU D 323 7.41 46.55 -30.14
CA LEU D 323 8.50 47.48 -29.87
C LEU D 323 9.70 47.20 -30.78
N THR D 324 10.11 45.95 -30.83
CA THR D 324 11.26 45.53 -31.63
C THR D 324 11.04 45.60 -33.14
N PHE D 325 9.87 45.14 -33.58
CA PHE D 325 9.54 45.14 -35.00
C PHE D 325 8.22 45.86 -35.23
N PRO D 326 8.25 47.19 -35.25
CA PRO D 326 7.08 48.05 -35.45
C PRO D 326 6.39 47.85 -36.80
N ASP D 327 7.17 47.42 -37.79
CA ASP D 327 6.62 47.19 -39.13
C ASP D 327 7.13 45.88 -39.74
N PRO D 328 6.44 44.77 -39.44
CA PRO D 328 6.81 43.45 -39.94
C PRO D 328 6.93 43.32 -41.45
N GLU D 329 5.80 43.42 -42.16
CA GLU D 329 5.80 43.27 -43.61
C GLU D 329 6.81 44.19 -44.29
N GLY D 330 6.98 45.40 -43.76
CA GLY D 330 7.93 46.33 -44.35
C GLY D 330 9.36 45.83 -44.28
N MET D 331 9.74 45.27 -43.13
CA MET D 331 11.07 44.73 -42.94
C MET D 331 11.32 43.50 -43.80
N ILE D 332 10.34 42.61 -43.85
CA ILE D 332 10.47 41.39 -44.63
C ILE D 332 10.63 41.69 -46.12
N ARG D 333 9.76 42.54 -46.65
CA ARG D 333 9.82 42.90 -48.07
C ARG D 333 11.09 43.66 -48.40
N ARG D 334 11.70 44.28 -47.39
CA ARG D 334 12.95 45.01 -47.63
C ARG D 334 14.07 43.99 -47.66
N LEU D 335 14.01 43.02 -46.75
CA LEU D 335 15.01 41.96 -46.69
C LEU D 335 14.93 41.14 -47.97
N LYS D 336 13.70 40.89 -48.41
CA LYS D 336 13.40 40.13 -49.62
C LYS D 336 14.10 40.74 -50.84
N ALA D 337 13.97 42.07 -50.97
CA ALA D 337 14.55 42.81 -52.07
C ALA D 337 16.07 42.69 -52.09
N LYS D 338 16.66 42.25 -50.99
CA LYS D 338 18.11 42.07 -50.92
C LYS D 338 18.50 40.69 -51.41
N GLY D 339 17.56 40.01 -52.07
CA GLY D 339 17.83 38.67 -52.58
C GLY D 339 17.92 37.67 -51.45
N LEU D 340 16.88 37.60 -50.63
CA LEU D 340 16.84 36.68 -49.51
C LEU D 340 15.48 36.03 -49.34
N LYS D 341 15.48 34.89 -48.67
CA LYS D 341 14.26 34.17 -48.37
C LYS D 341 14.09 34.28 -46.86
N ILE D 342 12.85 34.39 -46.40
CA ILE D 342 12.59 34.52 -44.97
C ILE D 342 11.89 33.33 -44.33
N CYS D 343 12.51 32.83 -43.26
CA CYS D 343 11.97 31.73 -42.49
C CYS D 343 11.75 32.24 -41.07
N VAL D 344 10.65 31.82 -40.44
CA VAL D 344 10.40 32.25 -39.08
C VAL D 344 10.07 31.09 -38.16
N TRP D 345 10.44 31.25 -36.89
CA TRP D 345 10.21 30.24 -35.86
C TRP D 345 8.73 30.17 -35.48
N ILE D 346 8.29 28.94 -35.17
CA ILE D 346 6.92 28.71 -34.70
C ILE D 346 7.02 27.44 -33.89
N ASN D 347 5.96 27.12 -33.15
CA ASN D 347 5.95 25.90 -32.38
C ASN D 347 4.48 25.60 -32.08
N PRO D 348 4.15 24.43 -31.55
CA PRO D 348 2.73 24.14 -31.29
C PRO D 348 2.21 24.40 -29.89
N TYR D 349 2.92 25.24 -29.14
CA TYR D 349 2.50 25.55 -27.78
C TYR D 349 2.22 27.06 -27.63
N ILE D 350 1.67 27.45 -26.49
CA ILE D 350 1.39 28.85 -26.25
C ILE D 350 1.39 29.18 -24.76
N GLY D 351 2.10 30.26 -24.42
CA GLY D 351 2.22 30.68 -23.03
C GLY D 351 1.02 31.45 -22.50
N GLN D 352 0.80 31.33 -21.19
CA GLN D 352 -0.29 31.98 -20.48
C GLN D 352 -0.29 33.51 -20.62
N LYS D 353 0.90 34.09 -20.63
CA LYS D 353 1.06 35.54 -20.73
C LYS D 353 0.50 36.16 -22.00
N SER D 354 0.26 35.35 -23.00
CA SER D 354 -0.28 35.86 -24.26
C SER D 354 -1.76 36.17 -24.16
N PRO D 355 -2.19 37.30 -24.74
CA PRO D 355 -3.59 37.73 -24.74
C PRO D 355 -4.44 36.70 -25.46
N VAL D 356 -3.85 36.05 -26.44
CA VAL D 356 -4.54 35.04 -27.24
C VAL D 356 -4.85 33.79 -26.43
N PHE D 357 -4.02 33.52 -25.42
CA PHE D 357 -4.21 32.35 -24.59
C PHE D 357 -5.65 32.22 -24.08
N LYS D 358 -6.21 33.32 -23.60
CA LYS D 358 -7.59 33.29 -23.07
C LYS D 358 -8.61 33.00 -24.18
N GLU D 359 -8.42 33.62 -25.35
CA GLU D 359 -9.32 33.40 -26.47
C GLU D 359 -9.33 31.93 -26.89
N LEU D 360 -8.15 31.35 -27.04
CA LEU D 360 -8.04 29.96 -27.45
C LEU D 360 -8.73 29.08 -26.41
N GLN D 361 -8.47 29.37 -25.14
CA GLN D 361 -9.06 28.64 -24.04
C GLN D 361 -10.58 28.69 -24.05
N GLU D 362 -11.15 29.86 -24.28
CA GLU D 362 -12.60 29.99 -24.29
C GLU D 362 -13.21 29.38 -25.55
N LYS D 363 -12.39 29.21 -26.58
CA LYS D 363 -12.87 28.62 -27.82
C LYS D 363 -12.73 27.09 -27.79
N GLY D 364 -11.91 26.59 -26.86
CA GLY D 364 -11.70 25.16 -26.74
C GLY D 364 -10.70 24.61 -27.75
N TYR D 365 -9.76 25.44 -28.17
CA TYR D 365 -8.75 25.04 -29.15
C TYR D 365 -7.50 24.48 -28.52
N LEU D 366 -7.50 24.29 -27.20
CA LEU D 366 -6.31 23.78 -26.53
C LEU D 366 -6.55 22.41 -25.90
N LEU D 367 -5.48 21.62 -25.79
CA LEU D 367 -5.56 20.28 -25.22
C LEU D 367 -6.06 20.30 -23.78
N LYS D 368 -7.10 19.52 -23.49
CA LYS D 368 -7.67 19.47 -22.15
C LYS D 368 -7.46 18.14 -21.47
N ARG D 369 -7.48 18.16 -20.15
CA ARG D 369 -7.35 16.92 -19.37
C ARG D 369 -8.77 16.36 -19.37
N PRO D 370 -8.96 15.13 -18.88
CA PRO D 370 -10.28 14.49 -18.83
C PRO D 370 -11.35 15.35 -18.15
N ASP D 371 -10.99 16.00 -17.05
CA ASP D 371 -11.95 16.84 -16.32
C ASP D 371 -12.37 18.11 -17.06
N GLY D 372 -11.73 18.41 -18.19
CA GLY D 372 -12.11 19.61 -18.93
C GLY D 372 -11.19 20.78 -18.72
N SER D 373 -10.39 20.73 -17.66
CA SER D 373 -9.44 21.81 -17.40
C SER D 373 -8.35 21.70 -18.47
N LEU D 374 -7.57 22.77 -18.64
CA LEU D 374 -6.50 22.74 -19.63
C LEU D 374 -5.30 22.02 -19.09
N TRP D 375 -4.61 21.28 -19.95
CA TRP D 375 -3.39 20.60 -19.55
C TRP D 375 -2.33 21.72 -19.60
N GLN D 376 -1.52 21.83 -18.56
CA GLN D 376 -0.48 22.86 -18.49
C GLN D 376 0.72 22.41 -17.66
N TRP D 377 1.79 23.20 -17.74
CA TRP D 377 3.02 22.97 -16.98
C TRP D 377 4.01 24.14 -17.22
N ASP D 378 5.16 24.11 -16.55
CA ASP D 378 6.12 25.21 -16.67
C ASP D 378 7.45 24.96 -17.35
N LYS D 379 7.57 23.90 -18.14
CA LYS D 379 8.83 23.63 -18.81
C LYS D 379 8.89 24.27 -20.20
N TRP D 380 9.90 25.13 -20.38
CA TRP D 380 10.15 25.91 -21.59
C TRP D 380 9.35 27.21 -21.51
N GLN D 381 8.18 27.09 -20.89
CA GLN D 381 7.27 28.23 -20.72
C GLN D 381 6.42 28.08 -19.47
N PRO D 382 5.85 29.20 -18.99
CA PRO D 382 4.99 29.18 -17.81
C PRO D 382 3.53 28.90 -18.20
N GLY D 383 2.92 27.92 -17.54
CA GLY D 383 1.54 27.58 -17.84
C GLY D 383 1.37 27.35 -19.33
N LEU D 384 2.29 26.60 -19.90
CA LEU D 384 2.27 26.30 -21.32
C LEU D 384 1.15 25.35 -21.70
N ALA D 385 0.32 25.75 -22.66
CA ALA D 385 -0.77 24.92 -23.12
C ALA D 385 -0.41 24.37 -24.51
N ILE D 386 -1.21 23.43 -25.02
CA ILE D 386 -0.96 22.82 -26.31
C ILE D 386 -2.15 22.93 -27.28
N TYR D 387 -1.88 23.38 -28.50
CA TYR D 387 -2.93 23.51 -29.51
C TYR D 387 -3.48 22.10 -29.79
N ASP D 388 -4.80 21.95 -29.80
CA ASP D 388 -5.39 20.64 -30.06
C ASP D 388 -5.64 20.49 -31.56
N PHE D 389 -4.65 19.95 -32.25
CA PHE D 389 -4.76 19.79 -33.69
C PHE D 389 -5.80 18.78 -34.18
N THR D 390 -6.38 18.00 -33.27
CA THR D 390 -7.40 17.05 -33.69
C THR D 390 -8.74 17.78 -33.70
N ASN D 391 -8.68 19.09 -33.50
CA ASN D 391 -9.85 19.95 -33.47
C ASN D 391 -9.87 20.75 -34.77
N PRO D 392 -10.85 20.48 -35.65
CA PRO D 392 -11.02 21.15 -36.94
C PRO D 392 -10.93 22.68 -36.91
N ASP D 393 -11.50 23.29 -35.88
CA ASP D 393 -11.47 24.75 -35.80
C ASP D 393 -10.14 25.30 -35.28
N ALA D 394 -9.52 24.57 -34.37
CA ALA D 394 -8.23 24.99 -33.84
C ALA D 394 -7.22 24.94 -35.00
N CYS D 395 -7.31 23.91 -35.83
CA CYS D 395 -6.40 23.79 -36.98
C CYS D 395 -6.57 24.98 -37.92
N LYS D 396 -7.82 25.40 -38.13
CA LYS D 396 -8.11 26.51 -39.00
C LYS D 396 -7.54 27.82 -38.46
N TRP D 397 -7.69 28.02 -37.15
CA TRP D 397 -7.20 29.22 -36.48
C TRP D 397 -5.68 29.35 -36.65
N TYR D 398 -4.97 28.26 -36.37
CA TYR D 398 -3.51 28.21 -36.49
C TYR D 398 -3.09 28.42 -37.95
N ALA D 399 -3.78 27.73 -38.85
CA ALA D 399 -3.47 27.81 -40.27
C ALA D 399 -3.61 29.23 -40.79
N ASP D 400 -4.71 29.89 -40.45
CA ASP D 400 -4.92 31.27 -40.91
C ASP D 400 -3.80 32.19 -40.44
N LYS D 401 -3.31 31.96 -39.22
CA LYS D 401 -2.23 32.78 -38.68
C LYS D 401 -0.95 32.62 -39.51
N LEU D 402 -0.71 31.41 -40.01
CA LEU D 402 0.47 31.16 -40.83
C LEU D 402 0.31 31.81 -42.21
N LYS D 403 -0.90 31.70 -42.76
CA LYS D 403 -1.16 32.31 -44.06
C LYS D 403 -0.91 33.81 -43.92
N GLY D 404 -1.24 34.34 -42.75
CA GLY D 404 -1.03 35.76 -42.49
C GLY D 404 0.44 36.11 -42.64
N LEU D 405 1.30 35.26 -42.09
CA LEU D 405 2.74 35.47 -42.15
C LEU D 405 3.23 35.35 -43.59
N VAL D 406 2.78 34.32 -44.29
CA VAL D 406 3.17 34.09 -45.68
C VAL D 406 2.77 35.30 -46.52
N ALA D 407 1.56 35.80 -46.30
CA ALA D 407 1.05 36.95 -47.04
C ALA D 407 1.90 38.17 -46.70
N MET D 408 2.67 38.05 -45.63
CA MET D 408 3.53 39.13 -45.16
C MET D 408 4.89 39.02 -45.85
N GLY D 409 5.15 37.89 -46.50
CA GLY D 409 6.42 37.71 -47.18
C GLY D 409 7.28 36.59 -46.66
N VAL D 410 6.82 35.92 -45.60
CA VAL D 410 7.57 34.80 -45.04
C VAL D 410 7.49 33.65 -46.05
N ASP D 411 8.60 32.96 -46.28
CA ASP D 411 8.62 31.87 -47.25
C ASP D 411 8.52 30.48 -46.65
N CYS D 412 9.16 30.28 -45.50
CA CYS D 412 9.13 28.97 -44.84
C CYS D 412 9.08 29.11 -43.33
N PHE D 413 8.90 27.98 -42.66
CA PHE D 413 8.83 27.97 -41.20
C PHE D 413 9.70 26.90 -40.58
N LYS D 414 10.14 27.15 -39.35
CA LYS D 414 10.90 26.16 -38.61
C LYS D 414 9.90 25.64 -37.59
N THR D 415 9.41 24.42 -37.78
CA THR D 415 8.46 23.84 -36.84
C THR D 415 9.22 23.20 -35.69
N ASP D 416 9.49 24.01 -34.67
CA ASP D 416 10.24 23.53 -33.51
C ASP D 416 9.34 22.75 -32.57
N PHE D 417 9.96 22.00 -31.68
CA PHE D 417 9.26 21.20 -30.69
C PHE D 417 8.19 20.26 -31.25
N GLY D 418 7.28 19.83 -30.38
CA GLY D 418 6.22 18.94 -30.79
C GLY D 418 6.41 17.52 -30.30
N GLU D 419 7.42 17.28 -29.47
CA GLU D 419 7.69 15.94 -28.98
C GLU D 419 7.08 15.57 -27.62
N ARG D 420 7.07 16.50 -26.67
CA ARG D 420 6.54 16.25 -25.33
C ARG D 420 5.03 16.33 -25.24
N ILE D 421 4.33 15.45 -25.94
CA ILE D 421 2.88 15.42 -25.91
C ILE D 421 2.45 14.52 -24.76
N PRO D 422 1.63 15.05 -23.85
CA PRO D 422 1.14 14.29 -22.69
C PRO D 422 0.10 13.25 -23.10
N THR D 423 -0.03 12.19 -22.29
CA THR D 423 -1.00 11.14 -22.56
C THR D 423 -2.23 11.16 -21.63
N ASP D 424 -2.12 11.87 -20.50
CA ASP D 424 -3.23 11.98 -19.55
C ASP D 424 -4.11 13.15 -19.96
N VAL D 425 -4.62 13.06 -21.19
CA VAL D 425 -5.44 14.11 -21.75
C VAL D 425 -6.63 13.53 -22.49
N GLN D 426 -7.41 14.40 -23.11
CA GLN D 426 -8.56 13.98 -23.88
C GLN D 426 -8.65 14.85 -25.10
N TRP D 427 -8.21 14.31 -26.23
CA TRP D 427 -8.24 15.04 -27.49
C TRP D 427 -9.66 15.31 -27.92
N PHE D 428 -9.83 16.33 -28.75
CA PHE D 428 -11.11 16.71 -29.29
C PHE D 428 -11.80 15.56 -30.03
N ASP D 429 -11.07 14.90 -30.92
CA ASP D 429 -11.64 13.79 -31.71
C ASP D 429 -11.63 12.48 -30.94
N GLY D 430 -11.18 12.52 -29.70
CA GLY D 430 -11.14 11.32 -28.88
C GLY D 430 -10.14 10.25 -29.27
N SER D 431 -9.09 10.63 -30.00
CA SER D 431 -8.05 9.69 -30.41
C SER D 431 -7.46 9.04 -29.18
N ASP D 432 -6.63 8.02 -29.39
CA ASP D 432 -5.98 7.30 -28.29
C ASP D 432 -4.72 8.08 -27.93
N PRO D 433 -4.65 8.64 -26.70
CA PRO D 433 -3.50 9.42 -26.23
C PRO D 433 -2.15 8.74 -26.43
N GLN D 434 -2.13 7.42 -26.26
CA GLN D 434 -0.89 6.67 -26.41
C GLN D 434 -0.36 6.71 -27.83
N LYS D 435 -1.26 6.88 -28.80
CA LYS D 435 -0.86 6.91 -30.20
C LYS D 435 -0.67 8.35 -30.68
N MET D 436 -1.36 9.28 -30.03
CA MET D 436 -1.25 10.67 -30.41
C MET D 436 0.12 11.24 -30.08
N HIS D 437 0.77 10.69 -29.06
CA HIS D 437 2.07 11.20 -28.67
C HIS D 437 3.04 11.36 -29.85
N ASN D 438 3.31 10.28 -30.57
CA ASN D 438 4.23 10.36 -31.71
C ASN D 438 3.59 10.98 -32.95
N HIS D 439 2.36 10.59 -33.24
CA HIS D 439 1.65 11.07 -34.40
C HIS D 439 1.40 12.57 -34.44
N TYR D 440 1.42 13.21 -33.28
CA TYR D 440 1.20 14.65 -33.19
C TYR D 440 2.19 15.36 -34.14
N ALA D 441 3.45 14.96 -34.06
CA ALA D 441 4.49 15.53 -34.92
C ALA D 441 4.06 15.53 -36.37
N TYR D 442 3.42 14.43 -36.80
CA TYR D 442 2.98 14.32 -38.18
C TYR D 442 1.87 15.32 -38.48
N ILE D 443 0.82 15.31 -37.66
CA ILE D 443 -0.31 16.22 -37.83
C ILE D 443 0.16 17.68 -37.83
N TYR D 444 1.00 18.01 -36.86
CA TYR D 444 1.57 19.35 -36.69
C TYR D 444 2.22 19.81 -37.99
N ASN D 445 3.22 19.06 -38.44
CA ASN D 445 3.92 19.39 -39.65
C ASN D 445 3.08 19.32 -40.91
N GLU D 446 2.12 18.39 -40.96
CA GLU D 446 1.27 18.28 -42.14
C GLU D 446 0.43 19.55 -42.31
N LEU D 447 -0.10 20.05 -41.20
CA LEU D 447 -0.91 21.26 -41.23
C LEU D 447 -0.09 22.42 -41.79
N VAL D 448 1.11 22.61 -41.26
CA VAL D 448 2.01 23.67 -41.70
C VAL D 448 2.33 23.49 -43.18
N TRP D 449 2.83 22.32 -43.53
CA TRP D 449 3.16 22.02 -44.91
C TRP D 449 2.03 22.41 -45.88
N ASN D 450 0.80 22.03 -45.55
CA ASN D 450 -0.32 22.34 -46.43
C ASN D 450 -0.63 23.83 -46.54
N VAL D 451 -0.15 24.62 -45.58
CA VAL D 451 -0.37 26.06 -45.64
C VAL D 451 0.50 26.59 -46.77
N LEU D 452 1.74 26.11 -46.83
CA LEU D 452 2.67 26.52 -47.88
C LEU D 452 2.16 26.02 -49.23
N LYS D 453 1.75 24.75 -49.28
CA LYS D 453 1.22 24.18 -50.51
C LYS D 453 0.12 25.08 -51.07
N ASP D 454 -0.77 25.52 -50.18
CA ASP D 454 -1.88 26.37 -50.57
C ASP D 454 -1.58 27.85 -50.78
N THR D 455 -0.36 28.28 -50.47
CA THR D 455 -0.03 29.71 -50.63
C THR D 455 1.15 29.98 -51.56
N VAL D 456 2.33 29.53 -51.20
CA VAL D 456 3.51 29.73 -52.03
C VAL D 456 3.66 28.63 -53.10
N GLY D 457 2.80 27.62 -53.05
CA GLY D 457 2.88 26.55 -54.03
C GLY D 457 3.73 25.38 -53.55
N GLU D 458 3.28 24.18 -53.87
CA GLU D 458 3.97 22.96 -53.46
C GLU D 458 5.45 22.91 -53.77
N GLU D 459 5.85 23.45 -54.93
CA GLU D 459 7.26 23.43 -55.31
C GLU D 459 8.10 24.38 -54.46
N GLU D 460 7.46 25.37 -53.87
CA GLU D 460 8.19 26.33 -53.03
C GLU D 460 8.21 25.92 -51.57
N ALA D 461 7.39 24.93 -51.21
CA ALA D 461 7.30 24.46 -49.84
C ALA D 461 8.58 23.84 -49.27
N VAL D 462 8.84 24.14 -48.00
CA VAL D 462 10.01 23.60 -47.31
C VAL D 462 9.96 24.00 -45.84
N LEU D 463 10.52 23.16 -44.98
CA LEU D 463 10.53 23.43 -43.56
C LEU D 463 11.88 23.05 -42.98
N PHE D 464 11.99 23.26 -41.67
CA PHE D 464 13.16 22.89 -40.87
C PHE D 464 12.42 22.30 -39.66
N ALA D 465 12.13 20.99 -39.72
CA ALA D 465 11.40 20.30 -38.66
C ALA D 465 12.28 19.58 -37.64
N ARG D 466 11.95 19.74 -36.36
CA ARG D 466 12.72 19.12 -35.29
C ARG D 466 12.21 17.75 -34.86
N SER D 467 10.90 17.56 -34.94
CA SER D 467 10.32 16.28 -34.56
C SER D 467 9.67 15.63 -35.77
N ALA D 468 9.41 14.33 -35.67
CA ALA D 468 8.79 13.63 -36.79
C ALA D 468 8.24 12.26 -36.41
N SER D 469 7.40 11.73 -37.29
CA SER D 469 6.78 10.42 -37.10
C SER D 469 6.63 9.76 -38.48
N VAL D 470 6.28 8.47 -38.52
CA VAL D 470 6.12 7.76 -39.80
C VAL D 470 5.25 8.54 -40.78
N GLY D 471 5.84 8.88 -41.92
CA GLY D 471 5.09 9.62 -42.93
C GLY D 471 5.49 11.08 -43.02
N ALA D 472 6.19 11.56 -42.01
CA ALA D 472 6.62 12.95 -41.97
C ALA D 472 7.70 13.26 -42.99
N GLN D 473 8.35 12.24 -43.54
CA GLN D 473 9.39 12.47 -44.53
C GLN D 473 8.85 13.21 -45.74
N LYS D 474 7.52 13.34 -45.84
CA LYS D 474 6.92 14.06 -46.98
C LYS D 474 6.97 15.59 -46.80
N PHE D 475 7.44 16.04 -45.65
CA PHE D 475 7.53 17.47 -45.35
C PHE D 475 9.01 17.71 -45.11
N PRO D 476 9.81 17.60 -46.19
CA PRO D 476 11.26 17.76 -46.30
C PRO D 476 12.03 18.71 -45.43
N VAL D 477 13.27 18.25 -45.23
CA VAL D 477 14.33 18.82 -44.42
C VAL D 477 13.96 18.88 -42.96
N HIS D 478 14.53 17.91 -42.26
CA HIS D 478 14.39 17.73 -40.85
C HIS D 478 15.74 18.16 -40.30
N TRP D 479 15.68 18.91 -39.21
CA TRP D 479 16.83 19.51 -38.56
C TRP D 479 17.34 18.72 -37.36
N GLY D 480 18.66 18.49 -37.35
CA GLY D 480 19.31 17.72 -36.30
C GLY D 480 19.22 18.08 -34.83
N GLY D 481 18.72 19.27 -34.49
CA GLY D 481 18.59 19.62 -33.08
C GLY D 481 19.73 20.35 -32.40
N ASP D 482 19.67 20.40 -31.08
CA ASP D 482 20.67 21.11 -30.26
C ASP D 482 21.91 20.26 -29.98
N CYS D 483 23.01 20.58 -30.65
CA CYS D 483 24.24 19.82 -30.45
C CYS D 483 25.34 20.66 -29.80
N TYR D 484 26.19 20.02 -29.02
CA TYR D 484 27.27 20.71 -28.33
C TYR D 484 28.44 21.06 -29.22
N ALA D 485 29.30 21.95 -28.73
CA ALA D 485 30.45 22.42 -29.50
C ALA D 485 31.77 21.67 -29.34
N ASN D 486 31.77 20.38 -29.67
CA ASN D 486 32.98 19.57 -29.59
C ASN D 486 32.94 18.50 -30.70
N TYR D 487 34.04 17.78 -30.89
CA TYR D 487 34.11 16.78 -31.95
C TYR D 487 33.24 15.55 -31.70
N GLU D 488 33.25 15.04 -30.48
CA GLU D 488 32.43 13.88 -30.14
C GLU D 488 30.99 14.19 -30.51
N SER D 489 30.57 15.41 -30.24
CA SER D 489 29.20 15.81 -30.55
C SER D 489 28.98 16.05 -32.03
N MET D 490 30.03 16.40 -32.75
CA MET D 490 29.88 16.60 -34.18
C MET D 490 29.63 15.19 -34.80
N ALA D 491 30.31 14.18 -34.26
CA ALA D 491 30.18 12.80 -34.73
C ALA D 491 28.80 12.23 -34.37
N GLU D 492 28.35 12.48 -33.14
CA GLU D 492 27.05 11.98 -32.69
C GLU D 492 26.01 12.47 -33.66
N SER D 493 26.20 13.70 -34.10
CA SER D 493 25.28 14.36 -35.02
C SER D 493 25.26 13.75 -36.43
N LEU D 494 26.43 13.35 -36.93
CA LEU D 494 26.51 12.74 -38.24
C LEU D 494 25.76 11.41 -38.16
N ARG D 495 26.01 10.65 -37.09
CA ARG D 495 25.35 9.38 -36.88
C ARG D 495 23.84 9.52 -36.93
N GLY D 496 23.32 10.60 -36.37
CA GLY D 496 21.89 10.80 -36.39
C GLY D 496 21.40 11.10 -37.79
N GLY D 497 22.17 11.91 -38.51
CA GLY D 497 21.79 12.26 -39.87
C GLY D 497 21.79 11.03 -40.79
N LEU D 498 22.78 10.16 -40.60
CA LEU D 498 22.87 8.94 -41.41
C LEU D 498 21.65 8.08 -41.07
N SER D 499 21.37 7.94 -39.78
CA SER D 499 20.26 7.15 -39.29
C SER D 499 18.90 7.55 -39.84
N ILE D 500 18.66 8.84 -39.97
CA ILE D 500 17.37 9.31 -40.43
C ILE D 500 17.17 8.99 -41.93
N GLY D 501 18.27 8.99 -42.67
CA GLY D 501 18.19 8.67 -44.08
C GLY D 501 17.85 7.18 -44.19
N LEU D 502 18.41 6.41 -43.25
CA LEU D 502 18.18 4.97 -43.19
C LEU D 502 16.77 4.69 -42.66
N SER D 503 16.00 5.75 -42.41
CA SER D 503 14.63 5.62 -41.89
C SER D 503 13.59 6.23 -42.81
N GLY D 504 13.95 6.45 -44.06
CA GLY D 504 13.02 7.01 -45.02
C GLY D 504 13.07 8.52 -45.24
N PHE D 505 13.99 9.20 -44.59
CA PHE D 505 14.09 10.66 -44.75
C PHE D 505 15.16 11.07 -45.76
N GLY D 506 14.74 11.83 -46.76
CA GLY D 506 15.65 12.24 -47.82
C GLY D 506 16.49 13.49 -47.65
N PHE D 507 16.14 14.35 -46.70
CA PHE D 507 16.87 15.61 -46.48
C PHE D 507 17.10 15.90 -45.00
N TRP D 508 18.32 16.27 -44.66
CA TRP D 508 18.67 16.54 -43.28
C TRP D 508 19.55 17.77 -43.15
N SER D 509 19.24 18.61 -42.18
CA SER D 509 20.03 19.81 -41.94
C SER D 509 20.50 19.80 -40.49
N HIS D 510 21.56 20.56 -40.23
CA HIS D 510 22.12 20.69 -38.89
C HIS D 510 22.75 22.07 -38.77
N ASP D 511 23.04 22.52 -37.54
CA ASP D 511 23.62 23.84 -37.37
C ASP D 511 25.14 23.83 -37.31
N ILE D 512 25.75 24.70 -38.10
CA ILE D 512 27.21 24.79 -38.13
C ILE D 512 27.72 25.41 -36.83
N GLY D 513 28.60 24.68 -36.14
CA GLY D 513 29.17 25.14 -34.89
C GLY D 513 28.49 24.54 -33.69
N GLY D 514 27.21 24.18 -33.88
CA GLY D 514 26.43 23.60 -32.81
C GLY D 514 25.37 24.58 -32.31
N PHE D 515 24.67 24.17 -31.26
CA PHE D 515 23.63 25.00 -30.66
C PHE D 515 24.16 25.57 -29.34
N GLU D 516 24.36 24.69 -28.36
CA GLU D 516 24.86 25.09 -27.05
C GLU D 516 26.37 25.31 -27.09
N ASN D 517 26.95 25.53 -25.91
CA ASN D 517 28.40 25.72 -25.76
C ASN D 517 29.08 26.74 -26.67
N THR D 518 30.31 27.06 -26.30
CA THR D 518 31.15 28.00 -27.04
C THR D 518 32.24 27.14 -27.69
N ALA D 519 32.20 27.06 -29.01
CA ALA D 519 33.15 26.23 -29.74
C ALA D 519 34.45 26.91 -30.13
N PRO D 520 35.59 26.23 -29.92
CA PRO D 520 36.86 26.84 -30.30
C PRO D 520 36.87 26.95 -31.82
N ALA D 521 37.66 27.87 -32.33
CA ALA D 521 37.75 28.12 -33.77
C ALA D 521 37.91 26.87 -34.63
N HIS D 522 38.82 25.98 -34.25
CA HIS D 522 39.06 24.79 -35.04
C HIS D 522 37.83 23.89 -35.15
N VAL D 523 37.12 23.68 -34.05
CA VAL D 523 35.90 22.88 -34.08
C VAL D 523 34.90 23.55 -35.01
N TYR D 524 34.76 24.87 -34.90
CA TYR D 524 33.84 25.63 -35.74
C TYR D 524 34.18 25.48 -37.23
N LYS D 525 35.48 25.53 -37.53
CA LYS D 525 35.94 25.40 -38.90
C LYS D 525 35.65 24.01 -39.48
N ARG D 526 35.98 22.96 -38.75
CA ARG D 526 35.72 21.59 -39.22
C ARG D 526 34.25 21.37 -39.50
N TRP D 527 33.41 21.91 -38.62
CA TRP D 527 31.95 21.77 -38.74
C TRP D 527 31.42 22.51 -39.95
N CYS D 528 32.06 23.62 -40.33
CA CYS D 528 31.60 24.39 -41.49
C CYS D 528 31.64 23.54 -42.77
N ALA D 529 32.72 22.78 -42.94
CA ALA D 529 32.86 21.93 -44.13
C ALA D 529 31.78 20.87 -44.10
N PHE D 530 31.69 20.16 -42.99
CA PHE D 530 30.69 19.11 -42.82
C PHE D 530 29.27 19.64 -43.06
N GLY D 531 29.00 20.85 -42.59
CA GLY D 531 27.68 21.43 -42.75
C GLY D 531 27.30 21.83 -44.16
N LEU D 532 28.27 22.32 -44.92
CA LEU D 532 27.99 22.73 -46.30
C LEU D 532 27.90 21.50 -47.21
N LEU D 533 28.62 20.45 -46.85
CA LEU D 533 28.60 19.21 -47.62
C LEU D 533 27.46 18.34 -47.08
N SER D 534 26.30 18.96 -46.90
CA SER D 534 25.09 18.29 -46.43
C SER D 534 23.99 18.80 -47.33
N SER D 535 22.79 18.20 -47.28
CA SER D 535 21.72 18.66 -48.17
C SER D 535 21.29 20.06 -47.80
N HIS D 536 21.23 20.32 -46.51
CA HIS D 536 20.83 21.64 -46.02
C HIS D 536 21.75 22.11 -44.89
N SER D 537 22.22 23.34 -45.02
CA SER D 537 23.18 23.91 -44.08
C SER D 537 22.73 25.26 -43.47
N ARG D 538 23.03 25.45 -42.20
CA ARG D 538 22.63 26.68 -41.51
C ARG D 538 23.68 27.16 -40.50
N LEU D 539 24.06 28.42 -40.60
CA LEU D 539 25.01 29.02 -39.66
C LEU D 539 24.14 29.50 -38.50
N HIS D 540 24.39 28.96 -37.31
CA HIS D 540 23.57 29.32 -36.14
C HIS D 540 24.22 28.89 -34.82
N GLY D 541 23.51 29.14 -33.73
CA GLY D 541 24.01 28.78 -32.41
C GLY D 541 22.95 29.03 -31.34
N SER D 542 23.36 29.67 -30.24
CA SER D 542 22.44 29.96 -29.14
C SER D 542 22.95 31.09 -28.24
N LYS D 543 24.26 31.15 -28.04
CA LYS D 543 24.88 32.19 -27.21
C LYS D 543 25.73 33.16 -28.01
N SER D 544 26.93 32.71 -28.39
CA SER D 544 27.86 33.53 -29.17
C SER D 544 27.17 34.21 -30.34
N TYR D 545 27.71 35.33 -30.80
CA TYR D 545 27.13 36.07 -31.91
C TYR D 545 27.58 35.44 -33.23
N ARG D 546 26.60 35.11 -34.06
CA ARG D 546 26.83 34.45 -35.34
C ARG D 546 27.67 35.13 -36.40
N VAL D 547 28.88 35.55 -36.04
CA VAL D 547 29.78 36.16 -37.00
C VAL D 547 31.08 35.35 -37.09
N PRO D 548 31.33 34.74 -38.26
CA PRO D 548 32.53 33.93 -38.51
C PRO D 548 33.84 34.64 -38.16
N TRP D 549 33.90 35.94 -38.50
CA TRP D 549 35.10 36.73 -38.24
C TRP D 549 35.32 37.06 -36.77
N ALA D 550 34.34 36.73 -35.93
CA ALA D 550 34.50 36.96 -34.50
C ALA D 550 35.53 35.95 -34.02
N TYR D 551 35.66 34.87 -34.77
CA TYR D 551 36.63 33.81 -34.47
C TYR D 551 38.02 34.25 -34.91
N ASP D 552 38.19 34.32 -36.23
CA ASP D 552 39.45 34.72 -36.86
C ASP D 552 39.10 34.88 -38.33
N ASP D 553 40.04 35.38 -39.13
CA ASP D 553 39.75 35.56 -40.56
C ASP D 553 39.62 34.22 -41.30
N GLU D 554 40.31 33.19 -40.82
CA GLU D 554 40.25 31.89 -41.47
C GLU D 554 38.82 31.37 -41.47
N SER D 555 38.15 31.45 -40.31
CA SER D 555 36.76 31.00 -40.22
C SER D 555 35.91 31.62 -41.32
N CYS D 556 36.29 32.80 -41.78
CA CYS D 556 35.55 33.49 -42.84
C CYS D 556 35.85 32.89 -44.21
N ASP D 557 37.11 32.53 -44.43
CA ASP D 557 37.49 31.94 -45.71
C ASP D 557 36.82 30.58 -45.82
N VAL D 558 36.95 29.77 -44.78
CA VAL D 558 36.34 28.45 -44.73
C VAL D 558 34.87 28.52 -45.11
N VAL D 559 34.14 29.40 -44.45
CA VAL D 559 32.72 29.55 -44.76
C VAL D 559 32.50 30.00 -46.20
N ARG D 560 33.35 30.89 -46.70
CA ARG D 560 33.19 31.36 -48.06
C ARG D 560 33.54 30.26 -49.06
N PHE D 561 34.63 29.56 -48.79
CA PHE D 561 35.10 28.49 -49.67
C PHE D 561 34.04 27.39 -49.85
N PHE D 562 33.61 26.78 -48.76
CA PHE D 562 32.63 25.73 -48.88
C PHE D 562 31.24 26.20 -49.29
N THR D 563 30.95 27.49 -49.17
CA THR D 563 29.63 27.97 -49.58
C THR D 563 29.61 28.15 -51.10
N GLN D 564 30.76 28.53 -51.65
CA GLN D 564 30.88 28.70 -53.10
C GLN D 564 30.86 27.31 -53.73
N LEU D 565 31.62 26.38 -53.13
CA LEU D 565 31.69 25.01 -53.63
C LEU D 565 30.31 24.39 -53.76
N LYS D 566 29.55 24.38 -52.67
CA LYS D 566 28.23 23.79 -52.71
C LYS D 566 27.37 24.38 -53.83
N CYS D 567 27.50 25.68 -54.05
CA CYS D 567 26.73 26.34 -55.11
C CYS D 567 27.14 25.86 -56.50
N ARG D 568 28.42 25.52 -56.67
CA ARG D 568 28.90 25.03 -57.96
C ARG D 568 28.43 23.60 -58.18
N MET D 569 28.29 22.87 -57.07
CA MET D 569 27.85 21.48 -57.12
C MET D 569 26.35 21.30 -57.30
N MET D 570 25.61 22.38 -57.42
CA MET D 570 24.16 22.26 -57.55
C MET D 570 23.63 21.47 -58.75
N PRO D 571 24.38 21.43 -59.87
CA PRO D 571 23.81 20.64 -60.97
C PRO D 571 23.81 19.17 -60.54
N TYR D 572 24.87 18.77 -59.86
CA TYR D 572 25.02 17.42 -59.35
C TYR D 572 24.11 17.20 -58.14
N LEU D 573 24.09 18.18 -57.24
CA LEU D 573 23.30 18.12 -56.02
C LEU D 573 21.80 18.07 -56.25
N TYR D 574 21.26 18.94 -57.10
CA TYR D 574 19.83 18.90 -57.32
C TYR D 574 19.37 17.62 -58.03
N ARG D 575 20.26 17.01 -58.80
CA ARG D 575 19.89 15.77 -59.48
C ARG D 575 19.71 14.69 -58.42
N GLU D 576 20.67 14.59 -57.51
CA GLU D 576 20.57 13.60 -56.45
C GLU D 576 19.34 13.84 -55.57
N ALA D 577 18.93 15.10 -55.45
CA ALA D 577 17.76 15.45 -54.64
C ALA D 577 16.50 14.93 -55.31
N ALA D 578 16.49 14.91 -56.64
CA ALA D 578 15.32 14.41 -57.35
C ALA D 578 15.22 12.91 -57.04
N ARG D 579 16.36 12.28 -56.80
CA ARG D 579 16.40 10.85 -56.47
C ARG D 579 15.73 10.58 -55.12
N ALA D 580 15.93 11.47 -54.17
CA ALA D 580 15.32 11.30 -52.85
C ALA D 580 13.82 11.34 -53.06
N ASN D 581 13.38 12.26 -53.91
CA ASN D 581 11.96 12.42 -54.19
C ASN D 581 11.35 11.22 -54.90
N ALA D 582 12.06 10.70 -55.90
CA ALA D 582 11.55 9.57 -56.68
C ALA D 582 11.72 8.19 -56.05
N ARG D 583 12.87 7.94 -55.42
CA ARG D 583 13.12 6.62 -54.85
C ARG D 583 13.33 6.53 -53.35
N GLY D 584 13.21 7.66 -52.66
CA GLY D 584 13.41 7.64 -51.22
C GLY D 584 14.86 7.43 -50.87
N THR D 585 15.75 7.66 -51.83
CA THR D 585 17.18 7.52 -51.59
C THR D 585 17.65 8.85 -50.99
N PRO D 586 18.21 8.81 -49.78
CA PRO D 586 18.67 10.03 -49.10
C PRO D 586 19.95 10.62 -49.69
N MET D 587 20.05 11.95 -49.67
CA MET D 587 21.24 12.59 -50.19
C MET D 587 22.48 12.22 -49.41
N MET D 588 22.36 12.15 -48.09
CA MET D 588 23.50 11.76 -47.24
C MET D 588 23.31 10.28 -46.97
N ARG D 589 24.16 9.46 -47.59
CA ARG D 589 24.04 8.01 -47.46
C ARG D 589 25.14 7.32 -46.70
N ALA D 590 24.75 6.40 -45.82
CA ALA D 590 25.73 5.64 -45.08
C ALA D 590 26.46 4.81 -46.16
N MET D 591 27.70 4.43 -45.89
CA MET D 591 28.46 3.65 -46.87
C MET D 591 27.72 2.35 -47.17
N MET D 592 27.32 1.64 -46.12
CA MET D 592 26.61 0.37 -46.25
C MET D 592 25.49 0.45 -47.26
N MET D 593 24.91 1.64 -47.42
CA MET D 593 23.82 1.82 -48.36
C MET D 593 24.27 1.92 -49.80
N GLU D 594 25.39 2.61 -50.04
CA GLU D 594 25.88 2.74 -51.41
C GLU D 594 26.67 1.52 -51.86
N PHE D 595 27.37 0.88 -50.93
CA PHE D 595 28.16 -0.30 -51.23
C PHE D 595 27.73 -1.45 -50.33
N PRO D 596 26.49 -1.93 -50.52
CA PRO D 596 25.93 -3.03 -49.72
C PRO D 596 26.70 -4.36 -49.73
N ASP D 597 27.55 -4.57 -50.73
CA ASP D 597 28.30 -5.82 -50.80
C ASP D 597 29.71 -5.74 -50.24
N ASP D 598 30.17 -4.54 -49.91
CA ASP D 598 31.50 -4.39 -49.34
C ASP D 598 31.46 -4.65 -47.84
N PRO D 599 32.11 -5.72 -47.38
CA PRO D 599 32.08 -6.00 -45.94
C PRO D 599 32.81 -4.96 -45.07
N ALA D 600 33.56 -4.06 -45.70
CA ALA D 600 34.28 -3.03 -44.95
C ALA D 600 33.40 -1.84 -44.59
N CYS D 601 32.22 -1.76 -45.18
CA CYS D 601 31.29 -0.66 -44.97
C CYS D 601 30.18 -0.86 -43.93
N ASP D 602 30.14 -2.02 -43.28
CA ASP D 602 29.07 -2.30 -42.31
C ASP D 602 28.94 -1.32 -41.13
N TYR D 603 30.08 -0.98 -40.51
CA TYR D 603 30.08 -0.10 -39.36
C TYR D 603 30.61 1.31 -39.58
N LEU D 604 30.76 1.75 -40.82
CA LEU D 604 31.29 3.10 -41.08
C LEU D 604 30.30 4.23 -40.75
N ASP D 605 30.64 5.05 -39.76
CA ASP D 605 29.78 6.15 -39.32
C ASP D 605 30.43 7.54 -39.37
N ARG D 606 31.75 7.60 -39.57
CA ARG D 606 32.45 8.87 -39.62
C ARG D 606 32.60 9.45 -41.03
N GLN D 607 32.02 8.76 -42.00
CA GLN D 607 32.06 9.19 -43.39
C GLN D 607 30.75 8.85 -44.03
N TYR D 608 30.49 9.40 -45.20
CA TYR D 608 29.26 9.16 -45.92
C TYR D 608 29.39 9.48 -47.40
N MET D 609 28.35 9.16 -48.15
CA MET D 609 28.33 9.45 -49.57
C MET D 609 27.31 10.55 -49.76
N LEU D 610 27.70 11.60 -50.46
CA LEU D 610 26.84 12.73 -50.75
C LEU D 610 26.44 12.50 -52.19
N GLY D 611 25.31 11.85 -52.39
CA GLY D 611 24.88 11.52 -53.74
C GLY D 611 25.57 10.22 -54.15
N ASP D 612 25.28 9.72 -55.34
CA ASP D 612 25.88 8.45 -55.82
C ASP D 612 27.40 8.45 -55.96
N ASN D 613 27.95 9.55 -56.48
CA ASN D 613 29.38 9.66 -56.77
C ASN D 613 30.44 10.29 -55.89
N VAL D 614 30.09 10.86 -54.74
CA VAL D 614 31.14 11.47 -53.93
C VAL D 614 31.14 11.11 -52.45
N MET D 615 32.31 10.72 -51.96
CA MET D 615 32.50 10.35 -50.56
C MET D 615 33.11 11.52 -49.78
N VAL D 616 32.49 11.88 -48.66
CA VAL D 616 33.04 12.96 -47.82
C VAL D 616 33.31 12.44 -46.41
N ALA D 617 34.53 12.65 -45.96
CA ALA D 617 34.94 12.24 -44.62
C ALA D 617 35.36 13.47 -43.80
N PRO D 618 34.45 14.02 -42.98
CA PRO D 618 34.79 15.20 -42.15
C PRO D 618 36.00 14.93 -41.25
N VAL D 619 36.71 15.99 -40.88
CA VAL D 619 37.87 15.86 -40.01
C VAL D 619 37.39 16.11 -38.58
N PHE D 620 37.69 15.18 -37.68
CA PHE D 620 37.26 15.25 -36.28
C PHE D 620 38.38 15.52 -35.29
N THR D 621 39.48 16.11 -35.74
CA THR D 621 40.61 16.42 -34.88
C THR D 621 41.10 17.84 -35.15
N GLU D 622 41.77 18.44 -34.16
CA GLU D 622 42.26 19.79 -34.32
C GLU D 622 43.43 19.82 -35.30
N ALA D 623 44.38 18.90 -35.10
CA ALA D 623 45.55 18.80 -35.96
C ALA D 623 45.20 18.54 -37.42
N GLY D 624 43.99 18.04 -37.67
CA GLY D 624 43.58 17.77 -39.04
C GLY D 624 43.78 16.35 -39.52
N ASP D 625 44.09 15.45 -38.60
CA ASP D 625 44.27 14.05 -38.94
C ASP D 625 42.92 13.35 -39.17
N VAL D 626 42.84 12.55 -40.24
CA VAL D 626 41.61 11.84 -40.57
C VAL D 626 41.87 10.51 -41.28
N GLN D 627 41.14 9.47 -40.87
CA GLN D 627 41.24 8.14 -41.46
C GLN D 627 39.89 7.82 -42.04
N PHE D 628 39.88 7.31 -43.28
CA PHE D 628 38.66 6.97 -43.99
C PHE D 628 38.87 5.76 -44.89
N TYR D 629 37.78 5.00 -45.14
CA TYR D 629 37.84 3.84 -46.00
C TYR D 629 37.34 4.21 -47.38
N LEU D 630 37.97 3.63 -48.40
CA LEU D 630 37.56 3.89 -49.77
C LEU D 630 37.19 2.55 -50.42
N PRO D 631 35.97 2.46 -51.00
CA PRO D 631 35.56 1.21 -51.64
C PRO D 631 36.41 0.94 -52.90
N GLU D 632 36.11 -0.15 -53.61
CA GLU D 632 36.86 -0.52 -54.81
C GLU D 632 36.85 0.57 -55.86
N GLY D 633 38.01 0.80 -56.46
CA GLY D 633 38.10 1.81 -57.50
C GLY D 633 39.25 2.77 -57.29
N ARG D 634 39.46 3.66 -58.24
CA ARG D 634 40.52 4.65 -58.14
C ARG D 634 39.82 5.98 -57.93
N TRP D 635 39.87 6.49 -56.71
CA TRP D 635 39.17 7.75 -56.41
C TRP D 635 40.02 8.99 -56.66
N THR D 636 39.34 10.08 -57.01
CA THR D 636 39.99 11.36 -57.29
C THR D 636 39.44 12.50 -56.41
N HIS D 637 40.32 13.22 -55.72
CA HIS D 637 39.84 14.32 -54.87
C HIS D 637 39.19 15.39 -55.73
N LEU D 638 37.93 15.69 -55.42
CA LEU D 638 37.14 16.66 -56.17
C LEU D 638 37.83 17.93 -56.65
N TRP D 639 38.76 18.48 -55.87
CA TRP D 639 39.44 19.70 -56.31
C TRP D 639 40.95 19.67 -56.16
N HIS D 640 41.48 18.73 -55.38
CA HIS D 640 42.92 18.60 -55.22
C HIS D 640 43.39 17.73 -56.39
N ASN D 641 42.45 17.02 -57.01
CA ASN D 641 42.73 16.16 -58.16
C ASN D 641 43.65 14.97 -57.89
N ASP D 642 44.09 14.78 -56.65
CA ASP D 642 44.95 13.63 -56.37
C ASP D 642 44.11 12.36 -56.42
N GLU D 643 44.76 11.20 -56.55
CA GLU D 643 44.02 9.95 -56.65
C GLU D 643 44.43 8.91 -55.62
N LEU D 644 43.50 8.01 -55.30
CA LEU D 644 43.76 6.95 -54.34
C LEU D 644 43.12 5.63 -54.78
N ASP D 645 43.74 4.52 -54.40
CA ASP D 645 43.23 3.19 -54.74
C ASP D 645 42.26 2.69 -53.68
N GLY D 646 41.13 2.16 -54.14
CA GLY D 646 40.10 1.67 -53.24
C GLY D 646 40.33 0.38 -52.49
N SER D 647 39.26 -0.10 -51.86
CA SER D 647 39.31 -1.33 -51.06
C SER D 647 40.29 -1.24 -49.91
N ARG D 648 40.51 -0.04 -49.40
CA ARG D 648 41.44 0.10 -48.28
C ARG D 648 41.25 1.40 -47.48
N TRP D 649 41.83 1.43 -46.29
CA TRP D 649 41.77 2.60 -45.43
C TRP D 649 42.93 3.55 -45.76
N HIS D 650 42.69 4.85 -45.60
CA HIS D 650 43.70 5.88 -45.87
C HIS D 650 43.80 6.87 -44.70
N LYS D 651 45.02 7.31 -44.42
CA LYS D 651 45.26 8.28 -43.35
C LYS D 651 45.80 9.55 -44.01
N GLN D 652 45.19 10.69 -43.71
CA GLN D 652 45.62 11.96 -44.28
C GLN D 652 45.57 13.11 -43.25
N GLN D 653 46.10 14.26 -43.63
CA GLN D 653 46.06 15.43 -42.75
C GLN D 653 45.58 16.58 -43.60
N HIS D 654 44.58 17.30 -43.10
CA HIS D 654 44.03 18.41 -43.84
C HIS D 654 43.99 19.72 -43.06
N GLY D 655 44.13 20.83 -43.78
CA GLY D 655 44.08 22.14 -43.17
C GLY D 655 42.61 22.49 -43.15
N PHE D 656 42.25 23.64 -42.57
CA PHE D 656 40.86 24.06 -42.46
C PHE D 656 40.12 24.36 -43.75
N LEU D 657 40.83 24.36 -44.87
CA LEU D 657 40.15 24.64 -46.13
C LEU D 657 39.92 23.34 -46.91
N SER D 658 40.28 22.21 -46.30
CA SER D 658 40.12 20.92 -46.99
C SER D 658 39.74 19.74 -46.12
N LEU D 659 39.23 18.70 -46.77
CA LEU D 659 38.86 17.44 -46.14
C LEU D 659 38.68 16.40 -47.26
N PRO D 660 38.75 15.10 -46.91
CA PRO D 660 38.58 14.07 -47.94
C PRO D 660 37.22 14.15 -48.62
N VAL D 661 37.21 14.61 -49.87
CA VAL D 661 36.01 14.69 -50.70
C VAL D 661 36.46 13.99 -51.98
N TYR D 662 36.16 12.71 -52.09
CA TYR D 662 36.61 11.93 -53.23
C TYR D 662 35.52 11.46 -54.19
N VAL D 663 35.80 11.61 -55.49
CA VAL D 663 34.89 11.22 -56.56
C VAL D 663 35.20 9.81 -57.08
N ARG D 664 34.14 9.06 -57.42
CA ARG D 664 34.26 7.69 -57.92
C ARG D 664 34.80 7.63 -59.33
N ASP D 665 35.50 6.54 -59.65
CA ASP D 665 36.00 6.36 -61.00
C ASP D 665 34.79 6.06 -61.88
N ASN D 666 34.96 6.21 -63.19
CA ASN D 666 33.87 5.99 -64.15
C ASN D 666 32.71 6.92 -63.82
N THR D 667 33.02 8.17 -63.54
CA THR D 667 31.99 9.16 -63.21
C THR D 667 32.07 10.43 -64.06
N LEU D 668 30.92 10.92 -64.45
CA LEU D 668 30.85 12.15 -65.22
C LEU D 668 30.04 13.13 -64.35
N LEU D 669 30.73 14.13 -63.80
CA LEU D 669 30.11 15.11 -62.90
C LEU D 669 29.84 16.46 -63.55
N ALA D 670 28.72 17.07 -63.20
CA ALA D 670 28.37 18.38 -63.75
C ALA D 670 28.51 19.47 -62.69
N LEU D 671 29.32 20.49 -63.00
CA LEU D 671 29.57 21.63 -62.11
C LEU D 671 28.98 22.93 -62.68
N GLY D 672 28.41 23.76 -61.82
CA GLY D 672 27.81 25.01 -62.28
C GLY D 672 28.76 26.17 -62.52
N ASN D 673 28.29 27.17 -63.26
CA ASN D 673 29.09 28.35 -63.56
C ASN D 673 28.69 29.55 -62.70
N ASN D 674 28.24 29.27 -61.48
CA ASN D 674 27.84 30.30 -60.53
C ASN D 674 28.17 29.78 -59.15
N ASP D 675 28.95 30.55 -58.39
CA ASP D 675 29.35 30.12 -57.05
C ASP D 675 28.78 31.05 -55.97
N GLN D 676 27.74 31.78 -56.33
CA GLN D 676 27.10 32.72 -55.42
C GLN D 676 25.71 32.27 -54.95
N ARG D 677 24.92 31.67 -55.84
CA ARG D 677 23.59 31.19 -55.47
C ARG D 677 23.40 29.74 -55.89
N PRO D 678 22.50 29.02 -55.22
CA PRO D 678 22.24 27.61 -55.55
C PRO D 678 21.28 27.45 -56.72
N ASP D 679 20.36 28.39 -56.83
CA ASP D 679 19.34 28.36 -57.86
C ASP D 679 19.68 29.18 -59.11
N TYR D 680 20.09 28.49 -60.17
CA TYR D 680 20.43 29.15 -61.43
C TYR D 680 20.34 28.17 -62.61
N VAL D 681 20.45 28.70 -63.82
CA VAL D 681 20.38 27.90 -65.03
C VAL D 681 21.60 26.98 -65.15
N TRP D 682 21.50 25.83 -64.47
CA TRP D 682 22.57 24.85 -64.43
C TRP D 682 22.98 24.29 -65.79
N HIS D 683 22.05 24.22 -66.72
CA HIS D 683 22.36 23.67 -68.04
C HIS D 683 23.01 24.66 -69.02
N GLU D 684 23.55 25.75 -68.49
CA GLU D 684 24.23 26.75 -69.30
C GLU D 684 25.61 26.95 -68.72
N GLY D 685 26.61 27.03 -69.58
CA GLY D 685 27.96 27.23 -69.12
C GLY D 685 28.42 26.06 -68.26
N THR D 686 27.61 25.02 -68.21
CA THR D 686 27.91 23.84 -67.41
C THR D 686 29.36 23.39 -67.60
N ALA D 687 29.94 22.83 -66.54
CA ALA D 687 31.30 22.35 -66.60
C ALA D 687 31.38 20.88 -66.20
N PHE D 688 31.42 20.01 -67.19
CA PHE D 688 31.47 18.57 -66.94
C PHE D 688 32.89 18.11 -66.65
N HIS D 689 33.01 17.12 -65.76
CA HIS D 689 34.31 16.57 -65.38
C HIS D 689 34.26 15.05 -65.43
N LEU D 690 35.10 14.45 -66.26
CA LEU D 690 35.15 13.01 -66.41
C LEU D 690 36.26 12.45 -65.54
N PHE D 691 35.89 11.51 -64.67
CA PHE D 691 36.85 10.90 -63.73
C PHE D 691 37.18 9.43 -64.05
N ASN D 692 38.45 9.17 -64.34
CA ASN D 692 38.93 7.83 -64.65
C ASN D 692 37.93 6.90 -65.33
N LEU D 693 37.51 7.25 -66.54
CA LEU D 693 36.58 6.40 -67.28
C LEU D 693 37.41 5.19 -67.71
N GLN D 694 37.05 4.00 -67.23
CA GLN D 694 37.80 2.81 -67.62
C GLN D 694 37.41 2.29 -68.99
N ASP D 695 38.26 1.43 -69.55
CA ASP D 695 38.02 0.84 -70.85
C ASP D 695 36.87 -0.14 -70.79
N GLY D 696 35.83 0.13 -71.56
CA GLY D 696 34.67 -0.74 -71.56
C GLY D 696 33.59 -0.31 -70.60
N HIS D 697 33.66 0.95 -70.17
CA HIS D 697 32.68 1.49 -69.24
C HIS D 697 32.03 2.72 -69.83
N GLU D 698 30.97 3.19 -69.18
CA GLU D 698 30.27 4.38 -69.63
C GLU D 698 29.91 5.26 -68.44
N ALA D 699 30.01 6.58 -68.60
CA ALA D 699 29.69 7.51 -67.54
C ALA D 699 28.57 8.44 -67.99
N VAL D 700 27.49 8.48 -67.21
CA VAL D 700 26.34 9.32 -67.55
C VAL D 700 26.10 10.45 -66.55
N CYS D 701 25.73 11.59 -67.09
CA CYS D 701 25.46 12.76 -66.26
C CYS D 701 24.15 13.41 -66.64
N GLU D 702 23.20 13.40 -65.71
CA GLU D 702 21.91 14.00 -65.95
C GLU D 702 21.79 15.36 -65.27
N VAL D 703 21.79 16.42 -66.07
CA VAL D 703 21.65 17.77 -65.55
C VAL D 703 20.17 18.05 -65.41
N PRO D 704 19.72 18.35 -64.17
CA PRO D 704 18.31 18.63 -63.89
C PRO D 704 17.84 20.03 -64.21
N ALA D 705 16.52 20.18 -64.30
CA ALA D 705 15.88 21.46 -64.54
C ALA D 705 15.34 21.87 -63.18
N ALA D 706 14.69 23.03 -63.11
CA ALA D 706 14.15 23.52 -61.85
C ALA D 706 13.23 22.52 -61.16
N ASP D 707 12.28 21.96 -61.90
CA ASP D 707 11.35 21.00 -61.31
C ASP D 707 11.92 19.64 -60.99
N GLY D 708 13.23 19.46 -61.14
CA GLY D 708 13.83 18.18 -60.83
C GLY D 708 13.97 17.17 -61.97
N SER D 709 13.30 17.42 -63.09
CA SER D 709 13.38 16.51 -64.23
C SER D 709 14.71 16.73 -64.94
N VAL D 710 15.15 15.72 -65.71
CA VAL D 710 16.40 15.80 -66.46
C VAL D 710 16.19 16.63 -67.72
N ILE D 711 16.98 17.68 -67.90
CA ILE D 711 16.85 18.54 -69.06
C ILE D 711 17.97 18.30 -70.08
N PHE D 712 19.02 17.64 -69.63
CA PHE D 712 20.15 17.36 -70.51
C PHE D 712 20.96 16.17 -69.99
N THR D 713 21.21 15.20 -70.87
CA THR D 713 21.99 14.03 -70.50
C THR D 713 23.26 14.00 -71.34
N LEU D 714 24.38 13.71 -70.70
CA LEU D 714 25.66 13.66 -71.38
C LEU D 714 26.30 12.32 -71.04
N LYS D 715 26.68 11.57 -72.06
CA LYS D 715 27.30 10.27 -71.86
C LYS D 715 28.68 10.20 -72.48
N ALA D 716 29.58 9.47 -71.83
CA ALA D 716 30.94 9.30 -72.31
C ALA D 716 31.28 7.84 -72.19
N ALA D 717 31.36 7.15 -73.33
CA ALA D 717 31.67 5.72 -73.34
C ALA D 717 33.06 5.43 -73.92
N ARG D 718 33.83 4.59 -73.22
CA ARG D 718 35.16 4.25 -73.69
C ARG D 718 35.16 2.86 -74.29
N THR D 719 35.70 2.74 -75.50
CA THR D 719 35.74 1.45 -76.18
C THR D 719 37.13 0.82 -76.12
N GLY D 720 38.16 1.63 -76.36
CA GLY D 720 39.53 1.12 -76.31
C GLY D 720 40.44 2.23 -75.85
N ASN D 721 40.59 3.22 -76.72
CA ASN D 721 41.39 4.41 -76.46
C ASN D 721 40.56 5.48 -77.14
N THR D 722 39.31 5.11 -77.37
CA THR D 722 38.33 5.97 -78.00
C THR D 722 37.15 6.13 -77.06
N ILE D 723 36.95 7.35 -76.56
CA ILE D 723 35.82 7.62 -75.70
C ILE D 723 34.87 8.47 -76.51
N THR D 724 33.63 7.99 -76.63
CA THR D 724 32.62 8.67 -77.39
C THR D 724 31.77 9.52 -76.46
N VAL D 725 31.58 10.78 -76.84
CA VAL D 725 30.80 11.71 -76.05
C VAL D 725 29.55 12.14 -76.79
N THR D 726 28.40 11.74 -76.26
CA THR D 726 27.13 12.07 -76.88
C THR D 726 26.19 12.72 -75.87
N GLY D 727 25.46 13.73 -76.32
CA GLY D 727 24.53 14.42 -75.45
C GLY D 727 23.13 14.49 -76.00
N ALA D 728 22.16 14.62 -75.10
CA ALA D 728 20.76 14.70 -75.49
C ALA D 728 20.04 15.70 -74.59
N GLY D 729 19.24 16.57 -75.19
CA GLY D 729 18.52 17.55 -74.40
C GLY D 729 18.96 18.98 -74.68
N GLU D 730 18.61 19.89 -73.79
CA GLU D 730 18.95 21.30 -73.94
C GLU D 730 20.13 21.73 -73.07
N ALA D 731 21.17 22.26 -73.72
CA ALA D 731 22.36 22.71 -73.02
C ALA D 731 23.07 23.77 -73.86
N LYS D 732 23.85 24.63 -73.21
CA LYS D 732 24.57 25.69 -73.90
C LYS D 732 25.96 25.93 -73.32
N ASN D 733 26.83 26.49 -74.15
CA ASN D 733 28.20 26.84 -73.77
C ASN D 733 28.85 25.89 -72.76
N TRP D 734 28.60 24.59 -72.89
CA TRP D 734 29.20 23.66 -71.94
C TRP D 734 30.60 23.21 -72.32
N THR D 735 31.27 22.60 -71.36
CA THR D 735 32.63 22.12 -71.52
C THR D 735 32.78 20.77 -70.84
N LEU D 736 33.87 20.08 -71.17
CA LEU D 736 34.18 18.77 -70.62
C LEU D 736 35.66 18.73 -70.27
N CYS D 737 35.96 18.38 -69.03
CA CYS D 737 37.35 18.32 -68.62
C CYS D 737 37.75 16.89 -68.38
N LEU D 738 38.90 16.50 -68.92
CA LEU D 738 39.39 15.15 -68.75
C LEU D 738 40.34 15.16 -67.57
N ARG D 739 39.78 14.98 -66.37
CA ARG D 739 40.59 15.01 -65.16
C ARG D 739 41.83 14.15 -65.27
N ASN D 740 42.95 14.74 -64.90
CA ASN D 740 44.22 14.05 -64.93
C ASN D 740 44.58 13.55 -66.33
N VAL D 741 44.05 14.23 -67.35
CA VAL D 741 44.35 13.89 -68.73
C VAL D 741 45.00 15.08 -69.44
N VAL D 742 46.33 15.13 -69.43
CA VAL D 742 47.07 16.22 -70.07
C VAL D 742 47.05 16.15 -71.59
N LYS D 743 47.84 15.23 -72.13
CA LYS D 743 47.95 15.04 -73.57
C LYS D 743 47.00 13.96 -74.07
N VAL D 744 46.33 14.24 -75.19
CA VAL D 744 45.42 13.28 -75.79
C VAL D 744 45.78 13.14 -77.26
N ASN D 745 45.74 11.92 -77.78
CA ASN D 745 46.09 11.67 -79.17
C ASN D 745 45.33 12.56 -80.17
N GLY D 746 44.07 12.25 -80.39
CA GLY D 746 43.28 13.02 -81.33
C GLY D 746 41.92 13.41 -80.79
N LEU D 747 41.16 14.15 -81.57
CA LEU D 747 39.84 14.61 -81.16
C LEU D 747 38.96 14.89 -82.37
N GLN D 748 37.69 14.50 -82.29
CA GLN D 748 36.74 14.71 -83.37
C GLN D 748 35.61 15.64 -82.97
N ASP D 749 35.20 16.50 -83.90
CA ASP D 749 34.11 17.45 -83.66
C ASP D 749 34.28 18.34 -82.43
N GLY D 750 35.52 18.66 -82.05
CA GLY D 750 35.72 19.50 -80.89
C GLY D 750 37.15 20.00 -80.72
N SER D 751 37.30 21.17 -80.12
CA SER D 751 38.62 21.76 -79.89
C SER D 751 39.04 21.51 -78.45
N GLN D 752 40.33 21.68 -78.17
CA GLN D 752 40.81 21.46 -76.81
C GLN D 752 41.49 22.68 -76.20
N ALA D 753 42.01 22.49 -74.99
CA ALA D 753 42.69 23.55 -74.24
C ALA D 753 43.20 22.91 -72.94
N GLU D 754 44.40 23.30 -72.53
CA GLU D 754 44.99 22.74 -71.31
C GLU D 754 44.43 23.32 -70.02
N SER D 755 44.55 22.54 -68.96
CA SER D 755 44.05 22.94 -67.64
C SER D 755 44.86 22.25 -66.56
N GLU D 756 44.86 22.82 -65.36
CA GLU D 756 45.59 22.26 -64.24
C GLU D 756 44.99 20.94 -63.79
N GLN D 757 43.69 20.78 -64.01
CA GLN D 757 42.99 19.56 -63.61
C GLN D 757 42.97 18.52 -64.72
N GLY D 758 43.35 18.94 -65.93
CA GLY D 758 43.35 18.05 -67.06
C GLY D 758 42.80 18.75 -68.28
N LEU D 759 42.99 18.14 -69.45
CA LEU D 759 42.54 18.71 -70.71
C LEU D 759 41.07 19.11 -70.71
N VAL D 760 40.79 20.28 -71.28
CA VAL D 760 39.43 20.81 -71.37
C VAL D 760 38.98 20.83 -72.83
N VAL D 761 37.92 20.07 -73.12
CA VAL D 761 37.38 19.95 -74.47
C VAL D 761 36.09 20.76 -74.67
N LYS D 762 35.91 21.27 -75.87
CA LYS D 762 34.73 22.06 -76.23
C LYS D 762 34.06 21.44 -77.47
N PRO D 763 32.81 21.00 -77.33
CA PRO D 763 32.02 20.38 -78.40
C PRO D 763 31.69 21.28 -79.59
N GLN D 764 31.19 20.64 -80.65
CA GLN D 764 30.78 21.29 -81.89
C GLN D 764 30.46 20.22 -82.94
N GLY D 765 29.26 19.67 -82.86
CA GLY D 765 28.82 18.62 -83.78
C GLY D 765 28.35 17.39 -83.02
N ASN D 766 28.56 17.40 -81.71
CA ASN D 766 28.19 16.29 -80.82
C ASN D 766 28.91 15.00 -81.15
N ALA D 767 29.24 14.82 -82.43
CA ALA D 767 29.97 13.64 -82.88
C ALA D 767 31.34 13.71 -82.23
N LEU D 768 31.39 14.47 -81.15
CA LEU D 768 32.58 14.68 -80.36
C LEU D 768 33.14 13.35 -79.89
N THR D 769 34.39 13.07 -80.25
CA THR D 769 35.05 11.83 -79.87
C THR D 769 36.50 12.10 -79.52
N ILE D 770 36.93 11.55 -78.40
CA ILE D 770 38.30 11.72 -77.95
C ILE D 770 39.03 10.38 -78.08
N THR D 771 40.31 10.45 -78.41
CA THR D 771 41.11 9.25 -78.52
C THR D 771 42.36 9.44 -77.67
N LEU D 772 42.43 8.68 -76.57
CA LEU D 772 43.55 8.76 -75.64
C LEU D 772 44.90 8.50 -76.32
N HIS D 773 45.96 8.47 -75.51
CA HIS D 773 47.30 8.24 -76.01
C HIS D 773 47.92 7.01 -75.35
N MET E 1 -1.63 25.77 7.76
CA MET E 1 -0.88 24.60 7.20
C MET E 1 0.61 24.86 7.30
N LYS E 2 1.33 23.95 7.93
CA LYS E 2 2.76 24.13 8.06
C LYS E 2 3.44 24.03 6.70
N ILE E 3 4.26 25.02 6.40
CA ILE E 3 4.99 25.07 5.15
C ILE E 3 6.47 24.94 5.49
N SER E 4 6.97 25.89 6.28
CA SER E 4 8.37 25.89 6.69
C SER E 4 8.56 24.91 7.85
N ASP E 5 9.81 24.57 8.11
CA ASP E 5 10.17 23.67 9.18
C ASP E 5 11.24 24.42 9.96
N GLY E 6 10.80 25.42 10.71
CA GLY E 6 11.75 26.23 11.45
C GLY E 6 12.17 27.30 10.45
N ASN E 7 13.15 28.11 10.82
CA ASN E 7 13.59 29.19 9.95
C ASN E 7 14.45 28.73 8.78
N TRP E 8 15.12 27.60 8.95
CA TRP E 8 16.05 27.09 7.95
C TRP E 8 15.57 26.03 6.93
N LEU E 9 14.56 25.23 7.29
CA LEU E 9 14.09 24.19 6.39
C LEU E 9 12.65 24.32 5.93
N ILE E 10 12.25 23.38 5.08
CA ILE E 10 10.90 23.31 4.53
C ILE E 10 10.38 21.92 4.87
N GLN E 11 9.05 21.80 5.01
CA GLN E 11 8.44 20.52 5.33
C GLN E 11 8.74 19.47 4.26
N PRO E 12 9.03 18.23 4.69
CA PRO E 12 9.32 17.17 3.73
C PRO E 12 8.25 17.02 2.65
N GLY E 13 8.69 16.93 1.39
CA GLY E 13 7.77 16.72 0.29
C GLY E 13 7.16 17.96 -0.33
N LEU E 14 7.46 19.15 0.21
CA LEU E 14 6.89 20.36 -0.35
C LEU E 14 7.91 21.05 -1.25
N ASN E 15 7.46 21.50 -2.41
CA ASN E 15 8.32 22.21 -3.34
C ASN E 15 7.69 23.59 -3.53
N LEU E 16 8.45 24.65 -3.23
CA LEU E 16 7.94 26.01 -3.33
C LEU E 16 8.55 26.84 -4.44
N ILE E 17 7.73 27.63 -5.11
CA ILE E 17 8.21 28.54 -6.14
C ILE E 17 7.58 29.88 -5.75
N HIS E 18 8.38 30.93 -5.78
CA HIS E 18 7.93 32.27 -5.38
C HIS E 18 8.15 33.31 -6.46
N PRO E 19 7.37 34.39 -6.44
CA PRO E 19 7.58 35.43 -7.46
C PRO E 19 8.72 36.26 -6.87
N LEU E 20 9.93 36.06 -7.38
CA LEU E 20 11.10 36.75 -6.85
C LEU E 20 11.55 38.02 -7.56
N GLN E 21 10.95 38.33 -8.69
CA GLN E 21 11.40 39.52 -9.41
C GLN E 21 10.43 40.02 -10.46
N VAL E 22 10.14 41.32 -10.44
CA VAL E 22 9.23 41.91 -11.40
C VAL E 22 9.83 41.81 -12.80
N PHE E 23 9.04 41.32 -13.74
CA PHE E 23 9.49 41.17 -15.12
C PHE E 23 8.85 42.24 -15.99
N GLU E 24 7.61 42.59 -15.67
CA GLU E 24 6.91 43.58 -16.44
C GLU E 24 5.66 44.06 -15.72
N VAL E 25 5.38 45.35 -15.83
CA VAL E 25 4.19 45.92 -15.21
C VAL E 25 3.33 46.43 -16.34
N GLU E 26 2.03 46.28 -16.20
CA GLU E 26 1.12 46.72 -17.24
C GLU E 26 -0.19 47.22 -16.65
N GLN E 27 -0.69 48.31 -17.21
CA GLN E 27 -1.94 48.88 -16.76
C GLN E 27 -3.04 48.56 -17.75
N GLN E 28 -4.16 48.09 -17.24
CA GLN E 28 -5.30 47.75 -18.09
C GLN E 28 -6.49 48.46 -17.46
N ASP E 29 -6.98 49.48 -18.14
CA ASP E 29 -8.11 50.26 -17.64
C ASP E 29 -7.67 50.78 -16.27
N ASN E 30 -8.41 50.45 -15.23
CA ASN E 30 -8.06 50.91 -13.89
C ASN E 30 -7.49 49.80 -13.01
N GLU E 31 -6.76 48.88 -13.62
CA GLU E 31 -6.13 47.77 -12.89
C GLU E 31 -4.66 47.69 -13.23
N MET E 32 -3.87 47.20 -12.28
CA MET E 32 -2.43 47.08 -12.48
C MET E 32 -1.99 45.62 -12.46
N VAL E 33 -1.47 45.15 -13.58
CA VAL E 33 -1.00 43.77 -13.70
C VAL E 33 0.51 43.70 -13.62
N VAL E 34 1.02 42.79 -12.80
CA VAL E 34 2.45 42.62 -12.65
C VAL E 34 2.86 41.17 -12.89
N TYR E 35 3.81 40.96 -13.81
CA TYR E 35 4.30 39.62 -14.13
C TYR E 35 5.61 39.41 -13.40
N ALA E 36 5.70 38.36 -12.60
CA ALA E 36 6.91 38.09 -11.84
C ALA E 36 7.49 36.70 -12.07
N ALA E 37 8.82 36.61 -12.09
CA ALA E 37 9.49 35.35 -12.30
C ALA E 37 10.10 34.83 -11.00
N PRO E 38 10.13 33.49 -10.83
CA PRO E 38 10.69 32.83 -9.65
C PRO E 38 12.19 33.01 -9.55
N ARG E 39 12.75 33.77 -10.50
CA ARG E 39 14.18 34.03 -10.52
C ARG E 39 14.48 35.25 -11.38
N ASP E 40 15.76 35.45 -11.67
CA ASP E 40 16.21 36.58 -12.48
C ASP E 40 16.04 36.27 -13.97
N VAL E 41 15.11 36.97 -14.62
CA VAL E 41 14.87 36.77 -16.04
C VAL E 41 15.12 38.05 -16.84
N ARG E 42 15.96 38.93 -16.31
CA ARG E 42 16.29 40.18 -16.97
C ARG E 42 17.33 39.88 -18.05
N GLU E 43 17.25 38.68 -18.59
CA GLU E 43 18.16 38.21 -19.64
C GLU E 43 17.41 37.25 -20.56
N ARG E 44 17.34 37.58 -21.85
CA ARG E 44 16.64 36.74 -22.83
C ARG E 44 17.26 35.37 -23.00
N THR E 45 18.11 35.00 -22.04
CA THR E 45 18.76 33.71 -22.02
C THR E 45 18.11 32.87 -20.92
N TRP E 46 17.64 33.56 -19.89
CA TRP E 46 16.95 32.93 -18.77
C TRP E 46 15.46 33.18 -18.91
N GLN E 47 15.09 33.87 -19.98
CA GLN E 47 13.69 34.19 -20.26
C GLN E 47 12.92 33.01 -20.86
N LEU E 48 13.24 31.81 -20.41
CA LEU E 48 12.59 30.59 -20.89
C LEU E 48 12.87 29.44 -19.94
N ASP E 49 11.92 28.51 -19.85
CA ASP E 49 12.03 27.32 -18.99
C ASP E 49 11.85 27.66 -17.50
N THR E 50 10.80 28.44 -17.19
CA THR E 50 10.54 28.84 -15.80
C THR E 50 9.11 29.37 -15.57
N PRO E 51 8.56 29.16 -14.36
CA PRO E 51 7.22 29.60 -14.00
C PRO E 51 7.07 31.13 -14.06
N LEU E 52 5.84 31.62 -14.20
CA LEU E 52 5.63 33.06 -14.28
C LEU E 52 4.35 33.47 -13.54
N PHE E 53 4.51 34.06 -12.35
CA PHE E 53 3.38 34.52 -11.55
C PHE E 53 2.75 35.80 -12.08
N THR E 54 1.42 35.87 -12.02
CA THR E 54 0.70 37.06 -12.45
C THR E 54 -0.03 37.68 -11.25
N LEU E 55 0.34 38.91 -10.89
CA LEU E 55 -0.30 39.61 -9.78
C LEU E 55 -1.13 40.76 -10.31
N ARG E 56 -2.43 40.71 -10.03
CA ARG E 56 -3.33 41.75 -10.48
C ARG E 56 -3.77 42.58 -9.27
N PHE E 57 -3.75 43.90 -9.41
CA PHE E 57 -4.17 44.81 -8.33
C PHE E 57 -5.36 45.60 -8.82
N PHE E 58 -6.46 45.48 -8.09
CA PHE E 58 -7.68 46.17 -8.46
C PHE E 58 -8.40 46.71 -7.23
N SER E 59 -9.41 47.55 -7.45
CA SER E 59 -10.15 48.12 -6.32
C SER E 59 -11.66 48.02 -6.48
N PRO E 60 -12.30 47.21 -5.63
CA PRO E 60 -13.76 47.04 -5.68
C PRO E 60 -14.51 48.21 -5.04
N GLN E 61 -13.89 48.84 -4.06
CA GLN E 61 -14.46 49.99 -3.33
C GLN E 61 -13.32 50.90 -2.88
N GLU E 62 -13.61 52.19 -2.69
CA GLU E 62 -12.60 53.14 -2.21
C GLU E 62 -11.99 52.60 -0.93
N GLY E 63 -10.67 52.68 -0.79
CA GLY E 63 -10.04 52.18 0.41
C GLY E 63 -9.77 50.69 0.46
N ILE E 64 -10.13 49.96 -0.61
CA ILE E 64 -9.88 48.52 -0.63
C ILE E 64 -9.05 48.12 -1.85
N VAL E 65 -7.94 47.44 -1.59
CA VAL E 65 -7.08 46.98 -2.67
C VAL E 65 -7.12 45.45 -2.76
N GLY E 66 -7.56 44.96 -3.91
CA GLY E 66 -7.62 43.52 -4.13
C GLY E 66 -6.33 43.04 -4.77
N VAL E 67 -5.85 41.89 -4.33
CA VAL E 67 -4.63 41.30 -4.89
C VAL E 67 -4.94 39.89 -5.36
N ARG E 68 -4.72 39.62 -6.65
CA ARG E 68 -4.96 38.29 -7.19
C ARG E 68 -3.66 37.73 -7.71
N ILE E 69 -3.11 36.75 -6.99
CA ILE E 69 -1.86 36.12 -7.38
C ILE E 69 -2.20 34.76 -8.00
N GLU E 70 -1.85 34.56 -9.26
CA GLU E 70 -2.17 33.28 -9.86
C GLU E 70 -1.02 32.56 -10.56
N HIS E 71 -1.10 31.22 -10.49
CA HIS E 71 -0.13 30.33 -11.12
C HIS E 71 -0.75 29.94 -12.46
N PHE E 72 -1.41 28.79 -12.53
CA PHE E 72 -2.05 28.37 -13.77
C PHE E 72 -3.46 28.95 -13.88
N GLN E 73 -3.80 29.43 -15.06
CA GLN E 73 -5.10 30.03 -15.33
C GLN E 73 -6.05 29.04 -15.97
N GLY E 74 -5.52 27.89 -16.37
CA GLY E 74 -6.32 26.86 -17.02
C GLY E 74 -7.19 26.02 -16.11
N ALA E 75 -7.16 26.29 -14.81
CA ALA E 75 -7.98 25.55 -13.85
C ALA E 75 -9.46 25.82 -14.06
N LEU E 76 -10.30 24.93 -13.54
CA LEU E 76 -11.75 25.05 -13.69
C LEU E 76 -12.38 26.25 -12.96
N ASN E 77 -12.13 26.38 -11.65
CA ASN E 77 -12.68 27.50 -10.87
C ASN E 77 -14.21 27.64 -10.99
N ASN E 78 -14.96 26.74 -10.36
CA ASN E 78 -16.42 26.77 -10.38
C ASN E 78 -16.96 27.58 -9.20
N GLY E 79 -18.26 27.86 -9.22
CA GLY E 79 -18.87 28.59 -8.13
C GLY E 79 -18.99 27.66 -6.93
N PRO E 80 -19.56 28.12 -5.80
CA PRO E 80 -20.08 29.48 -5.61
C PRO E 80 -19.00 30.43 -5.10
N HIS E 81 -19.24 31.72 -5.31
CA HIS E 81 -18.30 32.75 -4.84
C HIS E 81 -19.02 33.62 -3.82
N TYR E 82 -18.26 34.33 -2.99
CA TYR E 82 -18.83 35.19 -1.97
C TYR E 82 -19.66 36.31 -2.60
N PRO E 83 -20.73 36.75 -1.92
CA PRO E 83 -21.61 37.81 -2.42
C PRO E 83 -21.02 39.22 -2.23
N LEU E 84 -19.90 39.48 -2.89
CA LEU E 84 -19.21 40.76 -2.81
C LEU E 84 -19.84 41.86 -3.65
N ASN E 85 -19.78 43.10 -3.14
CA ASN E 85 -20.29 44.25 -3.87
C ASN E 85 -19.08 44.84 -4.58
N ILE E 86 -19.05 44.70 -5.90
CA ILE E 86 -17.92 45.17 -6.66
C ILE E 86 -18.25 46.25 -7.67
N LEU E 87 -17.59 47.39 -7.54
CA LEU E 87 -17.79 48.51 -8.44
C LEU E 87 -16.69 48.48 -9.49
N GLN E 88 -16.97 49.09 -10.64
CA GLN E 88 -16.03 49.12 -11.75
C GLN E 88 -15.53 50.54 -12.04
N ASP E 89 -16.10 51.51 -11.33
CA ASP E 89 -15.76 52.92 -11.52
C ASP E 89 -14.94 53.55 -10.40
N VAL E 90 -14.37 52.73 -9.53
CA VAL E 90 -13.58 53.27 -8.43
C VAL E 90 -12.38 54.05 -8.96
N LYS E 91 -12.27 55.32 -8.56
CA LYS E 91 -11.15 56.14 -9.02
C LYS E 91 -9.89 55.62 -8.35
N VAL E 92 -8.87 55.36 -9.14
CA VAL E 92 -7.63 54.85 -8.61
C VAL E 92 -6.45 55.55 -9.27
N THR E 93 -5.25 55.23 -8.78
CA THR E 93 -4.04 55.80 -9.33
C THR E 93 -3.04 54.69 -9.57
N ILE E 94 -2.47 54.68 -10.76
CA ILE E 94 -1.48 53.69 -11.12
C ILE E 94 -0.26 54.43 -11.63
N GLU E 95 0.89 54.13 -11.06
CA GLU E 95 2.11 54.77 -11.49
C GLU E 95 3.26 53.79 -11.52
N ASN E 96 3.67 53.46 -12.74
CA ASN E 96 4.75 52.52 -12.97
C ASN E 96 6.04 53.30 -13.19
N THR E 97 6.93 53.27 -12.19
CA THR E 97 8.21 53.95 -12.28
C THR E 97 9.27 52.87 -12.49
N GLU E 98 10.51 53.27 -12.75
CA GLU E 98 11.57 52.31 -12.96
C GLU E 98 11.90 51.60 -11.65
N ARG E 99 11.56 52.23 -10.54
CA ARG E 99 11.85 51.64 -9.24
C ARG E 99 10.69 50.85 -8.63
N TYR E 100 9.46 51.34 -8.82
CA TYR E 100 8.30 50.67 -8.25
C TYR E 100 7.11 50.69 -9.19
N ALA E 101 6.08 49.95 -8.79
CA ALA E 101 4.81 49.90 -9.49
C ALA E 101 3.86 50.11 -8.32
N GLU E 102 2.93 51.03 -8.44
CA GLU E 102 2.02 51.27 -7.33
C GLU E 102 0.59 51.51 -7.74
N PHE E 103 -0.31 50.85 -7.03
CA PHE E 103 -1.74 50.96 -7.27
C PHE E 103 -2.35 51.57 -6.01
N LYS E 104 -3.17 52.60 -6.17
CA LYS E 104 -3.76 53.27 -5.02
C LYS E 104 -5.25 53.57 -5.10
N SER E 105 -5.97 53.27 -4.02
CA SER E 105 -7.40 53.52 -3.94
C SER E 105 -7.65 54.24 -2.62
N GLY E 106 -8.02 55.51 -2.69
CA GLY E 106 -8.24 56.28 -1.47
C GLY E 106 -6.88 56.59 -0.87
N ASN E 107 -6.66 56.19 0.38
CA ASN E 107 -5.39 56.44 1.04
C ASN E 107 -4.52 55.18 1.08
N LEU E 108 -5.10 54.06 0.66
CA LEU E 108 -4.40 52.78 0.65
C LEU E 108 -3.79 52.47 -0.71
N SER E 109 -2.55 52.00 -0.69
CA SER E 109 -1.90 51.66 -1.95
C SER E 109 -1.13 50.34 -1.82
N ALA E 110 -0.87 49.73 -2.96
CA ALA E 110 -0.10 48.50 -3.03
C ALA E 110 1.12 48.87 -3.85
N ARG E 111 2.31 48.64 -3.30
CA ARG E 111 3.53 48.97 -4.03
C ARG E 111 4.48 47.78 -4.20
N VAL E 112 4.86 47.49 -5.44
CA VAL E 112 5.77 46.38 -5.73
C VAL E 112 7.15 46.90 -6.14
N SER E 113 8.17 46.46 -5.42
CA SER E 113 9.54 46.88 -5.72
C SER E 113 10.07 46.14 -6.95
N LYS E 114 10.63 46.89 -7.89
CA LYS E 114 11.20 46.28 -9.08
C LYS E 114 12.66 45.92 -8.80
N GLY E 115 13.24 45.10 -9.67
CA GLY E 115 14.63 44.72 -9.52
C GLY E 115 14.90 43.68 -8.46
N GLU E 116 16.17 43.31 -8.35
CA GLU E 116 16.66 42.33 -7.39
C GLU E 116 15.83 42.19 -6.12
N PHE E 117 15.61 43.32 -5.44
CA PHE E 117 14.85 43.31 -4.19
C PHE E 117 13.34 43.31 -4.36
N TRP E 118 12.77 42.11 -4.50
CA TRP E 118 11.33 41.98 -4.63
C TRP E 118 10.68 42.35 -3.31
N SER E 119 9.56 43.06 -3.38
CA SER E 119 8.87 43.52 -2.19
C SER E 119 7.45 43.99 -2.46
N LEU E 120 6.51 43.47 -1.68
CA LEU E 120 5.11 43.88 -1.83
C LEU E 120 4.76 44.65 -0.56
N ASP E 121 4.43 45.93 -0.71
CA ASP E 121 4.09 46.78 0.44
C ASP E 121 2.73 47.43 0.31
N PHE E 122 1.99 47.43 1.42
CA PHE E 122 0.69 48.08 1.47
C PHE E 122 0.93 49.33 2.34
N LEU E 123 0.62 50.49 1.78
CA LEU E 123 0.85 51.76 2.49
C LEU E 123 -0.41 52.59 2.70
N ARG E 124 -0.42 53.31 3.82
CA ARG E 124 -1.52 54.21 4.15
C ARG E 124 -0.86 55.59 4.12
N ASN E 125 -1.29 56.44 3.18
CA ASN E 125 -0.71 57.76 3.03
C ASN E 125 0.81 57.67 2.97
N GLY E 126 1.32 56.65 2.27
CA GLY E 126 2.75 56.49 2.14
C GLY E 126 3.44 55.80 3.30
N GLU E 127 2.69 55.38 4.30
CA GLU E 127 3.28 54.69 5.45
C GLU E 127 2.91 53.20 5.40
N ARG E 128 3.91 52.35 5.59
CA ARG E 128 3.73 50.90 5.51
C ARG E 128 3.04 50.25 6.70
N ILE E 129 1.81 49.82 6.48
CA ILE E 129 1.02 49.19 7.52
C ILE E 129 1.22 47.68 7.56
N THR E 130 1.69 47.12 6.44
CA THR E 130 1.96 45.68 6.33
C THR E 130 2.39 45.31 4.90
N GLY E 131 2.65 44.03 4.68
CA GLY E 131 3.06 43.61 3.34
C GLY E 131 3.70 42.24 3.29
N SER E 132 4.17 41.87 2.11
CA SER E 132 4.81 40.58 1.93
C SER E 132 6.26 40.65 1.51
N GLN E 133 7.12 39.99 2.27
CA GLN E 133 8.53 39.98 1.96
C GLN E 133 8.82 38.93 0.89
N VAL E 134 10.02 39.01 0.31
CA VAL E 134 10.41 38.09 -0.74
C VAL E 134 10.40 36.66 -0.20
N LYS E 135 9.75 35.76 -0.95
CA LYS E 135 9.64 34.34 -0.58
C LYS E 135 8.61 34.07 0.52
N ASN E 136 7.62 34.95 0.66
CA ASN E 136 6.59 34.74 1.69
C ASN E 136 5.22 34.48 1.12
N ASN E 137 5.15 34.49 -0.21
CA ASN E 137 3.91 34.17 -0.91
C ASN E 137 4.33 33.25 -2.05
N GLY E 138 3.38 32.65 -2.74
CA GLY E 138 3.74 31.77 -3.83
C GLY E 138 2.95 30.48 -3.96
N TYR E 139 3.57 29.49 -4.61
CA TYR E 139 2.96 28.20 -4.90
C TYR E 139 3.62 27.05 -4.17
N VAL E 140 2.81 26.21 -3.54
CA VAL E 140 3.29 25.05 -2.81
C VAL E 140 2.79 23.80 -3.52
N GLN E 141 3.73 22.93 -3.88
CA GLN E 141 3.38 21.69 -4.55
C GLN E 141 3.62 20.61 -3.52
N ASP E 142 2.53 20.04 -3.01
CA ASP E 142 2.63 19.00 -2.00
C ASP E 142 2.81 17.65 -2.70
N THR E 143 3.97 17.07 -2.49
CA THR E 143 4.37 15.79 -3.06
C THR E 143 3.80 14.58 -2.34
N ASN E 144 3.49 14.74 -1.06
CA ASN E 144 2.97 13.64 -0.27
C ASN E 144 1.50 13.32 -0.51
N ASN E 145 0.76 14.24 -1.10
CA ASN E 145 -0.65 14.00 -1.37
C ASN E 145 -1.12 14.58 -2.68
N GLN E 146 -0.18 15.04 -3.49
CA GLN E 146 -0.49 15.60 -4.81
C GLN E 146 -1.41 16.81 -4.81
N ARG E 147 -1.42 17.57 -3.72
CA ARG E 147 -2.25 18.77 -3.68
C ARG E 147 -1.36 20.01 -3.83
N ASN E 148 -1.88 21.02 -4.51
CA ASN E 148 -1.15 22.26 -4.73
C ASN E 148 -1.86 23.44 -4.04
N TYR E 149 -1.08 24.30 -3.41
CA TYR E 149 -1.61 25.45 -2.67
C TYR E 149 -0.98 26.78 -3.05
N MET E 150 -1.76 27.85 -2.88
CA MET E 150 -1.28 29.22 -3.08
C MET E 150 -1.23 29.78 -1.65
N PHE E 151 -0.15 30.49 -1.31
CA PHE E 151 -0.03 31.03 0.04
C PHE E 151 0.53 32.45 0.13
N GLU E 152 0.26 33.11 1.25
CA GLU E 152 0.71 34.48 1.54
C GLU E 152 0.96 34.67 3.04
N ARG E 153 1.96 35.50 3.36
CA ARG E 153 2.32 35.82 4.73
C ARG E 153 2.41 37.35 4.86
N LEU E 154 1.47 37.94 5.59
CA LEU E 154 1.44 39.40 5.79
C LEU E 154 2.07 39.72 7.14
N ASP E 155 3.03 40.65 7.14
CA ASP E 155 3.74 41.01 8.37
C ASP E 155 2.91 41.64 9.50
N LEU E 156 3.41 41.49 10.71
CA LEU E 156 2.80 42.07 11.91
C LEU E 156 3.92 42.84 12.62
N GLY E 157 3.74 44.15 12.80
CA GLY E 157 4.76 44.93 13.49
C GLY E 157 4.78 44.63 14.97
N VAL E 158 5.72 45.22 15.70
CA VAL E 158 5.82 45.02 17.14
C VAL E 158 4.50 45.39 17.80
N GLY E 159 4.07 44.56 18.76
CA GLY E 159 2.82 44.80 19.46
C GLY E 159 1.54 44.77 18.64
N GLU E 160 1.59 44.25 17.40
CA GLU E 160 0.39 44.19 16.57
C GLU E 160 -0.44 42.96 16.96
N THR E 161 -1.75 43.15 17.10
CA THR E 161 -2.64 42.07 17.50
C THR E 161 -3.67 41.78 16.43
N VAL E 162 -4.10 40.52 16.38
CA VAL E 162 -5.06 40.08 15.37
C VAL E 162 -6.39 39.64 15.98
N TYR E 163 -7.48 40.04 15.33
CA TYR E 163 -8.83 39.70 15.80
C TYR E 163 -9.70 39.25 14.63
N GLY E 164 -10.75 38.50 14.94
CA GLY E 164 -11.69 38.07 13.91
C GLY E 164 -11.65 36.60 13.49
N LEU E 165 -11.85 36.39 12.19
CA LEU E 165 -11.85 35.05 11.62
C LEU E 165 -13.11 34.33 12.08
N GLY E 166 -14.17 35.12 12.31
CA GLY E 166 -15.46 34.59 12.72
C GLY E 166 -15.72 34.47 14.22
N GLU E 167 -16.80 33.76 14.56
CA GLU E 167 -17.17 33.54 15.94
C GLU E 167 -16.35 32.40 16.55
N ARG E 168 -15.23 32.73 17.16
CA ARG E 168 -14.39 31.70 17.74
C ARG E 168 -14.39 31.81 19.26
N PHE E 169 -14.13 30.69 19.93
CA PHE E 169 -14.16 30.62 21.37
C PHE E 169 -12.83 30.46 22.07
N THR E 170 -11.74 30.60 21.32
CA THR E 170 -10.41 30.51 21.90
C THR E 170 -10.07 31.94 22.36
N ALA E 171 -8.85 32.16 22.83
CA ALA E 171 -8.40 33.49 23.26
C ALA E 171 -8.81 34.49 22.19
N LEU E 172 -9.29 35.66 22.63
CA LEU E 172 -9.75 36.72 21.74
C LEU E 172 -8.71 37.20 20.75
N VAL E 173 -7.49 37.41 21.22
CA VAL E 173 -6.40 37.86 20.36
C VAL E 173 -5.83 36.62 19.67
N ARG E 174 -5.89 36.64 18.35
CA ARG E 174 -5.45 35.52 17.52
C ARG E 174 -3.99 35.10 17.61
N ASN E 175 -3.07 36.05 17.69
CA ASN E 175 -1.63 35.75 17.76
C ASN E 175 -1.27 34.44 18.44
N GLY E 176 -0.61 33.56 17.69
CA GLY E 176 -0.21 32.28 18.26
C GLY E 176 -1.10 31.08 17.94
N GLN E 177 -2.21 31.29 17.25
CA GLN E 177 -3.04 30.14 16.95
C GLN E 177 -3.27 29.90 15.47
N THR E 178 -3.55 28.65 15.14
CA THR E 178 -3.83 28.29 13.75
C THR E 178 -5.35 28.18 13.70
N VAL E 179 -5.94 28.70 12.64
CA VAL E 179 -7.39 28.64 12.48
C VAL E 179 -7.78 28.23 11.07
N GLU E 180 -8.72 27.28 10.99
CA GLU E 180 -9.25 26.78 9.72
C GLU E 180 -10.66 27.33 9.55
N THR E 181 -10.90 28.08 8.48
CA THR E 181 -12.24 28.61 8.28
C THR E 181 -13.11 27.53 7.61
N TRP E 182 -13.62 26.63 8.45
CA TRP E 182 -14.45 25.51 8.00
C TRP E 182 -15.58 25.28 9.03
N ASN E 183 -16.80 25.59 8.64
CA ASN E 183 -17.92 25.40 9.56
C ASN E 183 -18.03 23.99 10.09
N ARG E 184 -18.23 23.88 11.41
CA ARG E 184 -18.38 22.60 12.08
C ARG E 184 -19.38 22.71 13.23
N ASP E 185 -19.83 21.57 13.72
CA ASP E 185 -20.75 21.51 14.84
C ASP E 185 -19.91 20.94 15.97
N GLY E 186 -19.10 21.78 16.60
CA GLY E 186 -18.24 21.31 17.67
C GLY E 186 -18.50 21.89 19.03
N GLY E 187 -19.62 22.58 19.20
CA GLY E 187 -19.93 23.18 20.49
C GLY E 187 -19.28 24.55 20.64
N THR E 188 -19.10 25.01 21.88
CA THR E 188 -18.51 26.33 22.12
C THR E 188 -17.22 26.29 22.94
N SER E 189 -16.75 25.10 23.27
CA SER E 189 -15.54 25.00 24.07
C SER E 189 -14.34 24.36 23.39
N THR E 190 -14.22 24.54 22.08
CA THR E 190 -13.07 23.97 21.37
C THR E 190 -12.59 24.96 20.32
N GLU E 191 -11.53 24.60 19.59
CA GLU E 191 -10.99 25.47 18.56
C GLU E 191 -11.97 25.58 17.39
N GLN E 192 -12.98 24.72 17.36
CA GLN E 192 -13.96 24.70 16.27
C GLN E 192 -15.03 25.77 16.34
N ALA E 193 -15.60 26.13 15.20
CA ALA E 193 -16.63 27.17 15.12
C ALA E 193 -17.75 26.85 14.14
N TYR E 194 -18.95 27.38 14.42
CA TYR E 194 -20.14 27.22 13.57
C TYR E 194 -20.17 28.27 12.47
N LYS E 195 -19.50 29.39 12.72
CA LYS E 195 -19.50 30.49 11.76
C LYS E 195 -18.08 30.95 11.50
N ASN E 196 -17.53 30.52 10.35
CA ASN E 196 -16.17 30.88 9.98
C ASN E 196 -16.20 31.98 8.94
N ILE E 197 -15.20 32.85 9.01
CA ILE E 197 -15.10 33.99 8.11
C ILE E 197 -13.62 34.25 7.88
N PRO E 198 -13.15 34.12 6.62
CA PRO E 198 -11.74 34.33 6.31
C PRO E 198 -11.39 35.84 6.28
N PHE E 199 -11.77 36.54 7.36
CA PHE E 199 -11.51 37.97 7.50
C PHE E 199 -10.92 38.25 8.88
N TYR E 200 -9.87 39.05 8.91
CA TYR E 200 -9.24 39.41 10.16
C TYR E 200 -8.88 40.91 10.15
N MET E 201 -8.67 41.47 11.32
CA MET E 201 -8.30 42.88 11.42
C MET E 201 -7.33 43.04 12.59
N THR E 202 -6.51 44.09 12.56
CA THR E 202 -5.52 44.29 13.60
C THR E 202 -5.68 45.63 14.33
N ASN E 203 -4.90 45.82 15.39
CA ASN E 203 -4.97 47.06 16.14
C ASN E 203 -4.12 48.11 15.43
N ARG E 204 -3.84 47.86 14.15
CA ARG E 204 -3.05 48.80 13.38
C ARG E 204 -3.97 49.53 12.40
N GLY E 205 -5.25 49.21 12.48
CA GLY E 205 -6.21 49.90 11.64
C GLY E 205 -6.48 49.43 10.22
N TYR E 206 -6.28 48.15 9.93
CA TYR E 206 -6.58 47.64 8.60
C TYR E 206 -7.14 46.23 8.71
N GLY E 207 -7.86 45.79 7.70
CA GLY E 207 -8.38 44.44 7.73
C GLY E 207 -8.04 43.72 6.43
N VAL E 208 -8.16 42.40 6.44
CA VAL E 208 -7.93 41.65 5.22
C VAL E 208 -8.89 40.47 5.11
N LEU E 209 -9.55 40.42 3.97
CA LEU E 209 -10.50 39.36 3.64
C LEU E 209 -9.86 38.47 2.57
N VAL E 210 -9.69 37.17 2.87
CA VAL E 210 -9.13 36.22 1.92
C VAL E 210 -10.34 35.71 1.14
N ASN E 211 -10.40 36.05 -0.14
CA ASN E 211 -11.54 35.70 -0.98
C ASN E 211 -11.72 34.24 -1.45
N HIS E 212 -11.71 33.29 -0.53
CA HIS E 212 -11.89 31.88 -0.87
C HIS E 212 -12.92 31.19 0.03
N PRO E 213 -14.08 30.85 -0.54
CA PRO E 213 -15.14 30.20 0.23
C PRO E 213 -14.78 28.81 0.79
N GLN E 214 -13.75 28.17 0.25
CA GLN E 214 -13.36 26.86 0.75
C GLN E 214 -12.47 27.06 1.96
N CYS E 215 -12.08 25.96 2.59
CA CYS E 215 -11.25 26.04 3.76
C CYS E 215 -9.98 26.88 3.56
N VAL E 216 -9.82 27.92 4.36
CA VAL E 216 -8.62 28.72 4.28
C VAL E 216 -7.87 28.41 5.56
N SER E 217 -6.60 28.10 5.45
CA SER E 217 -5.82 27.78 6.62
C SER E 217 -4.99 28.98 7.06
N PHE E 218 -5.23 29.47 8.28
CA PHE E 218 -4.49 30.63 8.80
C PHE E 218 -3.52 30.21 9.89
N GLU E 219 -2.29 30.73 9.80
CA GLU E 219 -1.30 30.48 10.83
C GLU E 219 -1.01 31.91 11.32
N VAL E 220 -1.74 32.33 12.36
CA VAL E 220 -1.59 33.69 12.90
C VAL E 220 -0.43 33.73 13.89
N GLY E 221 0.75 34.06 13.39
CA GLY E 221 1.92 34.10 14.24
C GLY E 221 2.21 32.75 14.86
N SER E 222 1.68 31.69 14.27
CA SER E 222 1.88 30.33 14.77
C SER E 222 2.95 29.51 14.02
N GLU E 223 3.32 29.94 12.80
CA GLU E 223 4.38 29.27 12.05
C GLU E 223 5.49 30.32 12.08
N LYS E 224 5.25 31.44 11.42
CA LYS E 224 6.19 32.56 11.45
C LYS E 224 5.58 33.50 12.51
N VAL E 225 6.22 33.57 13.67
CA VAL E 225 5.68 34.40 14.78
C VAL E 225 5.28 35.84 14.45
N SER E 226 5.94 36.46 13.48
CA SER E 226 5.59 37.84 13.15
C SER E 226 4.83 38.00 11.84
N LYS E 227 4.06 36.98 11.47
CA LYS E 227 3.28 37.08 10.26
C LYS E 227 1.97 36.35 10.38
N VAL E 228 1.03 36.75 9.53
CA VAL E 228 -0.23 36.07 9.45
C VAL E 228 -0.11 35.31 8.12
N GLN E 229 0.00 33.99 8.21
CA GLN E 229 0.10 33.18 7.01
C GLN E 229 -1.23 32.55 6.65
N PHE E 230 -1.65 32.69 5.39
CA PHE E 230 -2.88 32.04 4.97
C PHE E 230 -2.69 31.31 3.63
N SER E 231 -3.18 30.08 3.56
CA SER E 231 -3.09 29.29 2.33
C SER E 231 -4.38 28.57 1.99
N VAL E 232 -4.56 28.34 0.71
CA VAL E 232 -5.76 27.67 0.22
C VAL E 232 -5.41 26.73 -0.95
N GLU E 233 -6.11 25.61 -1.07
CA GLU E 233 -5.85 24.67 -2.17
C GLU E 233 -6.49 25.29 -3.39
N SER E 234 -5.67 25.94 -4.21
CA SER E 234 -6.18 26.63 -5.39
C SER E 234 -4.99 27.01 -6.25
N GLU E 235 -5.26 27.40 -7.49
CA GLU E 235 -4.19 27.77 -8.40
C GLU E 235 -4.02 29.28 -8.41
N TYR E 236 -4.82 29.96 -7.58
CA TYR E 236 -4.71 31.41 -7.50
C TYR E 236 -5.11 31.85 -6.11
N LEU E 237 -4.47 32.91 -5.62
CA LEU E 237 -4.78 33.44 -4.31
C LEU E 237 -5.27 34.86 -4.47
N GLU E 238 -6.43 35.14 -3.88
CA GLU E 238 -7.00 36.47 -3.95
C GLU E 238 -7.41 36.96 -2.56
N TYR E 239 -6.85 38.11 -2.16
CA TYR E 239 -7.19 38.72 -0.87
C TYR E 239 -7.41 40.22 -1.01
N PHE E 240 -8.04 40.81 0.00
CA PHE E 240 -8.33 42.24 -0.02
C PHE E 240 -7.84 42.92 1.26
N VAL E 241 -7.06 43.97 1.11
CA VAL E 241 -6.57 44.71 2.27
C VAL E 241 -7.55 45.88 2.35
N ILE E 242 -8.21 45.98 3.50
CA ILE E 242 -9.22 47.00 3.75
C ILE E 242 -8.66 48.01 4.75
N ASP E 243 -8.60 49.27 4.32
CA ASP E 243 -8.06 50.35 5.13
C ASP E 243 -8.99 50.86 6.22
N GLY E 244 -8.40 51.36 7.30
CA GLY E 244 -9.16 51.90 8.41
C GLY E 244 -9.28 53.42 8.35
N PRO E 245 -8.46 54.17 9.12
CA PRO E 245 -7.44 53.68 10.04
C PRO E 245 -7.90 53.15 11.40
N THR E 246 -9.20 53.13 11.64
CA THR E 246 -9.70 52.62 12.92
C THR E 246 -10.55 51.37 12.71
N PRO E 247 -10.64 50.52 13.75
CA PRO E 247 -11.43 49.28 13.67
C PRO E 247 -12.82 49.54 13.11
N LYS E 248 -13.50 50.58 13.59
CA LYS E 248 -14.84 50.89 13.09
C LYS E 248 -14.85 51.29 11.62
N ALA E 249 -13.76 51.90 11.16
CA ALA E 249 -13.69 52.32 9.76
C ALA E 249 -13.44 51.10 8.85
N VAL E 250 -12.70 50.13 9.37
CA VAL E 250 -12.45 48.92 8.60
C VAL E 250 -13.80 48.20 8.46
N LEU E 251 -14.48 47.99 9.58
CA LEU E 251 -15.77 47.32 9.57
C LEU E 251 -16.80 48.02 8.70
N ASP E 252 -16.69 49.34 8.58
CA ASP E 252 -17.63 50.07 7.75
C ASP E 252 -17.41 49.68 6.27
N ARG E 253 -16.15 49.68 5.85
CA ARG E 253 -15.84 49.31 4.47
C ARG E 253 -16.13 47.83 4.22
N TYR E 254 -15.72 46.98 5.16
CA TYR E 254 -15.94 45.56 5.03
C TYR E 254 -17.43 45.23 4.86
N THR E 255 -18.28 45.80 5.70
CA THR E 255 -19.72 45.54 5.61
C THR E 255 -20.33 46.19 4.38
N ARG E 256 -19.73 47.27 3.90
CA ARG E 256 -20.23 47.91 2.69
C ARG E 256 -19.85 46.99 1.51
N PHE E 257 -18.71 46.34 1.66
CA PHE E 257 -18.15 45.43 0.66
C PHE E 257 -18.91 44.10 0.61
N THR E 258 -18.97 43.40 1.74
CA THR E 258 -19.61 42.10 1.82
C THR E 258 -21.07 42.04 2.28
N GLY E 259 -21.59 43.15 2.85
CA GLY E 259 -22.98 43.14 3.31
C GLY E 259 -23.26 43.87 4.63
N ARG E 260 -24.29 44.71 4.60
CA ARG E 260 -24.70 45.48 5.77
C ARG E 260 -25.66 44.72 6.66
N PRO E 261 -25.35 44.61 7.96
CA PRO E 261 -26.27 43.90 8.85
C PRO E 261 -27.62 44.58 8.72
N ALA E 262 -28.71 43.83 8.79
CA ALA E 262 -30.02 44.45 8.69
C ALA E 262 -30.44 44.93 10.09
N LEU E 263 -31.41 45.82 10.14
CA LEU E 263 -31.89 46.35 11.42
C LEU E 263 -33.06 45.51 11.91
N PRO E 264 -32.87 44.69 12.94
CA PRO E 264 -33.98 43.87 13.42
C PRO E 264 -35.13 44.76 13.91
N PRO E 265 -36.34 44.22 14.01
CA PRO E 265 -37.46 45.04 14.48
C PRO E 265 -37.33 45.26 15.99
N ALA E 266 -37.88 46.36 16.49
CA ALA E 266 -37.79 46.66 17.92
C ALA E 266 -38.23 45.50 18.82
N TRP E 267 -39.37 44.88 18.52
CA TRP E 267 -39.84 43.77 19.36
C TRP E 267 -38.85 42.64 19.62
N SER E 268 -37.95 42.39 18.65
CA SER E 268 -36.97 41.30 18.81
C SER E 268 -35.96 41.60 19.91
N PHE E 269 -35.90 42.86 20.34
CA PHE E 269 -34.95 43.22 21.38
C PHE E 269 -35.48 42.87 22.77
N GLY E 270 -36.67 42.30 22.82
CA GLY E 270 -37.26 41.89 24.07
C GLY E 270 -36.69 40.58 24.60
N LEU E 271 -37.37 39.97 25.55
CA LEU E 271 -36.92 38.72 26.13
C LEU E 271 -37.53 37.50 25.42
N TRP E 272 -36.67 36.54 25.08
CA TRP E 272 -37.08 35.32 24.39
C TRP E 272 -37.10 34.16 25.38
N LEU E 273 -38.19 33.38 25.36
CA LEU E 273 -38.27 32.21 26.22
C LEU E 273 -38.45 30.96 25.36
N THR E 274 -37.75 29.89 25.69
CA THR E 274 -37.83 28.64 24.96
C THR E 274 -38.41 27.48 25.78
N THR E 275 -38.96 26.50 25.08
CA THR E 275 -39.54 25.31 25.70
C THR E 275 -38.40 24.40 26.15
N SER E 276 -37.20 24.72 25.67
CA SER E 276 -35.98 23.96 25.91
C SER E 276 -35.87 22.86 24.84
N PHE E 277 -34.71 22.23 24.76
CA PHE E 277 -34.44 21.20 23.75
C PHE E 277 -35.13 19.84 23.93
N THR E 278 -34.54 18.98 24.74
CA THR E 278 -35.09 17.64 24.96
C THR E 278 -35.98 17.54 26.20
N THR E 279 -36.39 18.69 26.74
CA THR E 279 -37.27 18.71 27.90
C THR E 279 -38.65 18.32 27.40
N ASN E 280 -39.55 17.97 28.30
CA ASN E 280 -40.92 17.59 27.92
C ASN E 280 -41.77 18.84 27.70
N TYR E 281 -42.64 18.79 26.70
CA TYR E 281 -43.52 19.92 26.45
C TYR E 281 -44.58 19.69 25.39
N ASP E 282 -45.74 20.29 25.66
CA ASP E 282 -46.90 20.22 24.78
C ASP E 282 -47.65 21.54 24.95
N GLU E 283 -48.82 21.64 24.34
CA GLU E 283 -49.60 22.88 24.43
C GLU E 283 -49.87 23.31 25.86
N ALA E 284 -49.93 22.34 26.77
CA ALA E 284 -50.17 22.64 28.18
C ALA E 284 -48.97 23.31 28.82
N THR E 285 -47.82 22.66 28.73
CA THR E 285 -46.59 23.18 29.31
C THR E 285 -46.25 24.56 28.78
N VAL E 286 -46.70 24.85 27.55
CA VAL E 286 -46.42 26.16 26.95
C VAL E 286 -47.19 27.23 27.72
N ASN E 287 -48.49 27.03 27.89
CA ASN E 287 -49.31 27.99 28.62
C ASN E 287 -48.84 28.08 30.06
N SER E 288 -48.38 26.95 30.60
CA SER E 288 -47.86 26.91 31.95
C SER E 288 -46.78 27.99 32.09
N PHE E 289 -45.74 27.90 31.27
CA PHE E 289 -44.66 28.87 31.31
C PHE E 289 -45.11 30.29 31.06
N ILE E 290 -45.89 30.50 30.00
CA ILE E 290 -46.35 31.84 29.67
C ILE E 290 -47.13 32.49 30.79
N ASP E 291 -48.09 31.76 31.36
CA ASP E 291 -48.89 32.32 32.45
C ASP E 291 -48.02 32.48 33.69
N GLY E 292 -47.10 31.55 33.89
CA GLY E 292 -46.22 31.62 35.04
C GLY E 292 -45.39 32.89 35.04
N MET E 293 -44.95 33.30 33.84
CA MET E 293 -44.15 34.52 33.70
C MET E 293 -45.01 35.73 34.04
N ALA E 294 -46.20 35.79 33.47
CA ALA E 294 -47.11 36.90 33.70
C ALA E 294 -47.51 37.02 35.17
N GLU E 295 -47.69 35.90 35.84
CA GLU E 295 -48.08 35.91 37.25
C GLU E 295 -46.93 36.19 38.21
N ARG E 296 -45.74 36.38 37.67
CA ARG E 296 -44.58 36.70 38.50
C ARG E 296 -44.04 38.06 38.03
N ASN E 297 -44.81 38.71 37.18
CA ASN E 297 -44.47 40.01 36.64
C ASN E 297 -43.18 40.03 35.83
N LEU E 298 -42.90 38.90 35.19
CA LEU E 298 -41.72 38.74 34.34
C LEU E 298 -42.12 39.00 32.89
N PRO E 299 -41.80 40.20 32.37
CA PRO E 299 -42.14 40.54 30.98
C PRO E 299 -41.61 39.48 30.01
N LEU E 300 -42.38 39.17 28.98
CA LEU E 300 -42.01 38.16 27.99
C LEU E 300 -42.51 38.69 26.65
N HIS E 301 -41.64 38.70 25.64
CA HIS E 301 -42.03 39.24 24.33
C HIS E 301 -42.00 38.27 23.14
N VAL E 302 -41.19 37.22 23.22
CA VAL E 302 -41.12 36.24 22.14
C VAL E 302 -41.07 34.82 22.68
N PHE E 303 -41.91 33.95 22.13
CA PHE E 303 -41.88 32.55 22.58
C PHE E 303 -41.35 31.64 21.47
N HIS E 304 -40.47 30.73 21.84
CA HIS E 304 -39.84 29.84 20.88
C HIS E 304 -40.16 28.36 21.05
N PHE E 305 -40.60 27.74 19.97
CA PHE E 305 -40.92 26.31 19.94
C PHE E 305 -39.69 25.55 19.42
N ASP E 306 -39.08 24.71 20.25
CA ASP E 306 -37.90 23.97 19.80
C ASP E 306 -38.22 22.69 18.99
N CYS E 307 -37.21 21.86 18.76
CA CYS E 307 -37.31 20.63 17.94
C CYS E 307 -38.58 19.80 18.00
N PHE E 308 -39.01 19.47 19.21
CA PHE E 308 -40.16 18.64 19.38
C PHE E 308 -41.52 19.16 18.99
N TRP E 309 -41.57 20.26 18.24
CA TRP E 309 -42.88 20.70 17.80
C TRP E 309 -43.23 19.79 16.62
N MET E 310 -42.22 19.05 16.16
CA MET E 310 -42.39 18.08 15.08
C MET E 310 -42.11 16.72 15.72
N LYS E 311 -42.54 15.65 15.05
CA LYS E 311 -42.36 14.29 15.54
C LYS E 311 -40.89 13.86 15.52
N ALA E 312 -40.51 13.06 16.51
CA ALA E 312 -39.15 12.57 16.63
C ALA E 312 -38.71 11.77 15.39
N PHE E 313 -37.44 11.96 15.02
CA PHE E 313 -36.83 11.27 13.88
C PHE E 313 -37.31 11.73 12.51
N GLN E 314 -38.18 12.74 12.48
CA GLN E 314 -38.69 13.27 11.23
C GLN E 314 -38.22 14.71 11.06
N TRP E 315 -37.37 15.16 11.98
CA TRP E 315 -36.95 16.55 11.98
C TRP E 315 -36.67 17.30 10.70
N CYS E 316 -37.61 18.23 10.58
CA CYS E 316 -37.86 19.22 9.57
C CYS E 316 -38.52 18.83 8.29
N ASP E 317 -39.71 18.25 8.47
CA ASP E 317 -40.59 17.86 7.38
C ASP E 317 -41.74 18.85 7.54
N PHE E 318 -41.58 19.73 8.53
CA PHE E 318 -42.55 20.78 8.83
C PHE E 318 -43.93 20.26 9.25
N GLU E 319 -43.96 19.13 9.94
CA GLU E 319 -45.22 18.52 10.38
C GLU E 319 -45.40 18.62 11.89
N TRP E 320 -46.45 19.30 12.32
CA TRP E 320 -46.73 19.44 13.76
C TRP E 320 -47.10 18.10 14.37
N ASP E 321 -46.51 17.76 15.49
CA ASP E 321 -46.79 16.52 16.20
C ASP E 321 -48.21 16.58 16.79
N PRO E 322 -49.21 15.97 16.12
CA PRO E 322 -50.61 15.95 16.58
C PRO E 322 -50.83 15.53 18.03
N LEU E 323 -49.95 14.69 18.56
CA LEU E 323 -50.09 14.22 19.94
C LEU E 323 -49.70 15.29 20.96
N THR E 324 -48.75 16.14 20.58
CA THR E 324 -48.26 17.19 21.46
C THR E 324 -48.95 18.53 21.21
N PHE E 325 -49.19 18.86 19.95
CA PHE E 325 -49.83 20.10 19.59
C PHE E 325 -50.99 19.89 18.63
N PRO E 326 -52.15 19.46 19.14
CA PRO E 326 -53.39 19.19 18.40
C PRO E 326 -53.84 20.27 17.43
N ASP E 327 -53.73 21.53 17.84
CA ASP E 327 -54.13 22.63 16.97
C ASP E 327 -53.08 23.74 16.96
N PRO E 328 -52.15 23.67 16.02
CA PRO E 328 -51.07 24.65 15.87
C PRO E 328 -51.53 26.09 15.72
N GLU E 329 -52.43 26.35 14.78
CA GLU E 329 -52.90 27.71 14.53
C GLU E 329 -53.73 28.27 15.67
N GLY E 330 -54.54 27.43 16.30
CA GLY E 330 -55.34 27.88 17.43
C GLY E 330 -54.43 28.30 18.56
N MET E 331 -53.47 27.46 18.89
CA MET E 331 -52.52 27.73 19.96
C MET E 331 -51.72 29.00 19.69
N ILE E 332 -51.24 29.14 18.46
CA ILE E 332 -50.44 30.29 18.04
C ILE E 332 -51.23 31.59 18.09
N ARG E 333 -52.47 31.55 17.59
CA ARG E 333 -53.30 32.74 17.59
C ARG E 333 -53.60 33.19 19.03
N ARG E 334 -53.66 32.23 19.94
CA ARG E 334 -53.93 32.54 21.34
C ARG E 334 -52.73 33.34 21.87
N LEU E 335 -51.54 32.74 21.82
CA LEU E 335 -50.33 33.43 22.29
C LEU E 335 -50.19 34.78 21.63
N LYS E 336 -50.47 34.84 20.34
CA LYS E 336 -50.39 36.10 19.60
C LYS E 336 -51.34 37.12 20.23
N ALA E 337 -52.51 36.65 20.65
CA ALA E 337 -53.52 37.50 21.27
C ALA E 337 -52.95 38.19 22.50
N LYS E 338 -52.14 37.46 23.27
CA LYS E 338 -51.52 38.00 24.47
C LYS E 338 -50.35 38.92 24.14
N GLY E 339 -50.22 39.31 22.87
CA GLY E 339 -49.14 40.19 22.46
C GLY E 339 -47.77 39.58 22.21
N LEU E 340 -47.63 38.27 22.38
CA LEU E 340 -46.34 37.60 22.15
C LEU E 340 -46.01 37.38 20.68
N LYS E 341 -44.72 37.27 20.37
CA LYS E 341 -44.26 36.98 19.01
C LYS E 341 -43.87 35.51 19.04
N ILE E 342 -44.01 34.83 17.90
CA ILE E 342 -43.70 33.42 17.86
C ILE E 342 -42.56 33.03 16.91
N CYS E 343 -41.64 32.23 17.43
CA CYS E 343 -40.51 31.72 16.65
C CYS E 343 -40.52 30.20 16.77
N VAL E 344 -40.16 29.51 15.67
CA VAL E 344 -40.10 28.04 15.66
C VAL E 344 -38.77 27.51 15.09
N TRP E 345 -38.34 26.37 15.61
CA TRP E 345 -37.11 25.73 15.18
C TRP E 345 -37.27 25.14 13.77
N ILE E 346 -36.15 25.08 13.05
CA ILE E 346 -36.10 24.50 11.71
C ILE E 346 -34.63 24.27 11.39
N ASN E 347 -34.35 23.43 10.39
CA ASN E 347 -32.98 23.19 9.94
C ASN E 347 -33.02 22.65 8.51
N PRO E 348 -31.87 22.59 7.83
CA PRO E 348 -31.84 22.11 6.44
C PRO E 348 -31.67 20.61 6.21
N TYR E 349 -31.99 19.80 7.21
CA TYR E 349 -31.87 18.36 7.09
C TYR E 349 -33.24 17.71 7.25
N ILE E 350 -33.32 16.42 6.93
CA ILE E 350 -34.56 15.68 7.05
C ILE E 350 -34.36 14.20 7.31
N GLY E 351 -35.04 13.72 8.35
CA GLY E 351 -34.97 12.33 8.75
C GLY E 351 -35.74 11.43 7.80
N GLN E 352 -35.28 10.19 7.68
CA GLN E 352 -35.90 9.22 6.79
C GLN E 352 -37.31 8.81 7.23
N LYS E 353 -37.53 8.77 8.54
CA LYS E 353 -38.83 8.38 9.09
C LYS E 353 -39.99 9.26 8.63
N SER E 354 -39.69 10.45 8.13
CA SER E 354 -40.75 11.35 7.69
C SER E 354 -41.45 10.96 6.39
N PRO E 355 -42.77 11.03 6.37
CA PRO E 355 -43.58 10.69 5.19
C PRO E 355 -43.20 11.54 4.00
N VAL E 356 -42.53 12.65 4.28
CA VAL E 356 -42.11 13.60 3.26
C VAL E 356 -40.85 13.12 2.53
N PHE E 357 -40.00 12.43 3.27
CA PHE E 357 -38.73 11.93 2.76
C PHE E 357 -38.80 11.26 1.39
N LYS E 358 -39.70 10.28 1.26
CA LYS E 358 -39.85 9.55 0.01
C LYS E 358 -40.21 10.48 -1.14
N GLU E 359 -41.08 11.45 -0.88
CA GLU E 359 -41.49 12.41 -1.91
C GLU E 359 -40.34 13.29 -2.40
N LEU E 360 -39.50 13.74 -1.46
CA LEU E 360 -38.37 14.60 -1.81
C LEU E 360 -37.34 13.77 -2.58
N GLN E 361 -37.14 12.53 -2.15
CA GLN E 361 -36.20 11.65 -2.81
C GLN E 361 -36.60 11.38 -4.24
N GLU E 362 -37.90 11.22 -4.46
CA GLU E 362 -38.39 10.93 -5.82
C GLU E 362 -38.44 12.17 -6.69
N LYS E 363 -38.47 13.35 -6.09
CA LYS E 363 -38.48 14.55 -6.90
C LYS E 363 -37.05 15.04 -7.11
N GLY E 364 -36.11 14.40 -6.41
CA GLY E 364 -34.71 14.78 -6.52
C GLY E 364 -34.37 16.09 -5.80
N TYR E 365 -34.94 16.31 -4.63
CA TYR E 365 -34.67 17.55 -3.89
C TYR E 365 -33.60 17.41 -2.83
N LEU E 366 -33.12 16.19 -2.59
CA LEU E 366 -32.09 15.97 -1.58
C LEU E 366 -30.70 15.86 -2.20
N LEU E 367 -29.67 16.20 -1.42
CA LEU E 367 -28.28 16.15 -1.91
C LEU E 367 -27.83 14.72 -2.27
N LYS E 368 -27.31 14.56 -3.48
CA LYS E 368 -26.89 13.23 -3.95
C LYS E 368 -25.38 13.00 -4.06
N ARG E 369 -24.99 11.75 -3.90
CA ARG E 369 -23.61 11.35 -4.05
C ARG E 369 -23.38 11.33 -5.56
N PRO E 370 -22.12 11.27 -6.00
CA PRO E 370 -21.87 11.25 -7.45
C PRO E 370 -22.61 10.14 -8.21
N ASP E 371 -22.74 8.97 -7.59
CA ASP E 371 -23.42 7.84 -8.23
C ASP E 371 -24.94 8.00 -8.36
N GLY E 372 -25.49 9.13 -7.93
CA GLY E 372 -26.92 9.32 -8.04
C GLY E 372 -27.75 8.89 -6.84
N SER E 373 -27.16 8.17 -5.90
CA SER E 373 -27.88 7.75 -4.71
C SER E 373 -27.84 8.95 -3.74
N LEU E 374 -28.67 8.93 -2.71
CA LEU E 374 -28.71 10.02 -1.73
C LEU E 374 -27.60 9.96 -0.72
N TRP E 375 -27.08 11.13 -0.36
CA TRP E 375 -26.05 11.18 0.68
C TRP E 375 -26.86 11.01 1.99
N GLN E 376 -26.37 10.20 2.92
CA GLN E 376 -27.06 9.96 4.19
C GLN E 376 -26.09 9.50 5.26
N TRP E 377 -26.55 9.56 6.51
CA TRP E 377 -25.80 9.09 7.69
C TRP E 377 -26.75 9.13 8.89
N ASP E 378 -26.30 8.61 10.04
CA ASP E 378 -27.17 8.59 11.20
C ASP E 378 -26.82 9.58 12.31
N LYS E 379 -26.25 10.72 11.93
CA LYS E 379 -25.92 11.74 12.93
C LYS E 379 -27.10 12.69 12.99
N TRP E 380 -27.47 13.05 14.21
CA TRP E 380 -28.60 13.94 14.50
C TRP E 380 -29.89 13.14 14.31
N GLN E 381 -30.24 12.87 13.06
CA GLN E 381 -31.44 12.12 12.71
C GLN E 381 -31.07 10.85 11.95
N PRO E 382 -31.88 9.78 12.12
CA PRO E 382 -31.59 8.52 11.42
C PRO E 382 -31.83 8.64 9.91
N GLY E 383 -30.86 8.19 9.12
CA GLY E 383 -30.97 8.26 7.67
C GLY E 383 -31.11 9.69 7.20
N LEU E 384 -30.49 10.60 7.94
CA LEU E 384 -30.57 12.01 7.62
C LEU E 384 -30.07 12.41 6.23
N ALA E 385 -30.92 13.15 5.52
CA ALA E 385 -30.59 13.66 4.19
C ALA E 385 -30.54 15.20 4.28
N ILE E 386 -30.04 15.83 3.24
CA ILE E 386 -29.91 17.28 3.22
C ILE E 386 -30.62 17.93 2.04
N TYR E 387 -31.39 18.99 2.31
CA TYR E 387 -32.07 19.68 1.22
C TYR E 387 -31.01 20.29 0.32
N ASP E 388 -31.24 20.23 -0.99
CA ASP E 388 -30.30 20.76 -1.95
C ASP E 388 -30.77 22.13 -2.39
N PHE E 389 -30.22 23.17 -1.75
CA PHE E 389 -30.62 24.53 -2.07
C PHE E 389 -30.02 25.09 -3.35
N THR E 390 -29.32 24.26 -4.13
CA THR E 390 -28.79 24.73 -5.41
C THR E 390 -29.83 24.33 -6.46
N ASN E 391 -30.82 23.54 -6.01
CA ASN E 391 -31.92 23.06 -6.85
C ASN E 391 -33.07 24.07 -6.67
N PRO E 392 -33.38 24.86 -7.71
CA PRO E 392 -34.45 25.86 -7.66
C PRO E 392 -35.82 25.35 -7.19
N ASP E 393 -36.16 24.11 -7.54
CA ASP E 393 -37.43 23.55 -7.13
C ASP E 393 -37.41 23.05 -5.70
N ALA E 394 -36.23 22.67 -5.21
CA ALA E 394 -36.11 22.22 -3.84
C ALA E 394 -36.28 23.45 -2.97
N CYS E 395 -35.69 24.57 -3.41
CA CYS E 395 -35.76 25.82 -2.69
C CYS E 395 -37.21 26.26 -2.57
N LYS E 396 -37.93 26.19 -3.70
CA LYS E 396 -39.33 26.57 -3.75
C LYS E 396 -40.18 25.70 -2.83
N TRP E 397 -39.86 24.42 -2.75
CA TRP E 397 -40.60 23.50 -1.90
C TRP E 397 -40.42 23.86 -0.42
N TYR E 398 -39.17 24.06 -0.02
CA TYR E 398 -38.82 24.39 1.37
C TYR E 398 -39.45 25.74 1.76
N ALA E 399 -39.34 26.72 0.87
CA ALA E 399 -39.87 28.06 1.09
C ALA E 399 -41.37 28.03 1.30
N ASP E 400 -42.09 27.24 0.49
CA ASP E 400 -43.53 27.15 0.62
C ASP E 400 -43.96 26.56 1.96
N LYS E 401 -43.13 25.68 2.51
CA LYS E 401 -43.45 25.12 3.81
C LYS E 401 -43.30 26.23 4.86
N LEU E 402 -42.32 27.10 4.66
CA LEU E 402 -42.07 28.21 5.58
C LEU E 402 -43.20 29.22 5.52
N LYS E 403 -43.69 29.53 4.31
CA LYS E 403 -44.79 30.48 4.17
C LYS E 403 -46.05 29.91 4.80
N GLY E 404 -46.12 28.58 4.86
CA GLY E 404 -47.28 27.94 5.45
C GLY E 404 -47.25 28.17 6.96
N LEU E 405 -46.05 28.23 7.52
CA LEU E 405 -45.91 28.45 8.94
C LEU E 405 -46.19 29.92 9.30
N VAL E 406 -45.79 30.83 8.42
CA VAL E 406 -46.00 32.26 8.64
C VAL E 406 -47.48 32.62 8.56
N ALA E 407 -48.14 32.19 7.49
CA ALA E 407 -49.56 32.48 7.32
C ALA E 407 -50.37 31.83 8.45
N MET E 408 -49.69 31.07 9.29
CA MET E 408 -50.30 30.38 10.42
C MET E 408 -50.10 31.19 11.70
N GLY E 409 -49.31 32.25 11.61
CA GLY E 409 -49.05 33.08 12.77
C GLY E 409 -47.58 33.20 13.15
N VAL E 410 -46.75 32.22 12.80
CA VAL E 410 -45.33 32.27 13.13
C VAL E 410 -44.68 33.55 12.61
N ASP E 411 -43.86 34.18 13.45
CA ASP E 411 -43.21 35.44 13.10
C ASP E 411 -41.77 35.33 12.59
N CYS E 412 -40.97 34.47 13.21
CA CYS E 412 -39.57 34.32 12.81
C CYS E 412 -39.08 32.87 12.91
N PHE E 413 -37.83 32.62 12.53
CA PHE E 413 -37.30 31.26 12.58
C PHE E 413 -35.90 31.10 13.16
N LYS E 414 -35.70 30.00 13.87
CA LYS E 414 -34.39 29.66 14.42
C LYS E 414 -33.82 28.68 13.40
N THR E 415 -32.92 29.17 12.55
CA THR E 415 -32.27 28.35 11.52
C THR E 415 -31.08 27.66 12.17
N ASP E 416 -31.35 26.52 12.78
CA ASP E 416 -30.29 25.78 13.46
C ASP E 416 -29.43 25.01 12.43
N PHE E 417 -28.33 24.43 12.90
CA PHE E 417 -27.42 23.65 12.06
C PHE E 417 -27.05 24.30 10.73
N GLY E 418 -26.66 23.48 9.76
CA GLY E 418 -26.27 23.98 8.45
C GLY E 418 -24.77 23.98 8.28
N GLU E 419 -24.03 23.34 9.17
CA GLU E 419 -22.58 23.33 9.05
C GLU E 419 -21.89 22.04 8.55
N ARG E 420 -22.41 20.87 8.93
CA ARG E 420 -21.80 19.61 8.51
C ARG E 420 -22.22 19.25 7.09
N ILE E 421 -21.72 20.01 6.13
CA ILE E 421 -22.03 19.78 4.73
C ILE E 421 -20.93 18.93 4.08
N PRO E 422 -21.27 17.70 3.64
CA PRO E 422 -20.31 16.78 3.01
C PRO E 422 -19.74 17.27 1.70
N THR E 423 -18.52 16.83 1.37
CA THR E 423 -17.87 17.23 0.11
C THR E 423 -17.97 16.14 -0.98
N ASP E 424 -18.12 14.88 -0.58
CA ASP E 424 -18.22 13.77 -1.53
C ASP E 424 -19.66 13.68 -2.05
N VAL E 425 -20.05 14.71 -2.78
CA VAL E 425 -21.40 14.81 -3.30
C VAL E 425 -21.39 15.58 -4.60
N GLN E 426 -22.53 15.63 -5.26
CA GLN E 426 -22.64 16.39 -6.50
C GLN E 426 -23.89 17.26 -6.39
N TRP E 427 -23.68 18.58 -6.35
CA TRP E 427 -24.78 19.53 -6.22
C TRP E 427 -25.57 19.63 -7.51
N PHE E 428 -26.89 19.83 -7.39
CA PHE E 428 -27.75 19.96 -8.55
C PHE E 428 -27.20 20.94 -9.58
N ASP E 429 -26.67 22.07 -9.12
CA ASP E 429 -26.13 23.08 -10.03
C ASP E 429 -24.67 22.81 -10.40
N GLY E 430 -24.11 21.76 -9.83
CA GLY E 430 -22.73 21.40 -10.12
C GLY E 430 -21.67 22.30 -9.52
N SER E 431 -21.96 22.89 -8.37
CA SER E 431 -21.03 23.78 -7.70
C SER E 431 -19.87 23.00 -7.10
N ASP E 432 -18.74 23.67 -6.96
CA ASP E 432 -17.55 23.06 -6.37
C ASP E 432 -17.89 22.68 -4.93
N PRO E 433 -17.87 21.38 -4.61
CA PRO E 433 -18.19 20.91 -3.25
C PRO E 433 -17.37 21.54 -2.11
N GLN E 434 -16.09 21.82 -2.37
CA GLN E 434 -15.24 22.40 -1.34
C GLN E 434 -15.68 23.81 -0.95
N LYS E 435 -16.36 24.49 -1.85
CA LYS E 435 -16.82 25.84 -1.60
C LYS E 435 -18.23 25.87 -1.03
N MET E 436 -19.03 24.86 -1.35
CA MET E 436 -20.40 24.78 -0.87
C MET E 436 -20.46 24.50 0.62
N HIS E 437 -19.44 23.85 1.15
CA HIS E 437 -19.44 23.53 2.56
C HIS E 437 -19.83 24.73 3.44
N ASN E 438 -19.07 25.82 3.32
CA ASN E 438 -19.32 27.04 4.09
C ASN E 438 -20.45 27.91 3.50
N HIS E 439 -20.43 28.12 2.19
CA HIS E 439 -21.43 28.96 1.55
C HIS E 439 -22.87 28.47 1.73
N TYR E 440 -23.03 27.20 2.11
CA TYR E 440 -24.36 26.63 2.33
C TYR E 440 -25.10 27.45 3.41
N ALA E 441 -24.40 27.80 4.48
CA ALA E 441 -24.96 28.57 5.58
C ALA E 441 -25.65 29.82 5.02
N TYR E 442 -24.97 30.51 4.12
CA TYR E 442 -25.49 31.72 3.49
C TYR E 442 -26.71 31.48 2.62
N ILE E 443 -26.62 30.48 1.75
CA ILE E 443 -27.73 30.16 0.85
C ILE E 443 -28.95 29.78 1.67
N TYR E 444 -28.73 28.93 2.66
CA TYR E 444 -29.80 28.46 3.55
C TYR E 444 -30.48 29.65 4.24
N ASN E 445 -29.72 30.39 5.05
CA ASN E 445 -30.28 31.55 5.75
C ASN E 445 -30.86 32.58 4.80
N GLU E 446 -30.22 32.80 3.66
CA GLU E 446 -30.73 33.75 2.69
C GLU E 446 -32.12 33.36 2.22
N LEU E 447 -32.35 32.06 2.07
CA LEU E 447 -33.64 31.56 1.62
C LEU E 447 -34.74 31.86 2.64
N VAL E 448 -34.49 31.52 3.90
CA VAL E 448 -35.48 31.76 4.95
C VAL E 448 -35.76 33.26 5.07
N TRP E 449 -34.68 34.06 5.08
CA TRP E 449 -34.80 35.50 5.18
C TRP E 449 -35.70 36.09 4.10
N ASN E 450 -35.56 35.57 2.88
CA ASN E 450 -36.37 36.06 1.77
C ASN E 450 -37.81 35.62 1.88
N VAL E 451 -38.06 34.58 2.66
CA VAL E 451 -39.42 34.11 2.86
C VAL E 451 -40.06 35.15 3.76
N LEU E 452 -39.48 35.35 4.94
CA LEU E 452 -39.98 36.33 5.89
C LEU E 452 -40.20 37.67 5.19
N LYS E 453 -39.19 38.11 4.44
CA LYS E 453 -39.30 39.39 3.74
C LYS E 453 -40.48 39.48 2.80
N ASP E 454 -40.77 38.41 2.06
CA ASP E 454 -41.88 38.44 1.14
C ASP E 454 -43.21 38.25 1.85
N THR E 455 -43.17 37.87 3.12
CA THR E 455 -44.39 37.66 3.89
C THR E 455 -44.61 38.79 4.92
N VAL E 456 -43.97 38.68 6.08
CA VAL E 456 -44.14 39.70 7.12
C VAL E 456 -43.53 41.06 6.78
N GLY E 457 -42.72 41.12 5.73
CA GLY E 457 -42.11 42.38 5.36
C GLY E 457 -40.69 42.51 5.85
N GLU E 458 -39.87 43.17 5.05
CA GLU E 458 -38.45 43.36 5.36
C GLU E 458 -38.20 43.84 6.80
N GLU E 459 -39.01 44.78 7.27
CA GLU E 459 -38.87 45.34 8.62
C GLU E 459 -39.17 44.35 9.74
N GLU E 460 -40.01 43.35 9.48
CA GLU E 460 -40.34 42.37 10.51
C GLU E 460 -39.43 41.14 10.44
N ALA E 461 -38.52 41.13 9.47
CA ALA E 461 -37.61 40.02 9.27
C ALA E 461 -36.50 39.88 10.32
N VAL E 462 -36.41 38.69 10.89
CA VAL E 462 -35.39 38.40 11.89
C VAL E 462 -35.28 36.91 12.11
N LEU E 463 -34.06 36.42 12.35
CA LEU E 463 -33.81 35.00 12.55
C LEU E 463 -32.97 34.78 13.79
N PHE E 464 -32.70 33.52 14.07
CA PHE E 464 -31.84 33.12 15.18
C PHE E 464 -31.00 32.06 14.47
N ALA E 465 -29.90 32.52 13.87
CA ALA E 465 -28.99 31.67 13.08
C ALA E 465 -27.80 31.10 13.83
N ARG E 466 -27.57 29.79 13.68
CA ARG E 466 -26.43 29.17 14.35
C ARG E 466 -25.17 29.15 13.49
N SER E 467 -25.31 29.16 12.17
CA SER E 467 -24.13 29.12 11.30
C SER E 467 -24.17 30.24 10.27
N ALA E 468 -23.00 30.55 9.73
CA ALA E 468 -22.92 31.62 8.73
C ALA E 468 -21.65 31.54 7.90
N SER E 469 -21.59 32.42 6.92
CA SER E 469 -20.47 32.50 6.00
C SER E 469 -20.47 33.93 5.51
N VAL E 470 -19.36 34.37 4.93
CA VAL E 470 -19.29 35.74 4.44
C VAL E 470 -20.58 36.27 3.83
N GLY E 471 -21.05 37.41 4.33
CA GLY E 471 -22.27 37.99 3.79
C GLY E 471 -23.54 37.56 4.49
N ALA E 472 -23.42 36.66 5.45
CA ALA E 472 -24.58 36.19 6.18
C ALA E 472 -24.97 37.15 7.31
N GLN E 473 -24.18 38.20 7.51
CA GLN E 473 -24.50 39.19 8.55
C GLN E 473 -25.72 39.97 8.09
N LYS E 474 -26.05 39.86 6.82
CA LYS E 474 -27.20 40.56 6.27
C LYS E 474 -28.54 39.99 6.76
N PHE E 475 -28.50 38.82 7.39
CA PHE E 475 -29.71 38.18 7.90
C PHE E 475 -29.52 38.06 9.41
N PRO E 476 -29.51 39.23 10.09
CA PRO E 476 -29.32 39.49 11.51
C PRO E 476 -29.87 38.57 12.59
N VAL E 477 -29.02 38.55 13.61
CA VAL E 477 -29.05 37.82 14.87
C VAL E 477 -28.73 36.36 14.79
N HIS E 478 -27.46 36.11 15.12
CA HIS E 478 -26.85 34.80 15.16
C HIS E 478 -26.63 34.56 16.64
N TRP E 479 -26.78 33.32 17.08
CA TRP E 479 -26.59 33.05 18.49
C TRP E 479 -25.42 32.10 18.71
N GLY E 480 -24.71 32.32 19.82
CA GLY E 480 -23.53 31.54 20.16
C GLY E 480 -23.50 30.04 20.25
N GLY E 481 -24.63 29.36 20.03
CA GLY E 481 -24.61 27.90 20.09
C GLY E 481 -24.73 27.23 21.44
N ASP E 482 -24.37 25.94 21.49
CA ASP E 482 -24.47 25.13 22.69
C ASP E 482 -23.33 25.25 23.70
N CYS E 483 -23.51 26.15 24.67
CA CYS E 483 -22.51 26.36 25.72
C CYS E 483 -22.91 25.62 26.97
N TYR E 484 -21.96 25.40 27.88
CA TYR E 484 -22.22 24.70 29.14
C TYR E 484 -22.56 25.67 30.28
N ALA E 485 -23.17 25.14 31.34
CA ALA E 485 -23.60 25.97 32.48
C ALA E 485 -22.57 26.18 33.60
N ASN E 486 -21.49 26.89 33.29
CA ASN E 486 -20.46 27.21 34.25
C ASN E 486 -19.82 28.54 33.84
N TYR E 487 -19.05 29.16 34.73
CA TYR E 487 -18.47 30.47 34.46
C TYR E 487 -17.49 30.48 33.29
N GLU E 488 -16.65 29.46 33.21
CA GLU E 488 -15.69 29.36 32.12
C GLU E 488 -16.39 29.37 30.76
N SER E 489 -17.50 28.63 30.66
CA SER E 489 -18.25 28.57 29.41
C SER E 489 -18.90 29.90 29.10
N MET E 490 -19.38 30.57 30.15
CA MET E 490 -20.01 31.87 30.00
C MET E 490 -18.97 32.83 29.39
N ALA E 491 -17.73 32.74 29.89
CA ALA E 491 -16.64 33.59 29.40
C ALA E 491 -16.29 33.30 27.94
N GLU E 492 -16.12 32.01 27.60
CA GLU E 492 -15.76 31.68 26.23
C GLU E 492 -16.86 32.17 25.31
N SER E 493 -18.10 32.16 25.80
CA SER E 493 -19.20 32.65 24.96
C SER E 493 -19.03 34.13 24.63
N LEU E 494 -18.66 34.92 25.63
CA LEU E 494 -18.47 36.36 25.40
C LEU E 494 -17.38 36.57 24.36
N ARG E 495 -16.29 35.82 24.47
CA ARG E 495 -15.22 35.95 23.48
C ARG E 495 -15.80 35.68 22.09
N GLY E 496 -16.68 34.69 22.01
CA GLY E 496 -17.28 34.36 20.73
C GLY E 496 -18.09 35.54 20.23
N GLY E 497 -18.92 36.09 21.09
CA GLY E 497 -19.73 37.24 20.72
C GLY E 497 -18.89 38.42 20.30
N LEU E 498 -17.85 38.73 21.07
CA LEU E 498 -16.98 39.84 20.70
C LEU E 498 -16.36 39.55 19.33
N SER E 499 -15.87 38.33 19.13
CA SER E 499 -15.25 37.96 17.85
C SER E 499 -16.17 38.13 16.66
N ILE E 500 -17.43 37.77 16.81
CA ILE E 500 -18.35 37.90 15.70
C ILE E 500 -18.55 39.35 15.28
N GLY E 501 -18.56 40.26 16.25
CA GLY E 501 -18.71 41.67 15.93
C GLY E 501 -17.48 42.18 15.21
N LEU E 502 -16.31 41.69 15.63
CA LEU E 502 -15.06 42.06 14.98
C LEU E 502 -15.00 41.38 13.60
N SER E 503 -16.01 40.58 13.28
CA SER E 503 -16.05 39.88 12.00
C SER E 503 -17.15 40.37 11.08
N GLY E 504 -17.75 41.50 11.42
CA GLY E 504 -18.80 42.07 10.58
C GLY E 504 -20.24 41.80 10.95
N PHE E 505 -20.47 41.11 12.06
CA PHE E 505 -21.82 40.78 12.49
C PHE E 505 -22.32 41.78 13.56
N GLY E 506 -23.41 42.49 13.24
CA GLY E 506 -23.93 43.49 14.15
C GLY E 506 -24.81 43.11 15.34
N PHE E 507 -25.39 41.93 15.30
CA PHE E 507 -26.27 41.48 16.39
C PHE E 507 -25.94 40.05 16.78
N TRP E 508 -25.85 39.81 18.08
CA TRP E 508 -25.49 38.50 18.59
C TRP E 508 -26.27 38.16 19.84
N SER E 509 -26.63 36.89 20.00
CA SER E 509 -27.33 36.45 21.18
C SER E 509 -26.64 35.25 21.76
N HIS E 510 -27.22 34.70 22.82
CA HIS E 510 -26.68 33.53 23.48
C HIS E 510 -27.68 33.00 24.48
N ASP E 511 -27.47 31.77 24.93
CA ASP E 511 -28.38 31.12 25.87
C ASP E 511 -28.11 31.46 27.34
N ILE E 512 -29.02 32.21 27.94
CA ILE E 512 -28.85 32.57 29.34
C ILE E 512 -28.93 31.34 30.24
N GLY E 513 -27.93 31.19 31.09
CA GLY E 513 -27.92 30.06 32.00
C GLY E 513 -27.18 28.88 31.39
N GLY E 514 -26.93 28.98 30.09
CA GLY E 514 -26.23 27.91 29.39
C GLY E 514 -27.18 26.94 28.73
N PHE E 515 -26.62 26.11 27.85
CA PHE E 515 -27.39 25.12 27.12
C PHE E 515 -27.28 23.76 27.83
N GLU E 516 -26.11 23.15 27.73
CA GLU E 516 -25.87 21.86 28.36
C GLU E 516 -25.69 21.95 29.88
N ASN E 517 -26.39 21.09 30.60
CA ASN E 517 -26.33 21.02 32.06
C ASN E 517 -27.22 22.08 32.72
N THR E 518 -27.47 21.90 34.02
CA THR E 518 -28.31 22.83 34.77
C THR E 518 -27.45 23.68 35.70
N ALA E 519 -27.47 24.99 35.46
CA ALA E 519 -26.68 25.93 36.26
C ALA E 519 -27.10 25.90 37.73
N PRO E 520 -26.14 26.14 38.66
CA PRO E 520 -26.38 26.16 40.10
C PRO E 520 -27.09 27.41 40.65
N ALA E 521 -27.76 28.15 39.78
CA ALA E 521 -28.50 29.36 40.15
C ALA E 521 -27.62 30.59 40.24
N HIS E 522 -26.57 30.53 41.06
CA HIS E 522 -25.70 31.68 41.18
C HIS E 522 -25.07 31.96 39.83
N VAL E 523 -24.79 30.90 39.08
CA VAL E 523 -24.23 31.03 37.75
C VAL E 523 -25.34 31.56 36.86
N TYR E 524 -26.53 30.99 37.00
CA TYR E 524 -27.69 31.40 36.22
C TYR E 524 -27.96 32.91 36.38
N LYS E 525 -27.98 33.38 37.62
CA LYS E 525 -28.23 34.81 37.90
C LYS E 525 -27.21 35.73 37.24
N ARG E 526 -25.93 35.41 37.40
CA ARG E 526 -24.89 36.22 36.78
C ARG E 526 -25.09 36.28 35.27
N TRP E 527 -25.43 35.15 34.67
CA TRP E 527 -25.64 35.06 33.22
C TRP E 527 -26.81 35.91 32.74
N CYS E 528 -27.87 36.00 33.54
CA CYS E 528 -29.04 36.79 33.17
C CYS E 528 -28.70 38.25 32.90
N ALA E 529 -27.87 38.84 33.76
CA ALA E 529 -27.48 40.24 33.60
C ALA E 529 -26.77 40.38 32.26
N PHE E 530 -25.73 39.58 32.09
CA PHE E 530 -24.96 39.58 30.85
C PHE E 530 -25.96 39.40 29.70
N GLY E 531 -26.83 38.40 29.84
CA GLY E 531 -27.83 38.14 28.82
C GLY E 531 -28.68 39.33 28.45
N LEU E 532 -29.36 39.93 29.43
CA LEU E 532 -30.21 41.09 29.14
C LEU E 532 -29.43 42.30 28.66
N LEU E 533 -28.13 42.32 28.93
CA LEU E 533 -27.27 43.41 28.49
C LEU E 533 -26.49 43.04 27.19
N SER E 534 -27.18 42.38 26.26
CA SER E 534 -26.63 41.97 24.97
C SER E 534 -27.68 42.46 23.97
N SER E 535 -27.37 42.50 22.67
CA SER E 535 -28.37 42.99 21.72
C SER E 535 -29.64 42.13 21.74
N HIS E 536 -29.48 40.84 21.97
CA HIS E 536 -30.61 39.93 21.99
C HIS E 536 -30.49 38.91 23.10
N SER E 537 -31.59 38.70 23.82
CA SER E 537 -31.59 37.82 24.98
C SER E 537 -32.56 36.64 24.92
N ARG E 538 -32.11 35.47 25.36
CA ARG E 538 -32.97 34.30 25.37
C ARG E 538 -32.67 33.31 26.49
N LEU E 539 -33.73 32.69 26.98
CA LEU E 539 -33.64 31.66 28.03
C LEU E 539 -33.93 30.31 27.35
N HIS E 540 -32.87 29.63 26.92
CA HIS E 540 -32.95 28.34 26.21
C HIS E 540 -32.08 27.30 26.92
N GLY E 541 -32.61 26.11 27.13
CA GLY E 541 -31.85 25.08 27.81
C GLY E 541 -31.87 23.78 27.01
N SER E 542 -31.12 22.78 27.48
CA SER E 542 -31.06 21.51 26.78
C SER E 542 -31.90 20.42 27.47
N LYS E 543 -31.48 20.01 28.66
CA LYS E 543 -32.19 18.96 29.39
C LYS E 543 -33.03 19.49 30.57
N SER E 544 -33.00 20.80 30.79
CA SER E 544 -33.78 21.41 31.88
C SER E 544 -34.45 22.72 31.40
N TYR E 545 -35.33 23.28 32.22
CA TYR E 545 -36.04 24.50 31.84
C TYR E 545 -35.28 25.76 32.22
N ARG E 546 -35.52 26.83 31.46
CA ARG E 546 -34.87 28.10 31.72
C ARG E 546 -35.77 29.12 32.40
N VAL E 547 -36.90 28.66 32.94
CA VAL E 547 -37.82 29.55 33.66
C VAL E 547 -37.11 29.92 34.96
N PRO E 548 -37.13 31.21 35.32
CA PRO E 548 -36.49 31.71 36.53
C PRO E 548 -36.80 30.85 37.75
N TRP E 549 -38.08 30.61 37.98
CA TRP E 549 -38.52 29.84 39.14
C TRP E 549 -38.06 28.39 39.13
N ALA E 550 -37.31 28.02 38.10
CA ALA E 550 -36.79 26.66 38.02
C ALA E 550 -35.53 26.62 38.88
N TYR E 551 -35.07 27.80 39.29
CA TYR E 551 -33.88 27.92 40.13
C TYR E 551 -34.30 28.44 41.52
N ASP E 552 -34.62 29.73 41.61
CA ASP E 552 -35.07 30.30 42.88
C ASP E 552 -35.85 31.60 42.68
N ASP E 553 -36.36 32.17 43.78
CA ASP E 553 -37.10 33.41 43.71
C ASP E 553 -36.17 34.54 43.30
N GLU E 554 -34.98 34.56 43.89
CA GLU E 554 -34.02 35.59 43.57
C GLU E 554 -33.76 35.63 42.06
N SER E 555 -33.79 34.46 41.42
CA SER E 555 -33.57 34.37 39.98
C SER E 555 -34.68 35.13 39.24
N CYS E 556 -35.91 35.03 39.75
CA CYS E 556 -37.03 35.72 39.13
C CYS E 556 -36.82 37.22 39.29
N ASP E 557 -36.21 37.59 40.41
CA ASP E 557 -35.94 39.00 40.68
C ASP E 557 -34.90 39.48 39.70
N VAL E 558 -33.80 38.73 39.59
CA VAL E 558 -32.74 39.09 38.67
C VAL E 558 -33.28 39.28 37.26
N VAL E 559 -34.12 38.34 36.81
CA VAL E 559 -34.67 38.42 35.46
C VAL E 559 -35.56 39.63 35.27
N ARG E 560 -36.41 39.88 36.25
CA ARG E 560 -37.32 41.03 36.18
C ARG E 560 -36.54 42.35 36.18
N PHE E 561 -35.59 42.47 37.10
CA PHE E 561 -34.78 43.67 37.23
C PHE E 561 -34.08 44.04 35.91
N PHE E 562 -33.34 43.09 35.34
CA PHE E 562 -32.61 43.40 34.11
C PHE E 562 -33.47 43.48 32.85
N THR E 563 -34.64 42.86 32.86
CA THR E 563 -35.52 42.94 31.69
C THR E 563 -36.11 44.33 31.64
N GLN E 564 -36.54 44.82 32.80
CA GLN E 564 -37.10 46.18 32.89
C GLN E 564 -36.03 47.18 32.46
N LEU E 565 -34.81 47.00 32.95
CA LEU E 565 -33.71 47.89 32.59
C LEU E 565 -33.53 47.93 31.08
N LYS E 566 -33.49 46.75 30.45
CA LYS E 566 -33.29 46.70 29.00
C LYS E 566 -34.39 47.45 28.25
N CYS E 567 -35.64 47.25 28.65
CA CYS E 567 -36.75 47.95 27.98
C CYS E 567 -36.62 49.47 28.18
N ARG E 568 -36.14 49.87 29.35
CA ARG E 568 -35.95 51.30 29.61
C ARG E 568 -34.83 51.86 28.73
N MET E 569 -33.83 51.03 28.44
CA MET E 569 -32.69 51.45 27.62
C MET E 569 -32.96 51.49 26.11
N MET E 570 -34.07 50.93 25.67
CA MET E 570 -34.37 50.90 24.25
C MET E 570 -34.27 52.20 23.46
N PRO E 571 -34.56 53.36 24.09
CA PRO E 571 -34.42 54.57 23.24
C PRO E 571 -32.95 54.69 22.80
N TYR E 572 -32.07 54.23 23.66
CA TYR E 572 -30.63 54.25 23.41
C TYR E 572 -30.18 53.03 22.57
N LEU E 573 -30.46 51.83 23.06
CA LEU E 573 -30.08 50.61 22.35
C LEU E 573 -30.47 50.62 20.88
N TYR E 574 -31.75 50.83 20.60
CA TYR E 574 -32.20 50.84 19.21
C TYR E 574 -31.51 51.84 18.31
N ARG E 575 -30.92 52.89 18.88
CA ARG E 575 -30.22 53.88 18.07
C ARG E 575 -28.88 53.29 17.68
N GLU E 576 -28.27 52.61 18.65
CA GLU E 576 -26.97 51.98 18.42
C GLU E 576 -27.16 50.85 17.40
N ALA E 577 -28.33 50.22 17.42
CA ALA E 577 -28.67 49.16 16.50
C ALA E 577 -28.74 49.74 15.09
N ALA E 578 -29.13 51.00 14.99
CA ALA E 578 -29.23 51.65 13.69
C ALA E 578 -27.82 51.82 13.11
N ARG E 579 -26.83 52.00 13.98
CA ARG E 579 -25.45 52.16 13.54
C ARG E 579 -24.90 50.87 12.93
N ALA E 580 -25.32 49.73 13.48
CA ALA E 580 -24.88 48.45 12.96
C ALA E 580 -25.33 48.34 11.51
N ASN E 581 -26.58 48.70 11.26
CA ASN E 581 -27.12 48.66 9.90
C ASN E 581 -26.54 49.69 8.94
N ALA E 582 -26.00 50.78 9.47
CA ALA E 582 -25.44 51.82 8.60
C ALA E 582 -23.93 51.79 8.44
N ARG E 583 -23.20 51.35 9.46
CA ARG E 583 -21.74 51.32 9.36
C ARG E 583 -21.13 49.98 9.76
N GLY E 584 -21.98 49.03 10.12
CA GLY E 584 -21.49 47.73 10.52
C GLY E 584 -20.82 47.72 11.87
N THR E 585 -21.10 48.75 12.68
CA THR E 585 -20.53 48.80 14.02
C THR E 585 -21.40 47.88 14.86
N PRO E 586 -20.82 46.80 15.40
CA PRO E 586 -21.64 45.90 16.21
C PRO E 586 -22.07 46.56 17.52
N MET E 587 -23.22 46.12 18.04
CA MET E 587 -23.72 46.65 19.30
C MET E 587 -22.83 46.26 20.47
N MET E 588 -22.32 45.04 20.45
CA MET E 588 -21.42 44.58 21.50
C MET E 588 -19.99 44.76 20.97
N ARG E 589 -19.36 45.88 21.32
CA ARG E 589 -18.00 46.19 20.85
C ARG E 589 -16.86 45.76 21.76
N ALA E 590 -15.82 45.18 21.17
CA ALA E 590 -14.65 44.82 21.96
C ALA E 590 -14.09 46.19 22.36
N MET E 591 -13.42 46.26 23.50
CA MET E 591 -12.88 47.54 23.97
C MET E 591 -11.92 48.12 22.95
N MET E 592 -11.09 47.26 22.34
CA MET E 592 -10.12 47.73 21.36
C MET E 592 -10.81 48.42 20.19
N MET E 593 -12.06 48.06 19.94
CA MET E 593 -12.82 48.67 18.85
C MET E 593 -13.30 50.09 19.22
N GLU E 594 -13.72 50.25 20.48
CA GLU E 594 -14.23 51.54 20.93
C GLU E 594 -13.08 52.51 21.24
N PHE E 595 -12.03 51.99 21.87
CA PHE E 595 -10.86 52.78 22.24
C PHE E 595 -9.59 52.21 21.61
N PRO E 596 -9.45 52.37 20.28
CA PRO E 596 -8.33 51.90 19.46
C PRO E 596 -6.93 52.38 19.83
N ASP E 597 -6.81 53.54 20.45
CA ASP E 597 -5.50 54.03 20.80
C ASP E 597 -5.10 53.81 22.25
N ASP E 598 -5.92 53.07 22.99
CA ASP E 598 -5.62 52.81 24.39
C ASP E 598 -4.92 51.47 24.55
N PRO E 599 -3.60 51.48 24.72
CA PRO E 599 -2.78 50.27 24.88
C PRO E 599 -3.26 49.30 25.94
N ALA E 600 -4.17 49.74 26.79
CA ALA E 600 -4.67 48.87 27.84
C ALA E 600 -5.83 48.00 27.37
N CYS E 601 -6.45 48.36 26.25
CA CYS E 601 -7.59 47.62 25.74
C CYS E 601 -7.33 46.48 24.75
N ASP E 602 -6.06 46.27 24.35
CA ASP E 602 -5.73 45.22 23.38
C ASP E 602 -6.29 43.83 23.69
N TYR E 603 -6.04 43.34 24.89
CA TYR E 603 -6.46 42.02 25.32
C TYR E 603 -7.71 41.92 26.19
N LEU E 604 -8.53 42.97 26.24
CA LEU E 604 -9.72 42.89 27.10
C LEU E 604 -10.82 42.03 26.48
N ASP E 605 -11.11 40.91 27.14
CA ASP E 605 -12.13 39.99 26.63
C ASP E 605 -13.26 39.70 27.62
N ARG E 606 -13.11 40.13 28.87
CA ARG E 606 -14.14 39.87 29.87
C ARG E 606 -15.09 41.04 30.10
N GLN E 607 -15.02 42.05 29.24
CA GLN E 607 -15.87 43.23 29.36
C GLN E 607 -16.07 43.80 27.98
N TYR E 608 -17.08 44.64 27.81
CA TYR E 608 -17.34 45.22 26.50
C TYR E 608 -18.10 46.51 26.55
N MET E 609 -18.29 47.12 25.39
CA MET E 609 -19.03 48.35 25.28
C MET E 609 -20.34 47.98 24.59
N LEU E 610 -21.44 48.39 25.19
CA LEU E 610 -22.76 48.15 24.65
C LEU E 610 -23.12 49.49 24.05
N GLY E 611 -22.90 49.63 22.76
CA GLY E 611 -23.16 50.89 22.09
C GLY E 611 -21.97 51.82 22.31
N ASP E 612 -22.04 53.04 21.80
CA ASP E 612 -20.94 53.99 21.95
C ASP E 612 -20.64 54.43 23.38
N ASN E 613 -21.65 54.45 24.24
CA ASN E 613 -21.47 54.99 25.58
C ASN E 613 -21.47 54.22 26.89
N VAL E 614 -21.77 52.93 26.89
CA VAL E 614 -21.77 52.22 28.15
C VAL E 614 -20.92 50.97 28.17
N MET E 615 -20.14 50.84 29.24
CA MET E 615 -19.26 49.72 29.41
C MET E 615 -19.90 48.75 30.40
N VAL E 616 -19.88 47.46 30.05
CA VAL E 616 -20.42 46.45 30.92
C VAL E 616 -19.41 45.35 31.15
N ALA E 617 -19.27 44.96 32.41
CA ALA E 617 -18.35 43.91 32.80
C ALA E 617 -19.12 42.85 33.58
N PRO E 618 -19.58 41.79 32.89
CA PRO E 618 -20.33 40.71 33.53
C PRO E 618 -19.54 40.22 34.73
N VAL E 619 -20.23 39.63 35.70
CA VAL E 619 -19.58 39.11 36.89
C VAL E 619 -19.45 37.60 36.74
N PHE E 620 -18.22 37.11 36.83
CA PHE E 620 -17.92 35.69 36.65
C PHE E 620 -17.59 34.96 37.93
N THR E 621 -18.18 35.36 39.05
CA THR E 621 -17.93 34.71 40.33
C THR E 621 -19.20 34.61 41.16
N GLU E 622 -19.26 33.61 42.03
CA GLU E 622 -20.42 33.44 42.89
C GLU E 622 -20.40 34.65 43.82
N ALA E 623 -19.26 34.85 44.48
CA ALA E 623 -19.03 35.94 45.43
C ALA E 623 -19.34 37.34 44.89
N GLY E 624 -19.12 37.57 43.60
CA GLY E 624 -19.40 38.88 43.03
C GLY E 624 -18.17 39.71 42.69
N ASP E 625 -16.99 39.22 43.05
CA ASP E 625 -15.75 39.94 42.75
C ASP E 625 -15.62 40.11 41.23
N VAL E 626 -15.18 41.29 40.81
CA VAL E 626 -15.02 41.57 39.39
C VAL E 626 -14.00 42.70 39.20
N GLN E 627 -13.07 42.50 38.29
CA GLN E 627 -12.06 43.50 38.00
C GLN E 627 -12.31 43.97 36.59
N PHE E 628 -12.16 45.26 36.34
CA PHE E 628 -12.39 45.78 35.00
C PHE E 628 -11.59 47.07 34.76
N TYR E 629 -11.31 47.33 33.49
CA TYR E 629 -10.55 48.50 33.10
C TYR E 629 -11.51 49.54 32.60
N LEU E 630 -11.10 50.80 32.74
CA LEU E 630 -11.90 51.90 32.29
C LEU E 630 -11.02 52.85 31.53
N PRO E 631 -11.42 53.23 30.31
CA PRO E 631 -10.64 54.16 29.50
C PRO E 631 -10.68 55.56 30.14
N GLU E 632 -9.95 56.50 29.55
CA GLU E 632 -9.89 57.87 30.04
C GLU E 632 -11.24 58.55 30.28
N GLY E 633 -11.32 59.32 31.36
CA GLY E 633 -12.55 60.04 31.68
C GLY E 633 -13.15 59.66 33.03
N ARG E 634 -14.16 60.41 33.46
CA ARG E 634 -14.82 60.11 34.72
C ARG E 634 -16.12 59.40 34.38
N TRP E 635 -16.23 58.13 34.77
CA TRP E 635 -17.40 57.32 34.46
C TRP E 635 -18.43 57.27 35.58
N THR E 636 -19.70 57.09 35.19
CA THR E 636 -20.80 57.04 36.16
C THR E 636 -21.66 55.79 35.98
N HIS E 637 -21.80 55.01 37.05
CA HIS E 637 -22.64 53.82 36.99
C HIS E 637 -24.04 54.25 36.55
N LEU E 638 -24.62 53.52 35.62
CA LEU E 638 -25.93 53.87 35.09
C LEU E 638 -27.04 54.05 36.13
N TRP E 639 -27.06 53.22 37.16
CA TRP E 639 -28.10 53.37 38.16
C TRP E 639 -27.58 53.52 39.59
N HIS E 640 -26.33 53.12 39.85
CA HIS E 640 -25.78 53.31 41.19
C HIS E 640 -25.34 54.77 41.30
N ASN E 641 -25.15 55.42 40.16
CA ASN E 641 -24.76 56.83 40.11
C ASN E 641 -23.37 57.17 40.68
N ASP E 642 -22.68 56.17 41.23
CA ASP E 642 -21.34 56.41 41.77
C ASP E 642 -20.40 56.71 40.59
N GLU E 643 -19.28 57.38 40.85
CA GLU E 643 -18.34 57.73 39.78
C GLU E 643 -16.95 57.10 39.91
N LEU E 644 -16.24 57.06 38.77
CA LEU E 644 -14.90 56.49 38.73
C LEU E 644 -14.00 57.22 37.75
N ASP E 645 -12.71 57.24 38.06
CA ASP E 645 -11.71 57.87 37.21
C ASP E 645 -11.15 56.85 36.23
N GLY E 646 -10.99 57.25 34.98
CA GLY E 646 -10.49 56.38 33.93
C GLY E 646 -8.99 56.13 33.81
N SER E 647 -8.62 55.42 32.74
CA SER E 647 -7.24 55.05 32.46
C SER E 647 -6.66 54.14 33.51
N ARG E 648 -7.50 53.27 34.08
CA ARG E 648 -7.02 52.36 35.11
C ARG E 648 -8.00 51.23 35.40
N TRP E 649 -7.54 50.27 36.19
CA TRP E 649 -8.36 49.14 36.55
C TRP E 649 -9.09 49.40 37.87
N HIS E 650 -10.21 48.68 38.04
CA HIS E 650 -11.03 48.81 39.24
C HIS E 650 -11.49 47.46 39.75
N LYS E 651 -11.49 47.31 41.07
CA LYS E 651 -11.91 46.07 41.70
C LYS E 651 -13.16 46.38 42.51
N GLN E 652 -14.24 45.67 42.23
CA GLN E 652 -15.51 45.85 42.94
C GLN E 652 -16.12 44.52 43.33
N GLN E 653 -17.36 44.55 43.78
CA GLN E 653 -18.03 43.31 44.18
C GLN E 653 -19.51 43.58 44.19
N HIS E 654 -20.25 42.83 43.37
CA HIS E 654 -21.68 43.04 43.28
C HIS E 654 -22.54 41.83 43.64
N GLY E 655 -23.79 42.13 43.99
CA GLY E 655 -24.75 41.10 44.33
C GLY E 655 -25.52 40.83 43.07
N PHE E 656 -26.33 39.77 43.07
CA PHE E 656 -27.09 39.37 41.89
C PHE E 656 -27.98 40.40 41.23
N LEU E 657 -28.14 41.59 41.80
CA LEU E 657 -28.98 42.58 41.11
C LEU E 657 -28.13 43.68 40.52
N SER E 658 -26.82 43.47 40.51
CA SER E 658 -25.93 44.49 39.96
C SER E 658 -24.64 43.97 39.32
N LEU E 659 -24.05 44.79 38.46
CA LEU E 659 -22.78 44.48 37.83
C LEU E 659 -22.23 45.80 37.31
N PRO E 660 -20.93 45.86 36.99
CA PRO E 660 -20.40 47.13 36.49
C PRO E 660 -21.02 47.55 35.17
N VAL E 661 -21.78 48.63 35.19
CA VAL E 661 -22.41 49.19 33.99
C VAL E 661 -22.14 50.70 34.09
N TYR E 662 -21.03 51.14 33.51
CA TYR E 662 -20.64 52.55 33.58
C TYR E 662 -20.81 53.33 32.31
N VAL E 663 -21.19 54.61 32.47
CA VAL E 663 -21.43 55.51 31.35
C VAL E 663 -20.30 56.52 31.14
N ARG E 664 -19.93 56.74 29.88
CA ARG E 664 -18.87 57.67 29.51
C ARG E 664 -19.25 59.11 29.84
N ASP E 665 -18.24 59.94 30.05
CA ASP E 665 -18.48 61.35 30.34
C ASP E 665 -18.88 62.01 29.04
N ASN E 666 -19.42 63.22 29.11
CA ASN E 666 -19.86 63.95 27.94
C ASN E 666 -20.92 63.19 27.17
N THR E 667 -21.75 62.47 27.91
CA THR E 667 -22.82 61.67 27.33
C THR E 667 -24.21 62.19 27.68
N LEU E 668 -25.09 62.20 26.67
CA LEU E 668 -26.48 62.59 26.87
C LEU E 668 -27.27 61.34 26.48
N LEU E 669 -27.55 60.50 27.47
CA LEU E 669 -28.26 59.24 27.30
C LEU E 669 -29.78 59.37 27.45
N ALA E 670 -30.53 58.69 26.57
CA ALA E 670 -31.99 58.74 26.62
C ALA E 670 -32.64 57.44 27.12
N LEU E 671 -33.45 57.55 28.17
CA LEU E 671 -34.14 56.39 28.73
C LEU E 671 -35.64 56.51 28.48
N GLY E 672 -36.34 55.38 28.44
CA GLY E 672 -37.76 55.40 28.18
C GLY E 672 -38.63 55.24 29.40
N ASN E 673 -39.92 55.53 29.22
CA ASN E 673 -40.88 55.43 30.31
C ASN E 673 -41.63 54.10 30.35
N ASN E 674 -41.17 53.13 29.57
CA ASN E 674 -41.81 51.81 29.57
C ASN E 674 -40.81 50.73 29.88
N ASP E 675 -40.99 50.08 31.03
CA ASP E 675 -40.11 49.02 31.46
C ASP E 675 -40.79 47.67 31.29
N GLN E 676 -41.76 47.61 30.38
CA GLN E 676 -42.51 46.37 30.15
C GLN E 676 -42.35 45.76 28.76
N ARG E 677 -41.93 46.57 27.79
CA ARG E 677 -41.74 46.10 26.42
C ARG E 677 -40.66 46.95 25.75
N PRO E 678 -39.93 46.38 24.78
CA PRO E 678 -38.88 47.14 24.09
C PRO E 678 -39.42 48.04 22.99
N ASP E 679 -40.62 47.75 22.53
CA ASP E 679 -41.22 48.51 21.46
C ASP E 679 -42.35 49.45 21.91
N TYR E 680 -42.03 50.74 21.95
CA TYR E 680 -42.99 51.76 22.35
C TYR E 680 -42.54 53.11 21.84
N VAL E 681 -43.38 54.14 22.02
CA VAL E 681 -43.06 55.48 21.58
C VAL E 681 -41.95 56.03 22.47
N TRP E 682 -40.72 55.86 22.00
CA TRP E 682 -39.54 56.29 22.74
C TRP E 682 -39.37 57.79 22.88
N HIS E 683 -39.98 58.55 21.97
CA HIS E 683 -39.86 60.00 22.00
C HIS E 683 -41.02 60.69 22.72
N GLU E 684 -41.54 60.04 23.76
CA GLU E 684 -42.63 60.59 24.55
C GLU E 684 -42.52 60.07 25.96
N GLY E 685 -42.16 60.96 26.88
CA GLY E 685 -42.00 60.58 28.27
C GLY E 685 -40.54 60.30 28.52
N THR E 686 -39.75 60.58 27.49
CA THR E 686 -38.31 60.36 27.52
C THR E 686 -37.66 61.00 28.74
N ALA E 687 -36.74 60.26 29.35
CA ALA E 687 -36.00 60.73 30.52
C ALA E 687 -34.52 60.81 30.16
N PHE E 688 -34.09 61.98 29.67
CA PHE E 688 -32.69 62.18 29.28
C PHE E 688 -31.79 62.31 30.50
N HIS E 689 -30.54 61.89 30.35
CA HIS E 689 -29.58 61.95 31.44
C HIS E 689 -28.23 62.45 30.95
N LEU E 690 -27.83 63.62 31.45
CA LEU E 690 -26.56 64.21 31.08
C LEU E 690 -25.52 63.65 32.05
N PHE E 691 -24.38 63.23 31.51
CA PHE E 691 -23.33 62.64 32.32
C PHE E 691 -22.04 63.45 32.17
N ASN E 692 -21.57 64.00 33.29
CA ASN E 692 -20.34 64.80 33.35
C ASN E 692 -19.93 65.53 32.08
N LEU E 693 -20.74 66.50 31.66
CA LEU E 693 -20.45 67.32 30.48
C LEU E 693 -19.35 68.33 30.84
N GLN E 694 -18.16 68.17 30.27
CA GLN E 694 -17.06 69.07 30.57
C GLN E 694 -17.14 70.36 29.77
N ASP E 695 -16.44 71.39 30.24
CA ASP E 695 -16.42 72.68 29.57
C ASP E 695 -15.80 72.59 28.18
N GLY E 696 -16.51 73.11 27.18
CA GLY E 696 -16.01 73.06 25.82
C GLY E 696 -16.58 71.88 25.04
N HIS E 697 -17.10 70.89 25.76
CA HIS E 697 -17.66 69.71 25.10
C HIS E 697 -19.16 69.85 24.85
N GLU E 698 -19.65 68.99 23.97
CA GLU E 698 -21.06 68.96 23.61
C GLU E 698 -21.49 67.49 23.57
N ALA E 699 -22.64 67.21 24.16
CA ALA E 699 -23.17 65.85 24.18
C ALA E 699 -24.39 65.83 23.29
N VAL E 700 -24.45 64.87 22.36
CA VAL E 700 -25.57 64.76 21.45
C VAL E 700 -26.34 63.46 21.72
N CYS E 701 -27.65 63.51 21.52
CA CYS E 701 -28.49 62.34 21.73
C CYS E 701 -29.55 62.28 20.66
N GLU E 702 -29.57 61.19 19.91
CA GLU E 702 -30.55 61.02 18.86
C GLU E 702 -31.54 59.92 19.25
N VAL E 703 -32.81 60.27 19.24
CA VAL E 703 -33.86 59.31 19.56
C VAL E 703 -34.40 58.84 18.22
N PRO E 704 -34.39 57.53 18.00
CA PRO E 704 -34.87 56.97 16.73
C PRO E 704 -36.36 56.68 16.68
N ALA E 705 -36.90 56.73 15.47
CA ALA E 705 -38.29 56.39 15.25
C ALA E 705 -38.28 54.85 15.11
N ALA E 706 -39.42 54.26 14.83
CA ALA E 706 -39.52 52.80 14.70
C ALA E 706 -38.61 52.23 13.59
N ASP E 707 -38.52 52.92 12.47
CA ASP E 707 -37.71 52.48 11.35
C ASP E 707 -36.22 52.78 11.54
N GLY E 708 -35.82 53.09 12.76
CA GLY E 708 -34.42 53.38 13.01
C GLY E 708 -33.93 54.77 12.63
N SER E 709 -34.74 55.56 11.92
CA SER E 709 -34.32 56.91 11.55
C SER E 709 -34.44 57.82 12.78
N VAL E 710 -33.65 58.88 12.82
CA VAL E 710 -33.67 59.81 13.95
C VAL E 710 -34.89 60.73 13.90
N ILE E 711 -35.70 60.72 14.96
CA ILE E 711 -36.89 61.56 14.99
C ILE E 711 -36.74 62.79 15.89
N PHE E 712 -35.74 62.77 16.79
CA PHE E 712 -35.50 63.89 17.69
C PHE E 712 -34.04 63.93 18.19
N THR E 713 -33.39 65.06 18.00
CA THR E 713 -32.02 65.22 18.44
C THR E 713 -31.95 66.26 19.57
N LEU E 714 -31.27 65.91 20.64
CA LEU E 714 -31.13 66.81 21.78
C LEU E 714 -29.65 67.10 22.01
N LYS E 715 -29.28 68.38 22.00
CA LYS E 715 -27.89 68.73 22.22
C LYS E 715 -27.70 69.56 23.48
N ALA E 716 -26.57 69.34 24.14
CA ALA E 716 -26.23 70.05 25.35
C ALA E 716 -24.79 70.51 25.23
N ALA E 717 -24.58 71.81 25.13
CA ALA E 717 -23.23 72.35 25.00
C ALA E 717 -22.84 73.24 26.18
N ARG E 718 -21.65 73.00 26.72
CA ARG E 718 -21.15 73.78 27.84
C ARG E 718 -20.07 74.76 27.37
N THR E 719 -20.40 76.04 27.37
CA THR E 719 -19.48 77.08 26.94
C THR E 719 -18.52 77.50 28.06
N GLY E 720 -19.01 77.52 29.29
CA GLY E 720 -18.18 77.90 30.41
C GLY E 720 -18.78 77.35 31.68
N ASN E 721 -19.91 77.94 32.07
CA ASN E 721 -20.66 77.55 33.25
C ASN E 721 -22.11 77.58 32.83
N THR E 722 -22.32 77.78 31.54
CA THR E 722 -23.64 77.84 30.96
C THR E 722 -23.83 76.71 29.94
N ILE E 723 -24.60 75.69 30.30
CA ILE E 723 -24.85 74.60 29.37
C ILE E 723 -26.15 74.86 28.62
N THR E 724 -26.03 75.03 27.32
CA THR E 724 -27.18 75.27 26.47
C THR E 724 -27.78 73.94 26.04
N VAL E 725 -29.10 73.88 26.02
CA VAL E 725 -29.78 72.67 25.62
C VAL E 725 -30.72 72.99 24.45
N THR E 726 -30.46 72.37 23.31
CA THR E 726 -31.29 72.60 22.13
C THR E 726 -31.81 71.27 21.58
N GLY E 727 -33.05 71.28 21.11
CA GLY E 727 -33.64 70.08 20.57
C GLY E 727 -34.25 70.31 19.20
N ALA E 728 -34.30 69.26 18.38
CA ALA E 728 -34.87 69.37 17.04
C ALA E 728 -35.64 68.11 16.66
N GLY E 729 -36.78 68.30 16.00
CA GLY E 729 -37.61 67.18 15.59
C GLY E 729 -38.91 67.08 16.37
N GLU E 730 -39.23 65.88 16.83
CA GLU E 730 -40.44 65.65 17.59
C GLU E 730 -40.22 64.85 18.86
N ALA E 731 -40.77 65.36 19.96
CA ALA E 731 -40.67 64.74 21.27
C ALA E 731 -41.66 65.46 22.18
N LYS E 732 -42.31 64.71 23.06
CA LYS E 732 -43.28 65.30 23.97
C LYS E 732 -43.04 64.89 25.41
N ASN E 733 -43.30 65.82 26.32
CA ASN E 733 -43.16 65.58 27.75
C ASN E 733 -41.86 64.91 28.17
N TRP E 734 -40.73 65.53 27.84
CA TRP E 734 -39.44 64.95 28.22
C TRP E 734 -38.70 65.68 29.33
N THR E 735 -37.93 64.91 30.08
CA THR E 735 -37.13 65.37 31.21
C THR E 735 -35.64 65.35 30.90
N LEU E 736 -34.86 66.06 31.70
CA LEU E 736 -33.41 66.11 31.56
C LEU E 736 -32.83 66.10 32.97
N CYS E 737 -32.12 65.03 33.33
CA CYS E 737 -31.54 64.93 34.66
C CYS E 737 -30.05 65.20 34.67
N LEU E 738 -29.65 66.19 35.48
CA LEU E 738 -28.25 66.55 35.62
C LEU E 738 -27.65 65.59 36.64
N ARG E 739 -27.09 64.49 36.13
CA ARG E 739 -26.51 63.47 36.98
C ARG E 739 -25.41 63.98 37.89
N ASN E 740 -25.59 63.70 39.18
CA ASN E 740 -24.63 64.11 40.19
C ASN E 740 -24.51 65.62 40.39
N VAL E 741 -25.52 66.34 39.88
CA VAL E 741 -25.59 67.79 40.02
C VAL E 741 -26.78 68.08 40.95
N VAL E 742 -26.51 68.23 42.25
CA VAL E 742 -27.57 68.49 43.23
C VAL E 742 -28.31 69.80 43.01
N LYS E 743 -27.56 70.89 42.94
CA LYS E 743 -28.16 72.21 42.76
C LYS E 743 -27.45 73.02 41.68
N VAL E 744 -28.21 73.91 41.05
CA VAL E 744 -27.69 74.77 40.00
C VAL E 744 -27.90 76.24 40.36
N ASN E 745 -27.20 77.13 39.66
CA ASN E 745 -27.33 78.55 39.90
C ASN E 745 -28.61 79.07 39.24
N GLY E 746 -28.53 79.34 37.95
CA GLY E 746 -29.68 79.83 37.22
C GLY E 746 -30.37 78.76 36.37
N LEU E 747 -31.34 79.18 35.57
CA LEU E 747 -32.07 78.25 34.73
C LEU E 747 -33.05 79.04 33.86
N GLN E 748 -32.85 79.01 32.54
CA GLN E 748 -33.71 79.72 31.60
C GLN E 748 -34.70 78.80 30.88
N ASP E 749 -35.94 79.24 30.76
CA ASP E 749 -36.98 78.49 30.08
C ASP E 749 -37.14 77.04 30.57
N GLY E 750 -37.19 76.87 31.88
CA GLY E 750 -37.34 75.52 32.42
C GLY E 750 -37.59 75.47 33.91
N SER E 751 -38.31 74.44 34.35
CA SER E 751 -38.61 74.27 35.76
C SER E 751 -37.67 73.21 36.32
N GLN E 752 -37.55 73.15 37.64
CA GLN E 752 -36.66 72.16 38.24
C GLN E 752 -37.21 71.47 39.47
N ALA E 753 -36.61 70.34 39.80
CA ALA E 753 -36.98 69.54 40.95
C ALA E 753 -35.79 68.67 41.28
N GLU E 754 -35.81 68.03 42.44
CA GLU E 754 -34.69 67.19 42.83
C GLU E 754 -34.94 65.70 42.67
N SER E 755 -33.88 64.93 42.86
CA SER E 755 -33.90 63.48 42.78
C SER E 755 -32.58 63.06 43.40
N GLU E 756 -32.51 61.84 43.93
CA GLU E 756 -31.28 61.40 44.55
C GLU E 756 -30.15 61.23 43.54
N GLN E 757 -30.47 61.33 42.24
CA GLN E 757 -29.45 61.16 41.22
C GLN E 757 -28.98 62.45 40.60
N GLY E 758 -29.71 63.54 40.86
CA GLY E 758 -29.35 64.82 40.31
C GLY E 758 -30.55 65.67 39.96
N LEU E 759 -30.31 66.94 39.71
CA LEU E 759 -31.38 67.86 39.39
C LEU E 759 -32.12 67.43 38.14
N VAL E 760 -33.45 67.47 38.21
CA VAL E 760 -34.30 67.11 37.09
C VAL E 760 -34.87 68.41 36.54
N VAL E 761 -34.66 68.64 35.24
CA VAL E 761 -35.11 69.86 34.59
C VAL E 761 -36.14 69.60 33.50
N LYS E 762 -37.26 70.32 33.55
CA LYS E 762 -38.28 70.18 32.53
C LYS E 762 -38.34 71.52 31.80
N PRO E 763 -38.21 71.49 30.46
CA PRO E 763 -38.25 72.71 29.65
C PRO E 763 -39.63 73.18 29.25
N GLN E 764 -39.61 74.24 28.43
CA GLN E 764 -40.79 74.89 27.86
C GLN E 764 -40.31 76.23 27.27
N GLY E 765 -40.51 76.40 25.98
CA GLY E 765 -40.07 77.61 25.30
C GLY E 765 -38.88 77.29 24.42
N ASN E 766 -38.38 76.06 24.55
CA ASN E 766 -37.23 75.57 23.80
C ASN E 766 -36.17 76.65 23.59
N ALA E 767 -35.41 76.90 24.65
CA ALA E 767 -34.34 77.87 24.68
C ALA E 767 -33.68 77.65 26.03
N LEU E 768 -33.93 76.46 26.57
CA LEU E 768 -33.40 76.05 27.86
C LEU E 768 -31.90 76.30 27.97
N THR E 769 -31.49 76.82 29.12
CA THR E 769 -30.09 77.09 29.39
C THR E 769 -29.88 76.92 30.88
N ILE E 770 -28.78 76.29 31.26
CA ILE E 770 -28.47 76.05 32.66
C ILE E 770 -27.19 76.78 33.04
N THR E 771 -27.19 77.38 34.23
CA THR E 771 -26.02 78.07 34.73
C THR E 771 -25.62 77.34 35.99
N LEU E 772 -24.54 76.57 35.92
CA LEU E 772 -24.09 75.81 37.08
C LEU E 772 -23.47 76.68 38.17
N HIS E 773 -23.40 76.14 39.37
CA HIS E 773 -22.81 76.81 40.50
C HIS E 773 -21.29 76.77 40.33
N MET F 1 -1.64 17.26 20.30
CA MET F 1 -2.24 16.12 19.55
C MET F 1 -3.76 16.12 19.73
N LYS F 2 -4.49 16.38 18.66
CA LYS F 2 -5.93 16.40 18.74
C LYS F 2 -6.49 15.03 19.09
N ILE F 3 -7.37 15.00 20.08
CA ILE F 3 -7.99 13.76 20.54
C ILE F 3 -9.48 13.83 20.25
N SER F 4 -10.07 14.99 20.54
CA SER F 4 -11.49 15.19 20.30
C SER F 4 -11.66 15.90 18.98
N ASP F 5 -12.87 15.82 18.44
CA ASP F 5 -13.22 16.48 17.19
C ASP F 5 -14.43 17.32 17.57
N GLY F 6 -14.16 18.43 18.25
CA GLY F 6 -15.23 19.30 18.72
C GLY F 6 -15.72 18.74 20.05
N ASN F 7 -16.81 19.28 20.55
CA ASN F 7 -17.35 18.83 21.84
C ASN F 7 -18.04 17.47 21.79
N TRP F 8 -18.68 17.17 20.65
CA TRP F 8 -19.46 15.94 20.50
C TRP F 8 -18.78 14.69 19.95
N LEU F 9 -17.78 14.85 19.09
CA LEU F 9 -17.12 13.70 18.45
C LEU F 9 -15.67 13.45 18.87
N ILE F 10 -15.11 12.37 18.35
CA ILE F 10 -13.73 12.00 18.63
C ILE F 10 -12.99 11.78 17.31
N GLN F 11 -11.68 12.02 17.31
CA GLN F 11 -10.87 11.85 16.11
C GLN F 11 -11.01 10.43 15.53
N PRO F 12 -11.30 10.32 14.22
CA PRO F 12 -11.44 9.01 13.57
C PRO F 12 -10.32 8.06 13.94
N GLY F 13 -10.68 6.85 14.33
CA GLY F 13 -9.69 5.85 14.66
C GLY F 13 -9.13 5.82 16.07
N LEU F 14 -9.58 6.71 16.94
CA LEU F 14 -9.07 6.71 18.30
C LEU F 14 -10.07 6.04 19.22
N ASN F 15 -9.56 5.20 20.12
CA ASN F 15 -10.37 4.51 21.10
C ASN F 15 -9.87 5.00 22.45
N LEU F 16 -10.78 5.63 23.19
CA LEU F 16 -10.43 6.19 24.50
C LEU F 16 -11.08 5.45 25.66
N ILE F 17 -10.35 5.35 26.77
CA ILE F 17 -10.87 4.75 27.98
C ILE F 17 -10.46 5.72 29.09
N HIS F 18 -11.39 6.04 29.97
CA HIS F 18 -11.13 6.98 31.06
C HIS F 18 -11.37 6.40 32.45
N PRO F 19 -10.67 6.93 33.45
CA PRO F 19 -10.90 6.42 34.80
C PRO F 19 -12.19 7.14 35.22
N LEU F 20 -13.25 6.39 35.50
CA LEU F 20 -14.55 6.98 35.84
C LEU F 20 -15.14 6.63 37.19
N GLN F 21 -14.49 5.76 37.95
CA GLN F 21 -15.04 5.38 39.24
C GLN F 21 -14.01 4.71 40.11
N VAL F 22 -13.88 5.19 41.33
CA VAL F 22 -12.92 4.62 42.26
C VAL F 22 -13.44 3.23 42.62
N PHE F 23 -12.55 2.25 42.59
CA PHE F 23 -12.92 0.89 42.93
C PHE F 23 -12.31 0.55 44.28
N GLU F 24 -11.13 1.09 44.52
CA GLU F 24 -10.44 0.84 45.76
C GLU F 24 -9.33 1.86 46.02
N VAL F 25 -9.13 2.17 47.29
CA VAL F 25 -8.11 3.13 47.69
C VAL F 25 -7.21 2.39 48.67
N GLU F 26 -5.91 2.59 48.53
CA GLU F 26 -4.97 1.91 49.40
C GLU F 26 -3.80 2.82 49.78
N GLN F 27 -3.47 2.82 51.05
CA GLN F 27 -2.37 3.63 51.51
C GLN F 27 -1.11 2.78 51.62
N GLN F 28 -0.06 3.24 50.95
CA GLN F 28 1.22 2.52 50.97
C GLN F 28 2.26 3.48 51.55
N ASP F 29 2.37 3.48 52.88
CA ASP F 29 3.30 4.34 53.59
C ASP F 29 2.90 5.81 53.39
N ASN F 30 3.75 6.60 52.75
CA ASN F 30 3.42 8.00 52.52
C ASN F 30 2.97 8.24 51.07
N GLU F 31 2.28 7.25 50.51
CA GLU F 31 1.77 7.31 49.15
C GLU F 31 0.35 6.76 49.09
N MET F 32 -0.49 7.39 48.30
CA MET F 32 -1.88 6.96 48.17
C MET F 32 -2.12 6.37 46.78
N VAL F 33 -2.64 5.15 46.76
CA VAL F 33 -2.94 4.44 45.51
C VAL F 33 -4.44 4.29 45.29
N VAL F 34 -4.91 4.78 44.15
CA VAL F 34 -6.33 4.71 43.79
C VAL F 34 -6.53 3.89 42.50
N TYR F 35 -7.30 2.80 42.60
CA TYR F 35 -7.61 1.94 41.46
C TYR F 35 -8.96 2.40 40.93
N ALA F 36 -8.98 2.88 39.68
CA ALA F 36 -10.21 3.37 39.09
C ALA F 36 -10.59 2.59 37.84
N ALA F 37 -11.89 2.32 37.69
CA ALA F 37 -12.41 1.58 36.56
C ALA F 37 -12.95 2.52 35.48
N PRO F 38 -13.00 2.04 34.22
CA PRO F 38 -13.48 2.77 33.05
C PRO F 38 -14.99 2.70 32.95
N ARG F 39 -15.61 2.02 33.92
CA ARG F 39 -17.06 1.86 33.94
C ARG F 39 -17.51 1.46 35.34
N ASP F 40 -18.81 1.45 35.55
CA ASP F 40 -19.39 1.08 36.84
C ASP F 40 -19.11 -0.39 37.16
N VAL F 41 -18.31 -0.62 38.19
CA VAL F 41 -17.96 -1.95 38.62
C VAL F 41 -18.44 -2.23 40.04
N ARG F 42 -19.63 -1.72 40.37
CA ARG F 42 -20.18 -1.92 41.71
C ARG F 42 -20.70 -3.36 41.90
N GLU F 43 -21.00 -4.04 40.80
CA GLU F 43 -21.49 -5.41 40.86
C GLU F 43 -20.34 -6.37 40.50
N ARG F 44 -20.33 -7.54 41.13
CA ARG F 44 -19.29 -8.53 40.87
C ARG F 44 -19.26 -8.90 39.39
N THR F 45 -20.44 -8.98 38.79
CA THR F 45 -20.55 -9.35 37.38
C THR F 45 -19.73 -8.45 36.46
N TRP F 46 -19.48 -7.22 36.86
CA TRP F 46 -18.71 -6.31 36.02
C TRP F 46 -17.27 -6.18 36.46
N GLN F 47 -16.87 -6.97 37.45
CA GLN F 47 -15.49 -6.91 37.95
C GLN F 47 -14.57 -7.88 37.21
N LEU F 48 -14.64 -7.82 35.88
CA LEU F 48 -13.84 -8.66 35.00
C LEU F 48 -14.08 -8.16 33.58
N ASP F 49 -13.18 -8.49 32.66
CA ASP F 49 -13.28 -8.05 31.26
C ASP F 49 -13.36 -6.53 31.18
N THR F 50 -12.37 -5.86 31.75
CA THR F 50 -12.33 -4.40 31.72
C THR F 50 -10.98 -3.84 32.10
N PRO F 51 -10.59 -2.72 31.48
CA PRO F 51 -9.30 -2.09 31.78
C PRO F 51 -9.36 -1.59 33.23
N LEU F 52 -8.21 -1.24 33.80
CA LEU F 52 -8.16 -0.75 35.18
C LEU F 52 -6.97 0.18 35.41
N PHE F 53 -7.26 1.45 35.69
CA PHE F 53 -6.21 2.43 35.94
C PHE F 53 -5.70 2.43 37.37
N THR F 54 -4.39 2.59 37.52
CA THR F 54 -3.76 2.65 38.82
C THR F 54 -3.20 4.06 38.98
N LEU F 55 -3.84 4.85 39.84
CA LEU F 55 -3.40 6.23 40.10
C LEU F 55 -2.66 6.33 41.43
N ARG F 56 -1.39 6.71 41.36
CA ARG F 56 -0.58 6.84 42.55
C ARG F 56 -0.28 8.32 42.84
N PHE F 57 -0.51 8.73 44.09
CA PHE F 57 -0.25 10.10 44.52
C PHE F 57 0.90 10.07 45.53
N PHE F 58 1.89 10.91 45.30
CA PHE F 58 3.04 10.97 46.19
C PHE F 58 3.63 12.38 46.23
N SER F 59 4.61 12.60 47.11
CA SER F 59 5.22 13.92 47.22
C SER F 59 6.73 13.91 47.32
N PRO F 60 7.41 14.50 46.33
CA PRO F 60 8.87 14.57 46.28
C PRO F 60 9.40 15.77 47.06
N GLN F 61 8.51 16.72 47.35
CA GLN F 61 8.86 17.93 48.10
C GLN F 61 7.60 18.60 48.63
N GLU F 62 7.73 19.27 49.78
CA GLU F 62 6.59 19.96 50.37
C GLU F 62 5.95 20.89 49.33
N GLY F 63 4.64 20.77 49.15
CA GLY F 63 3.96 21.63 48.20
C GLY F 63 3.93 21.12 46.77
N ILE F 64 4.46 19.92 46.55
CA ILE F 64 4.44 19.33 45.23
C ILE F 64 3.77 17.97 45.31
N VAL F 65 2.68 17.81 44.57
CA VAL F 65 1.95 16.56 44.54
C VAL F 65 2.15 15.88 43.18
N GLY F 66 2.83 14.73 43.19
CA GLY F 66 3.04 13.99 41.96
C GLY F 66 1.91 13.02 41.69
N VAL F 67 1.45 12.97 40.44
CA VAL F 67 0.37 12.08 40.04
C VAL F 67 0.87 11.12 38.92
N ARG F 68 0.72 9.82 39.14
CA ARG F 68 1.14 8.83 38.15
C ARG F 68 -0.04 7.97 37.73
N ILE F 69 -0.60 8.26 36.56
CA ILE F 69 -1.73 7.51 36.02
C ILE F 69 -1.21 6.45 35.04
N GLU F 70 -1.28 5.18 35.40
CA GLU F 70 -0.80 4.18 34.45
C GLU F 70 -1.75 3.03 34.07
N HIS F 71 -1.58 2.59 32.83
CA HIS F 71 -2.35 1.49 32.25
C HIS F 71 -1.52 0.22 32.46
N PHE F 72 -0.81 -0.24 31.44
CA PHE F 72 0.00 -1.46 31.59
C PHE F 72 1.35 -1.20 32.25
N GLN F 73 1.71 -2.05 33.20
CA GLN F 73 3.00 -1.93 33.89
C GLN F 73 4.01 -2.92 33.31
N GLY F 74 3.65 -3.58 32.23
CA GLY F 74 4.53 -4.56 31.61
C GLY F 74 5.52 -4.00 30.61
N ALA F 75 5.24 -2.80 30.11
CA ALA F 75 6.10 -2.13 29.14
C ALA F 75 7.56 -2.07 29.61
N LEU F 76 8.47 -1.76 28.69
CA LEU F 76 9.90 -1.71 29.00
C LEU F 76 10.36 -0.51 29.84
N ASN F 77 10.01 0.70 29.41
CA ASN F 77 10.41 1.90 30.15
C ASN F 77 11.89 1.94 30.51
N ASN F 78 12.69 2.62 29.70
CA ASN F 78 14.14 2.78 29.93
C ASN F 78 14.43 4.26 30.17
N GLY F 79 15.62 4.55 30.69
CA GLY F 79 15.98 5.94 30.92
C GLY F 79 16.30 6.62 29.60
N PRO F 80 16.81 7.86 29.61
CA PRO F 80 17.11 8.64 30.82
C PRO F 80 15.88 9.27 31.48
N HIS F 81 16.04 9.64 32.74
CA HIS F 81 14.96 10.27 33.50
C HIS F 81 15.44 11.65 33.91
N TYR F 82 14.52 12.60 34.07
CA TYR F 82 14.90 13.95 34.48
C TYR F 82 15.70 13.95 35.80
N PRO F 83 16.64 14.89 35.96
CA PRO F 83 17.47 14.98 37.16
C PRO F 83 16.74 15.50 38.41
N LEU F 84 15.56 14.95 38.66
CA LEU F 84 14.70 15.31 39.78
C LEU F 84 15.26 15.06 41.18
N ASN F 85 14.95 15.96 42.11
CA ASN F 85 15.39 15.82 43.49
C ASN F 85 14.19 15.28 44.25
N ILE F 86 14.27 14.02 44.67
CA ILE F 86 13.16 13.43 45.37
C ILE F 86 13.45 13.01 46.80
N LEU F 87 12.76 13.66 47.73
CA LEU F 87 12.90 13.36 49.14
C LEU F 87 12.05 12.13 49.43
N GLN F 88 12.57 11.22 50.24
CA GLN F 88 11.85 9.98 50.56
C GLN F 88 10.88 10.03 51.74
N ASP F 89 10.94 11.08 52.53
CA ASP F 89 10.05 11.17 53.68
C ASP F 89 9.47 12.56 53.92
N VAL F 90 8.80 13.07 52.90
CA VAL F 90 8.17 14.38 52.99
C VAL F 90 6.93 14.18 53.86
N LYS F 91 6.67 15.13 54.75
CA LYS F 91 5.51 15.03 55.62
C LYS F 91 4.25 15.15 54.77
N VAL F 92 3.41 14.13 54.84
CA VAL F 92 2.17 14.14 54.07
C VAL F 92 1.02 13.59 54.89
N THR F 93 -0.19 13.95 54.48
CA THR F 93 -1.40 13.52 55.14
C THR F 93 -2.30 12.79 54.15
N ILE F 94 -2.68 11.57 54.49
CA ILE F 94 -3.55 10.79 53.63
C ILE F 94 -4.83 10.47 54.37
N GLU F 95 -5.95 10.93 53.82
CA GLU F 95 -7.24 10.67 54.43
C GLU F 95 -8.21 10.03 53.45
N ASN F 96 -8.49 8.76 53.68
CA ASN F 96 -9.38 7.95 52.85
C ASN F 96 -10.72 7.76 53.54
N THR F 97 -11.70 8.58 53.13
CA THR F 97 -13.01 8.50 53.72
C THR F 97 -14.06 7.94 52.78
N GLU F 98 -15.26 7.77 53.29
CA GLU F 98 -16.38 7.22 52.55
C GLU F 98 -16.78 8.11 51.37
N ARG F 99 -16.17 9.28 51.27
CA ARG F 99 -16.56 10.18 50.19
C ARG F 99 -15.42 10.63 49.29
N TYR F 100 -14.22 10.68 49.84
CA TYR F 100 -13.05 11.12 49.07
C TYR F 100 -11.81 10.35 49.46
N ALA F 101 -10.77 10.60 48.69
CA ALA F 101 -9.45 10.02 48.92
C ALA F 101 -8.59 11.26 48.73
N GLU F 102 -7.93 11.70 49.80
CA GLU F 102 -7.13 12.92 49.71
C GLU F 102 -5.69 12.73 50.12
N PHE F 103 -4.80 13.31 49.32
CA PHE F 103 -3.36 13.24 49.57
C PHE F 103 -2.89 14.69 49.71
N LYS F 104 -2.23 15.01 50.82
CA LYS F 104 -1.79 16.38 51.05
C LYS F 104 -0.35 16.57 51.47
N SER F 105 0.29 17.54 50.83
CA SER F 105 1.68 17.92 51.08
C SER F 105 1.66 19.45 51.24
N GLY F 106 2.09 19.94 52.40
CA GLY F 106 2.06 21.38 52.63
C GLY F 106 0.61 21.84 52.58
N ASN F 107 0.31 22.83 51.75
CA ASN F 107 -1.04 23.36 51.64
C ASN F 107 -1.78 22.78 50.43
N LEU F 108 -1.06 21.98 49.63
CA LEU F 108 -1.63 21.39 48.42
C LEU F 108 -2.07 19.95 48.59
N SER F 109 -3.27 19.66 48.14
CA SER F 109 -3.78 18.31 48.23
C SER F 109 -4.42 17.88 46.92
N ALA F 110 -4.45 16.56 46.71
CA ALA F 110 -5.08 16.00 45.52
C ALA F 110 -6.28 15.26 46.09
N ARG F 111 -7.46 15.46 45.52
CA ARG F 111 -8.65 14.79 46.02
C ARG F 111 -9.47 14.10 44.93
N VAL F 112 -9.75 12.82 45.14
CA VAL F 112 -10.54 12.03 44.19
C VAL F 112 -11.89 11.67 44.78
N SER F 113 -12.96 12.04 44.07
CA SER F 113 -14.32 11.78 44.52
C SER F 113 -14.77 10.34 44.25
N LYS F 114 -15.22 9.66 45.30
CA LYS F 114 -15.73 8.31 45.15
C LYS F 114 -17.17 8.41 44.68
N GLY F 115 -17.81 7.27 44.44
CA GLY F 115 -19.19 7.28 44.00
C GLY F 115 -19.45 7.53 42.53
N GLU F 116 -20.70 7.82 42.21
CA GLU F 116 -21.15 8.06 40.85
C GLU F 116 -20.43 9.17 40.07
N PHE F 117 -20.11 10.27 40.74
CA PHE F 117 -19.46 11.39 40.06
C PHE F 117 -17.98 11.49 40.34
N TRP F 118 -17.19 10.96 39.41
CA TRP F 118 -15.74 10.98 39.52
C TRP F 118 -15.20 12.40 39.36
N SER F 119 -14.12 12.69 40.06
CA SER F 119 -13.52 14.01 39.99
C SER F 119 -12.14 14.00 40.61
N LEU F 120 -11.19 14.68 39.97
CA LEU F 120 -9.83 14.78 40.49
C LEU F 120 -9.66 16.28 40.71
N ASP F 121 -9.40 16.68 41.94
CA ASP F 121 -9.23 18.09 42.26
C ASP F 121 -7.93 18.36 42.98
N PHE F 122 -7.33 19.50 42.66
CA PHE F 122 -6.11 19.92 43.32
C PHE F 122 -6.53 21.15 44.13
N LEU F 123 -6.41 21.05 45.45
CA LEU F 123 -6.82 22.13 46.34
C LEU F 123 -5.69 22.81 47.09
N ARG F 124 -5.89 24.10 47.34
CA ARG F 124 -4.94 24.91 48.10
C ARG F 124 -5.73 25.28 49.35
N ASN F 125 -5.44 24.62 50.46
CA ASN F 125 -6.15 24.89 51.70
C ASN F 125 -7.64 24.76 51.44
N GLY F 126 -8.05 23.62 50.89
CA GLY F 126 -9.46 23.38 50.65
C GLY F 126 -10.12 24.09 49.48
N GLU F 127 -9.42 25.01 48.83
CA GLU F 127 -10.01 25.70 47.67
C GLU F 127 -9.36 25.15 46.39
N ARG F 128 -10.19 24.95 45.37
CA ARG F 128 -9.79 24.38 44.09
C ARG F 128 -9.06 25.31 43.11
N ILE F 129 -7.77 25.04 42.90
CA ILE F 129 -6.98 25.85 41.97
C ILE F 129 -7.07 25.29 40.54
N THR F 130 -7.29 23.98 40.43
CA THR F 130 -7.42 23.34 39.14
C THR F 130 -7.78 21.87 39.32
N GLY F 131 -7.92 21.15 38.22
CA GLY F 131 -8.24 19.75 38.31
C GLY F 131 -8.56 19.10 36.98
N SER F 132 -8.96 17.84 37.08
CA SER F 132 -9.31 17.05 35.92
C SER F 132 -10.72 16.53 36.07
N GLN F 133 -11.62 16.97 35.19
CA GLN F 133 -13.00 16.51 35.24
C GLN F 133 -13.08 15.10 34.66
N VAL F 134 -14.20 14.42 34.91
CA VAL F 134 -14.37 13.07 34.41
C VAL F 134 -14.22 12.97 32.89
N LYS F 135 -13.42 12.01 32.46
CA LYS F 135 -13.17 11.76 31.03
C LYS F 135 -12.20 12.75 30.38
N ASN F 136 -11.46 13.50 31.18
CA ASN F 136 -10.51 14.44 30.61
C ASN F 136 -9.08 13.97 30.76
N ASN F 137 -8.93 12.74 31.21
CA ASN F 137 -7.63 12.10 31.30
C ASN F 137 -7.86 10.62 30.95
N GLY F 138 -6.80 9.88 30.69
CA GLY F 138 -6.98 8.49 30.32
C GLY F 138 -6.02 7.91 29.30
N TYR F 139 -6.45 6.83 28.65
CA TYR F 139 -5.66 6.08 27.67
C TYR F 139 -6.20 6.23 26.26
N VAL F 140 -5.31 6.52 25.30
CA VAL F 140 -5.72 6.65 23.92
C VAL F 140 -5.09 5.56 23.05
N GLN F 141 -5.92 4.89 22.25
CA GLN F 141 -5.43 3.85 21.35
C GLN F 141 -5.58 4.36 19.94
N ASP F 142 -4.47 4.74 19.31
CA ASP F 142 -4.55 5.23 17.95
C ASP F 142 -4.58 4.01 17.02
N THR F 143 -5.75 3.78 16.43
CA THR F 143 -6.00 2.67 15.52
C THR F 143 -5.34 2.88 14.16
N ASN F 144 -5.09 4.12 13.83
CA ASN F 144 -4.48 4.46 12.55
C ASN F 144 -3.01 4.11 12.45
N ASN F 145 -2.29 4.20 13.57
CA ASN F 145 -0.86 3.92 13.55
C ASN F 145 -0.37 2.96 14.61
N GLN F 146 -1.29 2.29 15.29
CA GLN F 146 -0.95 1.33 16.33
C GLN F 146 -0.20 1.93 17.52
N ARG F 147 -0.25 3.26 17.68
CA ARG F 147 0.42 3.89 18.82
C ARG F 147 -0.58 4.13 19.95
N ASN F 148 -0.09 4.08 21.19
CA ASN F 148 -0.96 4.32 22.35
C ASN F 148 -0.41 5.48 23.18
N TYR F 149 -1.34 6.31 23.68
CA TYR F 149 -0.99 7.50 24.47
C TYR F 149 -1.77 7.63 25.79
N MET F 150 -1.22 8.39 26.73
CA MET F 150 -1.86 8.70 28.00
C MET F 150 -2.02 10.22 27.94
N PHE F 151 -3.10 10.74 28.51
CA PHE F 151 -3.32 12.19 28.49
C PHE F 151 -4.08 12.73 29.71
N GLU F 152 -4.04 14.05 29.86
CA GLU F 152 -4.68 14.73 30.97
C GLU F 152 -5.02 16.17 30.56
N ARG F 153 -6.11 16.69 31.09
CA ARG F 153 -6.53 18.06 30.81
C ARG F 153 -6.81 18.74 32.16
N LEU F 154 -5.92 19.64 32.58
CA LEU F 154 -6.09 20.37 33.83
C LEU F 154 -6.81 21.67 33.52
N ASP F 155 -7.93 21.90 34.20
CA ASP F 155 -8.74 23.10 33.99
C ASP F 155 -8.06 24.46 34.17
N LEU F 156 -8.64 25.44 33.51
CA LEU F 156 -8.20 26.83 33.56
C LEU F 156 -9.45 27.65 33.91
N GLY F 157 -9.32 28.54 34.89
CA GLY F 157 -10.46 29.36 35.28
C GLY F 157 -10.61 30.60 34.43
N VAL F 158 -11.67 31.37 34.70
CA VAL F 158 -11.91 32.61 33.97
C VAL F 158 -10.68 33.51 34.12
N GLY F 159 -10.25 34.12 33.02
CA GLY F 159 -9.09 34.98 33.05
C GLY F 159 -7.77 34.32 33.41
N GLU F 160 -7.71 32.98 33.49
CA GLU F 160 -6.46 32.31 33.82
C GLU F 160 -5.54 32.25 32.59
N THR F 161 -4.30 32.68 32.75
CA THR F 161 -3.33 32.71 31.65
C THR F 161 -2.16 31.75 31.92
N VAL F 162 -1.64 31.14 30.85
CA VAL F 162 -0.53 30.18 30.94
C VAL F 162 0.78 30.73 30.39
N TYR F 163 1.88 30.43 31.07
CA TYR F 163 3.20 30.90 30.67
C TYR F 163 4.21 29.76 30.78
N GLY F 164 5.38 29.95 30.17
CA GLY F 164 6.43 28.95 30.26
C GLY F 164 6.60 28.01 29.09
N LEU F 165 6.94 26.76 29.41
CA LEU F 165 7.16 25.70 28.41
C LEU F 165 8.46 25.96 27.65
N GLY F 166 9.47 26.44 28.38
CA GLY F 166 10.77 26.73 27.80
C GLY F 166 10.87 28.06 27.07
N GLU F 167 12.00 28.28 26.41
CA GLU F 167 12.24 29.51 25.65
C GLU F 167 11.54 29.48 24.31
N ARG F 168 10.35 30.09 24.24
CA ARG F 168 9.57 30.13 23.02
C ARG F 168 9.46 31.57 22.54
N PHE F 169 9.29 31.76 21.24
CA PHE F 169 9.24 33.08 20.65
C PHE F 169 7.88 33.47 20.14
N THR F 170 6.90 32.64 20.41
CA THR F 170 5.52 32.94 20.02
C THR F 170 4.99 33.86 21.15
N ALA F 171 3.73 34.28 21.02
CA ALA F 171 3.09 35.15 22.03
C ALA F 171 3.36 34.63 23.44
N LEU F 172 3.71 35.55 24.35
CA LEU F 172 4.02 35.22 25.74
C LEU F 172 3.01 34.36 26.49
N VAL F 173 1.74 34.70 26.36
CA VAL F 173 0.70 33.92 27.02
C VAL F 173 0.37 32.76 26.07
N ARG F 174 0.65 31.55 26.55
CA ARG F 174 0.47 30.31 25.82
C ARG F 174 -0.97 29.94 25.40
N ASN F 175 -1.98 30.57 26.01
CA ASN F 175 -3.38 30.27 25.69
C ASN F 175 -3.74 30.32 24.20
N GLY F 176 -4.24 29.19 23.67
CA GLY F 176 -4.64 29.17 22.27
C GLY F 176 -3.60 28.55 21.35
N GLN F 177 -2.49 28.10 21.89
CA GLN F 177 -1.49 27.53 21.03
C GLN F 177 -1.07 26.13 21.45
N THR F 178 -0.64 25.35 20.47
CA THR F 178 -0.18 24.00 20.75
C THR F 178 1.34 24.07 20.77
N VAL F 179 1.97 23.38 21.71
CA VAL F 179 3.42 23.38 21.74
C VAL F 179 3.91 21.96 22.00
N GLU F 180 4.96 21.57 21.27
CA GLU F 180 5.56 20.25 21.39
C GLU F 180 6.91 20.44 22.06
N THR F 181 7.14 19.77 23.18
CA THR F 181 8.41 19.91 23.86
C THR F 181 9.46 19.01 23.24
N TRP F 182 10.03 19.50 22.15
CA TRP F 182 11.02 18.77 21.36
C TRP F 182 12.06 19.78 20.81
N ASN F 183 13.30 19.64 21.27
CA ASN F 183 14.35 20.54 20.84
C ASN F 183 14.61 20.49 19.33
N ARG F 184 14.66 21.66 18.71
CA ARG F 184 14.92 21.79 17.29
C ARG F 184 15.82 23.01 17.06
N ASP F 185 16.35 23.11 15.85
CA ASP F 185 17.19 24.23 15.46
C ASP F 185 16.34 24.95 14.43
N GLY F 186 15.42 25.79 14.89
CA GLY F 186 14.56 26.50 13.96
C GLY F 186 14.67 28.01 13.97
N GLY F 187 15.75 28.54 14.52
CA GLY F 187 15.91 29.99 14.59
C GLY F 187 15.12 30.52 15.78
N THR F 188 14.70 31.78 15.71
CA THR F 188 13.92 32.38 16.78
C THR F 188 12.64 33.02 16.23
N SER F 189 12.35 32.82 14.97
CA SER F 189 11.17 33.43 14.38
C SER F 189 10.00 32.48 14.16
N THR F 190 10.00 31.33 14.79
CA THR F 190 8.89 30.39 14.59
C THR F 190 8.43 29.72 15.87
N GLU F 191 7.48 28.79 15.73
CA GLU F 191 6.93 28.07 16.87
C GLU F 191 7.94 27.11 17.48
N GLN F 192 9.05 26.91 16.78
CA GLN F 192 10.08 25.98 17.24
C GLN F 192 11.04 26.61 18.25
N ALA F 193 11.63 25.79 19.10
CA ALA F 193 12.54 26.27 20.12
C ALA F 193 13.71 25.34 20.36
N TYR F 194 14.87 25.92 20.69
CA TYR F 194 16.08 25.17 21.01
C TYR F 194 15.98 24.66 22.45
N LYS F 195 15.19 25.36 23.27
CA LYS F 195 15.09 25.00 24.69
C LYS F 195 13.68 24.70 25.14
N ASN F 196 13.32 23.42 25.17
CA ASN F 196 11.99 23.01 25.57
C ASN F 196 11.98 22.49 26.99
N ILE F 197 10.88 22.74 27.68
CA ILE F 197 10.71 22.33 29.07
C ILE F 197 9.22 22.03 29.24
N PRO F 198 8.87 20.79 29.64
CA PRO F 198 7.48 20.41 29.83
C PRO F 198 6.92 20.95 31.15
N PHE F 199 7.21 22.22 31.42
CA PHE F 199 6.75 22.91 32.64
C PHE F 199 6.05 24.23 32.32
N TYR F 200 4.86 24.40 32.87
CA TYR F 200 4.11 25.62 32.67
C TYR F 200 3.57 26.09 34.01
N MET F 201 3.23 27.37 34.09
CA MET F 201 2.66 27.93 35.30
C MET F 201 1.62 28.95 34.90
N THR F 202 0.74 29.29 35.83
CA THR F 202 -0.34 30.23 35.54
C THR F 202 -0.38 31.43 36.48
N ASN F 203 -1.22 32.41 36.13
CA ASN F 203 -1.36 33.60 36.97
C ASN F 203 -2.29 33.26 38.13
N ARG F 204 -2.42 31.97 38.45
CA ARG F 204 -3.25 31.53 39.56
C ARG F 204 -2.33 30.96 40.64
N GLY F 205 -1.03 31.19 40.49
CA GLY F 205 -0.08 30.75 41.48
C GLY F 205 0.30 29.30 41.63
N TYR F 206 0.23 28.53 40.56
CA TYR F 206 0.66 27.14 40.61
C TYR F 206 1.31 26.79 39.30
N GLY F 207 2.07 25.71 39.29
CA GLY F 207 2.73 25.27 38.07
C GLY F 207 2.65 23.76 37.97
N VAL F 208 2.96 23.22 36.80
CA VAL F 208 2.94 21.76 36.66
C VAL F 208 4.04 21.27 35.72
N LEU F 209 4.75 20.25 36.19
CA LEU F 209 5.81 19.63 35.43
C LEU F 209 5.30 18.27 34.93
N VAL F 210 5.32 18.07 33.60
CA VAL F 210 4.91 16.79 33.03
C VAL F 210 6.24 16.03 32.96
N ASN F 211 6.33 14.97 33.76
CA ASN F 211 7.56 14.20 33.88
C ASN F 211 7.97 13.25 32.74
N HIS F 212 8.10 13.79 31.54
CA HIS F 212 8.48 12.98 30.37
C HIS F 212 9.49 13.69 29.47
N PRO F 213 10.70 13.12 29.34
CA PRO F 213 11.77 13.69 28.52
C PRO F 213 11.47 13.57 27.03
N GLN F 214 10.58 12.64 26.65
CA GLN F 214 10.24 12.47 25.24
C GLN F 214 9.37 13.66 24.89
N CYS F 215 8.96 13.75 23.64
CA CYS F 215 8.11 14.84 23.23
C CYS F 215 6.79 14.78 24.01
N VAL F 216 6.34 15.94 24.48
CA VAL F 216 5.07 16.02 25.19
C VAL F 216 4.30 16.99 24.32
N SER F 217 3.08 16.63 23.99
CA SER F 217 2.26 17.48 23.13
C SER F 217 1.26 18.25 23.99
N PHE F 218 1.41 19.57 24.01
CA PHE F 218 0.54 20.43 24.81
C PHE F 218 -0.50 21.15 23.98
N GLU F 219 -1.77 21.07 24.40
CA GLU F 219 -2.83 21.81 23.72
C GLU F 219 -3.31 22.81 24.79
N VAL F 220 -2.68 23.98 24.82
CA VAL F 220 -2.98 25.03 25.80
C VAL F 220 -4.16 25.85 25.33
N GLY F 221 -5.37 25.44 25.73
CA GLY F 221 -6.56 26.14 25.30
C GLY F 221 -6.74 26.09 23.79
N SER F 222 -6.07 25.12 23.14
CA SER F 222 -6.14 24.95 21.68
C SER F 222 -7.10 23.84 21.20
N GLU F 223 -7.37 22.84 22.04
CA GLU F 223 -8.35 21.81 21.68
C GLU F 223 -9.57 22.16 22.56
N LYS F 224 -9.41 22.01 23.87
CA LYS F 224 -10.47 22.39 24.81
C LYS F 224 -10.03 23.79 25.30
N VAL F 225 -10.70 24.83 24.82
CA VAL F 225 -10.34 26.19 25.18
C VAL F 225 -10.15 26.52 26.67
N SER F 226 -10.83 25.82 27.56
CA SER F 226 -10.69 26.12 28.98
C SER F 226 -9.87 25.11 29.77
N LYS F 227 -8.91 24.48 29.09
CA LYS F 227 -8.05 23.49 29.73
C LYS F 227 -6.70 23.41 29.04
N VAL F 228 -5.71 22.92 29.77
CA VAL F 228 -4.39 22.71 29.21
C VAL F 228 -4.30 21.19 29.04
N GLN F 229 -4.26 20.72 27.81
CA GLN F 229 -4.19 19.29 27.56
C GLN F 229 -2.78 18.84 27.23
N PHE F 230 -2.33 17.78 27.87
CA PHE F 230 -1.02 17.25 27.54
C PHE F 230 -1.08 15.72 27.36
N SER F 231 -0.40 15.24 26.33
CA SER F 231 -0.35 13.80 26.04
C SER F 231 1.05 13.35 25.67
N VAL F 232 1.36 12.12 26.01
CA VAL F 232 2.67 11.55 25.73
C VAL F 232 2.48 10.09 25.28
N GLU F 233 3.33 9.60 24.38
CA GLU F 233 3.20 8.21 23.93
C GLU F 233 3.83 7.36 25.02
N SER F 234 3.00 6.77 25.87
CA SER F 234 3.50 6.01 27.00
C SER F 234 2.37 5.20 27.63
N GLU F 235 2.70 4.23 28.46
CA GLU F 235 1.68 3.43 29.14
C GLU F 235 1.35 4.04 30.51
N TYR F 236 1.96 5.19 30.79
CA TYR F 236 1.72 5.89 32.06
C TYR F 236 1.98 7.39 31.88
N LEU F 237 1.24 8.19 32.64
CA LEU F 237 1.40 9.65 32.60
C LEU F 237 1.72 10.12 34.01
N GLU F 238 2.86 10.77 34.17
CA GLU F 238 3.26 11.27 35.46
C GLU F 238 3.54 12.77 35.39
N TYR F 239 2.83 13.53 36.23
CA TYR F 239 3.00 14.97 36.28
C TYR F 239 3.01 15.44 37.74
N PHE F 240 3.63 16.61 37.96
CA PHE F 240 3.74 17.19 39.30
C PHE F 240 3.07 18.55 39.37
N VAL F 241 2.13 18.69 40.30
CA VAL F 241 1.43 19.96 40.51
C VAL F 241 2.23 20.70 41.59
N ILE F 242 2.72 21.87 41.24
CA ILE F 242 3.55 22.66 42.16
C ILE F 242 2.83 23.91 42.65
N ASP F 243 2.57 23.96 43.96
CA ASP F 243 1.87 25.07 44.58
C ASP F 243 2.70 26.35 44.73
N GLY F 244 2.02 27.48 44.67
CA GLY F 244 2.71 28.77 44.83
C GLY F 244 2.63 29.29 46.26
N PRO F 245 1.66 30.18 46.57
CA PRO F 245 0.61 30.74 45.72
C PRO F 245 0.99 31.86 44.76
N THR F 246 2.26 32.24 44.72
CA THR F 246 2.69 33.28 43.78
C THR F 246 3.68 32.70 42.75
N PRO F 247 3.78 33.34 41.58
CA PRO F 247 4.71 32.88 40.55
C PRO F 247 6.11 32.63 41.08
N LYS F 248 6.60 33.54 41.94
CA LYS F 248 7.94 33.38 42.49
C LYS F 248 8.04 32.19 43.43
N ALA F 249 6.96 31.90 44.13
CA ALA F 249 6.96 30.77 45.05
C ALA F 249 6.97 29.45 44.26
N VAL F 250 6.25 29.43 43.14
CA VAL F 250 6.21 28.24 42.27
C VAL F 250 7.64 27.97 41.78
N LEU F 251 8.26 28.98 41.20
CA LEU F 251 9.63 28.87 40.69
C LEU F 251 10.63 28.49 41.77
N ASP F 252 10.32 28.81 43.02
CA ASP F 252 11.23 28.49 44.10
C ASP F 252 11.16 27.00 44.33
N ARG F 253 9.95 26.46 44.33
CA ARG F 253 9.75 25.02 44.51
C ARG F 253 10.23 24.22 43.29
N TYR F 254 10.00 24.76 42.10
CA TYR F 254 10.42 24.09 40.87
C TYR F 254 11.94 24.01 40.76
N THR F 255 12.64 25.12 40.97
CA THR F 255 14.11 25.07 40.91
C THR F 255 14.68 24.25 42.05
N ARG F 256 13.97 24.16 43.17
CA ARG F 256 14.46 23.35 44.28
C ARG F 256 14.32 21.88 43.88
N PHE F 257 13.26 21.59 43.15
CA PHE F 257 12.94 20.24 42.71
C PHE F 257 13.81 19.77 41.53
N THR F 258 13.98 20.63 40.52
CA THR F 258 14.76 20.27 39.33
C THR F 258 16.15 20.88 39.18
N GLY F 259 16.50 21.82 40.06
CA GLY F 259 17.83 22.43 39.96
C GLY F 259 17.89 23.94 40.09
N ARG F 260 18.80 24.39 40.96
CA ARG F 260 19.01 25.81 41.22
C ARG F 260 19.98 26.45 40.24
N PRO F 261 19.59 27.55 39.61
CA PRO F 261 20.53 28.18 38.68
C PRO F 261 21.78 28.48 39.51
N ALA F 262 22.95 28.30 38.92
CA ALA F 262 24.19 28.59 39.64
C ALA F 262 24.49 30.08 39.55
N LEU F 263 25.33 30.56 40.46
CA LEU F 263 25.69 31.98 40.47
C LEU F 263 26.86 32.24 39.54
N PRO F 264 26.61 32.94 38.43
CA PRO F 264 27.68 33.25 37.47
C PRO F 264 28.73 34.14 38.12
N PRO F 265 29.99 34.06 37.66
CA PRO F 265 31.04 34.89 38.24
C PRO F 265 30.75 36.34 37.86
N ALA F 266 31.15 37.27 38.72
CA ALA F 266 30.89 38.68 38.47
C ALA F 266 31.39 39.18 37.12
N TRP F 267 32.56 38.72 36.70
CA TRP F 267 33.11 39.17 35.42
C TRP F 267 32.27 38.81 34.20
N SER F 268 31.43 37.80 34.32
CA SER F 268 30.59 37.41 33.17
C SER F 268 29.50 38.44 32.90
N PHE F 269 29.30 39.37 33.84
CA PHE F 269 28.29 40.41 33.68
C PHE F 269 28.75 41.58 32.82
N GLY F 270 30.04 41.62 32.51
CA GLY F 270 30.55 42.68 31.66
C GLY F 270 30.11 42.54 30.22
N LEU F 271 30.74 43.29 29.32
CA LEU F 271 30.41 43.24 27.89
C LEU F 271 31.23 42.18 27.14
N TRP F 272 30.51 41.31 26.41
CA TRP F 272 31.16 40.25 25.61
C TRP F 272 31.18 40.71 24.15
N LEU F 273 32.29 40.43 23.47
CA LEU F 273 32.39 40.78 22.04
C LEU F 273 32.75 39.52 21.25
N THR F 274 32.20 39.41 20.05
CA THR F 274 32.47 38.26 19.21
C THR F 274 33.18 38.60 17.90
N THR F 275 33.93 37.62 17.39
CA THR F 275 34.66 37.72 16.12
C THR F 275 33.63 37.70 15.00
N SER F 276 32.42 37.26 15.34
CA SER F 276 31.31 37.11 14.40
C SER F 276 31.38 35.68 13.86
N PHE F 277 30.36 35.27 13.10
CA PHE F 277 30.29 33.91 12.57
C PHE F 277 31.12 33.59 11.33
N THR F 278 30.61 33.96 10.15
CA THR F 278 31.32 33.70 8.90
C THR F 278 32.13 34.89 8.41
N THR F 279 32.64 35.69 9.34
CA THR F 279 33.45 36.84 8.98
C THR F 279 34.91 36.43 9.06
N ASN F 280 35.81 37.28 8.60
CA ASN F 280 37.23 36.98 8.65
C ASN F 280 37.85 37.40 9.97
N TYR F 281 38.85 36.65 10.43
CA TYR F 281 39.56 36.98 11.66
C TYR F 281 40.81 36.17 11.91
N ASP F 282 41.77 36.83 12.56
CA ASP F 282 43.05 36.25 12.93
C ASP F 282 43.50 37.10 14.11
N GLU F 283 44.69 36.85 14.67
CA GLU F 283 45.13 37.64 15.80
C GLU F 283 45.08 39.14 15.48
N ALA F 284 45.75 39.53 14.40
CA ALA F 284 45.77 40.94 14.02
C ALA F 284 44.37 41.54 14.06
N THR F 285 43.41 40.84 13.47
CA THR F 285 42.02 41.31 13.46
C THR F 285 41.47 41.47 14.86
N VAL F 286 41.78 40.51 15.74
CA VAL F 286 41.30 40.57 17.11
C VAL F 286 41.83 41.80 17.83
N ASN F 287 43.15 41.98 17.84
CA ASN F 287 43.76 43.12 18.49
C ASN F 287 43.18 44.42 17.93
N SER F 288 42.95 44.45 16.63
CA SER F 288 42.39 45.62 15.98
C SER F 288 41.04 46.00 16.61
N PHE F 289 40.29 45.01 17.06
CA PHE F 289 39.00 45.28 17.69
C PHE F 289 39.17 45.63 19.16
N ILE F 290 40.10 44.95 19.81
CA ILE F 290 40.40 45.20 21.21
C ILE F 290 40.90 46.63 21.37
N ASP F 291 41.86 47.02 20.54
CA ASP F 291 42.41 48.37 20.61
C ASP F 291 41.39 49.40 20.14
N GLY F 292 40.50 48.98 19.24
CA GLY F 292 39.49 49.89 18.73
C GLY F 292 38.57 50.35 19.85
N MET F 293 38.20 49.41 20.72
CA MET F 293 37.32 49.69 21.85
C MET F 293 38.03 50.61 22.86
N ALA F 294 39.21 50.19 23.31
CA ALA F 294 39.99 50.96 24.28
C ALA F 294 40.18 52.42 23.86
N GLU F 295 40.61 52.63 22.63
CA GLU F 295 40.82 53.98 22.11
C GLU F 295 39.56 54.82 22.23
N ARG F 296 38.41 54.18 22.03
CA ARG F 296 37.13 54.86 22.10
C ARG F 296 36.56 54.81 23.52
N ASN F 297 37.39 54.38 24.47
CA ASN F 297 36.97 54.28 25.85
C ASN F 297 35.68 53.48 25.97
N LEU F 298 35.67 52.29 25.36
CA LEU F 298 34.51 51.40 25.40
C LEU F 298 34.96 50.14 26.13
N PRO F 299 34.60 50.01 27.41
CA PRO F 299 34.96 48.84 28.22
C PRO F 299 34.59 47.52 27.55
N LEU F 300 35.53 46.58 27.55
CA LEU F 300 35.32 45.26 26.94
C LEU F 300 35.86 44.27 27.96
N HIS F 301 35.05 43.28 28.34
CA HIS F 301 35.49 42.33 29.35
C HIS F 301 35.69 40.87 28.92
N VAL F 302 34.94 40.40 27.93
CA VAL F 302 35.09 39.02 27.47
C VAL F 302 35.17 38.94 25.96
N PHE F 303 36.12 38.18 25.44
CA PHE F 303 36.25 38.02 23.99
C PHE F 303 35.95 36.57 23.53
N HIS F 304 35.14 36.45 22.49
CA HIS F 304 34.74 35.15 21.98
C HIS F 304 35.24 34.80 20.58
N PHE F 305 35.88 33.65 20.46
CA PHE F 305 36.38 33.15 19.17
C PHE F 305 35.29 32.22 18.63
N ASP F 306 34.59 32.59 17.56
CA ASP F 306 33.55 31.70 17.04
C ASP F 306 34.15 30.53 16.22
N CYS F 307 33.29 29.78 15.53
CA CYS F 307 33.66 28.58 14.73
C CYS F 307 35.01 28.50 14.02
N PHE F 308 35.33 29.50 13.22
CA PHE F 308 36.58 29.45 12.48
C PHE F 308 37.90 29.44 13.22
N TRP F 309 37.88 29.18 14.53
CA TRP F 309 39.16 29.10 15.20
C TRP F 309 39.67 27.70 14.84
N MET F 310 38.77 26.87 14.33
CA MET F 310 39.10 25.52 13.88
C MET F 310 39.03 25.54 12.35
N LYS F 311 39.60 24.52 11.69
CA LYS F 311 39.57 24.44 10.22
C LYS F 311 38.18 24.09 9.70
N ALA F 312 37.81 24.68 8.57
CA ALA F 312 36.51 24.44 7.98
C ALA F 312 36.21 22.95 7.78
N PHE F 313 34.92 22.62 7.87
CA PHE F 313 34.45 21.25 7.70
C PHE F 313 34.98 20.26 8.73
N GLN F 314 35.86 20.72 9.62
CA GLN F 314 36.41 19.83 10.63
C GLN F 314 35.82 20.23 11.98
N TRP F 315 34.81 21.10 11.94
CA TRP F 315 34.26 21.60 13.19
C TRP F 315 33.98 20.66 14.31
N CYS F 316 34.75 21.03 15.32
CA CYS F 316 34.91 20.52 16.64
C CYS F 316 35.71 19.27 16.89
N ASP F 317 36.95 19.38 16.44
CA ASP F 317 37.93 18.33 16.61
C ASP F 317 38.90 18.96 17.61
N PHE F 318 38.64 20.23 17.91
CA PHE F 318 39.42 21.01 18.88
C PHE F 318 40.83 21.33 18.47
N GLU F 319 41.05 21.63 17.19
CA GLU F 319 42.40 21.94 16.74
C GLU F 319 42.39 23.31 16.09
N TRP F 320 43.26 24.19 16.58
CA TRP F 320 43.34 25.53 16.04
C TRP F 320 43.84 25.50 14.59
N ASP F 321 43.19 26.27 13.73
CA ASP F 321 43.58 26.38 12.34
C ASP F 321 45.03 26.87 12.36
N PRO F 322 45.99 26.00 12.04
CA PRO F 322 47.43 26.35 12.04
C PRO F 322 47.88 27.41 11.06
N LEU F 323 47.00 27.84 10.17
CA LEU F 323 47.36 28.87 9.22
C LEU F 323 46.89 30.24 9.70
N THR F 324 45.73 30.26 10.35
CA THR F 324 45.19 31.51 10.87
C THR F 324 45.70 31.80 12.28
N PHE F 325 45.95 30.74 13.04
CA PHE F 325 46.43 30.88 14.40
C PHE F 325 47.66 30.05 14.67
N PRO F 326 48.84 30.51 14.19
CA PRO F 326 50.14 29.86 14.34
C PRO F 326 50.52 29.57 15.78
N ASP F 327 50.15 30.46 16.69
CA ASP F 327 50.46 30.28 18.10
C ASP F 327 49.29 30.66 19.02
N PRO F 328 48.36 29.71 19.22
CA PRO F 328 47.18 29.93 20.08
C PRO F 328 47.50 30.41 21.50
N GLU F 329 48.28 29.62 22.24
CA GLU F 329 48.60 29.98 23.61
C GLU F 329 49.27 31.35 23.76
N GLY F 330 50.01 31.76 22.75
CA GLY F 330 50.67 33.05 22.79
C GLY F 330 49.65 34.15 22.55
N MET F 331 48.73 33.92 21.63
CA MET F 331 47.71 34.90 21.32
C MET F 331 46.83 35.18 22.52
N ILE F 332 46.40 34.12 23.20
CA ILE F 332 45.54 34.25 24.36
C ILE F 332 46.25 35.01 25.48
N ARG F 333 47.53 34.68 25.68
CA ARG F 333 48.34 35.34 26.70
C ARG F 333 48.34 36.86 26.52
N ARG F 334 48.61 37.33 25.30
CA ARG F 334 48.63 38.76 25.03
C ARG F 334 47.25 39.38 25.15
N LEU F 335 46.22 38.57 24.96
CA LEU F 335 44.86 39.08 25.05
C LEU F 335 44.43 39.25 26.49
N LYS F 336 44.83 38.31 27.34
CA LYS F 336 44.48 38.34 28.75
C LYS F 336 45.32 39.38 29.47
N ALA F 337 46.46 39.71 28.88
CA ALA F 337 47.34 40.70 29.45
C ALA F 337 46.65 42.04 29.29
N LYS F 338 45.58 42.07 28.50
CA LYS F 338 44.81 43.28 28.30
C LYS F 338 43.56 43.20 29.18
N GLY F 339 43.64 42.36 30.20
CA GLY F 339 42.54 42.19 31.13
C GLY F 339 41.29 41.60 30.50
N LEU F 340 41.47 40.65 29.58
CA LEU F 340 40.32 40.05 28.93
C LEU F 340 40.05 38.62 29.35
N LYS F 341 38.77 38.26 29.32
CA LYS F 341 38.37 36.88 29.61
C LYS F 341 38.14 36.27 28.21
N ILE F 342 38.46 34.99 28.05
CA ILE F 342 38.31 34.34 26.76
C ILE F 342 37.32 33.17 26.68
N CYS F 343 36.49 33.22 25.64
CA CYS F 343 35.50 32.18 25.41
C CYS F 343 35.71 31.63 23.98
N VAL F 344 35.55 30.33 23.80
CA VAL F 344 35.68 29.72 22.46
C VAL F 344 34.47 28.86 22.11
N TRP F 345 34.12 28.87 20.84
CA TRP F 345 33.00 28.11 20.32
C TRP F 345 33.29 26.60 20.34
N ILE F 346 32.25 25.81 20.59
CA ILE F 346 32.35 24.34 20.55
C ILE F 346 30.95 23.80 20.30
N ASN F 347 30.86 22.52 19.94
CA ASN F 347 29.56 21.88 19.73
C ASN F 347 29.73 20.37 19.87
N PRO F 348 28.62 19.60 19.93
CA PRO F 348 28.72 18.16 20.09
C PRO F 348 28.82 17.31 18.82
N TYR F 349 29.17 17.92 17.69
CA TYR F 349 29.27 17.17 16.44
C TYR F 349 30.70 17.21 15.90
N ILE F 350 30.96 16.42 14.86
CA ILE F 350 32.28 16.41 14.25
C ILE F 350 32.21 16.05 12.77
N GLY F 351 32.74 16.96 11.95
CA GLY F 351 32.76 16.76 10.51
C GLY F 351 33.71 15.66 10.11
N GLN F 352 33.32 14.91 9.09
CA GLN F 352 34.12 13.79 8.58
C GLN F 352 35.52 14.17 8.10
N LYS F 353 35.71 15.40 7.60
CA LYS F 353 37.02 15.81 7.12
C LYS F 353 38.12 15.90 8.17
N SER F 354 37.76 15.75 9.45
CA SER F 354 38.77 15.85 10.50
C SER F 354 39.53 14.56 10.75
N PRO F 355 40.86 14.63 10.90
CA PRO F 355 41.71 13.47 11.16
C PRO F 355 41.21 12.73 12.38
N VAL F 356 40.59 13.47 13.30
CA VAL F 356 40.07 12.91 14.54
C VAL F 356 38.88 11.99 14.28
N PHE F 357 38.12 12.29 13.24
CA PHE F 357 36.96 11.51 12.91
C PHE F 357 37.24 10.01 12.86
N LYS F 358 38.27 9.64 12.12
CA LYS F 358 38.66 8.25 11.98
C LYS F 358 39.01 7.63 13.32
N GLU F 359 39.74 8.37 14.15
CA GLU F 359 40.11 7.88 15.49
C GLU F 359 38.85 7.65 16.33
N LEU F 360 37.94 8.61 16.32
CA LEU F 360 36.71 8.49 17.10
C LEU F 360 35.91 7.31 16.56
N GLN F 361 35.86 7.17 15.24
CA GLN F 361 35.15 6.05 14.63
C GLN F 361 35.76 4.72 15.06
N GLU F 362 37.09 4.64 15.06
CA GLU F 362 37.76 3.40 15.47
C GLU F 362 37.55 3.10 16.95
N LYS F 363 37.50 4.14 17.78
CA LYS F 363 37.30 3.95 19.22
C LYS F 363 35.84 3.67 19.56
N GLY F 364 34.94 4.06 18.67
CA GLY F 364 33.52 3.83 18.90
C GLY F 364 32.87 4.88 19.79
N TYR F 365 33.35 6.11 19.69
CA TYR F 365 32.87 7.21 20.48
C TYR F 365 31.74 8.00 19.81
N LEU F 366 31.36 7.62 18.60
CA LEU F 366 30.31 8.34 17.89
C LEU F 366 29.00 7.59 17.93
N LEU F 367 27.90 8.31 17.74
CA LEU F 367 26.58 7.71 17.78
C LEU F 367 26.37 6.76 16.60
N LYS F 368 25.99 5.53 16.91
CA LYS F 368 25.77 4.50 15.88
C LYS F 368 24.30 4.18 15.61
N ARG F 369 24.03 3.75 14.38
CA ARG F 369 22.69 3.33 13.98
C ARG F 369 22.57 1.92 14.56
N PRO F 370 21.39 1.31 14.51
CA PRO F 370 21.22 -0.04 15.05
C PRO F 370 22.12 -1.12 14.39
N ASP F 371 22.44 -0.96 13.11
CA ASP F 371 23.29 -1.94 12.42
C ASP F 371 24.77 -1.84 12.77
N GLY F 372 25.17 -0.78 13.47
CA GLY F 372 26.57 -0.65 13.82
C GLY F 372 27.31 0.40 13.02
N SER F 373 26.71 0.88 11.94
CA SER F 373 27.34 1.92 11.16
C SER F 373 27.15 3.25 11.92
N LEU F 374 27.82 4.31 11.47
CA LEU F 374 27.72 5.60 12.13
C LEU F 374 26.50 6.35 11.65
N TRP F 375 25.86 7.10 12.54
CA TRP F 375 24.73 7.91 12.13
C TRP F 375 25.40 9.10 11.45
N GLN F 376 24.91 9.52 10.30
CA GLN F 376 25.51 10.63 9.59
C GLN F 376 24.57 11.36 8.65
N TRP F 377 24.89 12.62 8.39
CA TRP F 377 24.16 13.45 7.43
C TRP F 377 25.03 14.65 7.08
N ASP F 378 24.60 15.46 6.13
CA ASP F 378 25.41 16.59 5.72
C ASP F 378 24.89 17.95 6.16
N LYS F 379 24.16 18.01 7.27
CA LYS F 379 23.66 19.29 7.75
C LYS F 379 24.68 19.86 8.72
N TRP F 380 24.93 21.16 8.59
CA TRP F 380 25.91 21.89 9.41
C TRP F 380 27.33 21.57 8.92
N GLN F 381 27.70 20.29 8.96
CA GLN F 381 29.02 19.83 8.52
C GLN F 381 28.86 18.60 7.61
N PRO F 382 29.78 18.41 6.64
CA PRO F 382 29.67 17.24 5.75
C PRO F 382 29.98 15.93 6.48
N GLY F 383 29.10 14.95 6.29
CA GLY F 383 29.29 13.65 6.92
C GLY F 383 29.37 13.80 8.43
N LEU F 384 28.67 14.79 8.95
CA LEU F 384 28.67 15.06 10.37
C LEU F 384 28.21 13.90 11.25
N ALA F 385 29.04 13.54 12.22
CA ALA F 385 28.72 12.49 13.19
C ALA F 385 28.43 13.19 14.54
N ILE F 386 27.93 12.43 15.52
CA ILE F 386 27.58 12.95 16.84
C ILE F 386 28.31 12.23 17.98
N TYR F 387 28.94 12.98 18.87
CA TYR F 387 29.64 12.36 20.00
C TYR F 387 28.60 11.62 20.86
N ASP F 388 28.88 10.36 21.20
CA ASP F 388 27.93 9.57 22.01
C ASP F 388 28.24 9.78 23.47
N PHE F 389 27.65 10.84 24.04
CA PHE F 389 27.90 11.15 25.44
C PHE F 389 27.40 10.11 26.45
N THR F 390 26.70 9.06 26.02
CA THR F 390 26.27 8.04 26.98
C THR F 390 27.40 7.04 27.16
N ASN F 391 28.50 7.29 26.48
CA ASN F 391 29.68 6.43 26.53
C ASN F 391 30.73 7.07 27.43
N PRO F 392 30.98 6.47 28.61
CA PRO F 392 31.97 7.02 29.54
C PRO F 392 33.29 7.46 28.92
N ASP F 393 33.96 6.54 28.21
CA ASP F 393 35.25 6.85 27.58
C ASP F 393 35.18 7.98 26.57
N ALA F 394 34.02 8.12 25.92
CA ALA F 394 33.84 9.19 24.93
C ALA F 394 33.74 10.54 25.66
N CYS F 395 33.07 10.54 26.81
CA CYS F 395 32.95 11.78 27.59
C CYS F 395 34.34 12.20 28.03
N LYS F 396 35.11 11.26 28.57
CA LYS F 396 36.46 11.57 29.02
C LYS F 396 37.33 12.13 27.91
N TRP F 397 37.20 11.56 26.70
CA TRP F 397 37.97 12.02 25.56
C TRP F 397 37.62 13.47 25.26
N TYR F 398 36.32 13.75 25.22
CA TYR F 398 35.83 15.09 24.93
C TYR F 398 36.29 16.06 26.02
N ALA F 399 36.05 15.67 27.28
CA ALA F 399 36.43 16.49 28.43
C ALA F 399 37.91 16.81 28.41
N ASP F 400 38.74 15.83 28.03
CA ASP F 400 40.18 16.06 27.99
C ASP F 400 40.57 17.12 26.97
N LYS F 401 39.85 17.19 25.86
CA LYS F 401 40.16 18.21 24.87
C LYS F 401 39.77 19.57 25.45
N LEU F 402 38.68 19.62 26.22
CA LEU F 402 38.25 20.87 26.83
C LEU F 402 39.30 21.33 27.84
N LYS F 403 39.75 20.41 28.69
CA LYS F 403 40.78 20.76 29.66
C LYS F 403 42.01 21.34 28.96
N GLY F 404 42.35 20.77 27.82
CA GLY F 404 43.50 21.23 27.07
C GLY F 404 43.37 22.68 26.67
N LEU F 405 42.14 23.08 26.32
CA LEU F 405 41.88 24.47 25.94
C LEU F 405 41.94 25.36 27.18
N VAL F 406 41.41 24.87 28.30
CA VAL F 406 41.40 25.60 29.56
C VAL F 406 42.83 25.88 29.99
N ALA F 407 43.64 24.83 30.01
CA ALA F 407 45.05 24.92 30.39
C ALA F 407 45.80 25.91 29.50
N MET F 408 45.15 26.34 28.44
CA MET F 408 45.74 27.25 27.47
C MET F 408 45.29 28.70 27.70
N GLY F 409 44.32 28.88 28.59
CA GLY F 409 43.84 30.23 28.86
C GLY F 409 42.35 30.47 28.62
N VAL F 410 41.68 29.52 27.97
CA VAL F 410 40.25 29.69 27.71
C VAL F 410 39.54 29.64 29.08
N ASP F 411 38.56 30.52 29.28
CA ASP F 411 37.86 30.56 30.55
C ASP F 411 36.46 30.00 30.49
N CYS F 412 35.82 30.10 29.33
CA CYS F 412 34.48 29.58 29.21
C CYS F 412 34.21 29.06 27.80
N PHE F 413 33.08 28.40 27.62
CA PHE F 413 32.73 27.84 26.33
C PHE F 413 31.32 28.19 25.89
N LYS F 414 31.14 28.35 24.59
CA LYS F 414 29.83 28.60 24.01
C LYS F 414 29.40 27.24 23.45
N THR F 415 28.61 26.51 24.24
CA THR F 415 28.11 25.19 23.81
C THR F 415 26.99 25.36 22.80
N ASP F 416 27.37 25.56 21.54
CA ASP F 416 26.40 25.74 20.48
C ASP F 416 25.72 24.41 20.12
N PHE F 417 24.59 24.49 19.42
CA PHE F 417 23.84 23.32 18.98
C PHE F 417 23.48 22.36 20.10
N GLY F 418 23.17 21.12 19.71
CA GLY F 418 22.79 20.11 20.67
C GLY F 418 21.33 19.73 20.54
N GLU F 419 20.61 20.35 19.62
CA GLU F 419 19.19 20.04 19.48
C GLU F 419 18.77 18.92 18.52
N ARG F 420 19.27 18.91 17.29
CA ARG F 420 18.90 17.87 16.31
C ARG F 420 19.48 16.50 16.61
N ILE F 421 18.95 15.83 17.62
CA ILE F 421 19.42 14.51 18.01
C ILE F 421 18.49 13.46 17.39
N PRO F 422 19.02 12.63 16.48
CA PRO F 422 18.21 11.59 15.82
C PRO F 422 17.72 10.51 16.76
N THR F 423 16.58 9.93 16.41
CA THR F 423 15.99 8.83 17.19
C THR F 423 16.28 7.43 16.62
N ASP F 424 16.58 7.34 15.33
CA ASP F 424 16.84 6.04 14.70
C ASP F 424 18.28 5.60 14.98
N VAL F 425 18.61 5.47 16.25
CA VAL F 425 19.96 5.11 16.66
C VAL F 425 19.95 4.18 17.83
N GLN F 426 21.13 3.77 18.25
CA GLN F 426 21.28 2.90 19.40
C GLN F 426 22.38 3.55 20.22
N TRP F 427 22.02 4.06 21.41
CA TRP F 427 22.97 4.72 22.29
C TRP F 427 23.85 3.70 22.98
N PHE F 428 25.09 4.10 23.26
CA PHE F 428 25.99 3.18 23.92
C PHE F 428 25.37 2.56 25.17
N ASP F 429 24.57 3.35 25.90
CA ASP F 429 23.99 2.84 27.14
C ASP F 429 22.60 2.23 26.99
N GLY F 430 22.13 2.09 25.75
CA GLY F 430 20.83 1.51 25.51
C GLY F 430 19.67 2.36 26.01
N SER F 431 19.86 3.67 26.02
CA SER F 431 18.82 4.57 26.47
C SER F 431 17.74 4.65 25.41
N ASP F 432 16.53 4.96 25.83
CA ASP F 432 15.41 5.11 24.90
C ASP F 432 15.73 6.34 24.04
N PRO F 433 15.83 6.16 22.72
CA PRO F 433 16.12 7.26 21.80
C PRO F 433 15.16 8.44 21.88
N GLN F 434 13.89 8.15 22.14
CA GLN F 434 12.89 9.21 22.22
C GLN F 434 13.14 10.17 23.40
N LYS F 435 13.67 9.65 24.50
CA LYS F 435 13.95 10.48 25.67
C LYS F 435 15.30 11.18 25.55
N MET F 436 16.27 10.52 24.92
CA MET F 436 17.61 11.11 24.76
C MET F 436 17.61 12.34 23.86
N HIS F 437 16.61 12.47 23.00
CA HIS F 437 16.60 13.60 22.12
C HIS F 437 16.77 14.92 22.87
N ASN F 438 15.87 15.21 23.82
CA ASN F 438 15.94 16.46 24.60
C ASN F 438 16.99 16.36 25.69
N HIS F 439 17.09 15.19 26.32
CA HIS F 439 18.03 15.00 27.41
C HIS F 439 19.50 15.15 27.03
N TYR F 440 19.77 15.09 25.73
CA TYR F 440 21.13 15.22 25.23
C TYR F 440 21.71 16.61 25.57
N ALA F 441 20.88 17.65 25.49
CA ALA F 441 21.35 19.01 25.78
C ALA F 441 21.87 19.10 27.22
N TYR F 442 21.16 18.46 28.16
CA TYR F 442 21.56 18.45 29.56
C TYR F 442 22.91 17.74 29.76
N ILE F 443 23.01 16.52 29.24
CA ILE F 443 24.23 15.73 29.38
C ILE F 443 25.43 16.48 28.82
N TYR F 444 25.24 17.06 27.65
CA TYR F 444 26.24 17.83 26.93
C TYR F 444 26.75 18.98 27.81
N ASN F 445 25.86 19.88 28.19
CA ASN F 445 26.25 21.01 29.03
C ASN F 445 26.81 20.59 30.39
N GLU F 446 26.20 19.61 31.03
CA GLU F 446 26.70 19.14 32.31
C GLU F 446 28.16 18.70 32.22
N LEU F 447 28.52 18.11 31.09
CA LEU F 447 29.88 17.65 30.87
C LEU F 447 30.85 18.82 30.78
N VAL F 448 30.50 19.81 29.96
CA VAL F 448 31.34 20.99 29.79
C VAL F 448 31.44 21.74 31.13
N TRP F 449 30.31 21.86 31.81
CA TRP F 449 30.26 22.52 33.10
C TRP F 449 31.17 21.86 34.12
N ASN F 450 31.16 20.53 34.17
CA ASN F 450 32.01 19.84 35.12
C ASN F 450 33.49 20.02 34.83
N VAL F 451 33.83 20.23 33.56
CA VAL F 451 35.22 20.45 33.18
C VAL F 451 35.67 21.79 33.79
N LEU F 452 34.87 22.82 33.57
CA LEU F 452 35.14 24.15 34.09
C LEU F 452 35.25 24.06 35.61
N LYS F 453 34.30 23.35 36.20
CA LYS F 453 34.25 23.17 37.65
C LYS F 453 35.54 22.58 38.21
N ASP F 454 36.07 21.57 37.53
CA ASP F 454 37.29 20.91 37.98
C ASP F 454 38.58 21.62 37.58
N THR F 455 38.48 22.65 36.75
CA THR F 455 39.67 23.38 36.33
C THR F 455 39.70 24.78 36.94
N VAL F 456 38.99 25.72 36.33
CA VAL F 456 38.97 27.09 36.83
C VAL F 456 38.22 27.22 38.17
N GLY F 457 37.41 26.23 38.50
CA GLY F 457 36.65 26.27 39.75
C GLY F 457 35.18 26.59 39.53
N GLU F 458 34.32 26.00 40.34
CA GLU F 458 32.88 26.21 40.23
C GLU F 458 32.50 27.69 40.15
N GLU F 459 33.15 28.49 40.98
CA GLU F 459 32.91 29.92 41.06
C GLU F 459 33.14 30.66 39.75
N GLU F 460 34.10 30.18 38.96
CA GLU F 460 34.44 30.81 37.68
C GLU F 460 33.76 30.18 36.48
N ALA F 461 33.02 29.10 36.70
CA ALA F 461 32.34 28.38 35.63
C ALA F 461 31.14 29.10 35.04
N VAL F 462 31.16 29.30 33.73
CA VAL F 462 30.05 29.92 33.03
C VAL F 462 30.05 29.45 31.58
N LEU F 463 28.89 29.42 30.96
CA LEU F 463 28.78 28.99 29.57
C LEU F 463 27.83 29.90 28.83
N PHE F 464 27.70 29.65 27.54
CA PHE F 464 26.77 30.35 26.67
C PHE F 464 26.10 29.18 25.90
N ALA F 465 25.12 28.56 26.54
CA ALA F 465 24.40 27.40 26.00
C ALA F 465 23.23 27.75 25.09
N ARG F 466 23.20 27.14 23.90
CA ARG F 466 22.10 27.42 22.98
C ARG F 466 20.91 26.50 23.22
N SER F 467 21.17 25.30 23.70
CA SER F 467 20.10 24.32 23.93
C SER F 467 20.00 23.90 25.38
N ALA F 468 18.82 23.40 25.76
CA ALA F 468 18.64 22.97 27.14
C ALA F 468 17.45 22.04 27.28
N SER F 469 17.37 21.43 28.47
CA SER F 469 16.31 20.50 28.84
C SER F 469 16.14 20.64 30.36
N VAL F 470 15.09 20.05 30.93
CA VAL F 470 14.87 20.15 32.38
C VAL F 470 16.14 19.95 33.20
N GLY F 471 16.42 20.89 34.10
CA GLY F 471 17.59 20.77 34.93
C GLY F 471 18.82 21.46 34.39
N ALA F 472 18.76 21.90 33.13
CA ALA F 472 19.90 22.55 32.50
C ALA F 472 20.11 23.99 33.00
N GLN F 473 19.15 24.50 33.78
CA GLN F 473 19.27 25.85 34.30
C GLN F 473 20.45 25.92 35.26
N LYS F 474 20.91 24.76 35.72
CA LYS F 474 22.03 24.70 36.66
C LYS F 474 23.37 25.06 36.04
N PHE F 475 23.45 25.11 34.71
CA PHE F 475 24.71 25.43 34.02
C PHE F 475 24.44 26.72 33.28
N PRO F 476 24.27 27.81 34.05
CA PRO F 476 23.99 29.19 33.71
C PRO F 476 24.50 29.91 32.49
N VAL F 477 23.59 30.77 32.07
CA VAL F 477 23.57 31.68 30.94
C VAL F 477 23.41 30.97 29.61
N HIS F 478 22.15 30.99 29.19
CA HIS F 478 21.71 30.41 27.96
C HIS F 478 21.52 31.58 27.00
N TRP F 479 22.02 31.39 25.79
CA TRP F 479 21.98 32.41 24.76
C TRP F 479 20.72 32.19 23.93
N GLY F 480 20.07 33.28 23.54
CA GLY F 480 18.83 33.20 22.79
C GLY F 480 18.84 32.78 21.33
N GLY F 481 19.97 32.32 20.81
CA GLY F 481 19.99 31.87 19.43
C GLY F 481 20.14 32.90 18.32
N ASP F 482 19.83 32.47 17.10
CA ASP F 482 19.97 33.30 15.90
C ASP F 482 18.73 34.12 15.55
N CYS F 483 18.81 35.43 15.78
CA CYS F 483 17.70 36.32 15.49
C CYS F 483 18.09 37.30 14.40
N TYR F 484 17.08 37.83 13.72
CA TYR F 484 17.28 38.80 12.65
C TYR F 484 17.42 40.21 13.21
N ALA F 485 18.02 41.09 12.41
CA ALA F 485 18.26 42.48 12.80
C ALA F 485 17.17 43.46 12.43
N ASN F 486 16.03 43.33 13.10
CA ASN F 486 14.91 44.23 12.86
C ASN F 486 14.16 44.29 14.18
N TYR F 487 13.25 45.24 14.31
CA TYR F 487 12.52 45.42 15.56
C TYR F 487 11.61 44.27 15.97
N GLU F 488 10.87 43.71 15.02
CA GLU F 488 9.98 42.58 15.35
C GLU F 488 10.77 41.44 15.95
N SER F 489 11.96 41.20 15.43
CA SER F 489 12.78 40.12 15.94
C SER F 489 13.36 40.46 17.29
N MET F 490 13.66 41.74 17.52
CA MET F 490 14.17 42.16 18.83
C MET F 490 13.06 41.83 19.82
N ALA F 491 11.84 42.18 19.45
CA ALA F 491 10.67 41.92 20.28
C ALA F 491 10.51 40.42 20.53
N GLU F 492 10.65 39.63 19.44
CA GLU F 492 10.52 38.17 19.54
C GLU F 492 11.44 37.61 20.62
N SER F 493 12.70 38.04 20.61
CA SER F 493 13.70 37.56 21.57
C SER F 493 13.36 37.86 23.01
N LEU F 494 12.86 39.07 23.25
CA LEU F 494 12.49 39.47 24.62
C LEU F 494 11.49 38.44 25.14
N ARG F 495 10.48 38.13 24.33
CA ARG F 495 9.46 37.15 24.74
C ARG F 495 10.12 35.84 25.12
N GLY F 496 11.10 35.42 24.33
CA GLY F 496 11.80 34.19 24.62
C GLY F 496 12.55 34.26 25.94
N GLY F 497 13.27 35.37 26.14
CA GLY F 497 14.01 35.53 27.39
C GLY F 497 13.06 35.55 28.59
N LEU F 498 11.93 36.23 28.45
CA LEU F 498 10.96 36.27 29.53
C LEU F 498 10.43 34.85 29.77
N SER F 499 10.09 34.18 28.67
CA SER F 499 9.55 32.81 28.77
C SER F 499 10.52 31.88 29.45
N ILE F 500 11.81 32.01 29.14
CA ILE F 500 12.78 31.11 29.74
C ILE F 500 12.87 31.34 31.23
N GLY F 501 12.78 32.62 31.64
CA GLY F 501 12.82 32.93 33.06
C GLY F 501 11.62 32.27 33.74
N LEU F 502 10.48 32.31 33.07
CA LEU F 502 9.27 31.69 33.61
C LEU F 502 9.38 30.16 33.59
N SER F 503 10.50 29.64 33.12
CA SER F 503 10.71 28.19 33.05
C SER F 503 11.83 27.69 33.96
N GLY F 504 12.27 28.53 34.90
CA GLY F 504 13.31 28.10 35.83
C GLY F 504 14.73 28.52 35.52
N PHE F 505 14.91 29.32 34.47
CA PHE F 505 16.25 29.76 34.09
C PHE F 505 16.52 31.19 34.57
N GLY F 506 17.54 31.33 35.41
CA GLY F 506 17.87 32.63 35.97
C GLY F 506 18.63 33.67 35.16
N PHE F 507 19.43 33.24 34.20
CA PHE F 507 20.22 34.15 33.40
C PHE F 507 20.04 33.88 31.92
N TRP F 508 19.91 34.95 31.15
CA TRP F 508 19.68 34.82 29.72
C TRP F 508 20.41 35.92 28.99
N SER F 509 20.91 35.59 27.81
CA SER F 509 21.59 36.58 27.00
C SER F 509 21.07 36.53 25.59
N HIS F 510 21.51 37.46 24.78
CA HIS F 510 21.10 37.52 23.38
C HIS F 510 22.14 38.33 22.63
N ASP F 511 21.98 38.44 21.32
CA ASP F 511 22.96 39.18 20.52
C ASP F 511 22.51 40.57 20.12
N ILE F 512 23.24 41.55 20.65
CA ILE F 512 22.99 42.94 20.38
C ILE F 512 23.08 43.21 18.89
N GLY F 513 21.99 43.68 18.30
CA GLY F 513 21.98 43.97 16.87
C GLY F 513 21.45 42.81 16.06
N GLY F 514 21.32 41.64 16.71
CA GLY F 514 20.81 40.49 16.02
C GLY F 514 21.92 39.69 15.36
N PHE F 515 21.73 38.38 15.28
CA PHE F 515 22.70 37.49 14.67
C PHE F 515 22.66 37.67 13.15
N GLU F 516 21.50 37.39 12.57
CA GLU F 516 21.30 37.48 11.12
C GLU F 516 21.10 38.89 10.56
N ASN F 517 21.71 39.15 9.41
CA ASN F 517 21.61 40.45 8.74
C ASN F 517 22.44 41.55 9.40
N THR F 518 22.56 42.67 8.70
CA THR F 518 23.30 43.82 9.20
C THR F 518 22.31 44.92 9.54
N ALA F 519 22.01 45.01 10.83
CA ALA F 519 21.04 45.97 11.35
C ALA F 519 21.38 47.42 11.09
N PRO F 520 20.36 48.22 10.79
CA PRO F 520 20.60 49.64 10.54
C PRO F 520 20.87 50.28 11.90
N ALA F 521 21.69 51.32 11.90
CA ALA F 521 22.09 52.06 13.11
C ALA F 521 21.05 52.18 14.23
N HIS F 522 19.86 52.66 13.92
CA HIS F 522 18.87 52.82 14.98
C HIS F 522 18.51 51.51 15.67
N VAL F 523 18.25 50.46 14.89
CA VAL F 523 17.92 49.17 15.49
C VAL F 523 19.05 48.72 16.41
N TYR F 524 20.29 48.92 15.96
CA TYR F 524 21.48 48.53 16.72
C TYR F 524 21.59 49.31 18.04
N LYS F 525 21.30 50.61 18.00
CA LYS F 525 21.35 51.45 19.20
C LYS F 525 20.27 51.03 20.19
N ARG F 526 19.06 50.84 19.68
CA ARG F 526 17.96 50.41 20.53
C ARG F 526 18.25 49.07 21.16
N TRP F 527 18.95 48.22 20.41
CA TRP F 527 19.27 46.88 20.89
C TRP F 527 20.36 46.93 21.96
N CYS F 528 21.30 47.86 21.82
CA CYS F 528 22.38 47.98 22.80
C CYS F 528 21.81 48.27 24.20
N ALA F 529 20.86 49.18 24.26
CA ALA F 529 20.25 49.54 25.54
C ALA F 529 19.61 48.28 26.13
N PHE F 530 18.77 47.63 25.34
CA PHE F 530 18.11 46.41 25.77
C PHE F 530 19.13 45.39 26.25
N GLY F 531 20.16 45.17 25.45
CA GLY F 531 21.20 44.21 25.80
C GLY F 531 21.98 44.49 27.06
N LEU F 532 22.37 45.74 27.27
CA LEU F 532 23.12 46.05 28.48
C LEU F 532 22.20 46.03 29.69
N LEU F 533 20.89 46.07 29.45
CA LEU F 533 19.90 46.02 30.53
C LEU F 533 19.34 44.60 30.72
N SER F 534 20.17 43.61 30.40
CA SER F 534 19.82 42.19 30.55
C SER F 534 20.93 41.62 31.43
N SER F 535 20.73 40.43 32.00
CA SER F 535 21.75 39.86 32.87
C SER F 535 23.09 39.68 32.14
N HIS F 536 23.05 39.22 30.90
CA HIS F 536 24.30 39.04 30.15
C HIS F 536 24.21 39.68 28.78
N SER F 537 25.26 40.39 28.42
CA SER F 537 25.30 41.15 27.18
C SER F 537 26.43 40.77 26.24
N ARG F 538 26.13 40.63 24.96
CA ARG F 538 27.16 40.28 23.99
C ARG F 538 26.90 40.87 22.63
N LEU F 539 27.96 41.39 22.02
CA LEU F 539 27.88 41.96 20.70
C LEU F 539 28.40 40.87 19.75
N HIS F 540 27.47 40.14 19.14
CA HIS F 540 27.81 39.05 18.20
C HIS F 540 26.97 39.16 16.95
N GLY F 541 27.58 38.85 15.81
CA GLY F 541 26.88 38.92 14.55
C GLY F 541 27.05 37.64 13.74
N SER F 542 26.35 37.55 12.62
CA SER F 542 26.43 36.39 11.74
C SER F 542 27.43 36.62 10.60
N LYS F 543 27.09 37.51 9.68
CA LYS F 543 27.94 37.82 8.54
C LYS F 543 28.69 39.14 8.68
N SER F 544 28.42 39.88 9.75
CA SER F 544 29.09 41.16 9.97
C SER F 544 29.56 41.35 11.42
N TYR F 545 30.50 42.27 11.61
CA TYR F 545 31.06 42.57 12.92
C TYR F 545 30.09 43.39 13.76
N ARG F 546 30.12 43.18 15.08
CA ARG F 546 29.23 43.89 15.98
C ARG F 546 29.93 45.03 16.72
N VAL F 547 30.88 45.68 16.05
CA VAL F 547 31.61 46.80 16.63
C VAL F 547 30.80 48.08 16.41
N PRO F 548 30.72 48.93 17.46
CA PRO F 548 29.97 50.19 17.42
C PRO F 548 30.29 51.11 16.24
N TRP F 549 31.56 51.50 16.12
CA TRP F 549 31.99 52.41 15.06
C TRP F 549 31.63 52.01 13.63
N ALA F 550 31.09 50.81 13.46
CA ALA F 550 30.70 50.34 12.13
C ALA F 550 29.28 50.82 11.81
N TYR F 551 28.74 51.68 12.66
CA TYR F 551 27.39 52.24 12.48
C TYR F 551 27.39 53.77 12.50
N ASP F 552 28.12 54.36 13.44
CA ASP F 552 28.25 55.81 13.59
C ASP F 552 28.82 56.16 14.95
N ASP F 553 29.14 57.43 15.15
CA ASP F 553 29.72 57.88 16.42
C ASP F 553 28.79 57.62 17.59
N GLU F 554 27.51 57.92 17.39
CA GLU F 554 26.52 57.74 18.44
C GLU F 554 26.50 56.34 19.04
N SER F 555 26.63 55.34 18.18
CA SER F 555 26.64 53.94 18.62
C SER F 555 27.72 53.70 19.67
N CYS F 556 28.86 54.35 19.49
CA CYS F 556 29.96 54.20 20.44
C CYS F 556 29.51 54.86 21.75
N ASP F 557 28.84 56.00 21.64
CA ASP F 557 28.35 56.69 22.84
C ASP F 557 27.33 55.79 23.52
N VAL F 558 26.38 55.26 22.74
CA VAL F 558 25.35 54.38 23.27
C VAL F 558 25.99 53.20 23.99
N VAL F 559 26.95 52.54 23.36
CA VAL F 559 27.61 51.39 24.00
C VAL F 559 28.37 51.84 25.23
N ARG F 560 29.07 52.97 25.11
CA ARG F 560 29.85 53.51 26.24
C ARG F 560 28.91 53.80 27.40
N PHE F 561 27.83 54.52 27.10
CA PHE F 561 26.86 54.91 28.10
C PHE F 561 26.21 53.75 28.84
N PHE F 562 25.74 52.74 28.12
CA PHE F 562 25.08 51.64 28.79
C PHE F 562 26.01 50.62 29.42
N THR F 563 27.26 50.57 28.95
CA THR F 563 28.19 49.63 29.56
C THR F 563 28.61 50.19 30.92
N GLN F 564 28.76 51.51 30.98
CA GLN F 564 29.13 52.18 32.22
C GLN F 564 28.01 52.06 33.23
N LEU F 565 26.78 52.25 32.76
CA LEU F 565 25.63 52.15 33.66
C LEU F 565 25.56 50.78 34.28
N LYS F 566 25.58 49.74 33.44
CA LYS F 566 25.51 48.38 33.94
C LYS F 566 26.55 48.09 35.01
N CYS F 567 27.76 48.60 34.80
CA CYS F 567 28.83 48.38 35.78
C CYS F 567 28.52 49.04 37.12
N ARG F 568 27.89 50.22 37.05
CA ARG F 568 27.53 50.95 38.27
C ARG F 568 26.38 50.23 38.97
N MET F 569 25.51 49.59 38.20
CA MET F 569 24.38 48.86 38.76
C MET F 569 24.76 47.50 39.36
N MET F 570 26.02 47.11 39.26
CA MET F 570 26.42 45.81 39.79
C MET F 570 26.15 45.53 41.26
N PRO F 571 26.19 46.57 42.13
CA PRO F 571 25.92 46.27 43.55
C PRO F 571 24.47 45.77 43.67
N TYR F 572 23.59 46.32 42.86
CA TYR F 572 22.18 45.94 42.82
C TYR F 572 22.00 44.65 41.98
N LEU F 573 22.52 44.66 40.76
CA LEU F 573 22.43 43.51 39.85
C LEU F 573 22.87 42.17 40.45
N TYR F 574 24.10 42.10 40.92
CA TYR F 574 24.63 40.87 41.51
C TYR F 574 23.88 40.37 42.74
N ARG F 575 23.14 41.25 43.41
CA ARG F 575 22.36 40.81 44.56
C ARG F 575 21.15 40.08 44.01
N GLU F 576 20.61 40.61 42.92
CA GLU F 576 19.45 40.00 42.27
C GLU F 576 19.86 38.67 41.63
N ALA F 577 21.15 38.54 41.31
CA ALA F 577 21.69 37.33 40.71
C ALA F 577 21.70 36.23 41.76
N ALA F 578 22.12 36.58 42.99
CA ALA F 578 22.15 35.60 44.07
C ALA F 578 20.73 35.14 44.38
N ARG F 579 19.75 35.97 44.04
CA ARG F 579 18.33 35.63 44.25
C ARG F 579 17.94 34.48 43.31
N ALA F 580 18.39 34.55 42.06
CA ALA F 580 18.10 33.50 41.09
C ALA F 580 18.68 32.20 41.60
N ASN F 581 19.89 32.28 42.15
CA ASN F 581 20.60 31.12 42.68
C ASN F 581 19.97 30.49 43.91
N ALA F 582 19.32 31.32 44.74
CA ALA F 582 18.71 30.81 45.97
C ALA F 582 17.24 30.46 45.86
N ARG F 583 16.49 31.18 45.03
CA ARG F 583 15.05 30.92 44.90
C ARG F 583 14.56 30.68 43.47
N GLY F 584 15.45 30.74 42.50
CA GLY F 584 15.05 30.50 41.13
C GLY F 584 14.39 31.70 40.48
N THR F 585 14.43 32.86 41.14
CA THR F 585 13.81 34.06 40.56
C THR F 585 14.77 34.60 39.49
N PRO F 586 14.35 34.58 38.22
CA PRO F 586 15.20 35.06 37.13
C PRO F 586 15.48 36.55 37.26
N MET F 587 16.61 36.99 36.73
CA MET F 587 16.96 38.40 36.78
C MET F 587 16.03 39.23 35.91
N MET F 588 15.66 38.70 34.75
CA MET F 588 14.76 39.38 33.83
C MET F 588 13.39 38.78 34.12
N ARG F 589 12.50 39.56 34.76
CA ARG F 589 11.19 39.05 35.11
C ARG F 589 10.01 39.64 34.38
N ALA F 590 9.04 38.79 34.08
CA ALA F 590 7.83 39.23 33.41
C ALA F 590 7.04 40.02 34.44
N MET F 591 6.35 41.07 33.99
CA MET F 591 5.57 41.91 34.90
C MET F 591 4.64 41.05 35.75
N MET F 592 3.98 40.07 35.13
CA MET F 592 3.06 39.19 35.85
C MET F 592 3.76 38.46 36.98
N MET F 593 5.08 38.30 36.86
CA MET F 593 5.82 37.61 37.92
C MET F 593 6.16 38.55 39.09
N GLU F 594 6.32 39.83 38.80
CA GLU F 594 6.66 40.78 39.86
C GLU F 594 5.42 41.36 40.51
N PHE F 595 4.36 41.52 39.72
CA PHE F 595 3.10 42.05 40.21
C PHE F 595 1.98 41.09 39.88
N PRO F 596 1.96 39.92 40.53
CA PRO F 596 0.94 38.90 40.29
C PRO F 596 -0.51 39.29 40.51
N ASP F 597 -0.77 40.38 41.23
CA ASP F 597 -2.16 40.76 41.46
C ASP F 597 -2.67 41.88 40.59
N ASP F 598 -1.78 42.48 39.80
CA ASP F 598 -2.18 43.56 38.92
C ASP F 598 -2.74 43.03 37.58
N PRO F 599 -4.07 43.08 37.41
CA PRO F 599 -4.75 42.60 36.20
C PRO F 599 -4.29 43.27 34.91
N ALA F 600 -3.43 44.28 35.03
CA ALA F 600 -2.96 44.97 33.85
C ALA F 600 -1.63 44.41 33.36
N CYS F 601 -1.03 43.52 34.15
CA CYS F 601 0.27 42.91 33.83
C CYS F 601 0.23 41.50 33.20
N ASP F 602 -0.97 41.01 32.93
CA ASP F 602 -1.10 39.67 32.37
C ASP F 602 -0.38 39.43 31.03
N TYR F 603 -0.66 40.27 30.04
CA TYR F 603 -0.07 40.13 28.72
C TYR F 603 1.11 41.03 28.39
N LEU F 604 1.77 41.59 29.41
CA LEU F 604 2.89 42.49 29.16
C LEU F 604 4.14 41.74 28.70
N ASP F 605 4.56 42.00 27.47
CA ASP F 605 5.72 41.33 26.87
C ASP F 605 6.78 42.27 26.28
N ARG F 606 6.49 43.57 26.22
CA ARG F 606 7.44 44.54 25.67
C ARG F 606 8.22 45.30 26.75
N GLN F 607 8.08 44.86 27.98
CA GLN F 607 8.75 45.48 29.12
C GLN F 607 8.97 44.40 30.15
N TYR F 608 9.78 44.69 31.14
CA TYR F 608 10.08 43.71 32.15
C TYR F 608 10.72 44.32 33.36
N MET F 609 10.74 43.56 34.45
CA MET F 609 11.36 44.01 35.68
C MET F 609 12.76 43.43 35.75
N LEU F 610 13.76 44.30 35.80
CA LEU F 610 15.15 43.86 35.93
C LEU F 610 15.39 43.82 37.43
N GLY F 611 15.26 42.63 38.02
CA GLY F 611 15.42 42.48 39.46
C GLY F 611 14.14 42.94 40.16
N ASP F 612 14.19 43.07 41.48
CA ASP F 612 13.01 43.50 42.25
C ASP F 612 12.52 44.93 42.04
N ASN F 613 13.45 45.88 41.89
CA ASN F 613 13.07 47.29 41.83
C ASN F 613 13.09 48.16 40.58
N VAL F 614 13.54 47.64 39.44
CA VAL F 614 13.57 48.49 38.27
C VAL F 614 12.85 47.92 37.04
N MET F 615 12.03 48.76 36.42
CA MET F 615 11.25 48.38 35.24
C MET F 615 11.89 48.97 34.00
N VAL F 616 12.19 48.13 33.01
CA VAL F 616 12.76 48.63 31.78
C VAL F 616 11.89 48.25 30.59
N ALA F 617 11.67 49.24 29.74
CA ALA F 617 10.85 49.12 28.54
C ALA F 617 11.67 49.50 27.32
N PRO F 618 12.28 48.51 26.64
CA PRO F 618 13.09 48.76 25.45
C PRO F 618 12.31 49.56 24.43
N VAL F 619 13.01 50.34 23.62
CA VAL F 619 12.37 51.15 22.59
C VAL F 619 12.46 50.37 21.27
N PHE F 620 11.29 50.13 20.67
CA PHE F 620 11.20 49.35 19.43
C PHE F 620 10.90 50.18 18.18
N THR F 621 11.24 51.46 18.20
CA THR F 621 11.02 52.33 17.05
C THR F 621 12.28 53.19 16.85
N GLU F 622 12.40 53.81 15.69
CA GLU F 622 13.56 54.64 15.44
C GLU F 622 13.32 56.01 16.07
N ALA F 623 12.12 56.55 15.85
CA ALA F 623 11.73 57.85 16.40
C ALA F 623 11.84 57.86 17.92
N GLY F 624 11.92 56.68 18.52
CA GLY F 624 12.05 56.60 19.96
C GLY F 624 10.74 56.49 20.72
N ASP F 625 9.62 56.51 20.00
CA ASP F 625 8.31 56.38 20.63
C ASP F 625 8.18 55.02 21.33
N VAL F 626 7.59 55.03 22.52
CA VAL F 626 7.38 53.82 23.30
C VAL F 626 6.25 54.01 24.31
N GLN F 627 5.52 52.94 24.60
CA GLN F 627 4.43 52.98 25.56
C GLN F 627 4.68 51.87 26.56
N PHE F 628 4.42 52.14 27.82
CA PHE F 628 4.65 51.14 28.86
C PHE F 628 3.70 51.35 30.03
N TYR F 629 3.48 50.28 30.79
CA TYR F 629 2.59 50.33 31.94
C TYR F 629 3.40 50.32 33.21
N LEU F 630 2.91 51.06 34.20
CA LEU F 630 3.56 51.15 35.50
C LEU F 630 2.60 50.65 36.57
N PRO F 631 3.07 49.76 37.45
CA PRO F 631 2.18 49.26 38.50
C PRO F 631 2.00 50.39 39.53
N GLU F 632 1.21 50.13 40.56
CA GLU F 632 0.92 51.09 41.62
C GLU F 632 2.14 51.72 42.30
N GLY F 633 2.06 53.02 42.52
CA GLY F 633 3.16 53.73 43.17
C GLY F 633 3.69 54.86 42.33
N ARG F 634 4.61 55.64 42.89
CA ARG F 634 5.21 56.73 42.15
C ARG F 634 6.58 56.26 41.72
N TRP F 635 6.80 56.21 40.41
CA TRP F 635 8.08 55.75 39.89
C TRP F 635 9.01 56.90 39.53
N THR F 636 10.31 56.66 39.63
CA THR F 636 11.34 57.66 39.36
C THR F 636 12.38 57.14 38.37
N HIS F 637 12.63 57.89 37.29
CA HIS F 637 13.62 57.43 36.32
C HIS F 637 15.00 57.33 36.95
N LEU F 638 15.64 56.16 36.81
CA LEU F 638 16.95 55.92 37.38
C LEU F 638 18.01 57.01 37.21
N TRP F 639 17.95 57.80 36.14
CA TRP F 639 18.96 58.84 35.96
C TRP F 639 18.41 60.16 35.42
N HIS F 640 17.17 60.16 34.94
CA HIS F 640 16.58 61.40 34.46
C HIS F 640 15.88 62.06 35.66
N ASN F 641 15.59 61.24 36.66
CA ASN F 641 14.93 61.67 37.90
C ASN F 641 13.49 62.14 37.81
N ASP F 642 12.89 62.13 36.62
CA ASP F 642 11.50 62.54 36.51
C ASP F 642 10.65 61.48 37.22
N GLU F 643 9.45 61.84 37.63
CA GLU F 643 8.58 60.89 38.34
C GLU F 643 7.27 60.66 37.60
N LEU F 644 6.66 59.52 37.86
CA LEU F 644 5.40 59.18 37.20
C LEU F 644 4.49 58.42 38.16
N ASP F 645 3.20 58.62 38.01
CA ASP F 645 2.22 57.94 38.86
C ASP F 645 1.89 56.57 38.26
N GLY F 646 1.93 55.56 39.11
CA GLY F 646 1.67 54.19 38.68
C GLY F 646 0.23 53.80 38.40
N SER F 647 0.03 52.49 38.22
CA SER F 647 -1.28 51.93 37.95
C SER F 647 -1.88 52.44 36.63
N ARG F 648 -1.02 52.82 35.69
CA ARG F 648 -1.51 53.32 34.40
C ARG F 648 -0.44 53.25 33.30
N TRP F 649 -0.88 53.42 32.07
CA TRP F 649 0.02 53.40 30.91
C TRP F 649 0.57 54.81 30.66
N HIS F 650 1.79 54.85 30.13
CA HIS F 650 2.49 56.11 29.81
C HIS F 650 3.04 56.08 28.38
N LYS F 651 3.13 57.27 27.77
CA LYS F 651 3.63 57.43 26.40
C LYS F 651 4.80 58.42 26.39
N GLN F 652 5.94 57.97 25.89
CA GLN F 652 7.15 58.78 25.84
C GLN F 652 7.90 58.66 24.51
N GLN F 653 8.88 59.53 24.30
CA GLN F 653 9.72 59.51 23.09
C GLN F 653 11.15 59.73 23.56
N HIS F 654 12.01 58.74 23.32
CA HIS F 654 13.41 58.85 23.76
C HIS F 654 14.45 58.85 22.66
N GLY F 655 15.60 59.44 22.98
CA GLY F 655 16.71 59.48 22.05
C GLY F 655 17.49 58.20 22.26
N PHE F 656 18.55 57.99 21.47
CA PHE F 656 19.34 56.78 21.57
C PHE F 656 20.10 56.54 22.86
N LEU F 657 20.23 57.54 23.73
CA LEU F 657 20.91 57.28 24.98
C LEU F 657 19.92 57.20 26.13
N SER F 658 18.65 56.97 25.79
CA SER F 658 17.61 56.88 26.80
C SER F 658 16.47 55.91 26.48
N LEU F 659 15.86 55.38 27.53
CA LEU F 659 14.72 54.48 27.43
C LEU F 659 14.09 54.43 28.83
N PRO F 660 12.80 54.08 28.91
CA PRO F 660 12.16 54.02 30.23
C PRO F 660 12.84 53.02 31.17
N VAL F 661 13.47 53.53 32.22
CA VAL F 661 14.12 52.72 33.24
C VAL F 661 13.67 53.40 34.53
N TYR F 662 12.61 52.85 35.12
CA TYR F 662 12.01 53.42 36.33
C TYR F 662 12.14 52.59 37.59
N VAL F 663 12.39 53.26 38.71
CA VAL F 663 12.57 52.59 40.00
C VAL F 663 11.33 52.73 40.88
N ARG F 664 10.91 51.64 41.50
CA ARG F 664 9.72 51.64 42.36
C ARG F 664 9.93 52.52 43.59
N ASP F 665 8.83 52.95 44.19
CA ASP F 665 8.90 53.77 45.38
C ASP F 665 9.20 52.85 46.56
N ASN F 666 9.58 53.43 47.69
CA ASN F 666 9.92 52.67 48.88
C ASN F 666 11.12 51.79 48.56
N THR F 667 12.03 52.36 47.77
CA THR F 667 13.22 51.65 47.35
C THR F 667 14.55 52.27 47.77
N LEU F 668 15.45 51.43 48.25
CA LEU F 668 16.79 51.87 48.64
C LEU F 668 17.76 51.14 47.69
N LEU F 669 18.16 51.82 46.63
CA LEU F 669 19.05 51.28 45.60
C LEU F 669 20.53 51.54 45.83
N ALA F 670 21.36 50.55 45.53
CA ALA F 670 22.80 50.71 45.70
C ALA F 670 23.52 50.75 44.35
N LEU F 671 24.27 51.83 44.12
CA LEU F 671 25.05 52.01 42.90
C LEU F 671 26.54 52.02 43.25
N GLY F 672 27.38 51.61 42.30
CA GLY F 672 28.81 51.55 42.57
C GLY F 672 29.66 52.69 42.06
N ASN F 673 30.91 52.73 42.53
CA ASN F 673 31.85 53.77 42.15
C ASN F 673 32.85 53.35 41.07
N ASN F 674 32.46 52.36 40.25
CA ASN F 674 33.31 51.86 39.17
C ASN F 674 32.40 51.59 37.98
N ASP F 675 32.64 52.31 36.89
CA ASP F 675 31.83 52.17 35.69
C ASP F 675 32.67 51.62 34.53
N GLN F 676 33.73 50.89 34.88
CA GLN F 676 34.64 50.32 33.88
C GLN F 676 34.70 48.80 33.92
N ARG F 677 34.19 48.20 35.00
CA ARG F 677 34.18 46.77 35.15
C ARG F 677 33.11 46.40 36.17
N PRO F 678 32.46 45.25 35.99
CA PRO F 678 31.41 44.78 36.90
C PRO F 678 31.94 44.14 38.17
N ASP F 679 33.20 43.73 38.12
CA ASP F 679 33.82 43.04 39.23
C ASP F 679 34.79 43.90 40.04
N TYR F 680 34.27 44.54 41.08
CA TYR F 680 35.06 45.38 41.97
C TYR F 680 34.40 45.30 43.34
N VAL F 681 35.04 45.87 44.36
CA VAL F 681 34.49 45.84 45.70
C VAL F 681 33.29 46.79 45.80
N TRP F 682 32.10 46.22 45.70
CA TRP F 682 30.85 46.98 45.72
C TRP F 682 30.47 47.71 47.01
N HIS F 683 30.94 47.23 48.16
CA HIS F 683 30.58 47.85 49.42
C HIS F 683 31.50 48.97 49.89
N GLU F 684 32.32 49.50 48.98
CA GLU F 684 33.23 50.58 49.32
C GLU F 684 33.10 51.66 48.28
N GLY F 685 32.55 52.80 48.71
CA GLY F 685 32.35 53.91 47.81
C GLY F 685 30.93 53.88 47.29
N THR F 686 30.14 52.95 47.84
CA THR F 686 28.75 52.78 47.46
C THR F 686 27.94 54.07 47.58
N ALA F 687 27.08 54.32 46.61
CA ALA F 687 26.23 55.51 46.60
C ALA F 687 24.78 55.07 46.65
N PHE F 688 24.22 54.97 47.85
CA PHE F 688 22.83 54.58 48.03
C PHE F 688 21.87 55.66 47.53
N HIS F 689 20.69 55.24 47.07
CA HIS F 689 19.69 56.19 46.58
C HIS F 689 18.32 55.77 47.06
N LEU F 690 17.70 56.61 47.88
CA LEU F 690 16.38 56.33 48.41
C LEU F 690 15.35 56.91 47.46
N PHE F 691 14.32 56.14 47.13
CA PHE F 691 13.29 56.61 46.22
C PHE F 691 11.93 56.69 46.89
N ASN F 692 11.30 57.85 46.78
CA ASN F 692 9.98 58.09 47.37
C ASN F 692 9.60 57.16 48.51
N LEU F 693 10.30 57.27 49.64
CA LEU F 693 10.03 56.45 50.82
C LEU F 693 8.78 57.02 51.50
N GLN F 694 7.74 56.22 51.62
CA GLN F 694 6.49 56.67 52.22
C GLN F 694 6.41 56.49 53.74
N ASP F 695 5.62 57.36 54.36
CA ASP F 695 5.41 57.31 55.80
C ASP F 695 4.90 55.93 56.21
N GLY F 696 5.60 55.31 57.16
CA GLY F 696 5.20 53.99 57.63
C GLY F 696 5.85 52.85 56.89
N HIS F 697 6.72 53.16 55.93
CA HIS F 697 7.40 52.14 55.13
C HIS F 697 8.87 52.04 55.47
N GLU F 698 9.47 50.92 55.08
CA GLU F 698 10.89 50.69 55.30
C GLU F 698 11.50 50.21 53.98
N ALA F 699 12.60 50.85 53.58
CA ALA F 699 13.28 50.51 52.35
C ALA F 699 14.62 49.85 52.67
N VAL F 700 14.71 48.55 52.42
CA VAL F 700 15.94 47.82 52.69
C VAL F 700 16.79 47.67 51.44
N CYS F 701 18.10 47.65 51.64
CA CYS F 701 19.05 47.51 50.55
C CYS F 701 20.16 46.61 51.07
N GLU F 702 20.42 45.52 50.34
CA GLU F 702 21.44 44.58 50.73
C GLU F 702 22.56 44.55 49.70
N VAL F 703 23.78 44.84 50.15
CA VAL F 703 24.92 44.84 49.26
C VAL F 703 25.60 43.48 49.36
N PRO F 704 25.73 42.78 48.22
CA PRO F 704 26.35 41.46 48.17
C PRO F 704 27.87 41.50 48.16
N ALA F 705 28.49 40.46 48.69
CA ALA F 705 29.94 40.33 48.69
C ALA F 705 30.25 39.44 47.46
N ALA F 706 31.53 39.18 47.22
CA ALA F 706 31.95 38.35 46.08
C ALA F 706 31.15 37.06 45.87
N ASP F 707 31.03 36.24 46.92
CA ASP F 707 30.29 34.98 46.81
C ASP F 707 28.78 35.20 46.76
N GLY F 708 28.38 36.45 46.53
CA GLY F 708 26.96 36.77 46.44
C GLY F 708 26.18 36.95 47.73
N SER F 709 26.78 36.63 48.87
CA SER F 709 26.08 36.78 50.14
C SER F 709 26.05 38.25 50.57
N VAL F 710 25.10 38.59 51.44
CA VAL F 710 24.93 39.95 51.94
C VAL F 710 26.12 40.34 52.83
N ILE F 711 26.82 41.41 52.46
CA ILE F 711 27.96 41.84 53.27
C ILE F 711 27.62 43.11 54.07
N PHE F 712 26.60 43.86 53.63
CA PHE F 712 26.17 45.10 54.29
C PHE F 712 24.69 45.32 54.03
N THR F 713 23.95 45.68 55.08
CA THR F 713 22.51 45.92 54.97
C THR F 713 22.12 47.30 55.47
N LEU F 714 21.69 48.16 54.56
CA LEU F 714 21.30 49.52 54.89
C LEU F 714 19.78 49.65 54.90
N LYS F 715 19.21 50.06 56.02
CA LYS F 715 17.76 50.22 56.13
C LYS F 715 17.30 51.66 56.35
N ALA F 716 16.10 51.98 55.86
CA ALA F 716 15.56 53.32 56.01
C ALA F 716 14.07 53.26 56.33
N ALA F 717 13.74 53.39 57.61
CA ALA F 717 12.35 53.37 58.05
C ALA F 717 11.88 54.80 58.33
N ARG F 718 10.75 55.17 57.73
CA ARG F 718 10.18 56.51 57.91
C ARG F 718 9.00 56.39 58.85
N THR F 719 9.25 56.68 60.12
CA THR F 719 8.22 56.59 61.13
C THR F 719 7.09 57.60 60.92
N GLY F 720 7.42 58.90 60.90
CA GLY F 720 6.38 59.90 60.71
C GLY F 720 6.74 60.97 59.71
N ASN F 721 7.89 61.59 59.93
CA ASN F 721 8.38 62.64 59.04
C ASN F 721 9.87 62.62 59.31
N THR F 722 10.26 61.57 60.02
CA THR F 722 11.63 61.31 60.40
C THR F 722 12.03 59.98 59.79
N ILE F 723 13.16 59.97 59.10
CA ILE F 723 13.66 58.73 58.49
C ILE F 723 14.85 58.22 59.31
N THR F 724 14.70 57.03 59.85
CA THR F 724 15.76 56.40 60.63
C THR F 724 16.60 55.52 59.71
N VAL F 725 17.89 55.82 59.62
CA VAL F 725 18.81 55.06 58.78
C VAL F 725 19.73 54.22 59.64
N THR F 726 19.52 52.90 59.60
CA THR F 726 20.33 51.98 60.38
C THR F 726 21.21 51.14 59.45
N GLY F 727 22.51 51.12 59.74
CA GLY F 727 23.43 50.34 58.94
C GLY F 727 23.90 49.09 59.66
N ALA F 728 24.25 48.06 58.89
CA ALA F 728 24.72 46.81 59.48
C ALA F 728 25.67 46.06 58.54
N GLY F 729 26.78 45.59 59.09
CA GLY F 729 27.75 44.88 58.28
C GLY F 729 29.01 45.67 57.97
N GLU F 730 29.65 45.32 56.88
CA GLU F 730 30.88 45.95 56.43
C GLU F 730 30.65 46.85 55.22
N ALA F 731 31.04 48.12 55.33
CA ALA F 731 30.90 49.09 54.24
C ALA F 731 31.68 50.36 54.58
N LYS F 732 32.41 50.88 53.59
CA LYS F 732 33.22 52.07 53.77
C LYS F 732 32.96 53.16 52.75
N ASN F 733 33.10 54.40 53.18
CA ASN F 733 32.93 55.57 52.32
C ASN F 733 31.61 55.60 51.57
N TRP F 734 30.52 55.24 52.23
CA TRP F 734 29.25 55.27 51.53
C TRP F 734 28.48 56.55 51.69
N THR F 735 27.56 56.78 50.76
CA THR F 735 26.73 57.96 50.72
C THR F 735 25.26 57.53 50.61
N LEU F 736 24.36 58.47 50.83
CA LEU F 736 22.92 58.20 50.75
C LEU F 736 22.23 59.42 50.20
N CYS F 737 21.72 59.31 48.96
CA CYS F 737 21.05 60.42 48.31
C CYS F 737 19.55 60.34 48.49
N LEU F 738 18.95 61.48 48.89
CA LEU F 738 17.51 61.57 49.08
C LEU F 738 16.95 62.08 47.78
N ARG F 739 16.60 61.14 46.92
CA ARG F 739 16.08 61.44 45.60
C ARG F 739 14.92 62.42 45.58
N ASN F 740 15.07 63.48 44.79
CA ASN F 740 14.05 64.51 44.64
C ASN F 740 13.69 65.28 45.92
N VAL F 741 14.65 65.34 46.83
CA VAL F 741 14.48 66.05 48.10
C VAL F 741 15.61 67.08 48.15
N VAL F 742 15.31 68.31 47.72
CA VAL F 742 16.30 69.39 47.70
C VAL F 742 16.74 69.91 49.06
N LYS F 743 15.82 69.97 50.01
CA LYS F 743 16.16 70.47 51.34
C LYS F 743 15.48 69.71 52.46
N VAL F 744 16.19 69.54 53.56
CA VAL F 744 15.66 68.83 54.72
C VAL F 744 15.58 69.77 55.92
N ASN F 745 14.85 69.37 56.95
CA ASN F 745 14.71 70.21 58.13
C ASN F 745 15.82 69.96 59.14
N GLY F 746 16.11 68.69 59.41
CA GLY F 746 17.16 68.36 60.37
C GLY F 746 17.93 67.11 60.01
N LEU F 747 19.14 67.00 60.54
CA LEU F 747 20.00 65.86 60.25
C LEU F 747 20.79 65.45 61.49
N GLN F 748 20.78 64.15 61.81
CA GLN F 748 21.51 63.62 62.96
C GLN F 748 22.63 62.70 62.49
N ASP F 749 23.73 62.70 63.25
CA ASP F 749 24.90 61.86 62.94
C ASP F 749 25.30 61.85 61.47
N GLY F 750 25.29 63.03 60.82
CA GLY F 750 25.68 63.07 59.43
C GLY F 750 25.69 64.45 58.81
N SER F 751 26.51 64.64 57.78
CA SER F 751 26.61 65.92 57.10
C SER F 751 25.73 65.92 55.86
N GLN F 752 25.78 66.98 55.08
CA GLN F 752 24.96 67.05 53.88
C GLN F 752 25.49 68.01 52.83
N ALA F 753 25.10 67.76 51.59
CA ALA F 753 25.50 68.57 50.45
C ALA F 753 24.34 68.47 49.46
N GLU F 754 24.31 69.35 48.47
CA GLU F 754 23.22 69.31 47.51
C GLU F 754 23.69 68.83 46.13
N SER F 755 22.80 68.14 45.42
CA SER F 755 23.09 67.64 44.07
C SER F 755 21.84 67.79 43.21
N GLU F 756 21.98 67.60 41.91
CA GLU F 756 20.86 67.74 40.99
C GLU F 756 19.78 66.67 41.18
N GLN F 757 20.17 65.51 41.68
CA GLN F 757 19.23 64.41 41.87
C GLN F 757 18.52 64.46 43.21
N GLY F 758 19.14 65.10 44.18
CA GLY F 758 18.55 65.19 45.50
C GLY F 758 19.61 65.42 46.55
N LEU F 759 19.19 65.60 47.80
CA LEU F 759 20.12 65.85 48.90
C LEU F 759 21.03 64.67 49.19
N VAL F 760 22.33 64.91 49.13
CA VAL F 760 23.32 63.88 49.42
C VAL F 760 23.67 63.94 50.91
N VAL F 761 23.71 62.78 51.55
CA VAL F 761 24.02 62.71 52.97
C VAL F 761 25.15 61.73 53.25
N LYS F 762 26.15 62.18 54.01
CA LYS F 762 27.29 61.33 54.37
C LYS F 762 27.24 61.06 55.88
N PRO F 763 26.89 59.83 56.27
CA PRO F 763 26.81 59.47 57.69
C PRO F 763 28.12 59.63 58.44
N GLN F 764 28.02 59.57 59.77
CA GLN F 764 29.17 59.70 60.65
C GLN F 764 28.73 59.35 62.06
N GLY F 765 28.93 58.09 62.41
CA GLY F 765 28.52 57.58 63.71
C GLY F 765 27.57 56.44 63.45
N ASN F 766 26.45 56.41 64.17
CA ASN F 766 25.47 55.35 63.96
C ASN F 766 24.10 55.77 64.49
N ALA F 767 23.30 56.36 63.60
CA ALA F 767 21.97 56.82 63.93
C ALA F 767 21.38 57.50 62.72
N LEU F 768 22.18 58.35 62.08
CA LEU F 768 21.76 59.10 60.91
C LEU F 768 20.25 59.21 60.82
N THR F 769 19.70 60.24 61.45
CA THR F 769 18.28 60.48 61.45
C THR F 769 17.99 61.80 60.75
N ILE F 770 17.18 61.76 59.71
CA ILE F 770 16.87 62.99 59.01
C ILE F 770 15.39 63.28 59.16
N THR F 771 15.05 64.56 59.20
CA THR F 771 13.67 64.98 59.33
C THR F 771 13.29 65.87 58.17
N LEU F 772 12.35 65.39 57.36
CA LEU F 772 11.89 66.10 56.18
C LEU F 772 11.20 67.41 56.57
N HIS F 773 11.22 68.38 55.67
CA HIS F 773 10.59 69.67 55.92
C HIS F 773 9.06 69.51 55.91
S SO4 G . 18.23 -6.42 -0.83
O1 SO4 G . 18.32 -5.71 -2.29
O2 SO4 G . 16.92 -6.05 -0.33
O3 SO4 G . 18.39 -7.72 -0.96
O4 SO4 G . 19.25 -5.75 -0.07
S SO4 H . 53.02 -4.92 -26.93
O1 SO4 H . 53.11 -6.53 -26.87
O2 SO4 H . 52.55 -4.52 -25.62
O3 SO4 H . 54.19 -4.41 -27.23
O4 SO4 H . 51.99 -4.70 -27.90
O3 XYF I . 27.77 -28.82 -20.06
C3 XYF I . 26.73 -28.57 -19.13
C2 XYF I . 26.39 -29.83 -18.33
O2 XYF I . 26.07 -30.90 -19.23
C1 XYF I . 25.21 -29.55 -17.40
F5 XYF I . 25.18 -30.45 -16.39
O5 XYF I . 25.24 -28.21 -16.86
C5 XYF I . 26.56 -27.64 -16.78
C4 XYF I . 27.12 -27.43 -18.19
O4 XYF I . 26.63 -26.20 -18.75
S SO4 J . -15.37 -54.14 20.24
O1 SO4 J . -13.81 -53.71 20.04
O2 SO4 J . -15.62 -53.96 21.66
O3 SO4 J . -16.14 -53.41 19.49
O4 SO4 J . -15.35 -55.54 19.95
S SO4 K . -33.60 -53.13 44.22
O1 SO4 K . -34.07 -54.68 44.39
O2 SO4 K . -33.89 -52.50 45.49
O3 SO4 K . -32.33 -53.10 43.91
O4 SO4 K . -34.50 -52.63 43.21
O3 XYF L . -17.52 -22.14 34.97
C3 XYF L . -16.85 -20.96 34.50
C2 XYF L . -16.18 -20.21 35.65
O2 XYF L . -17.16 -19.90 36.64
C1 XYF L . -15.54 -18.92 35.11
F5 XYF L . -14.65 -18.45 36.01
O5 XYF L . -14.90 -19.12 33.83
C5 XYF L . -14.55 -20.50 33.57
C4 XYF L . -15.82 -21.35 33.43
O4 XYF L . -16.41 -21.16 32.15
S1 MPO M . -43.91 -41.40 34.05
O1 MPO M . -45.33 -41.14 33.73
O2 MPO M . -43.07 -40.23 33.70
O4 MPO M . -44.68 -47.23 29.16
N1 MPO M . -43.98 -44.88 30.58
C1 MPO M . -43.29 -42.92 33.19
O3 MPO M . -43.77 -41.65 35.52
C2 MPO M . -43.80 -42.75 31.75
C3 MPO M . -43.03 -43.76 30.94
C4 MPO M . -43.55 -46.25 31.10
C5 MPO M . -44.60 -47.25 30.60
C6 MPO M . -45.06 -45.96 28.60
C7 MPO M . -44.12 -44.85 29.06
S SO4 N . -49.86 -32.49 2.53
O1 SO4 N . -49.75 -31.85 4.02
O2 SO4 N . -50.79 -33.59 2.66
O3 SO4 N . -50.25 -31.58 1.68
O4 SO4 N . -48.54 -33.03 2.32
S SO4 O . -47.49 3.22 19.03
O1 SO4 O . -46.00 3.26 18.40
O2 SO4 O . -47.34 3.74 20.37
O3 SO4 O . -48.31 3.91 18.29
O4 SO4 O . -47.78 1.81 19.10
O3 XYF P . -23.05 -32.41 -20.69
C3 XYF P . -22.13 -31.31 -20.76
C2 XYF P . -21.77 -30.97 -22.21
O2 XYF P . -21.26 -32.14 -22.84
C1 XYF P . -20.72 -29.87 -22.22
F5 XYF P . -20.74 -29.24 -23.42
O5 XYF P . -20.91 -28.90 -21.17
C5 XYF P . -22.27 -28.79 -20.72
C4 XYF P . -22.72 -30.09 -20.04
O4 XYF P . -22.27 -30.12 -18.68
S1 MPO Q . -32.76 -60.69 -7.10
O1 MPO Q . -32.41 -62.08 -6.71
O2 MPO Q . -31.54 -59.91 -7.37
O4 MPO Q . -36.88 -61.56 -0.83
N1 MPO Q . -34.87 -60.79 -2.68
C1 MPO Q . -33.77 -59.87 -5.77
O3 MPO Q . -33.61 -60.70 -8.33
C2 MPO Q . -33.22 -60.47 -4.46
C3 MPO Q . -33.98 -59.77 -3.35
C4 MPO Q . -36.35 -60.62 -3.03
C5 MPO Q . -37.11 -61.71 -2.26
C6 MPO Q . -35.50 -61.68 -0.43
C7 MPO Q . -34.63 -60.69 -1.19
S SO4 R . 19.64 -0.48 -56.49
O1 SO4 R . 20.49 0.90 -56.68
O2 SO4 R . 18.52 -0.13 -55.67
O3 SO4 R . 19.30 -0.95 -57.65
O4 SO4 R . 20.55 -1.29 -55.73
S1 MPO S . 45.76 20.11 -47.49
O1 MPO S . 47.20 20.13 -47.17
O2 MPO S . 44.98 20.71 -46.38
O4 MPO S . 48.13 13.42 -50.77
N1 MPO S . 46.82 15.73 -49.76
C1 MPO S . 45.18 18.36 -47.78
O3 MPO S . 45.49 20.88 -48.73
C2 MPO S . 46.05 17.91 -48.96
C3 MPO S . 45.62 16.48 -49.22
C4 MPO S . 46.71 15.37 -51.24
C5 MPO S . 47.98 14.61 -51.60
C6 MPO S . 48.20 13.68 -49.36
C7 MPO S . 47.00 14.50 -48.89
S SO4 T . -14.38 56.16 13.65
O1 SO4 T . -13.29 56.55 12.49
O2 SO4 T . -14.01 56.95 14.79
O3 SO4 T . -15.58 56.40 13.21
O4 SO4 T . -14.08 54.78 13.91
O3 XYF U . -30.32 25.61 20.34
C3 XYF U . -29.93 24.32 19.83
C2 XYF U . -31.13 23.43 19.59
O2 XYF U . -31.89 23.31 20.80
C1 XYF U . -30.65 22.05 19.13
F5 XYF U . -31.65 21.38 18.52
O5 XYF U . -29.52 22.13 18.23
C5 XYF U . -29.42 23.38 17.54
C4 XYF U . -29.12 24.51 18.54
O4 XYF U . -27.72 24.52 18.88
S1 MPO V . -23.97 46.23 45.26
O1 MPO V . -23.49 45.97 46.64
O2 MPO V . -24.62 45.01 44.71
O4 MPO V . -18.59 51.98 44.42
N1 MPO V . -20.55 49.91 44.42
C1 MPO V . -22.57 46.78 44.18
O3 MPO V . -24.98 47.34 45.26
C2 MPO V . -22.06 48.04 44.87
C3 MPO V . -21.36 48.82 43.77
C4 MPO V . -20.91 51.32 43.97
C5 MPO V . -19.97 52.28 44.71
C6 MPO V . -18.18 50.64 44.80
C7 MPO V . -19.10 49.59 44.17
S SO4 W . 4.74 50.96 21.34
O1 SO4 W . 4.85 52.58 21.18
O2 SO4 W . 3.42 50.72 21.89
O3 SO4 W . 4.93 50.39 20.18
O4 SO4 W . 5.73 50.67 22.35
S SO4 X . 25.78 58.93 42.08
O1 SO4 X . 27.37 59.02 42.40
O2 SO4 X . 25.13 59.65 43.17
O3 SO4 X . 25.52 59.46 40.91
O4 SO4 X . 25.50 57.52 42.21
S SO4 Y . 6.93 35.66 47.32
O1 SO4 Y . 8.42 36.20 46.96
O2 SO4 Y . 6.44 36.57 48.34
O3 SO4 Y . 6.19 35.65 46.26
O4 SO4 Y . 7.20 34.38 47.92
S SO4 Z . 38.04 47.68 43.68
O1 SO4 Z . 38.93 48.69 42.78
O2 SO4 Z . 38.71 47.63 44.97
O3 SO4 Z . 36.82 48.14 43.76
O4 SO4 Z . 38.20 46.41 43.03
S SO4 AA . 54.97 38.07 23.87
O1 SO4 AA . 55.08 38.89 22.47
O2 SO4 AA . 56.27 38.22 24.49
O3 SO4 AA . 54.00 38.55 24.60
O4 SO4 AA . 54.81 36.70 23.42
#